data_2ML3
#
_entry.id   2ML3
#
loop_
_entity.id
_entity.type
_entity.pdbx_description
1 polymer 'Poly(beta-D-mannuronate) C5 epimerase 6'
2 non-polymer 'CALCIUM ION'
#
_entity_poly.entity_id   1
_entity_poly.type   'polypeptide(L)'
_entity_poly.pdbx_seq_one_letter_code
;ADPGVEGTPVVGSDLDDELHGTLGSEQILGGGGADQLYGYAGNDLLDGGAGRDKLSGGEGADTFRFALREDSHRSPLGTF
GDRILDFDPSQDRIDVSALGFSGLGNGYAGSLAVSVSDDGTRTYLKSYEADAQGLSFEVALEGDHAAALSADNIVFAATD
AAAAGELGVIGASGQPDDPTV
;
_entity_poly.pdbx_strand_id   A
#
loop_
_chem_comp.id
_chem_comp.type
_chem_comp.name
_chem_comp.formula
CA non-polymer 'CALCIUM ION' 'Ca 2'
#
# COMPACT_ATOMS: atom_id res chain seq x y z
N ALA A 1 -12.44 -28.16 14.67
CA ALA A 1 -12.29 -26.71 14.35
C ALA A 1 -13.38 -25.91 15.04
N ASP A 2 -13.02 -24.78 15.65
CA ASP A 2 -14.00 -23.97 16.39
C ASP A 2 -13.78 -22.46 16.19
N PRO A 3 -14.72 -21.77 15.52
CA PRO A 3 -14.49 -20.33 15.37
C PRO A 3 -14.74 -19.51 16.65
N GLY A 4 -14.12 -18.36 16.72
CA GLY A 4 -14.24 -17.50 17.87
C GLY A 4 -13.33 -16.32 17.68
N VAL A 5 -13.56 -15.60 16.59
CA VAL A 5 -12.66 -14.55 16.14
C VAL A 5 -12.49 -13.45 17.19
N GLU A 6 -11.24 -13.08 17.43
CA GLU A 6 -10.89 -12.04 18.39
C GLU A 6 -10.58 -10.74 17.67
N GLY A 7 -10.45 -10.85 16.35
CA GLY A 7 -10.20 -9.70 15.52
C GLY A 7 -11.49 -8.98 15.13
N THR A 8 -11.44 -8.33 13.96
CA THR A 8 -12.54 -7.49 13.37
C THR A 8 -12.66 -6.16 14.14
N PRO A 9 -13.24 -5.11 13.52
CA PRO A 9 -13.30 -3.78 14.16
C PRO A 9 -14.15 -3.67 15.42
N VAL A 10 -14.76 -4.78 15.82
CA VAL A 10 -15.71 -4.78 16.93
C VAL A 10 -15.10 -4.37 18.29
N VAL A 11 -13.77 -4.42 18.43
CA VAL A 11 -13.15 -4.15 19.73
C VAL A 11 -11.86 -3.34 19.64
N GLY A 12 -11.72 -2.36 20.52
CA GLY A 12 -10.48 -1.60 20.66
C GLY A 12 -10.22 -0.48 19.67
N SER A 13 -11.26 0.09 19.08
CA SER A 13 -11.09 1.10 18.03
C SER A 13 -10.11 2.21 18.41
N ASP A 14 -10.34 2.89 19.54
CA ASP A 14 -9.55 4.09 19.89
C ASP A 14 -8.15 3.86 20.49
N LEU A 15 -7.73 2.61 20.57
CA LEU A 15 -6.46 2.27 21.24
C LEU A 15 -5.69 1.18 20.53
N ASP A 16 -4.43 0.96 20.92
CA ASP A 16 -3.55 0.00 20.26
C ASP A 16 -4.08 -1.44 20.34
N ASP A 17 -4.12 -2.13 19.21
CA ASP A 17 -4.69 -3.49 19.12
C ASP A 17 -3.78 -4.58 18.54
N GLU A 18 -4.23 -5.83 18.69
CA GLU A 18 -3.73 -6.98 17.95
C GLU A 18 -4.96 -7.68 17.37
N LEU A 19 -5.30 -7.41 16.12
CA LEU A 19 -6.52 -8.02 15.52
C LEU A 19 -6.21 -9.07 14.50
N HIS A 20 -6.55 -10.33 14.81
CA HIS A 20 -6.31 -11.43 13.89
C HIS A 20 -7.64 -11.83 13.26
N GLY A 21 -7.79 -11.62 11.96
CA GLY A 21 -9.06 -11.84 11.29
C GLY A 21 -9.35 -13.24 10.81
N THR A 22 -10.55 -13.42 10.26
CA THR A 22 -11.01 -14.71 9.75
C THR A 22 -10.37 -15.06 8.42
N LEU A 23 -10.57 -16.32 8.02
CA LEU A 23 -10.11 -16.80 6.73
C LEU A 23 -11.13 -16.52 5.62
N GLY A 24 -11.97 -15.50 5.84
CA GLY A 24 -12.94 -15.07 4.83
C GLY A 24 -12.83 -13.59 4.60
N SER A 25 -13.64 -13.04 3.70
CA SER A 25 -13.62 -11.61 3.38
C SER A 25 -14.09 -10.76 4.57
N GLU A 26 -13.40 -9.66 4.82
CA GLU A 26 -13.72 -8.79 5.97
C GLU A 26 -13.45 -7.33 5.63
N GLN A 27 -13.98 -6.47 6.47
CA GLN A 27 -13.66 -5.05 6.42
C GLN A 27 -12.98 -4.83 7.77
N ILE A 28 -11.74 -4.36 7.74
CA ILE A 28 -10.94 -4.17 8.95
C ILE A 28 -10.64 -2.68 9.08
N LEU A 29 -10.91 -2.12 10.24
CA LEU A 29 -10.67 -0.71 10.51
C LEU A 29 -9.86 -0.67 11.81
N GLY A 30 -8.71 -0.02 11.79
CA GLY A 30 -7.86 0.06 12.98
C GLY A 30 -8.26 1.12 13.99
N GLY A 31 -8.75 2.25 13.53
CA GLY A 31 -9.11 3.32 14.44
C GLY A 31 -7.88 3.96 15.05
N GLY A 32 -7.98 4.45 16.27
CA GLY A 32 -6.86 5.06 16.96
C GLY A 32 -5.84 4.02 17.41
N GLY A 33 -4.68 4.52 17.76
CA GLY A 33 -3.60 3.69 18.27
C GLY A 33 -2.78 3.01 17.16
N ALA A 34 -1.60 2.54 17.50
CA ALA A 34 -0.72 1.85 16.56
C ALA A 34 -1.17 0.39 16.58
N ASP A 35 -1.93 0.01 15.58
CA ASP A 35 -2.59 -1.28 15.59
C ASP A 35 -1.78 -2.30 14.83
N GLN A 36 -1.92 -3.54 15.22
CA GLN A 36 -1.35 -4.66 14.47
C GLN A 36 -2.53 -5.42 13.86
N LEU A 37 -2.75 -5.21 12.58
CA LEU A 37 -3.89 -5.77 11.88
C LEU A 37 -3.48 -6.91 10.98
N TYR A 38 -4.19 -8.02 11.04
CA TYR A 38 -3.89 -9.19 10.20
C TYR A 38 -5.14 -9.70 9.50
N GLY A 39 -5.24 -9.41 8.20
CA GLY A 39 -6.38 -9.84 7.39
C GLY A 39 -6.42 -11.32 7.04
N TYR A 40 -5.26 -11.98 6.91
CA TYR A 40 -5.18 -13.39 6.49
C TYR A 40 -5.98 -13.69 5.21
N ALA A 41 -6.48 -14.91 5.04
CA ALA A 41 -7.17 -15.29 3.79
C ALA A 41 -8.48 -14.49 3.54
N GLY A 42 -8.90 -14.50 2.29
CA GLY A 42 -10.09 -13.79 1.85
C GLY A 42 -9.73 -12.43 1.28
N ASN A 43 -10.62 -11.90 0.43
CA ASN A 43 -10.43 -10.57 -0.17
C ASN A 43 -10.86 -9.53 0.86
N ASP A 44 -9.90 -8.89 1.50
CA ASP A 44 -10.19 -8.04 2.64
C ASP A 44 -10.09 -6.58 2.29
N LEU A 45 -10.76 -5.76 3.08
CA LEU A 45 -10.66 -4.31 2.97
C LEU A 45 -10.01 -3.82 4.26
N LEU A 46 -9.01 -2.95 4.17
CA LEU A 46 -8.26 -2.53 5.35
C LEU A 46 -8.04 -1.02 5.48
N ASP A 47 -8.41 -0.48 6.62
CA ASP A 47 -8.13 0.93 6.99
C ASP A 47 -7.31 0.91 8.25
N GLY A 48 -6.38 1.85 8.40
CA GLY A 48 -5.55 1.91 9.60
C GLY A 48 -6.04 2.93 10.63
N GLY A 49 -6.50 4.08 10.16
CA GLY A 49 -6.94 5.14 11.08
C GLY A 49 -5.73 5.83 11.70
N ALA A 50 -5.98 6.63 12.73
CA ALA A 50 -4.91 7.38 13.38
C ALA A 50 -3.76 6.45 13.87
N GLY A 51 -2.54 6.96 13.77
CA GLY A 51 -1.35 6.25 14.20
C GLY A 51 -0.63 5.55 13.08
N ARG A 52 0.60 5.11 13.36
CA ARG A 52 1.38 4.32 12.40
C ARG A 52 0.96 2.89 12.64
N ASP A 53 0.32 2.30 11.68
CA ASP A 53 -0.26 0.98 11.85
C ASP A 53 0.60 -0.05 11.17
N LYS A 54 0.59 -1.28 11.67
CA LYS A 54 1.35 -2.36 11.08
C LYS A 54 0.30 -3.36 10.60
N LEU A 55 0.31 -3.68 9.32
CA LEU A 55 -0.80 -4.46 8.74
C LEU A 55 -0.48 -5.45 7.66
N SER A 56 -1.11 -6.61 7.73
CA SER A 56 -0.98 -7.65 6.72
C SER A 56 -2.28 -7.79 5.99
N GLY A 57 -2.20 -8.00 4.69
CA GLY A 57 -3.37 -8.31 3.90
C GLY A 57 -3.59 -9.80 3.86
N GLY A 58 -2.52 -10.59 3.78
CA GLY A 58 -2.70 -12.03 3.68
C GLY A 58 -3.10 -12.50 2.30
N GLU A 59 -3.47 -13.76 2.19
CA GLU A 59 -3.95 -14.28 0.92
C GLU A 59 -5.23 -13.59 0.48
N GLY A 60 -5.47 -13.59 -0.83
CA GLY A 60 -6.64 -12.94 -1.40
C GLY A 60 -6.27 -11.57 -1.93
N ALA A 61 -7.12 -11.01 -2.78
CA ALA A 61 -6.90 -9.69 -3.37
C ALA A 61 -7.41 -8.65 -2.39
N ASP A 62 -6.52 -7.90 -1.80
CA ASP A 62 -6.90 -7.00 -0.70
C ASP A 62 -6.98 -5.55 -1.13
N THR A 63 -7.78 -4.77 -0.42
CA THR A 63 -7.92 -3.35 -0.70
C THR A 63 -7.51 -2.54 0.52
N PHE A 64 -6.32 -1.93 0.46
CA PHE A 64 -5.84 -1.09 1.55
C PHE A 64 -6.37 0.30 1.25
N ARG A 65 -7.52 0.63 1.82
CA ARG A 65 -8.29 1.81 1.39
C ARG A 65 -7.97 3.06 2.21
N PHE A 66 -7.60 2.83 3.45
CA PHE A 66 -7.30 3.89 4.45
C PHE A 66 -8.54 4.78 4.77
N ALA A 67 -8.52 5.41 5.93
CA ALA A 67 -9.68 6.10 6.43
C ALA A 67 -9.97 7.47 5.80
N LEU A 68 -9.10 8.45 6.03
CA LEU A 68 -9.30 9.84 5.61
C LEU A 68 -8.00 10.40 5.07
N ARG A 69 -8.00 11.68 4.68
CA ARG A 69 -6.77 12.44 4.33
C ARG A 69 -5.78 12.32 5.49
N GLU A 70 -6.33 12.18 6.69
CA GLU A 70 -5.53 12.07 7.93
C GLU A 70 -4.89 10.70 8.16
N ASP A 71 -5.04 9.77 7.23
CA ASP A 71 -4.48 8.41 7.39
C ASP A 71 -3.44 8.10 6.32
N SER A 72 -2.39 7.39 6.73
CA SER A 72 -1.27 7.00 5.86
C SER A 72 -0.73 8.18 5.05
N HIS A 73 -0.38 9.23 5.79
CA HIS A 73 0.06 10.48 5.17
C HIS A 73 1.24 11.02 5.94
N ARG A 74 1.83 12.09 5.43
CA ARG A 74 2.91 12.79 6.12
C ARG A 74 2.47 14.23 6.19
N SER A 75 2.78 14.89 7.29
CA SER A 75 2.43 16.30 7.48
C SER A 75 3.66 17.03 8.00
N PRO A 76 3.64 18.38 8.07
CA PRO A 76 4.83 19.04 8.64
C PRO A 76 5.15 18.65 10.09
N LEU A 77 4.18 18.05 10.79
CA LEU A 77 4.40 17.64 12.17
C LEU A 77 5.21 16.37 12.22
N GLY A 78 5.05 15.53 11.21
CA GLY A 78 5.75 14.25 11.15
C GLY A 78 5.05 13.29 10.22
N THR A 79 5.55 12.08 10.09
CA THR A 79 4.91 11.11 9.22
C THR A 79 3.96 10.19 10.00
N PHE A 80 2.90 9.79 9.31
CA PHE A 80 1.90 8.85 9.81
C PHE A 80 1.61 7.83 8.73
N GLY A 81 2.62 7.60 7.88
CA GLY A 81 2.52 6.62 6.81
C GLY A 81 2.48 5.23 7.40
N ASP A 82 1.62 4.36 6.90
CA ASP A 82 1.41 3.04 7.54
C ASP A 82 2.40 2.03 7.02
N ARG A 83 2.51 0.91 7.71
CA ARG A 83 3.56 -0.09 7.45
C ARG A 83 2.97 -1.44 7.05
N ILE A 84 2.96 -1.72 5.75
CA ILE A 84 2.33 -2.93 5.27
C ILE A 84 3.38 -4.02 5.26
N LEU A 85 2.98 -5.17 5.78
CA LEU A 85 3.88 -6.32 5.97
C LEU A 85 4.07 -7.21 4.74
N ASP A 86 2.98 -7.51 4.02
CA ASP A 86 3.01 -8.48 2.93
C ASP A 86 2.20 -8.09 1.68
N PHE A 87 2.26 -6.82 1.30
CA PHE A 87 1.56 -6.35 0.11
C PHE A 87 1.95 -7.12 -1.13
N ASP A 88 0.95 -7.62 -1.85
CA ASP A 88 1.18 -8.32 -3.12
C ASP A 88 0.93 -7.29 -4.24
N PRO A 89 1.98 -6.83 -4.93
CA PRO A 89 1.75 -5.76 -5.91
C PRO A 89 1.04 -6.21 -7.22
N SER A 90 0.78 -7.50 -7.36
CA SER A 90 0.07 -8.02 -8.53
C SER A 90 -1.42 -8.15 -8.21
N GLN A 91 -1.73 -8.72 -7.06
CA GLN A 91 -3.09 -9.05 -6.70
C GLN A 91 -3.81 -7.95 -5.92
N ASP A 92 -3.11 -7.34 -4.98
CA ASP A 92 -3.74 -6.37 -4.07
C ASP A 92 -3.80 -5.00 -4.71
N ARG A 93 -4.50 -4.07 -4.06
CA ARG A 93 -4.57 -2.67 -4.48
C ARG A 93 -4.56 -1.73 -3.26
N ILE A 94 -4.13 -0.48 -3.46
CA ILE A 94 -4.11 0.53 -2.41
C ILE A 94 -4.89 1.72 -2.94
N ASP A 95 -5.90 2.16 -2.23
CA ASP A 95 -6.66 3.34 -2.68
C ASP A 95 -5.98 4.59 -2.17
N VAL A 96 -6.13 5.67 -2.93
CA VAL A 96 -5.46 6.93 -2.59
C VAL A 96 -6.19 8.15 -3.16
N SER A 97 -7.29 7.92 -3.88
CA SER A 97 -7.97 9.02 -4.54
C SER A 97 -8.59 10.00 -3.55
N ALA A 98 -9.37 9.48 -2.61
CA ALA A 98 -10.09 10.34 -1.67
C ALA A 98 -9.16 10.99 -0.61
N LEU A 99 -8.03 10.36 -0.36
CA LEU A 99 -7.11 10.81 0.71
C LEU A 99 -5.80 11.48 0.30
N GLY A 100 -5.26 11.13 -0.86
CA GLY A 100 -3.94 11.61 -1.24
C GLY A 100 -3.89 12.39 -2.55
N PHE A 101 -4.19 11.73 -3.67
CA PHE A 101 -4.07 12.37 -5.00
C PHE A 101 -4.85 11.57 -6.02
N SER A 102 -5.12 12.18 -7.17
CA SER A 102 -5.82 11.51 -8.29
C SER A 102 -4.88 11.36 -9.49
N GLY A 103 -3.94 12.29 -9.64
CA GLY A 103 -2.99 12.25 -10.73
C GLY A 103 -1.63 11.76 -10.25
N LEU A 104 -1.12 10.66 -10.78
CA LEU A 104 0.14 10.15 -10.30
C LEU A 104 1.31 11.10 -10.65
N GLY A 105 2.33 11.08 -9.82
CA GLY A 105 3.50 11.92 -10.00
C GLY A 105 4.64 11.20 -10.68
N ASN A 106 5.85 11.73 -10.46
CA ASN A 106 7.08 11.21 -11.04
C ASN A 106 7.33 9.73 -10.79
N GLY A 107 7.75 9.04 -11.84
CA GLY A 107 8.02 7.61 -11.78
C GLY A 107 8.15 7.07 -13.19
N TYR A 108 8.54 5.80 -13.33
CA TYR A 108 8.80 5.19 -14.63
C TYR A 108 8.29 3.74 -14.62
N ALA A 109 8.20 3.13 -15.79
CA ALA A 109 7.67 1.79 -15.96
C ALA A 109 6.23 1.63 -15.39
N GLY A 110 5.44 2.69 -15.49
CA GLY A 110 4.06 2.66 -15.00
C GLY A 110 4.02 2.65 -13.48
N SER A 111 4.90 3.42 -12.83
CA SER A 111 4.99 3.42 -11.37
C SER A 111 5.22 4.81 -10.79
N LEU A 112 5.42 4.86 -9.49
CA LEU A 112 5.77 6.06 -8.76
C LEU A 112 7.16 5.71 -8.27
N ALA A 113 8.02 6.70 -8.10
CA ALA A 113 9.41 6.42 -7.72
C ALA A 113 9.46 5.82 -6.31
N VAL A 114 10.22 4.73 -6.18
CA VAL A 114 10.32 3.99 -4.91
C VAL A 114 11.55 4.39 -4.13
N SER A 115 11.59 4.05 -2.85
CA SER A 115 12.74 4.36 -2.01
C SER A 115 13.06 3.18 -1.08
N VAL A 116 14.24 3.17 -0.49
CA VAL A 116 14.62 2.14 0.47
C VAL A 116 15.09 2.85 1.76
N SER A 117 15.21 2.11 2.84
CA SER A 117 15.79 2.69 4.06
C SER A 117 17.30 2.63 3.90
N ASP A 118 17.83 1.44 3.67
CA ASP A 118 19.28 1.22 3.55
C ASP A 118 19.43 -0.12 2.85
N ASP A 119 20.48 -0.86 3.16
CA ASP A 119 20.70 -2.18 2.58
C ASP A 119 19.62 -3.17 3.05
N GLY A 120 18.98 -2.84 4.17
CA GLY A 120 17.94 -3.65 4.73
C GLY A 120 16.80 -2.78 5.24
N THR A 121 16.12 -3.25 6.27
CA THR A 121 14.97 -2.54 6.87
C THR A 121 13.84 -2.35 5.83
N ARG A 122 12.99 -1.35 6.02
CA ARG A 122 11.81 -1.21 5.18
C ARG A 122 12.10 -0.45 3.88
N THR A 123 11.19 -0.65 2.95
CA THR A 123 11.18 0.08 1.67
C THR A 123 10.01 1.03 1.75
N TYR A 124 9.98 2.02 0.86
CA TYR A 124 8.91 3.00 0.87
C TYR A 124 8.39 3.28 -0.51
N LEU A 125 7.16 3.79 -0.58
CA LEU A 125 6.58 4.26 -1.84
C LEU A 125 6.10 5.65 -1.50
N LYS A 126 6.34 6.61 -2.38
CA LYS A 126 5.96 7.99 -2.13
C LYS A 126 5.16 8.55 -3.26
N SER A 127 4.26 9.46 -2.92
CA SER A 127 3.58 10.26 -3.92
C SER A 127 4.29 11.60 -3.87
N TYR A 128 4.39 12.27 -5.01
CA TYR A 128 5.16 13.50 -5.12
C TYR A 128 4.21 14.68 -5.29
N GLU A 129 2.94 14.38 -5.08
CA GLU A 129 1.90 15.40 -4.92
C GLU A 129 1.70 15.70 -3.45
N ALA A 130 1.43 16.95 -3.10
CA ALA A 130 1.20 17.32 -1.72
C ALA A 130 0.23 18.51 -1.67
N ASP A 131 -0.46 18.65 -0.55
CA ASP A 131 -1.32 19.82 -0.32
C ASP A 131 -0.42 21.05 -0.15
N ALA A 132 -0.98 22.23 -0.32
CA ALA A 132 -0.22 23.47 -0.08
C ALA A 132 0.16 23.56 1.41
N GLN A 133 -0.57 22.83 2.25
CA GLN A 133 -0.29 22.77 3.69
C GLN A 133 0.85 21.80 4.04
N GLY A 134 1.39 21.11 3.04
CA GLY A 134 2.48 20.15 3.28
C GLY A 134 1.98 18.78 3.70
N LEU A 135 0.76 18.46 3.34
CA LEU A 135 0.19 17.13 3.60
C LEU A 135 0.40 16.28 2.36
N SER A 136 1.27 15.27 2.47
CA SER A 136 1.65 14.44 1.32
C SER A 136 1.34 12.99 1.61
N PHE A 137 1.51 12.10 0.64
CA PHE A 137 1.24 10.68 0.84
C PHE A 137 2.51 9.84 0.71
N GLU A 138 2.80 9.03 1.73
CA GLU A 138 3.87 8.03 1.66
C GLU A 138 3.43 6.84 2.48
N VAL A 139 3.95 5.67 2.14
CA VAL A 139 3.59 4.43 2.85
C VAL A 139 4.84 3.56 2.86
N ALA A 140 5.00 2.81 3.94
CA ALA A 140 6.19 1.99 4.15
C ALA A 140 5.82 0.52 3.94
N LEU A 141 6.72 -0.25 3.37
CA LEU A 141 6.45 -1.66 3.10
C LEU A 141 7.68 -2.45 3.56
N GLU A 142 7.52 -3.55 4.27
CA GLU A 142 8.71 -4.30 4.75
C GLU A 142 8.88 -5.64 4.05
N GLY A 143 8.07 -5.86 3.01
CA GLY A 143 8.23 -7.07 2.23
C GLY A 143 9.38 -6.97 1.23
N ASP A 144 9.90 -5.76 1.07
CA ASP A 144 11.00 -5.44 0.13
C ASP A 144 10.72 -5.98 -1.29
N HIS A 145 9.68 -5.45 -1.88
CA HIS A 145 9.26 -5.75 -3.24
C HIS A 145 9.06 -4.41 -3.93
N ALA A 146 9.92 -3.47 -3.58
CA ALA A 146 9.93 -2.16 -4.23
C ALA A 146 10.20 -2.37 -5.71
N ALA A 147 11.00 -3.38 -6.01
CA ALA A 147 11.38 -3.73 -7.39
C ALA A 147 10.21 -4.21 -8.24
N ALA A 148 9.07 -4.48 -7.62
CA ALA A 148 7.89 -5.00 -8.36
C ALA A 148 6.68 -4.06 -8.23
N LEU A 149 6.85 -2.94 -7.53
CA LEU A 149 5.74 -2.02 -7.34
C LEU A 149 5.42 -1.28 -8.63
N SER A 150 4.15 -0.96 -8.79
CA SER A 150 3.66 -0.26 -9.96
C SER A 150 2.50 0.62 -9.51
N ALA A 151 2.19 1.64 -10.29
CA ALA A 151 1.06 2.54 -9.99
C ALA A 151 -0.23 1.89 -10.49
N ASP A 152 -0.09 0.73 -11.11
CA ASP A 152 -1.26 0.00 -11.62
C ASP A 152 -2.08 -0.49 -10.43
N ASN A 153 -1.42 -0.87 -9.35
CA ASN A 153 -2.10 -1.38 -8.15
C ASN A 153 -2.44 -0.22 -7.20
N ILE A 154 -2.09 0.99 -7.60
CA ILE A 154 -2.47 2.17 -6.82
C ILE A 154 -3.74 2.65 -7.49
N VAL A 155 -4.86 2.58 -6.78
CA VAL A 155 -6.14 2.83 -7.39
C VAL A 155 -6.64 4.25 -7.13
N PHE A 156 -6.47 5.05 -8.17
CA PHE A 156 -7.01 6.41 -8.18
C PHE A 156 -8.05 6.54 -9.30
N ALA A 157 -8.08 5.57 -10.22
CA ALA A 157 -9.01 5.59 -11.36
C ALA A 157 -10.42 5.08 -11.03
N ALA A 158 -10.86 5.24 -9.77
CA ALA A 158 -12.21 4.84 -9.34
C ALA A 158 -12.54 3.38 -9.64
N THR A 159 -11.51 2.54 -9.55
CA THR A 159 -11.61 1.09 -9.79
C THR A 159 -12.16 0.74 -11.19
N ASP A 160 -11.99 1.65 -12.15
CA ASP A 160 -12.37 1.37 -13.53
C ASP A 160 -11.15 0.77 -14.23
N ALA A 161 -11.35 -0.31 -14.97
CA ALA A 161 -10.29 -1.04 -15.63
C ALA A 161 -10.38 -0.93 -17.16
N ALA A 162 -11.03 0.12 -17.66
CA ALA A 162 -11.13 0.37 -19.11
C ALA A 162 -9.76 0.79 -19.69
N ALA A 163 -8.97 1.49 -18.89
CA ALA A 163 -7.65 1.98 -19.29
C ALA A 163 -6.55 1.13 -18.64
N ALA A 164 -5.37 1.72 -18.51
CA ALA A 164 -4.17 1.11 -17.89
C ALA A 164 -3.59 -0.07 -18.69
N GLY A 165 -2.45 -0.58 -18.22
CA GLY A 165 -1.78 -1.69 -18.90
C GLY A 165 -0.83 -1.22 -19.99
N GLU A 166 -0.60 0.09 -20.04
CA GLU A 166 0.27 0.69 -21.05
C GLU A 166 1.74 0.59 -20.61
N LEU A 167 2.44 -0.39 -21.17
CA LEU A 167 3.87 -0.61 -20.87
C LEU A 167 4.68 -0.65 -22.17
N GLY A 168 5.93 -0.21 -22.10
CA GLY A 168 6.82 -0.23 -23.24
C GLY A 168 8.21 -0.76 -22.85
N VAL A 169 8.19 -1.69 -21.91
CA VAL A 169 9.41 -2.31 -21.36
C VAL A 169 10.00 -3.27 -22.39
N ILE A 170 9.15 -3.85 -23.23
CA ILE A 170 9.58 -4.78 -24.27
C ILE A 170 10.61 -4.17 -25.23
N GLY A 171 11.66 -4.93 -25.53
CA GLY A 171 12.67 -4.53 -26.48
C GLY A 171 14.00 -5.22 -26.32
N ALA A 172 14.79 -5.25 -27.39
CA ALA A 172 16.09 -5.92 -27.37
C ALA A 172 17.08 -5.17 -28.28
N SER A 173 18.30 -5.00 -27.78
CA SER A 173 19.38 -4.36 -28.52
C SER A 173 20.70 -4.94 -27.97
N GLY A 174 21.80 -4.76 -28.70
CA GLY A 174 23.08 -5.31 -28.26
C GLY A 174 24.28 -4.78 -29.02
N GLN A 175 25.47 -4.96 -28.44
CA GLN A 175 26.72 -4.52 -29.07
C GLN A 175 27.75 -5.67 -28.96
N PRO A 176 27.65 -6.67 -29.86
CA PRO A 176 28.49 -7.86 -29.67
C PRO A 176 29.97 -7.66 -29.98
N ASP A 177 30.80 -8.46 -29.33
CA ASP A 177 32.25 -8.41 -29.49
C ASP A 177 32.69 -9.68 -30.20
N ASP A 178 33.85 -9.66 -30.86
CA ASP A 178 34.36 -10.85 -31.55
C ASP A 178 35.83 -11.14 -31.23
N PRO A 179 36.13 -11.66 -30.03
CA PRO A 179 37.52 -11.97 -29.68
C PRO A 179 38.05 -13.21 -30.41
N THR A 180 39.37 -13.29 -30.50
CA THR A 180 40.04 -14.40 -31.19
C THR A 180 41.19 -15.00 -30.35
N VAL A 181 41.39 -14.43 -29.16
CA VAL A 181 42.41 -14.91 -28.24
C VAL A 181 42.03 -16.31 -27.76
CA CA B . -7.32 0.53 17.50
CA CA C . -9.82 -12.21 6.11
CA CA D . -4.64 2.96 14.01
CA CA E . -6.63 -11.12 2.65
CA CA F . -2.62 4.81 9.99
CA CA G . -2.99 -10.16 -0.56
N ALA A 1 -11.81 -29.12 15.30
CA ALA A 1 -11.37 -27.76 15.73
C ALA A 1 -12.47 -27.05 16.47
N ASP A 2 -12.09 -26.00 17.20
CA ASP A 2 -13.04 -25.17 17.95
C ASP A 2 -12.82 -23.70 17.57
N PRO A 3 -13.56 -23.21 16.56
CA PRO A 3 -13.30 -21.83 16.11
C PRO A 3 -13.74 -20.75 17.09
N GLY A 4 -13.07 -19.60 17.01
CA GLY A 4 -13.37 -18.48 17.88
C GLY A 4 -12.42 -17.34 17.55
N VAL A 5 -12.67 -16.68 16.43
CA VAL A 5 -11.76 -15.67 15.90
C VAL A 5 -11.51 -14.55 16.92
N GLU A 6 -10.22 -14.24 17.10
CA GLU A 6 -9.79 -13.23 18.08
C GLU A 6 -9.77 -11.85 17.48
N GLY A 7 -9.82 -11.80 16.15
CA GLY A 7 -9.78 -10.52 15.45
C GLY A 7 -11.13 -9.89 15.26
N THR A 8 -11.29 -9.30 14.08
CA THR A 8 -12.46 -8.53 13.62
C THR A 8 -12.55 -7.17 14.34
N PRO A 9 -13.24 -6.15 13.75
CA PRO A 9 -13.31 -4.82 14.37
C PRO A 9 -14.06 -4.71 15.71
N VAL A 10 -14.56 -5.84 16.23
CA VAL A 10 -15.42 -5.89 17.39
C VAL A 10 -14.78 -5.38 18.70
N VAL A 11 -13.45 -5.32 18.79
CA VAL A 11 -12.80 -4.90 20.04
C VAL A 11 -11.50 -4.10 19.83
N GLY A 12 -11.33 -3.03 20.59
CA GLY A 12 -10.09 -2.25 20.55
C GLY A 12 -10.02 -1.12 19.56
N SER A 13 -11.15 -0.51 19.23
CA SER A 13 -11.18 0.56 18.24
C SER A 13 -10.27 1.74 18.55
N ASP A 14 -10.54 2.45 19.62
CA ASP A 14 -9.84 3.74 19.89
C ASP A 14 -8.46 3.59 20.52
N LEU A 15 -7.95 2.37 20.56
CA LEU A 15 -6.70 2.05 21.27
C LEU A 15 -5.86 1.08 20.48
N ASP A 16 -4.65 0.76 20.91
CA ASP A 16 -3.76 -0.14 20.14
C ASP A 16 -4.39 -1.54 19.96
N ASP A 17 -4.06 -2.22 18.85
CA ASP A 17 -4.69 -3.52 18.57
C ASP A 17 -3.71 -4.67 18.27
N GLU A 18 -4.17 -5.88 18.50
CA GLU A 18 -3.52 -7.09 17.94
C GLU A 18 -4.71 -7.92 17.46
N LEU A 19 -5.08 -7.80 16.19
CA LEU A 19 -6.29 -8.46 15.69
C LEU A 19 -6.05 -9.47 14.56
N HIS A 20 -6.25 -10.74 14.86
CA HIS A 20 -6.08 -11.81 13.88
C HIS A 20 -7.42 -12.24 13.26
N GLY A 21 -7.69 -11.85 12.03
CA GLY A 21 -9.00 -12.08 11.40
C GLY A 21 -9.29 -13.49 10.85
N THR A 22 -10.48 -13.66 10.30
CA THR A 22 -10.94 -14.96 9.76
C THR A 22 -10.28 -15.31 8.44
N LEU A 23 -10.47 -16.54 8.00
CA LEU A 23 -9.98 -16.99 6.70
C LEU A 23 -11.03 -16.73 5.62
N GLY A 24 -12.01 -15.91 5.96
CA GLY A 24 -13.04 -15.48 5.02
C GLY A 24 -12.92 -13.98 4.82
N SER A 25 -13.77 -13.41 3.98
CA SER A 25 -13.76 -11.97 3.71
C SER A 25 -14.28 -11.17 4.93
N GLU A 26 -13.64 -10.03 5.19
CA GLU A 26 -14.01 -9.16 6.30
C GLU A 26 -13.77 -7.72 5.89
N GLN A 27 -14.36 -6.81 6.65
CA GLN A 27 -13.94 -5.39 6.64
C GLN A 27 -13.19 -5.25 7.96
N ILE A 28 -11.93 -4.86 7.90
CA ILE A 28 -11.11 -4.70 9.09
C ILE A 28 -10.90 -3.21 9.31
N LEU A 29 -11.49 -2.69 10.36
CA LEU A 29 -11.35 -1.29 10.69
C LEU A 29 -10.55 -1.20 11.99
N GLY A 30 -9.39 -0.58 11.92
CA GLY A 30 -8.52 -0.50 13.08
C GLY A 30 -8.85 0.62 14.05
N GLY A 31 -9.44 1.70 13.55
CA GLY A 31 -9.74 2.82 14.43
C GLY A 31 -8.48 3.53 14.88
N GLY A 32 -8.52 4.06 16.10
CA GLY A 32 -7.39 4.80 16.64
C GLY A 32 -6.29 3.88 17.12
N GLY A 33 -5.19 4.48 17.57
CA GLY A 33 -4.09 3.72 18.14
C GLY A 33 -3.21 3.07 17.08
N ALA A 34 -2.05 2.62 17.51
CA ALA A 34 -1.08 1.94 16.68
C ALA A 34 -1.52 0.47 16.59
N ASP A 35 -2.08 0.09 15.45
CA ASP A 35 -2.75 -1.21 15.38
C ASP A 35 -1.93 -2.22 14.63
N GLN A 36 -1.90 -3.45 15.12
CA GLN A 36 -1.26 -4.57 14.44
C GLN A 36 -2.39 -5.43 13.89
N LEU A 37 -2.72 -5.23 12.63
CA LEU A 37 -3.88 -5.87 12.04
C LEU A 37 -3.45 -7.00 11.11
N TYR A 38 -4.21 -8.09 11.08
CA TYR A 38 -3.91 -9.23 10.25
C TYR A 38 -5.16 -9.75 9.57
N GLY A 39 -5.24 -9.51 8.27
CA GLY A 39 -6.42 -9.92 7.52
C GLY A 39 -6.55 -11.41 7.19
N TYR A 40 -5.45 -12.15 7.15
CA TYR A 40 -5.47 -13.59 6.77
C TYR A 40 -6.18 -13.82 5.42
N ALA A 41 -6.64 -15.03 5.15
CA ALA A 41 -7.24 -15.37 3.87
C ALA A 41 -8.56 -14.63 3.63
N GLY A 42 -9.04 -14.68 2.39
CA GLY A 42 -10.26 -13.99 1.98
C GLY A 42 -9.94 -12.61 1.43
N ASN A 43 -10.83 -12.10 0.61
CA ASN A 43 -10.65 -10.78 -0.01
C ASN A 43 -11.12 -9.71 0.97
N ASP A 44 -10.19 -9.14 1.70
CA ASP A 44 -10.54 -8.28 2.82
C ASP A 44 -10.48 -6.81 2.44
N LEU A 45 -11.13 -5.96 3.24
CA LEU A 45 -11.10 -4.53 3.06
C LEU A 45 -10.50 -3.97 4.33
N LEU A 46 -9.54 -3.08 4.23
CA LEU A 46 -8.80 -2.64 5.40
C LEU A 46 -8.66 -1.11 5.55
N ASP A 47 -9.09 -0.64 6.72
CA ASP A 47 -9.02 0.76 7.13
C ASP A 47 -8.28 0.87 8.48
N GLY A 48 -6.96 1.08 8.45
CA GLY A 48 -6.19 1.13 9.70
C GLY A 48 -6.57 2.27 10.62
N GLY A 49 -7.10 3.37 10.07
CA GLY A 49 -7.55 4.48 10.89
C GLY A 49 -6.41 5.27 11.51
N ALA A 50 -6.75 6.20 12.39
CA ALA A 50 -5.78 7.11 13.01
C ALA A 50 -4.64 6.37 13.74
N GLY A 51 -3.47 7.00 13.74
CA GLY A 51 -2.27 6.41 14.34
C GLY A 51 -1.51 5.61 13.29
N ARG A 52 -0.22 5.36 13.52
CA ARG A 52 0.62 4.64 12.56
C ARG A 52 0.38 3.17 12.77
N ASP A 53 -0.04 2.48 11.74
CA ASP A 53 -0.46 1.08 11.86
C ASP A 53 0.49 0.15 11.15
N LYS A 54 0.45 -1.12 11.49
CA LYS A 54 1.26 -2.12 10.80
C LYS A 54 0.29 -3.24 10.43
N LEU A 55 -0.15 -3.27 9.17
CA LEU A 55 -1.24 -4.16 8.79
C LEU A 55 -0.91 -5.14 7.68
N SER A 56 -1.35 -6.37 7.86
CA SER A 56 -1.19 -7.42 6.88
C SER A 56 -2.52 -7.62 6.19
N GLY A 57 -2.47 -7.94 4.90
CA GLY A 57 -3.67 -8.30 4.17
C GLY A 57 -3.86 -9.79 4.14
N GLY A 58 -2.78 -10.56 4.09
CA GLY A 58 -2.89 -12.00 4.00
C GLY A 58 -3.27 -12.45 2.61
N GLU A 59 -3.51 -13.75 2.44
CA GLU A 59 -3.91 -14.30 1.13
C GLU A 59 -5.19 -13.65 0.59
N GLY A 60 -5.29 -13.57 -0.74
CA GLY A 60 -6.47 -13.01 -1.39
C GLY A 60 -6.25 -11.58 -1.81
N ALA A 61 -7.07 -11.10 -2.74
CA ALA A 61 -6.94 -9.75 -3.26
C ALA A 61 -7.56 -8.75 -2.29
N ASP A 62 -6.74 -8.00 -1.59
CA ASP A 62 -7.20 -7.14 -0.51
C ASP A 62 -7.28 -5.70 -0.98
N THR A 63 -8.13 -4.93 -0.31
CA THR A 63 -8.34 -3.56 -0.65
C THR A 63 -8.01 -2.69 0.54
N PHE A 64 -7.12 -1.73 0.36
CA PHE A 64 -6.75 -0.80 1.41
C PHE A 64 -7.29 0.57 1.01
N ARG A 65 -7.99 1.24 1.91
CA ARG A 65 -8.58 2.56 1.56
C ARG A 65 -8.10 3.69 2.49
N PHE A 66 -7.75 3.31 3.72
CA PHE A 66 -7.39 4.27 4.78
C PHE A 66 -8.58 5.17 5.18
N ALA A 67 -8.49 5.79 6.35
CA ALA A 67 -9.65 6.52 6.88
C ALA A 67 -9.86 7.92 6.27
N LEU A 68 -8.82 8.75 6.23
CA LEU A 68 -8.93 10.14 5.80
C LEU A 68 -7.59 10.61 5.22
N ARG A 69 -7.54 11.87 4.79
CA ARG A 69 -6.29 12.57 4.44
C ARG A 69 -5.31 12.51 5.60
N GLU A 70 -5.87 12.45 6.80
CA GLU A 70 -5.10 12.39 8.04
C GLU A 70 -4.35 11.04 8.25
N ASP A 71 -4.51 10.11 7.31
CA ASP A 71 -3.88 8.80 7.39
C ASP A 71 -2.81 8.60 6.31
N SER A 72 -1.80 7.85 6.68
CA SER A 72 -0.68 7.50 5.78
C SER A 72 -0.16 8.67 4.94
N HIS A 73 0.32 9.71 5.63
CA HIS A 73 0.75 10.93 4.97
C HIS A 73 2.07 11.39 5.55
N ARG A 74 2.67 12.37 4.88
CA ARG A 74 3.85 13.06 5.36
C ARG A 74 3.38 14.49 5.51
N SER A 75 3.87 15.16 6.57
CA SER A 75 3.47 16.53 6.89
C SER A 75 4.76 17.31 7.03
N PRO A 76 4.70 18.66 7.11
CA PRO A 76 5.97 19.37 7.34
C PRO A 76 6.68 18.96 8.63
N LEU A 77 5.92 18.42 9.58
CA LEU A 77 6.46 17.95 10.86
C LEU A 77 7.19 16.62 10.76
N GLY A 78 6.95 15.90 9.69
CA GLY A 78 7.55 14.58 9.50
C GLY A 78 6.53 13.59 9.02
N THR A 79 6.94 12.34 8.86
CA THR A 79 6.08 11.30 8.37
C THR A 79 5.13 10.66 9.41
N PHE A 80 3.96 10.27 8.90
CA PHE A 80 2.95 9.51 9.63
C PHE A 80 2.44 8.40 8.70
N GLY A 81 3.33 7.96 7.82
CA GLY A 81 2.98 6.93 6.86
C GLY A 81 2.64 5.62 7.53
N ASP A 82 1.72 4.86 6.94
CA ASP A 82 1.30 3.58 7.51
C ASP A 82 2.27 2.52 7.02
N ARG A 83 2.26 1.35 7.64
CA ARG A 83 3.20 0.28 7.28
C ARG A 83 2.44 -0.98 6.86
N ILE A 84 2.64 -1.46 5.63
CA ILE A 84 1.96 -2.68 5.19
C ILE A 84 2.95 -3.83 5.31
N LEU A 85 2.52 -4.89 5.97
CA LEU A 85 3.43 -5.97 6.37
C LEU A 85 3.68 -7.03 5.29
N ASP A 86 2.64 -7.53 4.64
CA ASP A 86 2.80 -8.63 3.66
C ASP A 86 2.07 -8.34 2.33
N PHE A 87 2.08 -7.07 1.96
CA PHE A 87 1.38 -6.60 0.76
C PHE A 87 1.72 -7.42 -0.48
N ASP A 88 0.72 -7.69 -1.31
CA ASP A 88 0.94 -8.39 -2.58
C ASP A 88 0.79 -7.35 -3.72
N PRO A 89 1.90 -6.97 -4.37
CA PRO A 89 1.79 -5.88 -5.34
C PRO A 89 1.11 -6.26 -6.67
N SER A 90 0.74 -7.52 -6.82
CA SER A 90 0.05 -7.97 -8.03
C SER A 90 -1.48 -8.12 -7.76
N GLN A 91 -1.81 -8.55 -6.57
CA GLN A 91 -3.20 -8.90 -6.23
C GLN A 91 -3.94 -7.80 -5.50
N ASP A 92 -3.26 -7.13 -4.59
CA ASP A 92 -3.93 -6.16 -3.72
C ASP A 92 -4.05 -4.78 -4.41
N ARG A 93 -4.82 -3.89 -3.81
CA ARG A 93 -5.00 -2.54 -4.38
C ARG A 93 -5.18 -1.48 -3.30
N ILE A 94 -4.72 -0.27 -3.55
CA ILE A 94 -4.80 0.84 -2.62
C ILE A 94 -5.39 2.03 -3.33
N ASP A 95 -6.41 2.67 -2.76
CA ASP A 95 -6.92 3.92 -3.34
C ASP A 95 -6.22 5.08 -2.68
N VAL A 96 -5.90 6.06 -3.48
CA VAL A 96 -5.26 7.27 -2.96
C VAL A 96 -5.92 8.56 -3.51
N SER A 97 -6.86 8.41 -4.42
CA SER A 97 -7.49 9.60 -5.01
C SER A 97 -8.46 10.27 -4.05
N ALA A 98 -9.11 9.48 -3.20
CA ALA A 98 -10.09 10.04 -2.25
C ALA A 98 -9.41 10.95 -1.22
N LEU A 99 -8.26 10.51 -0.72
CA LEU A 99 -7.58 11.20 0.39
C LEU A 99 -6.35 12.00 -0.01
N GLY A 100 -5.86 11.77 -1.22
CA GLY A 100 -4.59 12.37 -1.64
C GLY A 100 -4.60 13.10 -2.95
N PHE A 101 -4.50 12.36 -4.05
CA PHE A 101 -4.29 13.00 -5.37
C PHE A 101 -4.74 12.10 -6.51
N SER A 102 -5.01 12.71 -7.64
CA SER A 102 -5.41 11.96 -8.85
C SER A 102 -4.31 11.96 -9.89
N GLY A 103 -3.48 12.98 -9.89
CA GLY A 103 -2.38 13.06 -10.86
C GLY A 103 -1.11 12.48 -10.32
N LEU A 104 -0.73 11.30 -10.79
CA LEU A 104 0.47 10.62 -10.26
C LEU A 104 1.73 11.43 -10.57
N GLY A 105 2.67 11.42 -9.64
CA GLY A 105 3.88 12.22 -9.75
C GLY A 105 5.03 11.49 -10.40
N ASN A 106 6.24 11.93 -10.06
CA ASN A 106 7.46 11.40 -10.65
C ASN A 106 7.64 9.88 -10.41
N GLY A 107 8.09 9.18 -11.46
CA GLY A 107 8.36 7.76 -11.40
C GLY A 107 8.68 7.23 -12.79
N TYR A 108 8.72 5.92 -12.96
CA TYR A 108 9.04 5.31 -14.25
C TYR A 108 8.42 3.90 -14.27
N ALA A 109 8.35 3.30 -15.46
CA ALA A 109 7.80 1.95 -15.65
C ALA A 109 6.39 1.74 -15.09
N GLY A 110 5.53 2.74 -15.19
CA GLY A 110 4.15 2.61 -14.75
C GLY A 110 4.09 2.64 -13.23
N SER A 111 4.86 3.51 -12.60
CA SER A 111 4.92 3.55 -11.15
C SER A 111 5.30 4.93 -10.66
N LEU A 112 5.35 5.08 -9.34
CA LEU A 112 5.93 6.27 -8.71
C LEU A 112 7.36 5.85 -8.38
N ALA A 113 8.27 6.78 -8.17
CA ALA A 113 9.63 6.39 -7.82
C ALA A 113 9.62 5.74 -6.43
N VAL A 114 10.27 4.59 -6.35
CA VAL A 114 10.34 3.81 -5.11
C VAL A 114 11.67 4.10 -4.40
N SER A 115 11.71 3.90 -3.09
CA SER A 115 12.92 4.16 -2.31
C SER A 115 13.04 3.13 -1.20
N VAL A 116 14.18 3.02 -0.56
CA VAL A 116 14.38 2.09 0.56
C VAL A 116 14.77 2.89 1.80
N SER A 117 14.64 2.29 2.97
CA SER A 117 15.10 2.94 4.19
C SER A 117 16.61 3.05 4.12
N ASP A 118 17.24 1.92 3.84
CA ASP A 118 18.69 1.79 3.77
C ASP A 118 18.89 0.36 3.23
N ASP A 119 20.04 -0.25 3.47
CA ASP A 119 20.30 -1.61 2.92
C ASP A 119 19.51 -2.72 3.63
N GLY A 120 18.64 -2.32 4.54
CA GLY A 120 17.77 -3.25 5.24
C GLY A 120 16.48 -2.47 5.55
N THR A 121 15.75 -2.92 6.56
CA THR A 121 14.52 -2.25 7.02
C THR A 121 13.46 -2.08 5.89
N ARG A 122 12.47 -1.20 6.11
CA ARG A 122 11.32 -1.11 5.21
C ARG A 122 11.63 -0.40 3.88
N THR A 123 10.79 -0.66 2.90
CA THR A 123 10.83 0.00 1.59
C THR A 123 9.72 1.02 1.65
N TYR A 124 9.77 2.04 0.79
CA TYR A 124 8.72 3.07 0.77
C TYR A 124 8.23 3.30 -0.65
N LEU A 125 6.98 3.72 -0.75
CA LEU A 125 6.37 4.17 -2.01
C LEU A 125 5.83 5.54 -1.69
N LYS A 126 6.34 6.56 -2.36
CA LYS A 126 5.99 7.94 -2.06
C LYS A 126 5.35 8.63 -3.25
N SER A 127 4.50 9.61 -2.95
CA SER A 127 4.01 10.52 -3.95
C SER A 127 4.95 11.71 -3.89
N TYR A 128 5.11 12.43 -4.98
CA TYR A 128 5.98 13.60 -4.98
C TYR A 128 5.15 14.84 -5.27
N GLU A 129 3.83 14.68 -5.11
CA GLU A 129 2.88 15.78 -5.23
C GLU A 129 2.33 15.99 -3.84
N ALA A 130 2.01 17.23 -3.51
CA ALA A 130 1.56 17.57 -2.16
C ALA A 130 0.42 18.57 -2.23
N ASP A 131 -0.43 18.53 -1.23
CA ASP A 131 -1.53 19.48 -1.07
C ASP A 131 -0.90 20.81 -0.67
N ALA A 132 -1.61 21.90 -0.85
CA ALA A 132 -1.10 23.23 -0.49
C ALA A 132 -0.89 23.34 1.03
N GLN A 133 -1.55 22.42 1.76
CA GLN A 133 -1.35 22.29 3.22
C GLN A 133 0.02 21.74 3.60
N GLY A 134 0.80 21.29 2.62
CA GLY A 134 2.11 20.72 2.92
C GLY A 134 1.99 19.26 3.27
N LEU A 135 0.89 18.65 2.86
CA LEU A 135 0.62 17.23 3.13
C LEU A 135 0.81 16.44 1.85
N SER A 136 1.75 15.50 1.89
CA SER A 136 2.03 14.63 0.74
C SER A 136 1.69 13.21 1.19
N PHE A 137 1.75 12.23 0.30
CA PHE A 137 1.38 10.85 0.67
C PHE A 137 2.60 9.93 0.58
N GLU A 138 2.81 9.15 1.63
CA GLU A 138 3.76 8.04 1.55
C GLU A 138 3.26 6.90 2.41
N VAL A 139 3.72 5.70 2.08
CA VAL A 139 3.38 4.49 2.84
C VAL A 139 4.61 3.59 2.79
N ALA A 140 4.89 2.94 3.90
CA ALA A 140 6.05 2.06 4.03
C ALA A 140 5.56 0.62 3.84
N LEU A 141 6.39 -0.23 3.28
CA LEU A 141 6.02 -1.63 3.06
C LEU A 141 7.24 -2.39 3.54
N GLU A 142 7.06 -3.44 4.34
CA GLU A 142 8.21 -4.18 4.88
C GLU A 142 8.31 -5.55 4.24
N GLY A 143 7.56 -5.73 3.17
CA GLY A 143 7.66 -6.94 2.37
C GLY A 143 8.85 -6.91 1.45
N ASP A 144 9.52 -5.76 1.43
CA ASP A 144 10.76 -5.55 0.64
C ASP A 144 10.64 -5.96 -0.81
N HIS A 145 9.66 -5.40 -1.50
CA HIS A 145 9.37 -5.78 -2.89
C HIS A 145 9.29 -4.51 -3.76
N ALA A 146 10.26 -3.63 -3.59
CA ALA A 146 10.32 -2.42 -4.41
C ALA A 146 10.37 -2.70 -5.92
N ALA A 147 10.98 -3.80 -6.35
CA ALA A 147 11.10 -4.12 -7.77
C ALA A 147 9.73 -4.51 -8.40
N ALA A 148 8.85 -5.05 -7.59
CA ALA A 148 7.53 -5.46 -8.07
C ALA A 148 6.46 -4.38 -7.88
N LEU A 149 6.72 -3.41 -7.02
CA LEU A 149 5.80 -2.31 -6.82
C LEU A 149 5.67 -1.45 -8.06
N SER A 150 4.44 -1.32 -8.53
CA SER A 150 4.08 -0.49 -9.67
C SER A 150 2.82 0.22 -9.26
N ALA A 151 2.45 1.28 -9.99
CA ALA A 151 1.18 1.99 -9.76
C ALA A 151 -0.01 1.13 -10.22
N ASP A 152 0.25 -0.12 -10.54
CA ASP A 152 -0.80 -1.03 -10.93
C ASP A 152 -1.64 -1.42 -9.73
N ASN A 153 -1.00 -1.42 -8.55
CA ASN A 153 -1.71 -1.69 -7.30
C ASN A 153 -2.17 -0.40 -6.62
N ILE A 154 -2.03 0.75 -7.28
CA ILE A 154 -2.52 2.02 -6.74
C ILE A 154 -3.60 2.48 -7.71
N VAL A 155 -4.65 3.12 -7.22
CA VAL A 155 -5.66 3.69 -8.12
C VAL A 155 -5.84 5.19 -7.86
N PHE A 156 -5.74 5.95 -8.93
CA PHE A 156 -5.90 7.39 -8.88
C PHE A 156 -7.08 7.80 -9.74
N ALA A 157 -7.32 7.04 -10.78
CA ALA A 157 -8.31 7.37 -11.80
C ALA A 157 -9.75 6.94 -11.49
N ALA A 158 -10.45 7.77 -10.73
CA ALA A 158 -11.89 7.59 -10.46
C ALA A 158 -12.30 6.23 -9.88
N THR A 159 -11.39 5.54 -9.20
CA THR A 159 -11.61 4.21 -8.60
C THR A 159 -12.04 3.15 -9.61
N ASP A 160 -11.81 3.43 -10.89
CA ASP A 160 -12.25 2.53 -11.96
C ASP A 160 -11.07 1.65 -12.42
N ALA A 161 -11.28 0.34 -12.41
CA ALA A 161 -10.24 -0.65 -12.76
C ALA A 161 -9.86 -0.61 -14.25
N ALA A 162 -10.42 0.32 -15.01
CA ALA A 162 -10.07 0.51 -16.42
C ALA A 162 -8.63 1.04 -16.57
N ALA A 163 -8.07 1.52 -15.48
CA ALA A 163 -6.73 2.11 -15.49
C ALA A 163 -5.61 1.07 -15.68
N ALA A 164 -4.40 1.59 -15.87
CA ALA A 164 -3.14 0.81 -16.03
C ALA A 164 -3.12 -0.09 -17.27
N GLY A 165 -2.10 -0.94 -17.34
CA GLY A 165 -1.89 -1.82 -18.49
C GLY A 165 -1.32 -1.06 -19.65
N GLU A 166 -0.71 0.09 -19.36
CA GLU A 166 -0.09 0.94 -20.37
C GLU A 166 1.35 1.19 -20.00
N LEU A 167 2.27 0.60 -20.74
CA LEU A 167 3.70 0.71 -20.44
C LEU A 167 4.42 1.16 -21.69
N GLY A 168 5.52 1.88 -21.51
CA GLY A 168 6.33 2.33 -22.63
C GLY A 168 7.75 1.82 -22.46
N VAL A 169 7.87 0.57 -22.01
CA VAL A 169 9.16 -0.03 -21.67
C VAL A 169 9.70 -0.84 -22.87
N ILE A 170 8.79 -1.41 -23.66
CA ILE A 170 9.14 -2.32 -24.76
C ILE A 170 10.13 -1.70 -25.74
N GLY A 171 11.17 -2.47 -26.01
CA GLY A 171 12.25 -2.08 -26.91
C GLY A 171 13.54 -2.81 -26.47
N ALA A 172 14.48 -3.00 -27.38
CA ALA A 172 15.73 -3.67 -27.06
C ALA A 172 16.85 -3.20 -28.00
N SER A 173 18.07 -3.15 -27.49
CA SER A 173 19.22 -2.75 -28.28
C SER A 173 20.44 -3.49 -27.74
N GLY A 174 21.54 -3.50 -28.49
CA GLY A 174 22.73 -4.16 -28.05
C GLY A 174 23.89 -3.96 -29.01
N GLN A 175 24.96 -4.69 -28.80
CA GLN A 175 26.13 -4.68 -29.67
C GLN A 175 26.82 -6.05 -29.56
N PRO A 176 26.59 -6.96 -30.52
CA PRO A 176 27.24 -8.26 -30.37
C PRO A 176 28.75 -8.22 -30.59
N ASP A 177 29.44 -9.16 -29.96
CA ASP A 177 30.90 -9.31 -30.07
C ASP A 177 31.14 -10.70 -30.68
N ASP A 178 32.28 -10.87 -31.36
CA ASP A 178 32.59 -12.16 -32.00
C ASP A 178 34.07 -12.50 -31.89
N PRO A 179 34.51 -12.98 -30.72
CA PRO A 179 35.93 -13.35 -30.63
C PRO A 179 36.23 -14.60 -31.45
N THR A 180 37.42 -14.67 -32.02
CA THR A 180 37.82 -15.80 -32.85
C THR A 180 39.22 -16.27 -32.43
N VAL A 181 39.68 -15.70 -31.33
CA VAL A 181 40.98 -16.06 -30.73
C VAL A 181 40.94 -17.50 -30.23
CA CA B . -7.35 0.32 17.31
CA CA C . -9.94 -12.42 6.25
CA CA D . -5.07 2.88 13.86
CA CA E . -6.77 -11.31 2.77
CA CA F . -3.00 5.03 9.99
CA CA G . -3.15 -9.95 -0.24
N ALA A 1 -11.12 -27.54 14.18
CA ALA A 1 -10.75 -26.16 14.59
C ALA A 1 -11.72 -25.64 15.65
N ASP A 2 -11.26 -24.66 16.43
CA ASP A 2 -12.07 -24.03 17.49
C ASP A 2 -12.27 -22.55 17.13
N PRO A 3 -13.36 -22.22 16.42
CA PRO A 3 -13.50 -20.81 16.01
C PRO A 3 -13.83 -19.85 17.14
N GLY A 4 -13.37 -18.61 16.99
CA GLY A 4 -13.60 -17.56 17.97
C GLY A 4 -12.80 -16.34 17.56
N VAL A 5 -13.12 -15.79 16.40
CA VAL A 5 -12.33 -14.71 15.77
C VAL A 5 -12.01 -13.55 16.73
N GLU A 6 -10.73 -13.17 16.74
CA GLU A 6 -10.22 -12.14 17.66
C GLU A 6 -10.10 -10.81 16.95
N GLY A 7 -10.68 -10.72 15.76
CA GLY A 7 -10.63 -9.53 14.94
C GLY A 7 -11.99 -8.92 14.71
N THR A 8 -12.11 -8.25 13.56
CA THR A 8 -13.32 -7.52 13.11
C THR A 8 -13.51 -6.23 13.94
N PRO A 9 -14.26 -5.23 13.39
CA PRO A 9 -14.42 -3.93 14.06
C PRO A 9 -15.24 -3.92 15.36
N VAL A 10 -15.62 -5.08 15.86
CA VAL A 10 -16.52 -5.17 17.02
C VAL A 10 -15.90 -4.68 18.35
N VAL A 11 -14.58 -4.50 18.42
CA VAL A 11 -13.93 -4.11 19.68
C VAL A 11 -12.64 -3.26 19.53
N GLY A 12 -12.43 -2.33 20.46
CA GLY A 12 -11.17 -1.61 20.57
C GLY A 12 -10.86 -0.56 19.53
N SER A 13 -11.87 -0.09 18.81
CA SER A 13 -11.66 0.79 17.68
C SER A 13 -10.76 1.98 17.98
N ASP A 14 -11.07 2.77 19.00
CA ASP A 14 -10.31 4.02 19.25
C ASP A 14 -8.99 3.89 20.01
N LEU A 15 -8.52 2.68 20.26
CA LEU A 15 -7.27 2.49 21.00
C LEU A 15 -6.40 1.33 20.45
N ASP A 16 -5.18 1.18 20.95
CA ASP A 16 -4.23 0.17 20.39
C ASP A 16 -4.76 -1.25 20.47
N ASP A 17 -4.76 -1.94 19.32
CA ASP A 17 -5.32 -3.28 19.19
C ASP A 17 -4.33 -4.31 18.67
N GLU A 18 -4.70 -5.56 18.79
CA GLU A 18 -4.08 -6.67 18.07
C GLU A 18 -5.28 -7.44 17.48
N LEU A 19 -5.64 -7.16 16.24
CA LEU A 19 -6.82 -7.79 15.61
C LEU A 19 -6.38 -8.89 14.66
N HIS A 20 -6.96 -10.07 14.83
CA HIS A 20 -6.62 -11.24 14.00
C HIS A 20 -7.87 -11.79 13.36
N GLY A 21 -7.92 -11.74 12.04
CA GLY A 21 -9.11 -12.14 11.28
C GLY A 21 -9.24 -13.59 10.93
N THR A 22 -10.31 -13.89 10.20
CA THR A 22 -10.63 -15.23 9.70
C THR A 22 -9.94 -15.59 8.40
N LEU A 23 -10.08 -16.83 7.97
CA LEU A 23 -9.63 -17.27 6.65
C LEU A 23 -10.73 -17.04 5.61
N GLY A 24 -11.48 -15.95 5.73
CA GLY A 24 -12.51 -15.56 4.77
C GLY A 24 -12.52 -14.05 4.68
N SER A 25 -13.33 -13.51 3.78
CA SER A 25 -13.40 -12.06 3.56
C SER A 25 -13.93 -11.29 4.78
N GLU A 26 -13.30 -10.15 5.07
CA GLU A 26 -13.69 -9.29 6.20
C GLU A 26 -13.45 -7.82 5.87
N GLN A 27 -14.05 -6.95 6.66
CA GLN A 27 -13.66 -5.54 6.72
C GLN A 27 -12.99 -5.37 8.09
N ILE A 28 -11.70 -5.08 8.10
CA ILE A 28 -10.93 -4.89 9.33
C ILE A 28 -10.71 -3.38 9.50
N LEU A 29 -11.28 -2.81 10.55
CA LEU A 29 -11.11 -1.40 10.85
C LEU A 29 -10.18 -1.31 12.05
N GLY A 30 -9.15 -0.52 11.90
CA GLY A 30 -8.21 -0.31 12.98
C GLY A 30 -8.58 0.85 13.86
N GLY A 31 -9.19 1.90 13.31
CA GLY A 31 -9.59 3.05 14.11
C GLY A 31 -8.40 3.74 14.75
N GLY A 32 -8.61 4.27 15.94
CA GLY A 32 -7.58 5.02 16.64
C GLY A 32 -6.52 4.14 17.27
N GLY A 33 -5.45 4.76 17.70
CA GLY A 33 -4.35 4.05 18.32
C GLY A 33 -3.48 3.37 17.29
N ALA A 34 -2.32 2.88 17.72
CA ALA A 34 -1.42 2.12 16.86
C ALA A 34 -1.86 0.67 16.88
N ASP A 35 -2.24 0.11 15.73
CA ASP A 35 -2.84 -1.22 15.73
C ASP A 35 -1.98 -2.22 14.98
N GLN A 36 -2.06 -3.44 15.44
CA GLN A 36 -1.47 -4.60 14.76
C GLN A 36 -2.62 -5.36 14.11
N LEU A 37 -2.72 -5.28 12.79
CA LEU A 37 -3.85 -5.89 12.08
C LEU A 37 -3.39 -7.06 11.23
N TYR A 38 -4.09 -8.17 11.29
CA TYR A 38 -3.77 -9.37 10.51
C TYR A 38 -5.01 -9.91 9.82
N GLY A 39 -5.08 -9.71 8.50
CA GLY A 39 -6.23 -10.14 7.72
C GLY A 39 -6.25 -11.63 7.34
N TYR A 40 -5.07 -12.26 7.23
CA TYR A 40 -4.95 -13.65 6.77
C TYR A 40 -5.69 -13.87 5.45
N ALA A 41 -6.15 -15.09 5.20
CA ALA A 41 -6.78 -15.43 3.92
C ALA A 41 -8.11 -14.71 3.67
N GLY A 42 -8.54 -14.75 2.42
CA GLY A 42 -9.77 -14.09 1.98
C GLY A 42 -9.49 -12.69 1.44
N ASN A 43 -10.36 -12.16 0.57
CA ASN A 43 -10.17 -10.81 0.05
C ASN A 43 -10.66 -9.83 1.13
N ASP A 44 -9.75 -9.23 1.85
CA ASP A 44 -10.08 -8.40 3.01
C ASP A 44 -9.94 -6.93 2.71
N LEU A 45 -10.67 -6.11 3.45
CA LEU A 45 -10.55 -4.67 3.36
C LEU A 45 -9.93 -4.22 4.67
N LEU A 46 -8.95 -3.34 4.62
CA LEU A 46 -8.23 -2.95 5.83
C LEU A 46 -8.12 -1.42 5.92
N ASP A 47 -8.70 -0.88 6.96
CA ASP A 47 -8.76 0.56 7.20
C ASP A 47 -8.05 0.89 8.52
N GLY A 48 -6.75 1.15 8.45
CA GLY A 48 -5.93 1.32 9.66
C GLY A 48 -6.34 2.44 10.61
N GLY A 49 -6.87 3.52 10.08
CA GLY A 49 -7.28 4.64 10.90
C GLY A 49 -6.09 5.47 11.32
N ALA A 50 -6.29 6.32 12.34
CA ALA A 50 -5.24 7.21 12.86
C ALA A 50 -4.12 6.37 13.47
N GLY A 51 -2.95 7.01 13.63
CA GLY A 51 -1.80 6.37 14.26
C GLY A 51 -1.02 5.54 13.25
N ARG A 52 0.23 5.20 13.54
CA ARG A 52 1.03 4.35 12.65
C ARG A 52 0.61 2.93 12.95
N ASP A 53 0.12 2.25 11.92
CA ASP A 53 -0.39 0.89 12.07
C ASP A 53 0.52 -0.08 11.35
N LYS A 54 0.52 -1.31 11.85
CA LYS A 54 1.31 -2.37 11.26
C LYS A 54 0.31 -3.43 10.82
N LEU A 55 0.28 -3.71 9.54
CA LEU A 55 -0.82 -4.53 9.00
C LEU A 55 -0.43 -5.53 7.92
N SER A 56 -0.92 -6.73 8.07
CA SER A 56 -0.76 -7.79 7.08
C SER A 56 -2.06 -7.92 6.33
N GLY A 57 -1.97 -8.14 5.03
CA GLY A 57 -3.16 -8.38 4.24
C GLY A 57 -3.41 -9.88 4.19
N GLY A 58 -2.34 -10.67 4.11
CA GLY A 58 -2.49 -12.12 4.02
C GLY A 58 -2.88 -12.56 2.62
N GLU A 59 -3.22 -13.81 2.46
CA GLU A 59 -3.60 -14.32 1.12
C GLU A 59 -4.90 -13.65 0.65
N GLY A 60 -5.10 -13.64 -0.66
CA GLY A 60 -6.27 -13.01 -1.27
C GLY A 60 -6.00 -11.60 -1.77
N ALA A 61 -6.89 -11.08 -2.60
CA ALA A 61 -6.77 -9.75 -3.19
C ALA A 61 -7.36 -8.71 -2.24
N ASP A 62 -6.50 -8.08 -1.46
CA ASP A 62 -6.89 -7.20 -0.37
C ASP A 62 -7.02 -5.75 -0.82
N THR A 63 -7.75 -4.97 -0.05
CA THR A 63 -8.01 -3.58 -0.34
C THR A 63 -7.59 -2.73 0.85
N PHE A 64 -6.74 -1.75 0.63
CA PHE A 64 -6.32 -0.84 1.69
C PHE A 64 -6.83 0.56 1.36
N ARG A 65 -8.03 0.88 1.80
CA ARG A 65 -8.65 2.15 1.47
C ARG A 65 -8.30 3.22 2.46
N PHE A 66 -8.16 2.83 3.72
CA PHE A 66 -7.96 3.73 4.85
C PHE A 66 -9.20 4.61 5.11
N ALA A 67 -9.30 5.16 6.30
CA ALA A 67 -10.54 5.76 6.76
C ALA A 67 -10.74 7.26 6.46
N LEU A 68 -9.72 8.09 6.64
CA LEU A 68 -9.85 9.54 6.53
C LEU A 68 -8.65 10.20 5.85
N ARG A 69 -8.78 11.48 5.54
CA ARG A 69 -7.69 12.29 4.98
C ARG A 69 -6.46 12.26 5.88
N GLU A 70 -6.71 12.01 7.16
CA GLU A 70 -5.66 11.98 8.15
C GLU A 70 -4.85 10.67 8.14
N ASP A 71 -5.33 9.66 7.44
CA ASP A 71 -4.66 8.35 7.42
C ASP A 71 -3.50 8.30 6.44
N SER A 72 -2.43 7.65 6.88
CA SER A 72 -1.27 7.32 6.05
C SER A 72 -0.72 8.43 5.16
N HIS A 73 -0.71 9.63 5.73
CA HIS A 73 -0.25 10.82 5.02
C HIS A 73 1.12 11.27 5.54
N ARG A 74 1.72 12.21 4.85
CA ARG A 74 2.98 12.82 5.24
C ARG A 74 2.72 14.30 5.29
N SER A 75 3.38 14.99 6.20
CA SER A 75 3.18 16.43 6.39
C SER A 75 4.53 17.07 6.71
N PRO A 76 4.66 18.42 6.70
CA PRO A 76 5.96 18.98 7.12
C PRO A 76 6.29 18.61 8.58
N LEU A 77 5.27 18.37 9.39
CA LEU A 77 5.47 18.03 10.81
C LEU A 77 6.17 16.69 11.00
N GLY A 78 5.91 15.79 10.08
CA GLY A 78 6.44 14.44 10.18
C GLY A 78 5.61 13.50 9.35
N THR A 79 5.89 12.20 9.43
CA THR A 79 5.14 11.22 8.64
C THR A 79 4.16 10.42 9.48
N PHE A 80 3.04 10.12 8.87
CA PHE A 80 1.98 9.30 9.49
C PHE A 80 1.70 8.10 8.59
N GLY A 81 2.62 7.84 7.66
CA GLY A 81 2.50 6.72 6.75
C GLY A 81 2.47 5.38 7.46
N ASP A 82 1.64 4.45 7.00
CA ASP A 82 1.51 3.16 7.65
C ASP A 82 2.53 2.14 7.16
N ARG A 83 2.57 1.00 7.86
CA ARG A 83 3.59 -0.05 7.63
C ARG A 83 2.95 -1.37 7.26
N ILE A 84 2.90 -1.66 5.98
CA ILE A 84 2.27 -2.88 5.51
C ILE A 84 3.34 -3.98 5.49
N LEU A 85 2.98 -5.13 6.03
CA LEU A 85 3.93 -6.24 6.26
C LEU A 85 4.14 -7.19 5.05
N ASP A 86 3.06 -7.66 4.44
CA ASP A 86 3.16 -8.67 3.38
C ASP A 86 2.35 -8.30 2.12
N PHE A 87 2.33 -6.99 1.82
CA PHE A 87 1.59 -6.46 0.67
C PHE A 87 1.99 -7.14 -0.64
N ASP A 88 0.99 -7.56 -1.41
CA ASP A 88 1.24 -8.21 -2.69
C ASP A 88 0.95 -7.20 -3.80
N PRO A 89 2.02 -6.66 -4.44
CA PRO A 89 1.77 -5.59 -5.42
C PRO A 89 1.04 -6.01 -6.69
N SER A 90 0.88 -7.30 -6.92
CA SER A 90 0.16 -7.76 -8.11
C SER A 90 -1.31 -8.04 -7.76
N GLN A 91 -1.56 -8.55 -6.57
CA GLN A 91 -2.92 -8.97 -6.20
C GLN A 91 -3.70 -7.93 -5.43
N ASP A 92 -3.00 -7.22 -4.54
CA ASP A 92 -3.68 -6.28 -3.64
C ASP A 92 -3.82 -4.90 -4.29
N ARG A 93 -4.56 -4.01 -3.63
CA ARG A 93 -4.74 -2.64 -4.13
C ARG A 93 -4.82 -1.62 -2.98
N ILE A 94 -4.36 -0.39 -3.20
CA ILE A 94 -4.30 0.65 -2.19
C ILE A 94 -4.98 1.90 -2.75
N ASP A 95 -5.85 2.53 -1.98
CA ASP A 95 -6.44 3.82 -2.34
C ASP A 95 -5.53 4.93 -1.91
N VAL A 96 -5.53 6.02 -2.64
CA VAL A 96 -4.73 7.19 -2.25
C VAL A 96 -5.40 8.52 -2.62
N SER A 97 -6.43 8.46 -3.45
CA SER A 97 -7.05 9.68 -3.97
C SER A 97 -7.67 10.51 -2.85
N ALA A 98 -8.30 9.81 -1.91
CA ALA A 98 -8.97 10.46 -0.77
C ALA A 98 -8.00 10.81 0.36
N LEU A 99 -6.77 10.33 0.26
CA LEU A 99 -5.77 10.48 1.33
C LEU A 99 -4.72 11.51 1.01
N GLY A 100 -4.44 11.65 -0.28
CA GLY A 100 -3.38 12.56 -0.72
C GLY A 100 -3.55 13.25 -2.06
N PHE A 101 -3.42 12.49 -3.15
CA PHE A 101 -3.36 13.05 -4.49
C PHE A 101 -4.07 12.10 -5.46
N SER A 102 -4.50 12.63 -6.59
CA SER A 102 -5.21 11.82 -7.61
C SER A 102 -4.40 11.69 -8.91
N GLY A 103 -3.56 12.68 -9.20
CA GLY A 103 -2.70 12.64 -10.39
C GLY A 103 -1.28 12.23 -10.07
N LEU A 104 -0.84 11.12 -10.66
CA LEU A 104 0.47 10.55 -10.32
C LEU A 104 1.63 11.52 -10.56
N GLY A 105 2.65 11.40 -9.71
CA GLY A 105 3.80 12.29 -9.79
C GLY A 105 4.97 11.72 -10.58
N ASN A 106 6.16 12.18 -10.22
CA ASN A 106 7.38 11.71 -10.87
C ASN A 106 7.55 10.19 -10.72
N GLY A 107 7.84 9.55 -11.84
CA GLY A 107 8.02 8.11 -11.88
C GLY A 107 7.84 7.67 -13.32
N TYR A 108 8.15 6.42 -13.65
CA TYR A 108 8.05 5.93 -15.02
C TYR A 108 7.68 4.45 -15.00
N ALA A 109 7.31 3.93 -16.18
CA ALA A 109 6.82 2.57 -16.35
C ALA A 109 5.51 2.34 -15.60
N GLY A 110 4.64 3.35 -15.60
CA GLY A 110 3.33 3.23 -14.96
C GLY A 110 3.50 3.07 -13.45
N SER A 111 4.38 3.87 -12.86
CA SER A 111 4.66 3.81 -11.44
C SER A 111 5.11 5.18 -10.90
N LEU A 112 5.39 5.23 -9.60
CA LEU A 112 5.96 6.42 -8.96
C LEU A 112 7.40 6.02 -8.69
N ALA A 113 8.28 6.95 -8.34
CA ALA A 113 9.64 6.55 -7.99
C ALA A 113 9.63 5.85 -6.61
N VAL A 114 10.29 4.71 -6.57
CA VAL A 114 10.35 3.90 -5.34
C VAL A 114 11.64 4.22 -4.58
N SER A 115 11.70 3.85 -3.32
CA SER A 115 12.86 4.15 -2.48
C SER A 115 13.08 3.07 -1.43
N VAL A 116 14.29 2.98 -0.89
CA VAL A 116 14.64 1.96 0.09
C VAL A 116 15.13 2.63 1.39
N SER A 117 15.19 1.84 2.46
CA SER A 117 15.69 2.33 3.73
C SER A 117 17.21 2.41 3.68
N ASP A 118 17.80 1.31 3.26
CA ASP A 118 19.26 1.17 3.21
C ASP A 118 19.47 -0.01 2.26
N ASP A 119 20.56 -0.75 2.40
CA ASP A 119 20.79 -1.88 1.49
C ASP A 119 19.85 -3.05 1.83
N GLY A 120 19.10 -2.90 2.91
CA GLY A 120 18.09 -3.86 3.28
C GLY A 120 16.95 -3.16 4.00
N THR A 121 16.34 -3.85 4.94
CA THR A 121 15.18 -3.33 5.70
C THR A 121 14.01 -2.94 4.78
N ARG A 122 13.19 -1.99 5.23
CA ARG A 122 11.93 -1.66 4.54
C ARG A 122 12.12 -0.84 3.25
N THR A 123 11.07 -0.84 2.44
CA THR A 123 11.01 -0.05 1.22
C THR A 123 9.94 0.98 1.44
N TYR A 124 9.99 2.07 0.69
CA TYR A 124 8.95 3.09 0.75
C TYR A 124 8.44 3.45 -0.63
N LEU A 125 7.16 3.72 -0.73
CA LEU A 125 6.58 4.22 -1.98
C LEU A 125 6.13 5.61 -1.60
N LYS A 126 6.60 6.63 -2.31
CA LYS A 126 6.33 8.02 -1.97
C LYS A 126 5.64 8.73 -3.13
N SER A 127 4.91 9.78 -2.80
CA SER A 127 4.35 10.67 -3.79
C SER A 127 5.33 11.79 -4.00
N TYR A 128 5.31 12.37 -5.19
CA TYR A 128 6.15 13.53 -5.50
C TYR A 128 5.27 14.67 -5.95
N GLU A 129 4.00 14.54 -5.58
CA GLU A 129 3.00 15.60 -5.73
C GLU A 129 2.52 15.88 -4.33
N ALA A 130 2.32 17.16 -4.03
CA ALA A 130 1.93 17.58 -2.70
C ALA A 130 0.87 18.69 -2.80
N ASP A 131 0.22 18.94 -1.68
CA ASP A 131 -0.75 20.01 -1.56
C ASP A 131 0.02 21.28 -1.21
N ALA A 132 -0.60 22.44 -1.38
CA ALA A 132 0.04 23.74 -1.02
C ALA A 132 0.25 23.76 0.51
N GLN A 133 -0.56 22.97 1.22
CA GLN A 133 -0.44 22.84 2.68
C GLN A 133 0.76 21.98 3.10
N GLY A 134 1.46 21.38 2.12
CA GLY A 134 2.61 20.57 2.45
C GLY A 134 2.23 19.12 2.75
N LEU A 135 0.95 18.80 2.65
CA LEU A 135 0.47 17.44 2.83
C LEU A 135 0.80 16.62 1.57
N SER A 136 1.32 15.43 1.78
CA SER A 136 1.71 14.52 0.69
C SER A 136 1.41 13.12 1.18
N PHE A 137 1.82 12.12 0.43
CA PHE A 137 1.54 10.73 0.80
C PHE A 137 2.83 9.88 0.70
N GLU A 138 3.01 8.97 1.64
CA GLU A 138 4.01 7.91 1.52
C GLU A 138 3.55 6.74 2.37
N VAL A 139 4.04 5.54 2.08
CA VAL A 139 3.71 4.35 2.86
C VAL A 139 4.94 3.45 2.89
N ALA A 140 5.16 2.77 4.01
CA ALA A 140 6.35 1.92 4.19
C ALA A 140 5.92 0.46 4.07
N LEU A 141 6.68 -0.35 3.36
CA LEU A 141 6.33 -1.74 3.14
C LEU A 141 7.59 -2.56 3.39
N GLU A 142 7.52 -3.61 4.20
CA GLU A 142 8.75 -4.36 4.50
C GLU A 142 8.97 -5.52 3.53
N GLY A 143 8.04 -5.70 2.60
CA GLY A 143 8.11 -6.80 1.65
C GLY A 143 9.26 -6.74 0.68
N ASP A 144 9.78 -5.54 0.49
CA ASP A 144 10.92 -5.29 -0.39
C ASP A 144 10.65 -5.84 -1.78
N HIS A 145 9.59 -5.31 -2.34
CA HIS A 145 9.11 -5.67 -3.65
C HIS A 145 9.09 -4.40 -4.50
N ALA A 146 10.13 -3.61 -4.34
CA ALA A 146 10.24 -2.32 -5.04
C ALA A 146 10.24 -2.45 -6.56
N ALA A 147 10.84 -3.51 -7.10
CA ALA A 147 10.90 -3.72 -8.55
C ALA A 147 9.53 -4.13 -9.11
N ALA A 148 8.74 -4.82 -8.28
CA ALA A 148 7.42 -5.29 -8.67
C ALA A 148 6.31 -4.22 -8.49
N LEU A 149 6.64 -3.16 -7.78
CA LEU A 149 5.70 -2.07 -7.54
C LEU A 149 5.39 -1.27 -8.80
N SER A 150 4.11 -1.12 -9.08
CA SER A 150 3.61 -0.24 -10.14
C SER A 150 2.38 0.49 -9.61
N ALA A 151 2.00 1.59 -10.26
CA ALA A 151 0.81 2.36 -9.89
C ALA A 151 -0.45 1.61 -10.34
N ASP A 152 -0.27 0.41 -10.87
CA ASP A 152 -1.39 -0.43 -11.28
C ASP A 152 -2.20 -0.87 -10.09
N ASN A 153 -1.54 -1.02 -8.94
CA ASN A 153 -2.24 -1.43 -7.72
C ASN A 153 -2.72 -0.21 -6.92
N ILE A 154 -2.36 0.96 -7.38
CA ILE A 154 -2.78 2.19 -6.73
C ILE A 154 -4.05 2.64 -7.42
N VAL A 155 -5.11 2.87 -6.67
CA VAL A 155 -6.37 3.35 -7.27
C VAL A 155 -6.56 4.86 -7.02
N PHE A 156 -6.54 5.61 -8.12
CA PHE A 156 -6.65 7.08 -8.06
C PHE A 156 -7.18 7.76 -9.34
N ALA A 157 -7.29 7.03 -10.43
CA ALA A 157 -7.78 7.61 -11.69
C ALA A 157 -9.31 7.54 -11.78
N ALA A 158 -9.98 8.37 -10.98
CA ALA A 158 -11.43 8.44 -10.90
C ALA A 158 -12.10 7.10 -10.54
N THR A 159 -11.31 6.20 -9.94
CA THR A 159 -11.77 4.87 -9.54
C THR A 159 -12.41 4.11 -10.71
N ASP A 160 -11.84 4.26 -11.89
CA ASP A 160 -12.38 3.62 -13.10
C ASP A 160 -11.33 2.74 -13.78
N ALA A 161 -11.69 1.48 -13.98
CA ALA A 161 -10.79 0.51 -14.61
C ALA A 161 -10.62 0.77 -16.12
N ALA A 162 -11.35 1.74 -16.65
CA ALA A 162 -11.20 2.16 -18.05
C ALA A 162 -9.90 2.94 -18.22
N ALA A 163 -9.30 3.34 -17.11
CA ALA A 163 -8.03 4.06 -17.11
C ALA A 163 -6.86 3.06 -17.21
N ALA A 164 -5.66 3.64 -17.14
CA ALA A 164 -4.40 2.89 -17.10
C ALA A 164 -4.21 1.97 -18.33
N GLY A 165 -3.29 0.99 -18.22
CA GLY A 165 -2.97 0.13 -19.33
C GLY A 165 -2.10 0.86 -20.34
N GLU A 166 -1.41 1.91 -19.89
CA GLU A 166 -0.60 2.78 -20.76
C GLU A 166 0.89 2.63 -20.40
N LEU A 167 1.57 1.75 -21.11
CA LEU A 167 2.97 1.45 -20.84
C LEU A 167 3.78 1.56 -22.14
N GLY A 168 5.02 2.01 -22.04
CA GLY A 168 5.92 2.10 -23.19
C GLY A 168 7.15 1.24 -22.99
N VAL A 169 7.00 0.23 -22.15
CA VAL A 169 8.11 -0.69 -21.80
C VAL A 169 8.42 -1.59 -23.01
N ILE A 170 7.39 -1.87 -23.79
CA ILE A 170 7.53 -2.69 -24.99
C ILE A 170 8.49 -2.00 -25.97
N GLY A 171 9.41 -2.79 -26.53
CA GLY A 171 10.39 -2.28 -27.46
C GLY A 171 11.65 -3.13 -27.51
N ALA A 172 12.32 -3.14 -28.63
CA ALA A 172 13.57 -3.90 -28.81
C ALA A 172 14.49 -3.16 -29.79
N SER A 173 15.69 -2.86 -29.35
CA SER A 173 16.69 -2.14 -30.15
C SER A 173 18.09 -2.56 -29.67
N GLY A 174 19.09 -2.36 -30.51
CA GLY A 174 20.46 -2.68 -30.14
C GLY A 174 21.38 -2.68 -31.33
N GLN A 175 22.62 -3.12 -31.11
CA GLN A 175 23.63 -3.16 -32.17
C GLN A 175 24.41 -4.46 -32.02
N PRO A 176 24.22 -5.41 -32.94
CA PRO A 176 24.96 -6.67 -32.78
C PRO A 176 26.46 -6.51 -32.98
N ASP A 177 27.20 -7.51 -32.54
CA ASP A 177 28.65 -7.54 -32.66
C ASP A 177 29.08 -8.86 -33.29
N ASP A 178 30.25 -8.86 -33.91
CA ASP A 178 30.77 -10.03 -34.61
C ASP A 178 32.22 -10.27 -34.18
N PRO A 179 32.45 -11.02 -33.08
CA PRO A 179 33.83 -11.26 -32.66
C PRO A 179 34.60 -12.21 -33.58
N THR A 180 35.93 -12.10 -33.57
CA THR A 180 36.80 -12.96 -34.36
C THR A 180 37.82 -13.68 -33.46
N VAL A 181 37.91 -13.25 -32.22
CA VAL A 181 38.80 -13.90 -31.26
C VAL A 181 38.24 -15.29 -30.97
CA CA B . -7.77 0.54 17.39
CA CA C . -9.64 -12.58 6.36
CA CA D . -5.04 2.86 14.00
CA CA E . -6.42 -11.30 2.93
CA CA F . -2.75 4.68 10.04
CA CA G . -2.85 -10.10 -0.24
N ALA A 1 -10.35 -28.08 14.21
CA ALA A 1 -10.55 -26.61 14.11
C ALA A 1 -11.49 -26.13 15.20
N ASP A 2 -11.22 -24.94 15.75
CA ASP A 2 -12.05 -24.37 16.80
C ASP A 2 -12.19 -22.85 16.52
N PRO A 3 -13.42 -22.38 16.21
CA PRO A 3 -13.55 -20.94 15.94
C PRO A 3 -13.44 -20.07 17.18
N GLY A 4 -13.29 -18.75 16.98
CA GLY A 4 -13.18 -17.83 18.09
C GLY A 4 -12.30 -16.62 17.75
N VAL A 5 -12.66 -15.91 16.69
CA VAL A 5 -11.86 -14.78 16.21
C VAL A 5 -11.82 -13.64 17.25
N GLU A 6 -10.63 -13.06 17.42
CA GLU A 6 -10.46 -11.94 18.36
C GLU A 6 -10.32 -10.62 17.61
N GLY A 7 -10.29 -10.68 16.29
CA GLY A 7 -10.14 -9.49 15.46
C GLY A 7 -11.46 -8.80 15.18
N THR A 8 -11.60 -8.29 13.96
CA THR A 8 -12.77 -7.53 13.47
C THR A 8 -12.87 -6.15 14.14
N PRO A 9 -13.58 -5.18 13.50
CA PRO A 9 -13.63 -3.83 14.09
C PRO A 9 -14.50 -3.67 15.33
N VAL A 10 -15.07 -4.75 15.83
CA VAL A 10 -16.06 -4.70 16.89
C VAL A 10 -15.56 -4.23 18.28
N VAL A 11 -14.25 -4.26 18.53
CA VAL A 11 -13.74 -3.90 19.86
C VAL A 11 -12.33 -3.24 19.82
N GLY A 12 -12.12 -2.27 20.72
CA GLY A 12 -10.82 -1.63 20.88
C GLY A 12 -10.43 -0.59 19.85
N SER A 13 -11.37 -0.09 19.08
CA SER A 13 -11.05 0.78 17.95
C SER A 13 -10.15 1.95 18.33
N ASP A 14 -10.46 2.71 19.38
CA ASP A 14 -9.71 3.96 19.70
C ASP A 14 -8.34 3.75 20.37
N LEU A 15 -7.90 2.51 20.53
CA LEU A 15 -6.63 2.19 21.20
C LEU A 15 -5.83 1.09 20.53
N ASP A 16 -4.58 0.88 20.91
CA ASP A 16 -3.68 -0.09 20.26
C ASP A 16 -4.24 -1.52 20.33
N ASP A 17 -4.27 -2.17 19.17
CA ASP A 17 -4.88 -3.50 19.02
C ASP A 17 -3.99 -4.55 18.34
N GLU A 18 -4.35 -5.83 18.57
CA GLU A 18 -3.88 -6.94 17.72
C GLU A 18 -5.15 -7.44 17.01
N LEU A 19 -5.21 -7.38 15.69
CA LEU A 19 -6.45 -7.70 14.96
C LEU A 19 -6.24 -8.85 13.98
N HIS A 20 -6.37 -10.06 14.48
CA HIS A 20 -6.26 -11.27 13.66
C HIS A 20 -7.63 -11.65 13.11
N GLY A 21 -7.82 -11.51 11.81
CA GLY A 21 -9.14 -11.77 11.19
C GLY A 21 -9.41 -13.22 10.80
N THR A 22 -10.66 -13.49 10.43
CA THR A 22 -11.09 -14.82 9.99
C THR A 22 -10.54 -15.21 8.60
N LEU A 23 -10.81 -16.45 8.21
CA LEU A 23 -10.41 -16.95 6.86
C LEU A 23 -11.48 -16.61 5.81
N GLY A 24 -12.33 -15.65 6.13
CA GLY A 24 -13.34 -15.17 5.18
C GLY A 24 -13.12 -13.69 4.88
N SER A 25 -13.92 -13.12 3.97
CA SER A 25 -13.78 -11.69 3.63
C SER A 25 -14.27 -10.82 4.80
N GLU A 26 -13.53 -9.77 5.12
CA GLU A 26 -13.87 -8.90 6.25
C GLU A 26 -13.55 -7.46 5.90
N GLN A 27 -14.17 -6.54 6.62
CA GLN A 27 -13.67 -5.17 6.68
C GLN A 27 -12.85 -5.17 7.97
N ILE A 28 -11.62 -4.65 7.94
CA ILE A 28 -10.79 -4.57 9.13
C ILE A 28 -10.46 -3.09 9.28
N LEU A 29 -10.81 -2.50 10.42
CA LEU A 29 -10.59 -1.11 10.70
C LEU A 29 -9.77 -1.00 11.97
N GLY A 30 -8.63 -0.34 11.89
CA GLY A 30 -7.77 -0.23 13.05
C GLY A 30 -8.17 0.88 13.99
N GLY A 31 -8.61 2.02 13.48
CA GLY A 31 -8.98 3.11 14.37
C GLY A 31 -7.78 3.76 15.00
N GLY A 32 -7.92 4.23 16.23
CA GLY A 32 -6.84 4.90 16.94
C GLY A 32 -5.81 3.91 17.44
N GLY A 33 -4.64 4.42 17.81
CA GLY A 33 -3.58 3.57 18.35
C GLY A 33 -2.74 2.90 17.29
N ALA A 34 -1.57 2.39 17.66
CA ALA A 34 -0.69 1.66 16.76
C ALA A 34 -1.19 0.21 16.72
N ASP A 35 -1.87 -0.15 15.64
CA ASP A 35 -2.53 -1.44 15.58
C ASP A 35 -1.73 -2.40 14.72
N GLN A 36 -1.95 -3.69 14.95
CA GLN A 36 -1.29 -4.73 14.17
C GLN A 36 -2.35 -5.57 13.51
N LEU A 37 -2.72 -5.18 12.29
CA LEU A 37 -3.81 -5.84 11.53
C LEU A 37 -3.27 -7.03 10.75
N TYR A 38 -3.99 -8.14 10.77
CA TYR A 38 -3.65 -9.32 9.96
C TYR A 38 -4.92 -9.92 9.36
N GLY A 39 -5.13 -9.73 8.06
CA GLY A 39 -6.37 -10.18 7.42
C GLY A 39 -6.45 -11.65 7.08
N TYR A 40 -5.32 -12.31 6.85
CA TYR A 40 -5.28 -13.75 6.46
C TYR A 40 -6.15 -14.02 5.21
N ALA A 41 -6.74 -15.18 5.08
CA ALA A 41 -7.49 -15.51 3.86
C ALA A 41 -8.75 -14.65 3.69
N GLY A 42 -9.26 -14.66 2.46
CA GLY A 42 -10.44 -13.88 2.11
C GLY A 42 -10.03 -12.53 1.55
N ASN A 43 -10.87 -11.88 0.77
CA ASN A 43 -10.59 -10.54 0.22
C ASN A 43 -10.92 -9.56 1.33
N ASP A 44 -9.92 -8.93 1.90
CA ASP A 44 -10.15 -8.12 3.08
C ASP A 44 -9.99 -6.64 2.74
N LEU A 45 -10.70 -5.78 3.46
CA LEU A 45 -10.65 -4.33 3.27
C LEU A 45 -10.01 -3.68 4.49
N LEU A 46 -8.72 -3.44 4.46
CA LEU A 46 -7.99 -3.00 5.63
C LEU A 46 -7.68 -1.50 5.69
N ASP A 47 -8.26 -0.84 6.69
CA ASP A 47 -8.04 0.58 6.92
C ASP A 47 -7.36 0.78 8.31
N GLY A 48 -6.11 1.22 8.34
CA GLY A 48 -5.38 1.33 9.61
C GLY A 48 -5.88 2.37 10.61
N GLY A 49 -6.40 3.48 10.14
CA GLY A 49 -6.90 4.53 11.02
C GLY A 49 -5.78 5.42 11.52
N ALA A 50 -6.05 6.18 12.57
CA ALA A 50 -5.04 7.08 13.15
C ALA A 50 -3.82 6.31 13.71
N GLY A 51 -2.72 7.03 13.86
CA GLY A 51 -1.48 6.45 14.34
C GLY A 51 -0.68 5.72 13.28
N ARG A 52 0.54 5.27 13.61
CA ARG A 52 1.37 4.49 12.68
C ARG A 52 0.92 3.06 12.89
N ASP A 53 0.52 2.38 11.84
CA ASP A 53 -0.05 1.03 11.98
C ASP A 53 0.80 0.02 11.25
N LYS A 54 0.67 -1.23 11.67
CA LYS A 54 1.31 -2.36 11.04
C LYS A 54 0.13 -3.14 10.48
N LEU A 55 0.17 -3.54 9.22
CA LEU A 55 -1.00 -4.20 8.65
C LEU A 55 -0.60 -5.21 7.59
N SER A 56 -1.40 -6.27 7.46
CA SER A 56 -1.09 -7.34 6.54
C SER A 56 -2.36 -7.85 5.91
N GLY A 57 -2.28 -8.27 4.65
CA GLY A 57 -3.45 -8.66 3.90
C GLY A 57 -3.68 -10.15 3.87
N GLY A 58 -2.65 -10.94 3.68
CA GLY A 58 -2.81 -12.39 3.59
C GLY A 58 -3.28 -12.82 2.21
N GLU A 59 -3.67 -14.08 2.06
CA GLU A 59 -4.17 -14.57 0.77
C GLU A 59 -5.42 -13.78 0.34
N GLY A 60 -5.65 -13.75 -0.96
CA GLY A 60 -6.78 -13.07 -1.55
C GLY A 60 -6.39 -11.68 -2.04
N ALA A 61 -7.24 -11.13 -2.88
CA ALA A 61 -7.04 -9.79 -3.46
C ALA A 61 -7.57 -8.74 -2.51
N ASP A 62 -6.67 -8.17 -1.72
CA ASP A 62 -7.03 -7.30 -0.60
C ASP A 62 -7.13 -5.86 -1.04
N THR A 63 -7.85 -5.04 -0.30
CA THR A 63 -8.03 -3.64 -0.60
C THR A 63 -7.56 -2.81 0.59
N PHE A 64 -6.78 -1.76 0.33
CA PHE A 64 -6.33 -0.87 1.40
C PHE A 64 -6.71 0.54 1.01
N ARG A 65 -7.79 1.07 1.57
CA ARG A 65 -8.25 2.43 1.19
C ARG A 65 -7.84 3.49 2.18
N PHE A 66 -7.69 3.07 3.45
CA PHE A 66 -7.42 3.96 4.58
C PHE A 66 -8.63 4.85 4.86
N ALA A 67 -8.70 5.44 6.04
CA ALA A 67 -9.90 6.13 6.48
C ALA A 67 -10.15 7.50 5.85
N LEU A 68 -9.15 8.37 5.86
CA LEU A 68 -9.31 9.78 5.45
C LEU A 68 -7.97 10.31 4.95
N ARG A 69 -7.96 11.58 4.56
CA ARG A 69 -6.73 12.34 4.30
C ARG A 69 -5.85 12.28 5.57
N GLU A 70 -6.50 12.14 6.70
CA GLU A 70 -5.81 12.10 7.99
C GLU A 70 -4.99 10.80 8.20
N ASP A 71 -5.17 9.82 7.33
CA ASP A 71 -4.44 8.56 7.42
C ASP A 71 -3.27 8.57 6.43
N SER A 72 -2.25 7.75 6.75
CA SER A 72 -1.14 7.44 5.83
C SER A 72 -0.61 8.64 5.08
N HIS A 73 -0.20 9.66 5.84
CA HIS A 73 0.21 10.90 5.28
C HIS A 73 1.50 11.40 5.92
N ARG A 74 2.07 12.42 5.31
CA ARG A 74 3.24 13.11 5.84
C ARG A 74 2.80 14.54 5.88
N SER A 75 3.15 15.23 6.94
CA SER A 75 2.67 16.60 7.18
C SER A 75 3.86 17.45 7.63
N PRO A 76 3.66 18.78 7.76
CA PRO A 76 4.78 19.59 8.27
C PRO A 76 5.27 19.20 9.69
N LEU A 77 4.47 18.43 10.41
CA LEU A 77 4.82 18.01 11.77
C LEU A 77 5.69 16.77 11.76
N GLY A 78 5.58 15.97 10.70
CA GLY A 78 6.31 14.71 10.66
C GLY A 78 5.60 13.69 9.79
N THR A 79 5.98 12.42 9.91
CA THR A 79 5.35 11.40 9.10
C THR A 79 4.41 10.52 9.92
N PHE A 80 3.28 10.17 9.32
CA PHE A 80 2.28 9.33 9.91
C PHE A 80 1.84 8.23 8.90
N GLY A 81 2.83 7.80 8.08
CA GLY A 81 2.59 6.76 7.10
C GLY A 81 2.48 5.39 7.80
N ASP A 82 1.90 4.42 7.13
CA ASP A 82 1.69 3.08 7.73
C ASP A 82 2.71 2.06 7.18
N ARG A 83 2.77 0.88 7.79
CA ARG A 83 3.76 -0.18 7.46
C ARG A 83 3.05 -1.46 7.03
N ILE A 84 3.05 -1.75 5.73
CA ILE A 84 2.34 -2.93 5.26
C ILE A 84 3.36 -4.07 5.19
N LEU A 85 3.00 -5.24 5.67
CA LEU A 85 3.94 -6.38 5.76
C LEU A 85 4.09 -7.21 4.48
N ASP A 86 2.96 -7.54 3.88
CA ASP A 86 2.90 -8.51 2.78
C ASP A 86 2.02 -8.05 1.62
N PHE A 87 2.06 -6.77 1.28
CA PHE A 87 1.25 -6.24 0.16
C PHE A 87 1.65 -6.97 -1.11
N ASP A 88 0.67 -7.56 -1.78
CA ASP A 88 0.87 -8.28 -3.02
C ASP A 88 0.67 -7.34 -4.20
N PRO A 89 1.75 -6.87 -4.87
CA PRO A 89 1.51 -5.89 -5.91
C PRO A 89 0.80 -6.41 -7.18
N SER A 90 0.54 -7.71 -7.24
CA SER A 90 -0.17 -8.29 -8.37
C SER A 90 -1.65 -8.43 -8.05
N GLN A 91 -1.98 -8.88 -6.87
CA GLN A 91 -3.36 -9.17 -6.50
C GLN A 91 -4.06 -8.06 -5.74
N ASP A 92 -3.33 -7.40 -4.85
CA ASP A 92 -3.94 -6.42 -3.96
C ASP A 92 -3.99 -5.04 -4.63
N ARG A 93 -4.71 -4.10 -4.01
CA ARG A 93 -4.83 -2.73 -4.52
C ARG A 93 -4.90 -1.72 -3.37
N ILE A 94 -4.42 -0.50 -3.57
CA ILE A 94 -4.43 0.54 -2.58
C ILE A 94 -5.12 1.75 -3.20
N ASP A 95 -6.15 2.27 -2.53
CA ASP A 95 -6.77 3.50 -2.98
C ASP A 95 -6.08 4.67 -2.35
N VAL A 96 -5.84 5.67 -3.17
CA VAL A 96 -5.16 6.88 -2.73
C VAL A 96 -5.92 8.09 -3.28
N SER A 97 -7.03 7.86 -3.97
CA SER A 97 -7.75 8.95 -4.60
C SER A 97 -8.37 9.88 -3.56
N ALA A 98 -9.04 9.29 -2.58
CA ALA A 98 -9.76 10.06 -1.58
C ALA A 98 -8.84 10.95 -0.74
N LEU A 99 -7.64 10.44 -0.45
CA LEU A 99 -6.70 11.14 0.42
C LEU A 99 -5.60 11.89 -0.35
N GLY A 100 -4.95 11.22 -1.27
CA GLY A 100 -3.76 11.77 -1.88
C GLY A 100 -3.96 12.63 -3.11
N PHE A 101 -4.18 12.01 -4.26
CA PHE A 101 -4.16 12.73 -5.54
C PHE A 101 -4.97 11.97 -6.58
N SER A 102 -5.17 12.58 -7.73
CA SER A 102 -5.98 12.02 -8.83
C SER A 102 -5.10 11.53 -9.97
N GLY A 103 -4.01 12.25 -10.24
CA GLY A 103 -3.08 11.85 -11.30
C GLY A 103 -1.80 11.26 -10.74
N LEU A 104 -1.20 10.28 -11.40
CA LEU A 104 0.04 9.66 -10.89
C LEU A 104 1.15 10.73 -10.79
N GLY A 105 2.02 10.53 -9.81
CA GLY A 105 3.11 11.47 -9.54
C GLY A 105 4.39 11.11 -10.28
N ASN A 106 5.46 11.76 -9.88
CA ASN A 106 6.77 11.49 -10.45
C ASN A 106 7.17 10.07 -10.08
N GLY A 107 7.83 9.37 -11.00
CA GLY A 107 8.29 8.02 -10.75
C GLY A 107 8.76 7.42 -12.07
N TYR A 108 9.26 6.18 -12.05
CA TYR A 108 9.74 5.53 -13.28
C TYR A 108 9.29 4.06 -13.27
N ALA A 109 9.45 3.42 -14.42
CA ALA A 109 9.03 2.03 -14.63
C ALA A 109 7.54 1.84 -14.45
N GLY A 110 6.76 2.84 -14.86
CA GLY A 110 5.30 2.75 -14.78
C GLY A 110 4.82 2.66 -13.33
N SER A 111 5.44 3.41 -12.44
CA SER A 111 5.13 3.36 -11.02
C SER A 111 5.30 4.75 -10.40
N LEU A 112 4.99 4.84 -9.12
CA LEU A 112 5.19 6.08 -8.37
C LEU A 112 6.61 5.97 -7.79
N ALA A 113 7.14 7.04 -7.22
CA ALA A 113 8.49 7.01 -6.70
C ALA A 113 8.61 5.95 -5.59
N VAL A 114 9.35 4.89 -5.86
CA VAL A 114 9.64 3.88 -4.84
C VAL A 114 11.06 4.11 -4.36
N SER A 115 11.39 3.70 -3.15
CA SER A 115 12.70 3.95 -2.56
C SER A 115 13.02 2.92 -1.49
N VAL A 116 14.24 2.93 -0.94
CA VAL A 116 14.62 2.00 0.12
C VAL A 116 14.99 2.78 1.38
N SER A 117 14.96 2.13 2.54
CA SER A 117 15.44 2.77 3.75
C SER A 117 16.95 2.90 3.61
N ASP A 118 17.57 1.77 3.31
CA ASP A 118 19.01 1.65 3.13
C ASP A 118 19.15 0.30 2.42
N ASP A 119 20.33 -0.31 2.45
CA ASP A 119 20.52 -1.62 1.84
C ASP A 119 19.54 -2.64 2.38
N GLY A 120 19.25 -2.57 3.66
CA GLY A 120 18.26 -3.43 4.29
C GLY A 120 17.04 -2.65 4.75
N THR A 121 16.33 -3.21 5.72
CA THR A 121 15.14 -2.59 6.33
C THR A 121 14.02 -2.37 5.29
N ARG A 122 12.99 -1.61 5.66
CA ARG A 122 11.77 -1.50 4.82
C ARG A 122 12.00 -0.65 3.57
N THR A 123 11.11 -0.85 2.60
CA THR A 123 11.11 -0.04 1.39
C THR A 123 10.00 0.96 1.55
N TYR A 124 9.95 1.95 0.69
CA TYR A 124 8.94 2.97 0.75
C TYR A 124 8.31 3.22 -0.61
N LEU A 125 7.08 3.73 -0.59
CA LEU A 125 6.35 4.13 -1.77
C LEU A 125 5.94 5.56 -1.45
N LYS A 126 6.44 6.52 -2.22
CA LYS A 126 6.22 7.94 -1.93
C LYS A 126 5.57 8.58 -3.11
N SER A 127 5.00 9.74 -2.89
CA SER A 127 4.47 10.56 -3.98
C SER A 127 4.86 11.96 -3.56
N TYR A 128 5.19 12.80 -4.53
CA TYR A 128 5.64 14.16 -4.26
C TYR A 128 4.49 15.12 -4.53
N GLU A 129 3.29 14.56 -4.70
CA GLU A 129 2.06 15.37 -4.80
C GLU A 129 1.68 15.70 -3.38
N ALA A 130 1.33 16.96 -3.17
CA ALA A 130 0.95 17.44 -1.82
C ALA A 130 -0.19 18.43 -1.92
N ASP A 131 -1.03 18.41 -0.89
CA ASP A 131 -2.11 19.37 -0.76
C ASP A 131 -1.48 20.75 -0.49
N ALA A 132 -2.21 21.82 -0.73
CA ALA A 132 -1.71 23.17 -0.49
C ALA A 132 -1.48 23.39 1.02
N GLN A 133 -2.16 22.57 1.82
CA GLN A 133 -1.99 22.56 3.28
C GLN A 133 -0.70 21.84 3.73
N GLY A 134 0.03 21.26 2.79
CA GLY A 134 1.30 20.62 3.11
C GLY A 134 1.25 19.14 3.40
N LEU A 135 0.09 18.55 3.21
CA LEU A 135 -0.10 17.11 3.43
C LEU A 135 0.26 16.32 2.18
N SER A 136 1.24 15.44 2.29
CA SER A 136 1.73 14.61 1.16
C SER A 136 1.54 13.15 1.49
N PHE A 137 1.85 12.24 0.56
CA PHE A 137 1.65 10.80 0.80
C PHE A 137 2.94 9.98 0.77
N GLU A 138 3.11 9.13 1.80
CA GLU A 138 4.14 8.10 1.78
C GLU A 138 3.67 6.93 2.67
N VAL A 139 4.13 5.72 2.33
CA VAL A 139 3.77 4.51 3.06
C VAL A 139 4.96 3.57 2.96
N ALA A 140 5.19 2.76 3.99
CA ALA A 140 6.35 1.85 4.02
C ALA A 140 5.93 0.39 3.87
N LEU A 141 6.75 -0.41 3.21
CA LEU A 141 6.42 -1.82 2.94
C LEU A 141 7.65 -2.65 3.28
N GLU A 142 7.53 -3.70 4.08
CA GLU A 142 8.78 -4.41 4.53
C GLU A 142 9.26 -5.51 3.59
N GLY A 143 8.41 -5.88 2.64
CA GLY A 143 8.69 -7.04 1.81
C GLY A 143 9.74 -6.86 0.72
N ASP A 144 10.21 -5.61 0.53
CA ASP A 144 11.16 -5.27 -0.54
C ASP A 144 10.70 -5.76 -1.92
N HIS A 145 9.50 -5.36 -2.27
CA HIS A 145 8.94 -5.62 -3.59
C HIS A 145 8.77 -4.26 -4.30
N ALA A 146 9.76 -3.42 -4.13
CA ALA A 146 9.74 -2.08 -4.70
C ALA A 146 9.76 -2.12 -6.23
N ALA A 147 10.48 -3.04 -6.84
CA ALA A 147 10.55 -3.12 -8.31
C ALA A 147 9.27 -3.77 -8.90
N ALA A 148 8.61 -4.57 -8.06
CA ALA A 148 7.36 -5.22 -8.51
C ALA A 148 6.16 -4.24 -8.39
N LEU A 149 6.30 -3.25 -7.52
CA LEU A 149 5.24 -2.23 -7.39
C LEU A 149 5.08 -1.44 -8.69
N SER A 150 3.83 -1.17 -9.05
CA SER A 150 3.48 -0.45 -10.27
C SER A 150 2.36 0.54 -9.96
N ALA A 151 2.11 1.46 -10.84
CA ALA A 151 1.03 2.44 -10.70
C ALA A 151 -0.31 1.77 -10.97
N ASP A 152 -0.30 0.49 -11.35
CA ASP A 152 -1.53 -0.20 -11.68
C ASP A 152 -2.30 -0.61 -10.42
N ASN A 153 -1.59 -1.00 -9.38
CA ASN A 153 -2.24 -1.46 -8.13
C ASN A 153 -2.51 -0.30 -7.17
N ILE A 154 -2.02 0.87 -7.53
CA ILE A 154 -2.32 2.07 -6.78
C ILE A 154 -3.43 2.74 -7.58
N VAL A 155 -4.58 2.97 -6.98
CA VAL A 155 -5.73 3.49 -7.72
C VAL A 155 -6.09 4.92 -7.27
N PHE A 156 -6.13 5.77 -8.29
CA PHE A 156 -6.37 7.22 -8.14
C PHE A 156 -7.25 7.72 -9.29
N ALA A 157 -7.09 7.11 -10.47
CA ALA A 157 -7.82 7.54 -11.68
C ALA A 157 -9.31 7.15 -11.71
N ALA A 158 -10.05 7.55 -10.68
CA ALA A 158 -11.51 7.34 -10.58
C ALA A 158 -11.98 5.88 -10.61
N THR A 159 -11.05 4.95 -10.39
CA THR A 159 -11.28 3.48 -10.39
C THR A 159 -11.68 2.86 -11.74
N ASP A 160 -12.26 3.66 -12.63
CA ASP A 160 -12.70 3.21 -13.95
C ASP A 160 -11.53 2.64 -14.76
N ALA A 161 -11.67 1.42 -15.24
CA ALA A 161 -10.60 0.71 -15.95
C ALA A 161 -10.71 0.81 -17.48
N ALA A 162 -11.52 1.72 -17.99
CA ALA A 162 -11.71 1.87 -19.44
C ALA A 162 -10.53 2.56 -20.16
N ALA A 163 -9.47 2.91 -19.43
CA ALA A 163 -8.28 3.52 -19.99
C ALA A 163 -7.08 3.01 -19.18
N ALA A 164 -5.90 3.55 -19.48
CA ALA A 164 -4.65 3.19 -18.81
C ALA A 164 -4.22 1.75 -19.12
N GLY A 165 -3.12 1.31 -18.54
CA GLY A 165 -2.53 0.02 -18.89
C GLY A 165 -1.61 0.20 -20.08
N GLU A 166 -1.16 1.44 -20.28
CA GLU A 166 -0.31 1.81 -21.39
C GLU A 166 1.16 1.38 -21.16
N LEU A 167 1.50 0.17 -21.58
CA LEU A 167 2.87 -0.34 -21.43
C LEU A 167 3.40 -0.73 -22.81
N GLY A 168 4.68 -0.49 -23.05
CA GLY A 168 5.32 -0.82 -24.32
C GLY A 168 6.72 -1.35 -24.07
N VAL A 169 6.88 -2.05 -22.95
CA VAL A 169 8.18 -2.56 -22.52
C VAL A 169 8.67 -3.71 -23.39
N ILE A 170 7.75 -4.55 -23.86
CA ILE A 170 8.11 -5.72 -24.66
C ILE A 170 8.82 -5.31 -25.98
N GLY A 171 9.95 -5.93 -26.26
CA GLY A 171 10.75 -5.61 -27.42
C GLY A 171 12.20 -5.93 -27.14
N ALA A 172 13.02 -6.12 -28.16
CA ALA A 172 14.43 -6.42 -27.96
C ALA A 172 15.26 -5.93 -29.14
N SER A 173 16.46 -5.48 -28.82
CA SER A 173 17.43 -5.05 -29.82
C SER A 173 18.81 -5.51 -29.29
N GLY A 174 19.80 -5.56 -30.14
CA GLY A 174 21.11 -6.01 -29.72
C GLY A 174 22.17 -5.87 -30.78
N GLN A 175 23.43 -5.91 -30.36
CA GLN A 175 24.56 -5.82 -31.29
C GLN A 175 25.60 -6.85 -30.87
N PRO A 176 25.42 -8.12 -31.29
CA PRO A 176 26.33 -9.15 -30.80
C PRO A 176 27.73 -9.01 -31.37
N ASP A 177 28.70 -9.63 -30.72
CA ASP A 177 30.12 -9.54 -31.09
C ASP A 177 30.61 -10.89 -31.58
N ASP A 178 31.59 -10.87 -32.48
CA ASP A 178 32.18 -12.11 -33.03
C ASP A 178 33.70 -12.00 -33.13
N PRO A 179 34.41 -12.00 -31.99
CA PRO A 179 35.87 -11.89 -32.12
C PRO A 179 36.53 -13.16 -32.65
N THR A 180 37.68 -13.01 -33.29
CA THR A 180 38.41 -14.17 -33.83
C THR A 180 39.30 -14.83 -32.77
N VAL A 181 39.17 -14.39 -31.52
CA VAL A 181 40.00 -14.93 -30.44
C VAL A 181 39.77 -16.43 -30.28
CA CA B . -7.28 0.43 17.49
CA CA C . -10.00 -12.34 6.38
CA CA D . -4.56 2.78 14.06
CA CA E . -6.76 -11.38 2.71
CA CA F . -2.41 4.77 10.15
CA CA G . -3.16 -10.30 -0.58
N ALA A 1 -10.31 -28.87 14.98
CA ALA A 1 -10.20 -27.39 15.06
C ALA A 1 -11.35 -26.81 15.89
N ASP A 2 -11.12 -25.68 16.55
CA ASP A 2 -12.12 -25.05 17.40
C ASP A 2 -12.22 -23.55 16.98
N PRO A 3 -13.36 -23.13 16.40
CA PRO A 3 -13.41 -21.72 15.95
C PRO A 3 -13.44 -20.71 17.09
N GLY A 4 -12.88 -19.53 16.85
CA GLY A 4 -12.83 -18.49 17.87
C GLY A 4 -12.03 -17.28 17.44
N VAL A 5 -12.51 -16.57 16.43
CA VAL A 5 -11.79 -15.42 15.88
C VAL A 5 -11.59 -14.31 16.93
N GLU A 6 -10.36 -13.83 17.02
CA GLU A 6 -10.00 -12.80 17.99
C GLU A 6 -10.15 -11.40 17.40
N GLY A 7 -10.16 -11.33 16.07
CA GLY A 7 -10.20 -10.05 15.37
C GLY A 7 -11.56 -9.43 15.15
N THR A 8 -11.67 -8.75 14.02
CA THR A 8 -12.82 -7.96 13.56
C THR A 8 -12.91 -6.65 14.35
N PRO A 9 -13.55 -5.58 13.79
CA PRO A 9 -13.59 -4.26 14.46
C PRO A 9 -14.41 -4.17 15.78
N VAL A 10 -14.79 -5.31 16.34
CA VAL A 10 -15.66 -5.38 17.51
C VAL A 10 -15.04 -4.83 18.82
N VAL A 11 -13.72 -4.76 18.90
CA VAL A 11 -13.08 -4.34 20.15
C VAL A 11 -11.79 -3.55 19.92
N GLY A 12 -11.56 -2.53 20.75
CA GLY A 12 -10.32 -1.76 20.74
C GLY A 12 -10.16 -0.66 19.72
N SER A 13 -11.27 -0.21 19.13
CA SER A 13 -11.19 0.77 18.04
C SER A 13 -10.33 1.99 18.39
N ASP A 14 -10.63 2.69 19.49
CA ASP A 14 -9.95 3.95 19.83
C ASP A 14 -8.59 3.85 20.55
N LEU A 15 -8.00 2.66 20.57
CA LEU A 15 -6.71 2.45 21.26
C LEU A 15 -5.87 1.38 20.56
N ASP A 16 -4.61 1.21 20.95
CA ASP A 16 -3.69 0.27 20.28
C ASP A 16 -4.21 -1.18 20.28
N ASP A 17 -4.08 -1.85 19.15
CA ASP A 17 -4.66 -3.20 18.96
C ASP A 17 -3.69 -4.30 18.56
N GLU A 18 -4.11 -5.53 18.78
CA GLU A 18 -3.54 -6.71 18.12
C GLU A 18 -4.77 -7.56 17.75
N LEU A 19 -5.14 -7.57 16.47
CA LEU A 19 -6.36 -8.26 16.01
C LEU A 19 -6.09 -9.27 14.92
N HIS A 20 -6.60 -10.48 15.09
CA HIS A 20 -6.35 -11.57 14.15
C HIS A 20 -7.62 -12.06 13.51
N GLY A 21 -7.78 -11.84 12.20
CA GLY A 21 -9.03 -12.17 11.53
C GLY A 21 -9.22 -13.61 11.04
N THR A 22 -10.35 -13.86 10.39
CA THR A 22 -10.71 -15.17 9.83
C THR A 22 -10.05 -15.42 8.48
N LEU A 23 -10.20 -16.63 7.96
CA LEU A 23 -9.73 -16.97 6.61
C LEU A 23 -10.76 -16.58 5.55
N GLY A 24 -11.83 -15.93 5.98
CA GLY A 24 -12.87 -15.44 5.07
C GLY A 24 -12.72 -13.97 4.76
N SER A 25 -13.62 -13.42 3.95
CA SER A 25 -13.57 -12.00 3.57
C SER A 25 -14.11 -11.14 4.71
N GLU A 26 -13.33 -10.15 5.17
CA GLU A 26 -13.73 -9.28 6.27
C GLU A 26 -13.50 -7.82 5.92
N GLN A 27 -14.23 -6.94 6.58
CA GLN A 27 -13.90 -5.53 6.64
C GLN A 27 -13.19 -5.39 7.99
N ILE A 28 -12.01 -4.80 7.99
CA ILE A 28 -11.21 -4.62 9.21
C ILE A 28 -10.89 -3.15 9.30
N LEU A 29 -11.23 -2.52 10.41
CA LEU A 29 -10.99 -1.11 10.62
C LEU A 29 -10.21 -0.97 11.92
N GLY A 30 -9.03 -0.37 11.85
CA GLY A 30 -8.20 -0.24 13.03
C GLY A 30 -8.62 0.88 13.97
N GLY A 31 -9.13 1.98 13.44
CA GLY A 31 -9.53 3.08 14.28
C GLY A 31 -8.30 3.79 14.84
N GLY A 32 -8.40 4.30 16.06
CA GLY A 32 -7.29 5.01 16.68
C GLY A 32 -6.25 4.05 17.21
N GLY A 33 -5.11 4.60 17.59
CA GLY A 33 -4.04 3.78 18.11
C GLY A 33 -3.19 3.16 17.03
N ALA A 34 -1.99 2.76 17.40
CA ALA A 34 -1.05 2.09 16.51
C ALA A 34 -1.47 0.62 16.52
N ASP A 35 -2.10 0.18 15.47
CA ASP A 35 -2.72 -1.14 15.50
C ASP A 35 -1.90 -2.15 14.74
N GLN A 36 -1.95 -3.38 15.19
CA GLN A 36 -1.27 -4.51 14.54
C GLN A 36 -2.40 -5.39 13.99
N LEU A 37 -2.69 -5.23 12.71
CA LEU A 37 -3.86 -5.88 12.08
C LEU A 37 -3.43 -7.03 11.18
N TYR A 38 -4.10 -8.16 11.31
CA TYR A 38 -3.78 -9.35 10.53
C TYR A 38 -5.05 -9.93 9.89
N GLY A 39 -5.17 -9.75 8.57
CA GLY A 39 -6.36 -10.23 7.87
C GLY A 39 -6.34 -11.67 7.33
N TYR A 40 -5.17 -12.27 7.16
CA TYR A 40 -5.04 -13.65 6.63
C TYR A 40 -5.76 -13.85 5.29
N ALA A 41 -6.27 -15.06 5.05
CA ALA A 41 -6.91 -15.37 3.75
C ALA A 41 -8.25 -14.65 3.58
N GLY A 42 -8.74 -14.63 2.34
CA GLY A 42 -9.97 -13.96 1.98
C GLY A 42 -9.66 -12.58 1.44
N ASN A 43 -10.54 -12.06 0.60
CA ASN A 43 -10.36 -10.72 0.04
C ASN A 43 -10.82 -9.75 1.10
N ASP A 44 -9.87 -9.16 1.80
CA ASP A 44 -10.18 -8.36 2.97
C ASP A 44 -10.12 -6.88 2.66
N LEU A 45 -10.90 -6.10 3.38
CA LEU A 45 -10.91 -4.66 3.24
C LEU A 45 -10.37 -4.00 4.51
N LEU A 46 -9.10 -3.69 4.52
CA LEU A 46 -8.41 -3.19 5.71
C LEU A 46 -8.21 -1.68 5.67
N ASP A 47 -8.63 -1.01 6.74
CA ASP A 47 -8.40 0.43 6.88
C ASP A 47 -7.69 0.62 8.21
N GLY A 48 -6.66 1.45 8.27
CA GLY A 48 -5.88 1.57 9.49
C GLY A 48 -6.39 2.64 10.46
N GLY A 49 -6.79 3.79 9.95
CA GLY A 49 -7.24 4.89 10.79
C GLY A 49 -6.10 5.67 11.41
N ALA A 50 -6.43 6.48 12.39
CA ALA A 50 -5.42 7.28 13.08
C ALA A 50 -4.32 6.41 13.69
N GLY A 51 -3.12 6.98 13.75
CA GLY A 51 -1.95 6.28 14.25
C GLY A 51 -1.19 5.57 13.15
N ARG A 52 0.10 5.36 13.35
CA ARG A 52 0.94 4.61 12.39
C ARG A 52 0.59 3.16 12.62
N ASP A 53 0.10 2.48 11.60
CA ASP A 53 -0.41 1.13 11.77
C ASP A 53 0.51 0.14 11.13
N LYS A 54 0.47 -1.10 11.58
CA LYS A 54 1.28 -2.16 11.05
C LYS A 54 0.26 -3.24 10.65
N LEU A 55 0.19 -3.56 9.36
CA LEU A 55 -0.94 -4.39 8.89
C LEU A 55 -0.63 -5.41 7.78
N SER A 56 -1.09 -6.64 7.97
CA SER A 56 -0.94 -7.70 6.98
C SER A 56 -2.23 -7.88 6.22
N GLY A 57 -2.15 -8.00 4.91
CA GLY A 57 -3.33 -8.32 4.12
C GLY A 57 -3.45 -9.82 3.94
N GLY A 58 -2.32 -10.53 3.87
CA GLY A 58 -2.35 -11.96 3.67
C GLY A 58 -2.73 -12.32 2.26
N GLU A 59 -3.12 -13.57 2.07
CA GLU A 59 -3.58 -14.07 0.78
C GLU A 59 -4.91 -13.39 0.40
N GLY A 60 -5.23 -13.45 -0.89
CA GLY A 60 -6.46 -12.86 -1.42
C GLY A 60 -6.23 -11.44 -1.93
N ALA A 61 -7.18 -10.94 -2.70
CA ALA A 61 -7.10 -9.61 -3.31
C ALA A 61 -7.60 -8.57 -2.32
N ASP A 62 -6.67 -8.02 -1.57
CA ASP A 62 -7.00 -7.13 -0.46
C ASP A 62 -7.16 -5.69 -0.92
N THR A 63 -7.98 -4.97 -0.16
CA THR A 63 -8.27 -3.59 -0.49
C THR A 63 -7.89 -2.70 0.67
N PHE A 64 -7.11 -1.66 0.41
CA PHE A 64 -6.65 -0.74 1.44
C PHE A 64 -7.09 0.66 1.03
N ARG A 65 -8.33 1.04 1.36
CA ARG A 65 -8.85 2.34 0.97
C ARG A 65 -8.47 3.40 1.98
N PHE A 66 -8.17 2.96 3.20
CA PHE A 66 -7.87 3.82 4.36
C PHE A 66 -9.11 4.59 4.83
N ALA A 67 -9.08 5.05 6.07
CA ALA A 67 -10.29 5.55 6.73
C ALA A 67 -10.52 7.07 6.64
N LEU A 68 -9.45 7.85 6.51
CA LEU A 68 -9.55 9.32 6.59
C LEU A 68 -8.54 10.02 5.68
N ARG A 69 -8.75 11.32 5.47
CA ARG A 69 -7.76 12.18 4.78
C ARG A 69 -6.47 12.19 5.61
N GLU A 70 -6.65 11.99 6.90
CA GLU A 70 -5.55 11.97 7.88
C GLU A 70 -4.81 10.63 7.97
N ASP A 71 -5.24 9.64 7.18
CA ASP A 71 -4.69 8.29 7.29
C ASP A 71 -3.49 8.12 6.34
N SER A 72 -2.42 7.54 6.86
CA SER A 72 -1.20 7.28 6.09
C SER A 72 -0.67 8.47 5.29
N HIS A 73 -0.71 9.64 5.90
CA HIS A 73 -0.35 10.89 5.21
C HIS A 73 0.96 11.48 5.72
N ARG A 74 1.49 12.42 4.97
CA ARG A 74 2.70 13.14 5.37
C ARG A 74 2.31 14.60 5.54
N SER A 75 2.88 15.26 6.54
CA SER A 75 2.58 16.66 6.84
C SER A 75 3.89 17.38 7.12
N PRO A 76 3.89 18.74 7.15
CA PRO A 76 5.14 19.42 7.55
C PRO A 76 5.59 19.08 8.98
N LEU A 77 4.65 18.63 9.82
CA LEU A 77 4.97 18.29 11.20
C LEU A 77 5.67 16.93 11.30
N GLY A 78 5.49 16.10 10.27
CA GLY A 78 6.10 14.78 10.24
C GLY A 78 5.28 13.80 9.44
N THR A 79 5.80 12.59 9.27
CA THR A 79 5.06 11.58 8.50
C THR A 79 4.26 10.68 9.42
N PHE A 80 3.12 10.21 8.90
CA PHE A 80 2.24 9.28 9.58
C PHE A 80 1.89 8.15 8.63
N GLY A 81 2.81 7.83 7.72
CA GLY A 81 2.61 6.76 6.76
C GLY A 81 2.50 5.42 7.44
N ASP A 82 1.62 4.56 6.94
CA ASP A 82 1.38 3.25 7.53
C ASP A 82 2.38 2.25 7.01
N ARG A 83 2.42 1.07 7.63
CA ARG A 83 3.42 0.03 7.32
C ARG A 83 2.76 -1.28 6.94
N ILE A 84 2.64 -1.56 5.67
CA ILE A 84 1.98 -2.78 5.23
C ILE A 84 3.01 -3.89 5.22
N LEU A 85 2.66 -5.03 5.79
CA LEU A 85 3.63 -6.09 6.06
C LEU A 85 3.90 -7.03 4.88
N ASP A 86 2.84 -7.45 4.21
CA ASP A 86 2.93 -8.45 3.12
C ASP A 86 2.13 -8.11 1.86
N PHE A 87 2.13 -6.84 1.49
CA PHE A 87 1.36 -6.36 0.33
C PHE A 87 1.74 -7.09 -0.95
N ASP A 88 0.72 -7.58 -1.64
CA ASP A 88 0.91 -8.28 -2.90
C ASP A 88 0.62 -7.30 -4.04
N PRO A 89 1.66 -6.81 -4.73
CA PRO A 89 1.35 -5.82 -5.75
C PRO A 89 0.57 -6.35 -6.97
N SER A 90 0.55 -7.66 -7.16
CA SER A 90 -0.14 -8.25 -8.30
C SER A 90 -1.65 -8.41 -8.02
N GLN A 91 -2.02 -8.53 -6.75
CA GLN A 91 -3.41 -8.83 -6.39
C GLN A 91 -4.12 -7.74 -5.60
N ASP A 92 -3.37 -7.03 -4.77
CA ASP A 92 -3.99 -6.11 -3.82
C ASP A 92 -4.08 -4.69 -4.43
N ARG A 93 -4.85 -3.81 -3.78
CA ARG A 93 -5.06 -2.45 -4.29
C ARG A 93 -5.16 -1.43 -3.16
N ILE A 94 -4.68 -0.22 -3.41
CA ILE A 94 -4.66 0.85 -2.41
C ILE A 94 -5.33 2.09 -3.03
N ASP A 95 -6.31 2.70 -2.38
CA ASP A 95 -6.88 3.97 -2.86
C ASP A 95 -6.13 5.09 -2.22
N VAL A 96 -6.02 6.19 -2.94
CA VAL A 96 -5.29 7.36 -2.45
C VAL A 96 -5.86 8.69 -2.96
N SER A 97 -6.83 8.61 -3.86
CA SER A 97 -7.39 9.81 -4.49
C SER A 97 -8.04 10.74 -3.48
N ALA A 98 -8.81 10.19 -2.55
CA ALA A 98 -9.51 11.00 -1.55
C ALA A 98 -8.61 11.49 -0.42
N LEU A 99 -7.58 10.74 -0.12
CA LEU A 99 -6.76 10.98 1.08
C LEU A 99 -5.30 11.38 0.85
N GLY A 100 -4.87 11.49 -0.40
CA GLY A 100 -3.48 11.83 -0.67
C GLY A 100 -3.23 12.70 -1.88
N PHE A 101 -3.37 12.10 -3.07
CA PHE A 101 -3.07 12.79 -4.33
C PHE A 101 -3.82 12.10 -5.45
N SER A 102 -3.84 12.71 -6.63
CA SER A 102 -4.49 12.12 -7.82
C SER A 102 -3.51 12.02 -8.97
N GLY A 103 -2.67 13.04 -9.13
CA GLY A 103 -1.67 13.03 -10.19
C GLY A 103 -0.39 12.38 -9.72
N LEU A 104 0.05 11.34 -10.40
CA LEU A 104 1.27 10.64 -10.01
C LEU A 104 2.54 11.44 -10.35
N GLY A 105 3.62 11.20 -9.61
CA GLY A 105 4.87 11.91 -9.82
C GLY A 105 5.76 11.22 -10.83
N ASN A 106 7.00 11.71 -10.96
CA ASN A 106 7.95 11.19 -11.93
C ASN A 106 8.57 9.84 -11.52
N GLY A 107 7.82 8.78 -11.79
CA GLY A 107 8.30 7.42 -11.60
C GLY A 107 8.60 6.80 -12.97
N TYR A 108 9.12 5.59 -13.01
CA TYR A 108 9.47 4.94 -14.29
C TYR A 108 8.79 3.57 -14.41
N ALA A 109 8.81 3.03 -15.62
CA ALA A 109 8.20 1.73 -15.93
C ALA A 109 6.72 1.62 -15.52
N GLY A 110 5.97 2.71 -15.66
CA GLY A 110 4.54 2.66 -15.35
C GLY A 110 4.27 2.69 -13.84
N SER A 111 5.14 3.36 -13.08
CA SER A 111 5.02 3.39 -11.61
C SER A 111 5.32 4.79 -11.10
N LEU A 112 5.35 4.93 -9.79
CA LEU A 112 5.75 6.19 -9.11
C LEU A 112 7.12 5.82 -8.55
N ALA A 113 7.94 6.80 -8.21
CA ALA A 113 9.32 6.52 -7.81
C ALA A 113 9.35 5.88 -6.43
N VAL A 114 9.79 4.63 -6.40
CA VAL A 114 9.90 3.85 -5.17
C VAL A 114 11.25 4.18 -4.50
N SER A 115 11.40 3.81 -3.23
CA SER A 115 12.63 4.09 -2.51
C SER A 115 12.85 3.02 -1.47
N VAL A 116 14.07 2.91 -0.95
CA VAL A 116 14.39 1.91 0.07
C VAL A 116 14.80 2.65 1.35
N SER A 117 14.83 1.96 2.48
CA SER A 117 15.40 2.54 3.68
C SER A 117 16.91 2.47 3.54
N ASP A 118 17.41 1.25 3.32
CA ASP A 118 18.82 0.95 3.19
C ASP A 118 18.85 -0.39 2.51
N ASP A 119 19.95 -1.12 2.61
CA ASP A 119 20.03 -2.44 1.96
C ASP A 119 19.04 -3.41 2.60
N GLY A 120 18.68 -3.16 3.85
CA GLY A 120 17.71 -3.96 4.56
C GLY A 120 16.52 -3.10 4.94
N THR A 121 15.77 -3.55 5.94
CA THR A 121 14.63 -2.80 6.47
C THR A 121 13.54 -2.50 5.40
N ARG A 122 12.66 -1.54 5.67
CA ARG A 122 11.46 -1.32 4.83
C ARG A 122 11.74 -0.62 3.51
N THR A 123 10.77 -0.73 2.61
CA THR A 123 10.77 0.02 1.36
C THR A 123 9.63 0.99 1.44
N TYR A 124 9.65 2.04 0.64
CA TYR A 124 8.61 3.04 0.68
C TYR A 124 8.11 3.35 -0.72
N LEU A 125 6.91 3.88 -0.80
CA LEU A 125 6.36 4.42 -2.03
C LEU A 125 5.80 5.78 -1.63
N LYS A 126 6.31 6.83 -2.24
CA LYS A 126 5.94 8.20 -1.87
C LYS A 126 5.26 8.87 -3.05
N SER A 127 4.43 9.88 -2.77
CA SER A 127 3.95 10.77 -3.81
C SER A 127 4.83 12.01 -3.66
N TYR A 128 5.06 12.69 -4.76
CA TYR A 128 5.93 13.88 -4.78
C TYR A 128 5.12 15.11 -5.14
N GLU A 129 3.82 14.95 -5.17
CA GLU A 129 2.92 16.08 -5.33
C GLU A 129 2.39 16.33 -3.93
N ALA A 130 2.21 17.59 -3.59
CA ALA A 130 1.73 17.97 -2.27
C ALA A 130 0.71 19.08 -2.38
N ASP A 131 -0.15 19.18 -1.39
CA ASP A 131 -1.13 20.24 -1.29
C ASP A 131 -0.36 21.48 -0.86
N ALA A 132 -0.89 22.67 -1.06
CA ALA A 132 -0.18 23.90 -0.68
C ALA A 132 -0.02 24.02 0.86
N GLN A 133 -0.79 23.24 1.60
CA GLN A 133 -0.65 23.14 3.05
C GLN A 133 0.57 22.31 3.46
N GLY A 134 1.18 21.63 2.49
CA GLY A 134 2.33 20.77 2.74
C GLY A 134 1.92 19.34 3.01
N LEU A 135 0.62 19.06 2.91
CA LEU A 135 0.14 17.71 3.09
C LEU A 135 0.51 16.90 1.85
N SER A 136 0.95 15.67 2.06
CA SER A 136 1.44 14.80 0.98
C SER A 136 1.12 13.36 1.40
N PHE A 137 1.50 12.37 0.60
CA PHE A 137 1.21 10.97 0.94
C PHE A 137 2.43 10.04 0.78
N GLU A 138 2.59 9.09 1.72
CA GLU A 138 3.59 8.03 1.59
C GLU A 138 3.11 6.82 2.40
N VAL A 139 3.59 5.66 2.01
CA VAL A 139 3.24 4.43 2.73
C VAL A 139 4.47 3.55 2.66
N ALA A 140 4.73 2.79 3.72
CA ALA A 140 5.91 1.95 3.80
C ALA A 140 5.45 0.51 3.65
N LEU A 141 6.24 -0.29 2.97
CA LEU A 141 5.89 -1.69 2.74
C LEU A 141 7.16 -2.43 3.12
N GLU A 142 7.09 -3.43 3.98
CA GLU A 142 8.34 -4.09 4.44
C GLU A 142 8.62 -5.42 3.73
N GLY A 143 7.79 -5.78 2.75
CA GLY A 143 8.01 -6.99 1.99
C GLY A 143 9.08 -6.86 0.91
N ASP A 144 9.63 -5.65 0.76
CA ASP A 144 10.69 -5.33 -0.21
C ASP A 144 10.35 -5.83 -1.62
N HIS A 145 9.15 -5.52 -2.06
CA HIS A 145 8.68 -5.87 -3.40
C HIS A 145 8.61 -4.59 -4.24
N ALA A 146 9.52 -3.67 -3.95
CA ALA A 146 9.64 -2.41 -4.69
C ALA A 146 9.81 -2.64 -6.20
N ALA A 147 10.50 -3.71 -6.57
CA ALA A 147 10.77 -4.03 -7.97
C ALA A 147 9.51 -4.44 -8.76
N ALA A 148 8.43 -4.72 -8.05
CA ALA A 148 7.15 -5.11 -8.69
C ALA A 148 6.03 -4.11 -8.43
N LEU A 149 6.28 -3.11 -7.60
CA LEU A 149 5.27 -2.12 -7.31
C LEU A 149 5.08 -1.26 -8.56
N SER A 150 3.84 -1.14 -9.00
CA SER A 150 3.49 -0.36 -10.16
C SER A 150 2.38 0.59 -9.74
N ALA A 151 2.11 1.61 -10.53
CA ALA A 151 1.01 2.55 -10.27
C ALA A 151 -0.33 1.87 -10.57
N ASP A 152 -0.26 0.63 -11.03
CA ASP A 152 -1.43 -0.14 -11.37
C ASP A 152 -2.22 -0.57 -10.15
N ASN A 153 -1.55 -0.76 -9.02
CA ASN A 153 -2.23 -1.18 -7.78
C ASN A 153 -2.49 0.01 -6.87
N ILE A 154 -2.11 1.19 -7.32
CA ILE A 154 -2.40 2.43 -6.59
C ILE A 154 -3.52 3.10 -7.36
N VAL A 155 -4.71 3.17 -6.79
CA VAL A 155 -5.85 3.67 -7.54
C VAL A 155 -6.15 5.15 -7.25
N PHE A 156 -6.00 5.93 -8.30
CA PHE A 156 -6.32 7.36 -8.33
C PHE A 156 -7.03 7.73 -9.63
N ALA A 157 -7.23 6.73 -10.49
CA ALA A 157 -7.91 6.93 -11.78
C ALA A 157 -9.44 6.93 -11.61
N ALA A 158 -9.92 7.63 -10.58
CA ALA A 158 -11.34 7.72 -10.21
C ALA A 158 -12.01 6.35 -9.96
N THR A 159 -11.22 5.34 -9.62
CA THR A 159 -11.69 3.97 -9.33
C THR A 159 -12.47 3.28 -10.46
N ASP A 160 -12.50 3.86 -11.65
CA ASP A 160 -13.23 3.25 -12.76
C ASP A 160 -12.41 2.12 -13.39
N ALA A 161 -13.06 1.00 -13.65
CA ALA A 161 -12.40 -0.14 -14.28
C ALA A 161 -12.09 0.20 -15.75
N ALA A 162 -12.79 1.20 -16.31
CA ALA A 162 -12.52 1.68 -17.68
C ALA A 162 -11.27 2.60 -17.73
N ALA A 163 -10.20 2.15 -17.12
CA ALA A 163 -8.95 2.90 -17.05
C ALA A 163 -7.81 1.87 -16.97
N ALA A 164 -6.59 2.37 -17.05
CA ALA A 164 -5.36 1.57 -16.94
C ALA A 164 -5.24 0.54 -18.07
N GLY A 165 -4.25 -0.32 -17.95
CA GLY A 165 -3.96 -1.30 -18.98
C GLY A 165 -3.16 -0.68 -20.11
N GLU A 166 -2.45 0.41 -19.78
CA GLU A 166 -1.69 1.18 -20.78
C GLU A 166 -0.21 1.21 -20.36
N LEU A 167 0.61 0.40 -20.99
CA LEU A 167 2.05 0.34 -20.68
C LEU A 167 2.84 0.50 -21.96
N GLY A 168 4.10 0.91 -21.83
CA GLY A 168 4.98 1.08 -22.98
C GLY A 168 6.39 0.56 -22.75
N VAL A 169 6.52 -0.41 -21.85
CA VAL A 169 7.84 -0.97 -21.51
C VAL A 169 8.28 -2.00 -22.56
N ILE A 170 7.32 -2.71 -23.14
CA ILE A 170 7.59 -3.73 -24.16
C ILE A 170 8.26 -3.11 -25.41
N GLY A 171 9.31 -3.77 -25.87
CA GLY A 171 10.06 -3.32 -27.03
C GLY A 171 11.39 -4.07 -27.07
N ALA A 172 12.14 -4.00 -28.17
CA ALA A 172 13.42 -4.70 -28.26
C ALA A 172 14.41 -3.90 -29.12
N SER A 173 15.67 -3.92 -28.73
CA SER A 173 16.74 -3.25 -29.45
C SER A 173 18.06 -3.96 -29.13
N GLY A 174 19.13 -3.68 -29.86
CA GLY A 174 20.43 -4.26 -29.54
C GLY A 174 21.54 -3.85 -30.47
N GLN A 175 22.73 -4.38 -30.20
CA GLN A 175 23.92 -4.15 -31.03
C GLN A 175 24.76 -5.44 -31.02
N PRO A 176 24.77 -6.21 -32.12
CA PRO A 176 25.57 -7.43 -32.04
C PRO A 176 27.07 -7.18 -32.08
N ASP A 177 27.82 -8.08 -31.46
CA ASP A 177 29.29 -8.04 -31.50
C ASP A 177 29.72 -9.26 -32.30
N ASP A 178 30.79 -9.14 -33.07
CA ASP A 178 31.23 -10.21 -33.97
C ASP A 178 32.77 -10.43 -33.91
N PRO A 179 33.30 -10.90 -32.78
CA PRO A 179 34.76 -11.08 -32.72
C PRO A 179 35.23 -12.29 -33.54
N THR A 180 36.44 -12.21 -34.05
CA THR A 180 37.00 -13.27 -34.90
C THR A 180 38.47 -13.51 -34.54
N VAL A 181 38.84 -13.07 -33.35
CA VAL A 181 40.22 -13.17 -32.85
C VAL A 181 40.68 -14.62 -32.80
CA CA B . -7.43 0.57 17.44
CA CA C . -9.71 -12.53 6.29
CA CA D . -5.01 2.88 13.79
CA CA E . -6.55 -11.26 2.83
CA CA F . -2.82 4.86 9.86
CA CA G . -3.06 -10.02 -0.66
N ALA A 1 -11.31 -27.79 14.45
CA ALA A 1 -11.07 -26.43 15.00
C ALA A 1 -12.37 -25.85 15.53
N ASP A 2 -12.27 -24.79 16.32
CA ASP A 2 -13.45 -24.14 16.91
C ASP A 2 -13.52 -22.66 16.53
N PRO A 3 -14.57 -22.24 15.81
CA PRO A 3 -14.59 -20.81 15.46
C PRO A 3 -14.85 -19.86 16.64
N GLY A 4 -14.18 -18.72 16.62
CA GLY A 4 -14.28 -17.76 17.70
C GLY A 4 -13.34 -16.59 17.43
N VAL A 5 -13.44 -16.03 16.24
CA VAL A 5 -12.53 -14.97 15.79
C VAL A 5 -12.56 -13.78 16.74
N GLU A 6 -11.37 -13.30 17.09
CA GLU A 6 -11.19 -12.25 18.11
C GLU A 6 -10.92 -10.92 17.43
N GLY A 7 -10.71 -10.96 16.13
CA GLY A 7 -10.47 -9.77 15.35
C GLY A 7 -11.75 -9.05 14.96
N THR A 8 -11.76 -8.52 13.75
CA THR A 8 -12.84 -7.69 13.17
C THR A 8 -12.90 -6.32 13.85
N PRO A 9 -13.52 -5.31 13.20
CA PRO A 9 -13.57 -3.96 13.82
C PRO A 9 -14.38 -3.82 15.09
N VAL A 10 -15.07 -4.89 15.48
CA VAL A 10 -16.05 -4.85 16.56
C VAL A 10 -15.44 -4.67 17.97
N VAL A 11 -14.11 -4.67 18.06
CA VAL A 11 -13.45 -4.56 19.37
C VAL A 11 -12.19 -3.67 19.30
N GLY A 12 -11.99 -2.88 20.36
CA GLY A 12 -10.75 -2.12 20.52
C GLY A 12 -10.46 -0.95 19.59
N SER A 13 -11.48 -0.42 18.92
CA SER A 13 -11.23 0.60 17.91
C SER A 13 -10.36 1.75 18.40
N ASP A 14 -10.71 2.38 19.52
CA ASP A 14 -10.03 3.62 19.95
C ASP A 14 -8.72 3.42 20.77
N LEU A 15 -8.19 2.21 20.77
CA LEU A 15 -7.00 1.87 21.56
C LEU A 15 -6.07 0.89 20.83
N ASP A 16 -4.86 0.69 21.33
CA ASP A 16 -3.87 -0.20 20.66
C ASP A 16 -4.38 -1.66 20.64
N ASP A 17 -4.32 -2.29 19.46
CA ASP A 17 -4.83 -3.66 19.30
C ASP A 17 -3.88 -4.68 18.70
N GLU A 18 -4.29 -5.95 18.75
CA GLU A 18 -3.64 -7.04 18.03
C GLU A 18 -4.80 -7.85 17.44
N LEU A 19 -5.19 -7.54 16.21
CA LEU A 19 -6.39 -8.18 15.62
C LEU A 19 -6.07 -9.20 14.54
N HIS A 20 -6.54 -10.42 14.75
CA HIS A 20 -6.34 -11.51 13.78
C HIS A 20 -7.67 -11.86 13.15
N GLY A 21 -7.80 -11.63 11.84
CA GLY A 21 -9.07 -11.86 11.15
C GLY A 21 -9.37 -13.28 10.68
N THR A 22 -10.57 -13.47 10.16
CA THR A 22 -11.01 -14.79 9.66
C THR A 22 -10.27 -15.16 8.39
N LEU A 23 -10.45 -16.41 7.99
CA LEU A 23 -9.90 -16.91 6.71
C LEU A 23 -10.88 -16.65 5.55
N GLY A 24 -11.84 -15.76 5.80
CA GLY A 24 -12.79 -15.32 4.78
C GLY A 24 -12.72 -13.82 4.56
N SER A 25 -13.55 -13.29 3.66
CA SER A 25 -13.56 -11.85 3.33
C SER A 25 -14.07 -11.02 4.52
N GLU A 26 -13.39 -9.92 4.81
CA GLU A 26 -13.74 -9.02 5.92
C GLU A 26 -13.45 -7.58 5.54
N GLN A 27 -13.97 -6.66 6.33
CA GLN A 27 -13.53 -5.29 6.36
C GLN A 27 -12.83 -5.17 7.72
N ILE A 28 -11.61 -4.65 7.73
CA ILE A 28 -10.84 -4.48 8.94
C ILE A 28 -10.54 -2.98 9.12
N LEU A 29 -10.97 -2.42 10.24
CA LEU A 29 -10.76 -1.03 10.54
C LEU A 29 -10.03 -0.99 11.87
N GLY A 30 -8.89 -0.30 11.93
CA GLY A 30 -8.10 -0.28 13.14
C GLY A 30 -8.46 0.81 14.14
N GLY A 31 -9.01 1.91 13.67
CA GLY A 31 -9.34 3.00 14.57
C GLY A 31 -8.10 3.65 15.15
N GLY A 32 -8.22 4.12 16.38
CA GLY A 32 -7.11 4.77 17.07
C GLY A 32 -6.06 3.79 17.56
N GLY A 33 -4.97 4.32 18.09
CA GLY A 33 -3.90 3.47 18.58
C GLY A 33 -2.98 2.93 17.49
N ALA A 34 -1.81 2.50 17.89
CA ALA A 34 -0.83 1.88 17.00
C ALA A 34 -1.14 0.38 16.93
N ASP A 35 -1.94 0.03 15.95
CA ASP A 35 -2.51 -1.30 15.89
C ASP A 35 -1.63 -2.29 15.13
N GLN A 36 -1.81 -3.57 15.43
CA GLN A 36 -1.17 -4.65 14.68
C GLN A 36 -2.28 -5.48 14.02
N LEU A 37 -2.58 -5.18 12.76
CA LEU A 37 -3.73 -5.77 12.08
C LEU A 37 -3.33 -6.88 11.13
N TYR A 38 -4.04 -8.01 11.16
CA TYR A 38 -3.73 -9.15 10.30
C TYR A 38 -5.00 -9.66 9.61
N GLY A 39 -5.12 -9.40 8.32
CA GLY A 39 -6.32 -9.80 7.57
C GLY A 39 -6.38 -11.26 7.13
N TYR A 40 -5.23 -11.90 6.97
CA TYR A 40 -5.12 -13.29 6.52
C TYR A 40 -5.94 -13.59 5.25
N ALA A 41 -6.38 -14.83 5.09
CA ALA A 41 -7.04 -15.27 3.84
C ALA A 41 -8.38 -14.57 3.60
N GLY A 42 -8.81 -14.60 2.35
CA GLY A 42 -10.04 -13.93 1.92
C GLY A 42 -9.70 -12.57 1.35
N ASN A 43 -10.56 -12.03 0.50
CA ASN A 43 -10.36 -10.70 -0.08
C ASN A 43 -10.82 -9.69 0.94
N ASP A 44 -9.86 -9.02 1.57
CA ASP A 44 -10.15 -8.17 2.72
C ASP A 44 -10.05 -6.71 2.35
N LEU A 45 -10.65 -5.86 3.18
CA LEU A 45 -10.55 -4.42 3.03
C LEU A 45 -9.90 -3.95 4.33
N LEU A 46 -8.95 -3.04 4.24
CA LEU A 46 -8.17 -2.64 5.41
C LEU A 46 -7.96 -1.13 5.54
N ASP A 47 -8.35 -0.62 6.72
CA ASP A 47 -8.13 0.76 7.10
C ASP A 47 -7.39 0.75 8.44
N GLY A 48 -6.39 1.61 8.59
CA GLY A 48 -5.61 1.63 9.84
C GLY A 48 -6.13 2.59 10.91
N GLY A 49 -6.72 3.71 10.47
CA GLY A 49 -7.20 4.71 11.42
C GLY A 49 -6.04 5.55 11.95
N ALA A 50 -6.34 6.37 12.95
CA ALA A 50 -5.31 7.20 13.58
C ALA A 50 -4.16 6.36 14.18
N GLY A 51 -3.01 7.02 14.33
CA GLY A 51 -1.79 6.37 14.80
C GLY A 51 -0.99 5.76 13.65
N ARG A 52 0.27 5.41 13.89
CA ARG A 52 1.11 4.73 12.85
C ARG A 52 0.85 3.26 13.06
N ASP A 53 0.41 2.57 12.03
CA ASP A 53 -0.08 1.18 12.15
C ASP A 53 0.79 0.15 11.46
N LYS A 54 0.68 -1.08 11.92
CA LYS A 54 1.34 -2.24 11.33
C LYS A 54 0.18 -3.07 10.78
N LEU A 55 0.21 -3.45 9.50
CA LEU A 55 -0.92 -4.19 8.92
C LEU A 55 -0.53 -5.17 7.85
N SER A 56 -1.13 -6.35 7.90
CA SER A 56 -0.91 -7.39 6.90
C SER A 56 -2.24 -7.64 6.20
N GLY A 57 -2.18 -7.89 4.90
CA GLY A 57 -3.38 -8.20 4.14
C GLY A 57 -3.61 -9.70 4.05
N GLY A 58 -2.54 -10.49 4.01
CA GLY A 58 -2.70 -11.94 3.89
C GLY A 58 -3.02 -12.40 2.48
N GLU A 59 -3.31 -13.69 2.32
CA GLU A 59 -3.64 -14.25 1.01
C GLU A 59 -4.98 -13.66 0.52
N GLY A 60 -5.21 -13.73 -0.78
CA GLY A 60 -6.40 -13.15 -1.39
C GLY A 60 -6.14 -11.70 -1.81
N ALA A 61 -6.89 -11.20 -2.77
CA ALA A 61 -6.71 -9.83 -3.27
C ALA A 61 -7.28 -8.85 -2.24
N ASP A 62 -6.49 -7.91 -1.77
CA ASP A 62 -6.90 -7.03 -0.68
C ASP A 62 -6.98 -5.58 -1.12
N THR A 63 -7.85 -4.82 -0.46
CA THR A 63 -8.02 -3.41 -0.72
C THR A 63 -7.59 -2.62 0.51
N PHE A 64 -6.64 -1.73 0.32
CA PHE A 64 -6.16 -0.87 1.38
C PHE A 64 -6.67 0.53 1.06
N ARG A 65 -7.38 1.16 1.99
CA ARG A 65 -7.89 2.52 1.74
C ARG A 65 -7.44 3.52 2.77
N PHE A 66 -7.37 3.04 4.01
CA PHE A 66 -7.17 3.86 5.22
C PHE A 66 -8.46 4.63 5.48
N ALA A 67 -8.69 5.02 6.73
CA ALA A 67 -10.01 5.46 7.14
C ALA A 67 -10.27 6.94 6.78
N LEU A 68 -9.28 7.79 7.00
CA LEU A 68 -9.44 9.23 6.82
C LEU A 68 -8.32 9.82 5.99
N ARG A 69 -8.56 11.01 5.50
CA ARG A 69 -7.53 11.86 4.86
C ARG A 69 -6.37 12.06 5.86
N GLU A 70 -6.71 11.99 7.12
CA GLU A 70 -5.75 12.14 8.23
C GLU A 70 -4.81 10.95 8.43
N ASP A 71 -5.00 9.87 7.66
CA ASP A 71 -4.20 8.65 7.81
C ASP A 71 -3.07 8.55 6.78
N SER A 72 -2.02 7.83 7.16
CA SER A 72 -0.93 7.42 6.28
C SER A 72 -0.43 8.50 5.34
N HIS A 73 -0.17 9.67 5.92
CA HIS A 73 0.22 10.82 5.15
C HIS A 73 1.43 11.49 5.79
N ARG A 74 2.02 12.44 5.08
CA ARG A 74 3.20 13.14 5.55
C ARG A 74 2.83 14.61 5.55
N SER A 75 3.31 15.32 6.55
CA SER A 75 2.98 16.73 6.75
C SER A 75 4.25 17.49 7.13
N PRO A 76 4.21 18.84 7.13
CA PRO A 76 5.40 19.57 7.60
C PRO A 76 5.76 19.27 9.07
N LEU A 77 4.77 18.85 9.84
CA LEU A 77 4.97 18.57 11.25
C LEU A 77 5.70 17.23 11.46
N GLY A 78 5.56 16.33 10.49
CA GLY A 78 6.18 15.00 10.58
C GLY A 78 5.40 14.01 9.75
N THR A 79 5.77 12.73 9.82
CA THR A 79 5.08 11.72 9.06
C THR A 79 4.12 10.88 9.91
N PHE A 80 3.06 10.43 9.26
CA PHE A 80 2.08 9.55 9.87
C PHE A 80 1.86 8.36 8.95
N GLY A 81 2.85 8.11 8.09
CA GLY A 81 2.78 6.98 7.14
C GLY A 81 2.60 5.66 7.86
N ASP A 82 1.77 4.78 7.31
CA ASP A 82 1.53 3.46 7.96
C ASP A 82 2.43 2.42 7.31
N ARG A 83 2.56 1.24 7.91
CA ARG A 83 3.49 0.20 7.43
C ARG A 83 2.81 -1.12 7.12
N ILE A 84 2.72 -1.45 5.85
CA ILE A 84 2.10 -2.68 5.42
C ILE A 84 3.22 -3.74 5.43
N LEU A 85 2.91 -4.93 5.88
CA LEU A 85 3.90 -5.99 6.01
C LEU A 85 4.05 -6.90 4.78
N ASP A 86 2.93 -7.32 4.19
CA ASP A 86 2.96 -8.31 3.09
C ASP A 86 2.14 -7.95 1.83
N PHE A 87 2.18 -6.68 1.43
CA PHE A 87 1.41 -6.23 0.24
C PHE A 87 1.79 -7.04 -0.99
N ASP A 88 0.79 -7.60 -1.66
CA ASP A 88 1.02 -8.41 -2.88
C ASP A 88 0.78 -7.53 -4.10
N PRO A 89 1.85 -7.07 -4.77
CA PRO A 89 1.61 -6.16 -5.91
C PRO A 89 0.99 -6.82 -7.15
N SER A 90 0.82 -8.14 -7.11
CA SER A 90 0.20 -8.85 -8.20
C SER A 90 -1.33 -8.92 -8.02
N GLN A 91 -1.77 -8.91 -6.78
CA GLN A 91 -3.20 -9.15 -6.47
C GLN A 91 -3.91 -8.00 -5.80
N ASP A 92 -3.23 -7.32 -4.88
CA ASP A 92 -3.85 -6.30 -4.03
C ASP A 92 -3.88 -4.91 -4.70
N ARG A 93 -4.51 -3.96 -4.03
CA ARG A 93 -4.46 -2.54 -4.46
C ARG A 93 -4.54 -1.55 -3.28
N ILE A 94 -3.97 -0.37 -3.44
CA ILE A 94 -4.03 0.68 -2.42
C ILE A 94 -4.74 1.93 -3.02
N ASP A 95 -5.70 2.49 -2.31
CA ASP A 95 -6.32 3.76 -2.73
C ASP A 95 -5.53 4.95 -2.25
N VAL A 96 -5.52 5.98 -3.07
CA VAL A 96 -4.82 7.22 -2.76
C VAL A 96 -5.63 8.43 -3.30
N SER A 97 -6.77 8.17 -3.96
CA SER A 97 -7.58 9.25 -4.52
C SER A 97 -8.14 10.13 -3.44
N ALA A 98 -8.60 9.51 -2.37
CA ALA A 98 -9.21 10.25 -1.27
C ALA A 98 -8.16 11.03 -0.46
N LEU A 99 -6.94 10.52 -0.46
CA LEU A 99 -5.88 11.01 0.44
C LEU A 99 -4.91 11.98 -0.21
N GLY A 100 -4.27 11.52 -1.28
CA GLY A 100 -3.15 12.24 -1.85
C GLY A 100 -3.42 13.00 -3.13
N PHE A 101 -3.71 12.26 -4.19
CA PHE A 101 -3.77 12.85 -5.53
C PHE A 101 -4.66 12.02 -6.44
N SER A 102 -5.04 12.58 -7.58
CA SER A 102 -5.79 11.86 -8.63
C SER A 102 -4.96 11.80 -9.92
N GLY A 103 -3.99 12.69 -10.04
CA GLY A 103 -3.07 12.69 -11.17
C GLY A 103 -1.70 12.23 -10.70
N LEU A 104 -1.20 11.11 -11.21
CA LEU A 104 0.06 10.56 -10.72
C LEU A 104 1.30 11.45 -10.86
N GLY A 105 2.25 11.25 -9.95
CA GLY A 105 3.48 12.00 -9.93
C GLY A 105 4.64 11.34 -10.63
N ASN A 106 5.84 11.88 -10.45
CA ASN A 106 7.06 11.41 -11.09
C ASN A 106 7.34 9.92 -10.83
N GLY A 107 7.72 9.21 -11.88
CA GLY A 107 8.06 7.80 -11.83
C GLY A 107 8.16 7.29 -13.25
N TYR A 108 8.51 6.03 -13.46
CA TYR A 108 8.64 5.46 -14.81
C TYR A 108 8.14 4.01 -14.81
N ALA A 109 8.00 3.45 -16.00
CA ALA A 109 7.49 2.10 -16.21
C ALA A 109 6.10 1.92 -15.61
N GLY A 110 5.28 2.95 -15.66
CA GLY A 110 3.93 2.87 -15.15
C GLY A 110 3.94 2.78 -13.63
N SER A 111 4.85 3.47 -12.97
CA SER A 111 4.94 3.42 -11.52
C SER A 111 5.24 4.81 -10.99
N LEU A 112 5.30 4.90 -9.69
CA LEU A 112 5.72 6.08 -8.97
C LEU A 112 7.12 5.72 -8.53
N ALA A 113 7.98 6.68 -8.29
CA ALA A 113 9.34 6.33 -7.87
C ALA A 113 9.28 5.70 -6.47
N VAL A 114 10.03 4.63 -6.29
CA VAL A 114 10.04 3.88 -5.03
C VAL A 114 11.39 4.08 -4.34
N SER A 115 11.45 3.80 -3.05
CA SER A 115 12.66 4.02 -2.27
C SER A 115 12.87 2.93 -1.25
N VAL A 116 14.09 2.83 -0.73
CA VAL A 116 14.41 1.83 0.28
C VAL A 116 14.79 2.57 1.56
N SER A 117 14.75 1.90 2.70
CA SER A 117 15.24 2.51 3.94
C SER A 117 16.76 2.52 3.88
N ASP A 118 17.33 1.37 3.53
CA ASP A 118 18.76 1.14 3.43
C ASP A 118 18.82 -0.21 2.72
N ASP A 119 19.95 -0.90 2.75
CA ASP A 119 20.08 -2.21 2.08
C ASP A 119 19.39 -3.34 2.89
N GLY A 120 18.61 -2.93 3.88
CA GLY A 120 17.84 -3.83 4.70
C GLY A 120 16.61 -3.08 5.16
N THR A 121 15.93 -3.61 6.17
CA THR A 121 14.74 -2.98 6.73
C THR A 121 13.62 -2.82 5.69
N ARG A 122 12.73 -1.85 5.90
CA ARG A 122 11.54 -1.69 5.06
C ARG A 122 11.81 -0.89 3.77
N THR A 123 10.87 -0.94 2.85
CA THR A 123 10.92 -0.16 1.61
C THR A 123 9.75 0.82 1.70
N TYR A 124 9.75 1.83 0.84
CA TYR A 124 8.69 2.82 0.86
C TYR A 124 8.17 3.13 -0.53
N LEU A 125 6.96 3.66 -0.57
CA LEU A 125 6.33 4.13 -1.79
C LEU A 125 5.91 5.54 -1.45
N LYS A 126 6.27 6.48 -2.32
CA LYS A 126 5.97 7.88 -2.07
C LYS A 126 5.18 8.48 -3.22
N SER A 127 4.43 9.53 -2.90
CA SER A 127 3.81 10.37 -3.90
C SER A 127 4.72 11.59 -3.99
N TYR A 128 4.76 12.22 -5.15
CA TYR A 128 5.58 13.41 -5.35
C TYR A 128 4.66 14.54 -5.71
N GLU A 129 3.37 14.30 -5.46
CA GLU A 129 2.33 15.30 -5.60
C GLU A 129 1.99 15.68 -4.17
N ALA A 130 1.75 16.96 -3.94
CA ALA A 130 1.44 17.46 -2.60
C ALA A 130 0.33 18.50 -2.68
N ASP A 131 -0.39 18.66 -1.58
CA ASP A 131 -1.50 19.61 -1.47
C ASP A 131 -0.95 20.98 -1.09
N ALA A 132 -1.75 22.04 -1.27
CA ALA A 132 -1.32 23.39 -0.96
C ALA A 132 -1.01 23.57 0.55
N GLN A 133 -1.61 22.71 1.38
CA GLN A 133 -1.34 22.70 2.83
C GLN A 133 0.02 22.08 3.17
N GLY A 134 0.73 21.57 2.16
CA GLY A 134 2.03 20.94 2.42
C GLY A 134 1.89 19.50 2.83
N LEU A 135 0.73 18.93 2.54
CA LEU A 135 0.46 17.53 2.88
C LEU A 135 0.80 16.71 1.66
N SER A 136 1.36 15.53 1.88
CA SER A 136 1.76 14.63 0.79
C SER A 136 1.44 13.21 1.26
N PHE A 137 1.69 12.20 0.44
CA PHE A 137 1.38 10.81 0.82
C PHE A 137 2.62 9.92 0.74
N GLU A 138 2.85 9.11 1.77
CA GLU A 138 3.90 8.06 1.74
C GLU A 138 3.44 6.88 2.63
N VAL A 139 3.88 5.68 2.29
CA VAL A 139 3.51 4.46 3.03
C VAL A 139 4.68 3.50 2.93
N ALA A 140 4.88 2.71 3.97
CA ALA A 140 6.02 1.79 4.02
C ALA A 140 5.52 0.38 3.77
N LEU A 141 6.35 -0.42 3.10
CA LEU A 141 5.99 -1.80 2.76
C LEU A 141 7.26 -2.62 3.09
N GLU A 142 7.21 -3.61 3.97
CA GLU A 142 8.47 -4.21 4.43
C GLU A 142 9.05 -5.38 3.64
N GLY A 143 8.27 -5.95 2.73
CA GLY A 143 8.75 -7.14 2.01
C GLY A 143 9.74 -6.91 0.86
N ASP A 144 10.23 -5.68 0.72
CA ASP A 144 11.20 -5.32 -0.33
C ASP A 144 10.76 -5.80 -1.73
N HIS A 145 9.53 -5.47 -2.06
CA HIS A 145 8.96 -5.74 -3.37
C HIS A 145 8.78 -4.41 -4.08
N ALA A 146 9.67 -3.48 -3.78
CA ALA A 146 9.65 -2.17 -4.43
C ALA A 146 9.82 -2.29 -5.94
N ALA A 147 10.66 -3.22 -6.39
CA ALA A 147 10.91 -3.46 -7.81
C ALA A 147 9.65 -4.00 -8.53
N ALA A 148 8.72 -4.58 -7.79
CA ALA A 148 7.50 -5.14 -8.38
C ALA A 148 6.30 -4.20 -8.30
N LEU A 149 6.43 -3.13 -7.54
CA LEU A 149 5.35 -2.16 -7.42
C LEU A 149 5.08 -1.43 -8.72
N SER A 150 3.80 -1.10 -8.95
CA SER A 150 3.38 -0.34 -10.12
C SER A 150 2.27 0.60 -9.70
N ALA A 151 2.04 1.68 -10.44
CA ALA A 151 0.97 2.64 -10.13
C ALA A 151 -0.38 2.13 -10.68
N ASP A 152 -0.39 0.89 -11.13
CA ASP A 152 -1.62 0.26 -11.61
C ASP A 152 -2.30 -0.50 -10.47
N ASN A 153 -1.53 -0.87 -9.46
CA ASN A 153 -2.08 -1.48 -8.24
C ASN A 153 -2.20 -0.41 -7.17
N ILE A 154 -2.22 0.84 -7.63
CA ILE A 154 -2.52 1.98 -6.78
C ILE A 154 -3.72 2.59 -7.50
N VAL A 155 -4.82 2.88 -6.81
CA VAL A 155 -6.04 3.32 -7.50
C VAL A 155 -6.31 4.82 -7.26
N PHE A 156 -6.51 5.53 -8.37
CA PHE A 156 -6.69 6.99 -8.35
C PHE A 156 -7.21 7.56 -9.68
N ALA A 157 -6.97 6.85 -10.78
CA ALA A 157 -7.26 7.35 -12.11
C ALA A 157 -8.75 7.14 -12.45
N ALA A 158 -9.60 8.04 -11.96
CA ALA A 158 -11.06 8.01 -12.19
C ALA A 158 -11.79 6.73 -11.72
N THR A 159 -11.07 5.87 -11.02
CA THR A 159 -11.56 4.59 -10.46
C THR A 159 -11.94 3.50 -11.47
N ASP A 160 -12.55 3.88 -12.58
CA ASP A 160 -12.99 2.91 -13.59
C ASP A 160 -11.81 2.19 -14.23
N ALA A 161 -11.93 0.89 -14.43
CA ALA A 161 -10.88 0.08 -15.04
C ALA A 161 -10.75 0.41 -16.55
N ALA A 162 -11.64 1.25 -17.05
CA ALA A 162 -11.57 1.75 -18.42
C ALA A 162 -10.41 2.77 -18.57
N ALA A 163 -9.87 3.23 -17.45
CA ALA A 163 -8.76 4.16 -17.46
C ALA A 163 -7.45 3.42 -17.12
N ALA A 164 -6.35 4.05 -17.49
CA ALA A 164 -5.00 3.54 -17.25
C ALA A 164 -4.74 2.13 -17.85
N GLY A 165 -3.67 1.49 -17.39
CA GLY A 165 -3.31 0.15 -17.85
C GLY A 165 -2.38 0.13 -19.05
N GLU A 166 -1.73 1.25 -19.34
CA GLU A 166 -0.78 1.34 -20.46
C GLU A 166 0.61 0.83 -20.07
N LEU A 167 1.05 -0.26 -20.69
CA LEU A 167 2.38 -0.81 -20.42
C LEU A 167 3.28 -0.59 -21.64
N GLY A 168 4.50 -0.13 -21.41
CA GLY A 168 5.46 0.11 -22.47
C GLY A 168 6.88 -0.11 -22.01
N VAL A 169 7.10 -1.20 -21.29
CA VAL A 169 8.41 -1.52 -20.71
C VAL A 169 9.29 -2.22 -21.76
N ILE A 170 8.64 -2.98 -22.64
CA ILE A 170 9.32 -3.78 -23.66
C ILE A 170 10.22 -2.92 -24.57
N GLY A 171 11.43 -3.42 -24.81
CA GLY A 171 12.42 -2.73 -25.62
C GLY A 171 13.80 -3.32 -25.36
N ALA A 172 14.55 -3.58 -26.41
CA ALA A 172 15.89 -4.21 -26.28
C ALA A 172 16.82 -3.73 -27.37
N SER A 173 18.12 -3.73 -27.09
CA SER A 173 19.13 -3.33 -28.07
C SER A 173 20.46 -4.00 -27.69
N GLY A 174 21.42 -3.99 -28.58
CA GLY A 174 22.73 -4.54 -28.28
C GLY A 174 23.57 -4.86 -29.51
N GLN A 175 24.88 -4.70 -29.38
CA GLN A 175 25.84 -5.00 -30.45
C GLN A 175 26.46 -6.38 -30.21
N PRO A 176 26.13 -7.38 -31.06
CA PRO A 176 26.79 -8.68 -30.86
C PRO A 176 28.29 -8.62 -31.16
N ASP A 177 29.07 -9.44 -30.49
CA ASP A 177 30.53 -9.44 -30.64
C ASP A 177 30.97 -10.72 -31.34
N ASP A 178 31.95 -10.61 -32.23
CA ASP A 178 32.47 -11.75 -32.99
C ASP A 178 34.01 -11.84 -32.92
N PRO A 179 34.54 -12.37 -31.81
CA PRO A 179 35.99 -12.47 -31.69
C PRO A 179 36.62 -13.54 -32.59
N THR A 180 37.90 -13.40 -32.89
CA THR A 180 38.61 -14.43 -33.66
C THR A 180 39.41 -15.32 -32.69
N VAL A 181 39.63 -14.85 -31.46
CA VAL A 181 40.25 -15.69 -30.44
C VAL A 181 39.27 -16.77 -30.02
CA CA B . -7.44 0.24 17.64
CA CA C . -9.79 -12.32 6.18
CA CA D . -4.76 2.82 14.28
CA CA E . -6.53 -11.16 2.59
CA CA F . -2.67 5.07 10.46
CA CA G . -3.01 -10.00 -0.47
N ALA A 1 -9.87 -26.85 12.99
CA ALA A 1 -10.11 -25.39 13.04
C ALA A 1 -11.17 -25.05 14.09
N ASP A 2 -10.76 -24.41 15.17
CA ASP A 2 -11.65 -23.99 16.27
C ASP A 2 -11.90 -22.47 16.20
N PRO A 3 -12.97 -22.01 15.50
CA PRO A 3 -13.13 -20.57 15.35
C PRO A 3 -13.49 -19.80 16.61
N GLY A 4 -12.81 -18.68 16.81
CA GLY A 4 -13.05 -17.84 17.97
C GLY A 4 -12.40 -16.49 17.66
N VAL A 5 -12.75 -15.95 16.52
CA VAL A 5 -12.11 -14.74 16.00
C VAL A 5 -12.14 -13.55 16.96
N GLU A 6 -10.95 -13.00 17.23
CA GLU A 6 -10.78 -11.87 18.13
C GLU A 6 -10.50 -10.60 17.31
N GLY A 7 -10.67 -10.69 16.00
CA GLY A 7 -10.46 -9.56 15.12
C GLY A 7 -11.73 -8.78 14.82
N THR A 8 -11.72 -8.09 13.68
CA THR A 8 -12.80 -7.19 13.19
C THR A 8 -12.92 -5.89 14.04
N PRO A 9 -13.53 -4.81 13.47
CA PRO A 9 -13.58 -3.52 14.16
C PRO A 9 -14.42 -3.44 15.46
N VAL A 10 -15.03 -4.57 15.81
CA VAL A 10 -15.99 -4.64 16.89
C VAL A 10 -15.44 -4.38 18.31
N VAL A 11 -14.13 -4.31 18.50
CA VAL A 11 -13.62 -4.12 19.88
C VAL A 11 -12.31 -3.29 19.98
N GLY A 12 -12.35 -2.27 20.81
CA GLY A 12 -11.17 -1.46 21.13
C GLY A 12 -10.59 -0.57 20.04
N SER A 13 -11.37 -0.29 19.00
CA SER A 13 -10.85 0.45 17.83
C SER A 13 -10.12 1.75 18.15
N ASP A 14 -10.57 2.50 19.13
CA ASP A 14 -9.98 3.83 19.44
C ASP A 14 -8.62 3.78 20.16
N LEU A 15 -8.06 2.60 20.39
CA LEU A 15 -6.76 2.48 21.06
C LEU A 15 -5.94 1.34 20.45
N ASP A 16 -4.68 1.19 20.86
CA ASP A 16 -3.78 0.14 20.27
C ASP A 16 -4.42 -1.28 20.27
N ASP A 17 -4.42 -1.92 19.12
CA ASP A 17 -5.10 -3.22 18.92
C ASP A 17 -4.22 -4.27 18.30
N GLU A 18 -4.60 -5.53 18.47
CA GLU A 18 -4.06 -6.63 17.69
C GLU A 18 -5.27 -7.35 17.08
N LEU A 19 -5.67 -7.03 15.84
CA LEU A 19 -6.85 -7.64 15.25
C LEU A 19 -6.54 -8.73 14.24
N HIS A 20 -6.80 -9.97 14.62
CA HIS A 20 -6.57 -11.14 13.77
C HIS A 20 -7.88 -11.55 13.12
N GLY A 21 -8.00 -11.34 11.80
CA GLY A 21 -9.25 -11.62 11.10
C GLY A 21 -9.47 -13.05 10.69
N THR A 22 -10.67 -13.33 10.20
CA THR A 22 -11.06 -14.67 9.74
C THR A 22 -10.37 -15.02 8.42
N LEU A 23 -10.60 -16.24 7.96
CA LEU A 23 -10.10 -16.67 6.67
C LEU A 23 -11.09 -16.31 5.57
N GLY A 24 -12.03 -15.43 5.88
CA GLY A 24 -13.04 -14.98 4.93
C GLY A 24 -12.87 -13.50 4.67
N SER A 25 -13.71 -12.94 3.80
CA SER A 25 -13.66 -11.51 3.44
C SER A 25 -14.22 -10.67 4.59
N GLU A 26 -13.49 -9.59 4.94
CA GLU A 26 -13.86 -8.70 6.05
C GLU A 26 -13.49 -7.27 5.71
N GLN A 27 -13.99 -6.33 6.48
CA GLN A 27 -13.50 -4.96 6.48
C GLN A 27 -12.82 -4.80 7.85
N ILE A 28 -11.54 -4.45 7.84
CA ILE A 28 -10.77 -4.29 9.07
C ILE A 28 -10.46 -2.79 9.21
N LEU A 29 -10.88 -2.22 10.31
CA LEU A 29 -10.62 -0.81 10.58
C LEU A 29 -9.79 -0.70 11.85
N GLY A 30 -8.65 -0.07 11.74
CA GLY A 30 -7.75 0.07 12.87
C GLY A 30 -8.12 1.12 13.88
N GLY A 31 -8.65 2.26 13.47
CA GLY A 31 -8.97 3.32 14.40
C GLY A 31 -7.72 3.91 15.05
N GLY A 32 -7.87 4.39 16.29
CA GLY A 32 -6.77 5.02 17.02
C GLY A 32 -5.68 4.05 17.46
N GLY A 33 -4.56 4.59 17.91
CA GLY A 33 -3.47 3.77 18.41
C GLY A 33 -2.63 3.15 17.30
N ALA A 34 -1.47 2.62 17.68
CA ALA A 34 -0.53 1.92 16.76
C ALA A 34 -1.00 0.48 16.69
N ASP A 35 -1.69 0.13 15.63
CA ASP A 35 -2.37 -1.15 15.54
C ASP A 35 -1.57 -2.21 14.82
N GLN A 36 -1.80 -3.47 15.16
CA GLN A 36 -1.14 -4.62 14.52
C GLN A 36 -2.23 -5.48 13.90
N LEU A 37 -2.58 -5.17 12.66
CA LEU A 37 -3.74 -5.73 12.01
C LEU A 37 -3.34 -6.90 11.12
N TYR A 38 -4.16 -7.93 11.05
CA TYR A 38 -3.87 -9.10 10.26
C TYR A 38 -5.09 -9.58 9.49
N GLY A 39 -5.08 -9.35 8.18
CA GLY A 39 -6.23 -9.73 7.35
C GLY A 39 -6.31 -11.21 7.04
N TYR A 40 -5.17 -11.89 6.96
CA TYR A 40 -5.10 -13.31 6.61
C TYR A 40 -5.90 -13.62 5.33
N ALA A 41 -6.45 -14.82 5.21
CA ALA A 41 -7.12 -15.21 3.97
C ALA A 41 -8.45 -14.47 3.74
N GLY A 42 -8.92 -14.52 2.50
CA GLY A 42 -10.09 -13.77 2.10
C GLY A 42 -9.69 -12.45 1.46
N ASN A 43 -10.54 -11.88 0.63
CA ASN A 43 -10.27 -10.60 -0.01
C ASN A 43 -10.73 -9.52 0.94
N ASP A 44 -9.79 -8.94 1.65
CA ASP A 44 -10.09 -8.06 2.76
C ASP A 44 -9.93 -6.59 2.41
N LEU A 45 -10.69 -5.74 3.09
CA LEU A 45 -10.59 -4.31 2.92
C LEU A 45 -10.00 -3.75 4.22
N LEU A 46 -8.88 -3.04 4.15
CA LEU A 46 -8.17 -2.62 5.37
C LEU A 46 -7.96 -1.12 5.49
N ASP A 47 -8.31 -0.61 6.66
CA ASP A 47 -8.13 0.79 7.07
C ASP A 47 -7.27 0.83 8.34
N GLY A 48 -6.39 1.82 8.49
CA GLY A 48 -5.54 1.89 9.67
C GLY A 48 -5.96 2.91 10.70
N GLY A 49 -6.45 4.06 10.28
CA GLY A 49 -6.85 5.10 11.22
C GLY A 49 -5.66 5.85 11.78
N ALA A 50 -5.86 6.65 12.81
CA ALA A 50 -4.76 7.44 13.38
C ALA A 50 -3.60 6.56 13.89
N GLY A 51 -2.40 7.12 13.86
CA GLY A 51 -1.19 6.43 14.33
C GLY A 51 -0.53 5.63 13.21
N ARG A 52 0.73 5.27 13.41
CA ARG A 52 1.49 4.48 12.44
C ARG A 52 1.11 3.02 12.74
N ASP A 53 0.60 2.35 11.73
CA ASP A 53 0.05 1.00 11.92
C ASP A 53 0.89 -0.03 11.17
N LYS A 54 0.79 -1.26 11.65
CA LYS A 54 1.45 -2.41 11.05
C LYS A 54 0.27 -3.25 10.59
N LEU A 55 0.18 -3.57 9.30
CA LEU A 55 -0.99 -4.28 8.80
C LEU A 55 -0.66 -5.32 7.74
N SER A 56 -1.18 -6.52 7.93
CA SER A 56 -0.98 -7.60 6.97
C SER A 56 -2.23 -7.76 6.15
N GLY A 57 -2.06 -8.03 4.87
CA GLY A 57 -3.20 -8.31 4.02
C GLY A 57 -3.49 -9.80 4.02
N GLY A 58 -2.46 -10.63 3.97
CA GLY A 58 -2.67 -12.07 3.90
C GLY A 58 -3.07 -12.52 2.53
N GLU A 59 -3.42 -13.79 2.40
CA GLU A 59 -3.82 -14.36 1.11
C GLU A 59 -5.08 -13.70 0.58
N GLY A 60 -5.28 -13.80 -0.72
CA GLY A 60 -6.41 -13.18 -1.39
C GLY A 60 -6.05 -11.79 -1.88
N ALA A 61 -6.86 -11.28 -2.82
CA ALA A 61 -6.65 -9.97 -3.42
C ALA A 61 -7.23 -8.93 -2.49
N ASP A 62 -6.39 -8.20 -1.80
CA ASP A 62 -6.83 -7.27 -0.75
C ASP A 62 -6.88 -5.85 -1.24
N THR A 63 -7.70 -5.03 -0.58
CA THR A 63 -7.85 -3.63 -0.92
C THR A 63 -7.53 -2.76 0.29
N PHE A 64 -6.44 -2.02 0.23
CA PHE A 64 -6.08 -1.16 1.35
C PHE A 64 -6.80 0.17 1.07
N ARG A 65 -7.96 0.36 1.67
CA ARG A 65 -8.83 1.52 1.41
C ARG A 65 -8.39 2.74 2.18
N PHE A 66 -7.94 2.50 3.41
CA PHE A 66 -7.62 3.54 4.42
C PHE A 66 -8.83 4.36 4.83
N ALA A 67 -8.79 4.81 6.07
CA ALA A 67 -9.94 5.40 6.70
C ALA A 67 -10.25 6.83 6.30
N LEU A 68 -9.30 7.72 6.56
CA LEU A 68 -9.54 9.14 6.42
C LEU A 68 -8.36 9.76 5.70
N ARG A 69 -8.47 11.05 5.41
CA ARG A 69 -7.36 11.87 4.89
C ARG A 69 -6.14 11.78 5.80
N GLU A 70 -6.38 11.53 7.08
CA GLU A 70 -5.35 11.46 8.12
C GLU A 70 -4.51 10.15 8.13
N ASP A 71 -4.90 9.20 7.30
CA ASP A 71 -4.30 7.86 7.26
C ASP A 71 -3.12 7.77 6.28
N SER A 72 -2.05 7.12 6.71
CA SER A 72 -0.83 6.91 5.90
C SER A 72 -0.32 8.13 5.11
N HIS A 73 -0.32 9.27 5.79
CA HIS A 73 0.08 10.52 5.15
C HIS A 73 1.37 11.08 5.73
N ARG A 74 1.86 12.15 5.11
CA ARG A 74 3.06 12.86 5.57
C ARG A 74 2.60 14.30 5.72
N SER A 75 3.06 14.97 6.75
CA SER A 75 2.63 16.34 7.04
C SER A 75 3.86 17.18 7.37
N PRO A 76 3.73 18.52 7.46
CA PRO A 76 4.88 19.36 7.87
C PRO A 76 5.38 19.03 9.29
N LEU A 77 4.59 18.33 10.09
CA LEU A 77 5.02 17.94 11.43
C LEU A 77 5.84 16.65 11.41
N GLY A 78 5.53 15.77 10.44
CA GLY A 78 6.25 14.51 10.33
C GLY A 78 5.48 13.47 9.56
N THR A 79 6.07 12.31 9.35
CA THR A 79 5.39 11.27 8.61
C THR A 79 4.53 10.37 9.53
N PHE A 80 3.43 9.92 8.95
CA PHE A 80 2.54 8.99 9.61
C PHE A 80 2.16 7.91 8.61
N GLY A 81 3.10 7.61 7.72
CA GLY A 81 2.92 6.56 6.72
C GLY A 81 2.79 5.21 7.41
N ASP A 82 1.87 4.39 6.97
CA ASP A 82 1.63 3.09 7.62
C ASP A 82 2.54 2.04 7.03
N ARG A 83 2.61 0.87 7.67
CA ARG A 83 3.54 -0.20 7.26
C ARG A 83 2.78 -1.47 6.85
N ILE A 84 2.73 -1.78 5.57
CA ILE A 84 2.06 -3.01 5.14
C ILE A 84 3.09 -4.13 5.20
N LEU A 85 2.71 -5.24 5.83
CA LEU A 85 3.61 -6.37 6.12
C LEU A 85 3.97 -7.27 4.94
N ASP A 86 2.96 -7.70 4.22
CA ASP A 86 3.11 -8.74 3.20
C ASP A 86 2.32 -8.41 1.91
N PHE A 87 2.38 -7.15 1.51
CA PHE A 87 1.63 -6.63 0.36
C PHE A 87 1.96 -7.42 -0.89
N ASP A 88 0.94 -7.71 -1.68
CA ASP A 88 1.11 -8.46 -2.93
C ASP A 88 0.99 -7.51 -4.11
N PRO A 89 2.13 -7.05 -4.69
CA PRO A 89 2.06 -6.11 -5.81
C PRO A 89 1.47 -6.67 -7.12
N SER A 90 1.05 -7.93 -7.10
CA SER A 90 0.39 -8.54 -8.25
C SER A 90 -1.13 -8.65 -8.01
N GLN A 91 -1.53 -9.05 -6.81
CA GLN A 91 -2.95 -9.28 -6.51
C GLN A 91 -3.65 -8.15 -5.79
N ASP A 92 -2.96 -7.51 -4.89
CA ASP A 92 -3.59 -6.53 -3.98
C ASP A 92 -3.65 -5.18 -4.69
N ARG A 93 -4.36 -4.23 -4.08
CA ARG A 93 -4.51 -2.86 -4.58
C ARG A 93 -4.62 -1.87 -3.41
N ILE A 94 -4.30 -0.62 -3.64
CA ILE A 94 -4.37 0.39 -2.59
C ILE A 94 -5.16 1.60 -3.11
N ASP A 95 -6.07 2.11 -2.30
CA ASP A 95 -6.82 3.35 -2.65
C ASP A 95 -6.06 4.55 -2.15
N VAL A 96 -6.19 5.64 -2.89
CA VAL A 96 -5.50 6.86 -2.54
C VAL A 96 -6.26 8.09 -3.07
N SER A 97 -7.27 7.87 -3.90
CA SER A 97 -8.01 8.99 -4.49
C SER A 97 -8.66 9.85 -3.41
N ALA A 98 -9.19 9.19 -2.38
CA ALA A 98 -9.91 9.87 -1.32
C ALA A 98 -9.03 10.40 -0.17
N LEU A 99 -7.73 10.05 -0.16
CA LEU A 99 -6.87 10.37 0.97
C LEU A 99 -5.47 10.84 0.64
N GLY A 100 -5.10 10.93 -0.63
CA GLY A 100 -3.75 11.36 -1.00
C GLY A 100 -3.64 12.21 -2.24
N PHE A 101 -3.89 11.64 -3.41
CA PHE A 101 -3.69 12.36 -4.66
C PHE A 101 -4.56 11.75 -5.77
N SER A 102 -4.74 12.48 -6.85
CA SER A 102 -5.55 12.03 -7.99
C SER A 102 -4.68 11.80 -9.23
N GLY A 103 -3.63 12.60 -9.37
CA GLY A 103 -2.68 12.41 -10.45
C GLY A 103 -1.40 11.85 -9.86
N LEU A 104 -0.80 10.87 -10.54
CA LEU A 104 0.41 10.25 -9.98
C LEU A 104 1.58 11.27 -10.06
N GLY A 105 2.51 11.14 -9.14
CA GLY A 105 3.64 12.05 -9.05
C GLY A 105 4.82 11.55 -9.84
N ASN A 106 5.99 12.13 -9.57
CA ASN A 106 7.26 11.74 -10.23
C ASN A 106 7.51 10.24 -10.09
N GLY A 107 7.79 9.62 -11.23
CA GLY A 107 8.07 8.20 -11.31
C GLY A 107 8.23 7.79 -12.77
N TYR A 108 8.41 6.50 -13.05
CA TYR A 108 8.60 6.01 -14.42
C TYR A 108 8.21 4.54 -14.53
N ALA A 109 8.08 4.05 -15.77
CA ALA A 109 7.69 2.68 -16.07
C ALA A 109 6.35 2.28 -15.39
N GLY A 110 5.39 3.19 -15.44
CA GLY A 110 4.07 2.94 -14.88
C GLY A 110 4.10 2.89 -13.36
N SER A 111 5.00 3.61 -12.71
CA SER A 111 5.12 3.57 -11.26
C SER A 111 5.44 4.93 -10.67
N LEU A 112 5.41 5.05 -9.36
CA LEU A 112 5.86 6.23 -8.68
C LEU A 112 7.32 5.94 -8.41
N ALA A 113 8.14 6.94 -8.07
CA ALA A 113 9.53 6.66 -7.79
C ALA A 113 9.61 5.97 -6.43
N VAL A 114 9.95 4.70 -6.46
CA VAL A 114 10.03 3.87 -5.23
C VAL A 114 11.24 4.27 -4.42
N SER A 115 11.27 3.89 -3.15
CA SER A 115 12.40 4.26 -2.30
C SER A 115 12.67 3.15 -1.31
N VAL A 116 13.78 3.23 -0.61
CA VAL A 116 14.10 2.23 0.41
C VAL A 116 14.28 2.95 1.77
N SER A 117 14.25 2.20 2.86
CA SER A 117 14.61 2.74 4.15
C SER A 117 16.12 2.88 4.20
N ASP A 118 16.78 1.80 3.82
CA ASP A 118 18.22 1.66 3.80
C ASP A 118 18.39 0.42 2.94
N ASP A 119 19.59 -0.14 2.85
CA ASP A 119 19.81 -1.32 2.00
C ASP A 119 19.13 -2.60 2.56
N GLY A 120 18.51 -2.46 3.72
CA GLY A 120 17.77 -3.53 4.34
C GLY A 120 16.50 -2.89 4.88
N THR A 121 15.83 -3.56 5.81
CA THR A 121 14.62 -3.00 6.42
C THR A 121 13.55 -2.73 5.36
N ARG A 122 12.59 -1.88 5.69
CA ARG A 122 11.43 -1.70 4.83
C ARG A 122 11.74 -0.96 3.54
N THR A 123 10.78 -1.02 2.64
CA THR A 123 10.84 -0.27 1.39
C THR A 123 9.71 0.73 1.46
N TYR A 124 9.73 1.70 0.57
CA TYR A 124 8.71 2.76 0.58
C TYR A 124 8.17 3.03 -0.79
N LEU A 125 6.94 3.52 -0.85
CA LEU A 125 6.36 3.99 -2.11
C LEU A 125 5.86 5.39 -1.76
N LYS A 126 6.41 6.39 -2.45
CA LYS A 126 6.12 7.79 -2.15
C LYS A 126 5.40 8.48 -3.29
N SER A 127 4.52 9.39 -2.93
CA SER A 127 3.92 10.30 -3.88
C SER A 127 4.70 11.61 -3.73
N TYR A 128 4.83 12.35 -4.81
CA TYR A 128 5.61 13.59 -4.80
C TYR A 128 4.67 14.74 -5.07
N GLU A 129 3.39 14.41 -5.01
CA GLU A 129 2.33 15.43 -5.12
C GLU A 129 1.99 15.81 -3.71
N ALA A 130 1.74 17.10 -3.49
CA ALA A 130 1.42 17.59 -2.16
C ALA A 130 0.33 18.65 -2.24
N ASP A 131 -0.44 18.72 -1.17
CA ASP A 131 -1.51 19.69 -1.05
C ASP A 131 -0.89 21.05 -0.71
N ALA A 132 -1.67 22.12 -0.82
CA ALA A 132 -1.20 23.46 -0.46
C ALA A 132 -0.87 23.48 1.04
N GLN A 133 -1.60 22.68 1.82
CA GLN A 133 -1.33 22.49 3.27
C GLN A 133 0.00 21.78 3.57
N GLY A 134 0.67 21.26 2.55
CA GLY A 134 1.92 20.57 2.80
C GLY A 134 1.64 19.16 3.24
N LEU A 135 0.46 18.64 2.93
CA LEU A 135 0.12 17.27 3.22
C LEU A 135 0.50 16.48 1.98
N SER A 136 1.12 15.31 2.14
CA SER A 136 1.50 14.46 0.99
C SER A 136 1.27 13.02 1.39
N PHE A 137 1.56 12.08 0.48
CA PHE A 137 1.30 10.66 0.82
C PHE A 137 2.53 9.76 0.59
N GLU A 138 2.86 8.92 1.57
CA GLU A 138 3.83 7.86 1.40
C GLU A 138 3.40 6.70 2.28
N VAL A 139 3.79 5.48 1.93
CA VAL A 139 3.46 4.28 2.70
C VAL A 139 4.67 3.36 2.63
N ALA A 140 4.90 2.63 3.71
CA ALA A 140 6.06 1.74 3.81
C ALA A 140 5.55 0.31 3.59
N LEU A 141 6.33 -0.49 2.88
CA LEU A 141 5.98 -1.86 2.60
C LEU A 141 7.20 -2.67 3.00
N GLU A 142 7.04 -3.74 3.76
CA GLU A 142 8.22 -4.52 4.16
C GLU A 142 8.23 -5.86 3.45
N GLY A 143 7.41 -5.95 2.40
CA GLY A 143 7.46 -7.10 1.51
C GLY A 143 8.71 -7.06 0.65
N ASP A 144 9.43 -5.93 0.73
CA ASP A 144 10.72 -5.74 0.03
C ASP A 144 10.65 -6.10 -1.46
N HIS A 145 9.73 -5.46 -2.14
CA HIS A 145 9.46 -5.76 -3.54
C HIS A 145 9.38 -4.48 -4.35
N ALA A 146 10.31 -3.57 -4.09
CA ALA A 146 10.35 -2.29 -4.82
C ALA A 146 10.44 -2.53 -6.34
N ALA A 147 11.07 -3.61 -6.77
CA ALA A 147 11.25 -3.92 -8.20
C ALA A 147 9.93 -4.37 -8.86
N ALA A 148 8.93 -4.73 -8.07
CA ALA A 148 7.66 -5.22 -8.60
C ALA A 148 6.54 -4.22 -8.41
N LEU A 149 6.78 -3.17 -7.63
CA LEU A 149 5.77 -2.15 -7.40
C LEU A 149 5.56 -1.26 -8.59
N SER A 150 4.31 -1.18 -8.99
CA SER A 150 3.88 -0.30 -10.07
C SER A 150 2.72 0.51 -9.50
N ALA A 151 2.46 1.64 -10.11
CA ALA A 151 1.38 2.53 -9.64
C ALA A 151 0.03 2.03 -10.14
N ASP A 152 0.03 0.98 -10.93
CA ASP A 152 -1.22 0.51 -11.54
C ASP A 152 -2.20 -0.03 -10.50
N ASN A 153 -1.68 -0.69 -9.47
CA ASN A 153 -2.56 -1.23 -8.41
C ASN A 153 -3.05 -0.12 -7.50
N ILE A 154 -2.45 1.07 -7.63
CA ILE A 154 -2.87 2.22 -6.85
C ILE A 154 -4.06 2.85 -7.60
N VAL A 155 -5.21 2.93 -6.95
CA VAL A 155 -6.44 3.40 -7.63
C VAL A 155 -6.73 4.90 -7.40
N PHE A 156 -6.56 5.63 -8.49
CA PHE A 156 -6.80 7.08 -8.53
C PHE A 156 -7.36 7.52 -9.90
N ALA A 157 -7.28 6.65 -10.90
CA ALA A 157 -7.74 6.92 -12.26
C ALA A 157 -9.29 6.87 -12.40
N ALA A 158 -9.99 7.63 -11.57
CA ALA A 158 -11.47 7.71 -11.61
C ALA A 158 -12.18 6.35 -11.41
N THR A 159 -11.50 5.45 -10.71
CA THR A 159 -11.95 4.09 -10.38
C THR A 159 -12.38 3.14 -11.52
N ASP A 160 -12.28 3.58 -12.76
CA ASP A 160 -12.74 2.76 -13.88
C ASP A 160 -11.61 1.86 -14.38
N ALA A 161 -11.93 0.59 -14.60
CA ALA A 161 -10.99 -0.38 -15.15
C ALA A 161 -10.67 -0.04 -16.61
N ALA A 162 -11.48 0.84 -17.19
CA ALA A 162 -11.27 1.30 -18.56
C ALA A 162 -9.93 2.05 -18.70
N ALA A 163 -9.48 2.66 -17.61
CA ALA A 163 -8.26 3.45 -17.60
C ALA A 163 -7.02 2.58 -17.62
N ALA A 164 -5.91 3.20 -17.99
CA ALA A 164 -4.60 2.58 -18.03
C ALA A 164 -4.53 1.40 -19.00
N GLY A 165 -3.59 0.50 -18.79
CA GLY A 165 -3.39 -0.63 -19.70
C GLY A 165 -2.39 -0.32 -20.81
N GLU A 166 -1.89 0.90 -20.80
CA GLU A 166 -0.90 1.37 -21.78
C GLU A 166 0.47 1.41 -21.13
N LEU A 167 1.40 0.58 -21.61
CA LEU A 167 2.75 0.53 -21.03
C LEU A 167 3.78 0.78 -22.14
N GLY A 168 4.82 1.55 -21.82
CA GLY A 168 5.85 1.90 -22.80
C GLY A 168 7.20 1.29 -22.43
N VAL A 169 7.18 0.18 -21.71
CA VAL A 169 8.41 -0.47 -21.25
C VAL A 169 9.00 -1.28 -22.40
N ILE A 170 8.15 -1.89 -23.19
CA ILE A 170 8.56 -2.77 -24.28
C ILE A 170 9.43 -2.03 -25.31
N GLY A 171 10.51 -2.68 -25.72
CA GLY A 171 11.45 -2.10 -26.67
C GLY A 171 12.89 -2.29 -26.20
N ALA A 172 13.80 -2.56 -27.12
CA ALA A 172 15.20 -2.80 -26.78
C ALA A 172 16.09 -2.39 -27.95
N SER A 173 17.37 -2.18 -27.66
CA SER A 173 18.37 -1.85 -28.67
C SER A 173 19.73 -2.33 -28.16
N GLY A 174 20.74 -2.40 -29.01
CA GLY A 174 22.04 -2.84 -28.55
C GLY A 174 23.08 -2.79 -29.65
N GLN A 175 24.27 -3.33 -29.39
CA GLN A 175 25.33 -3.37 -30.38
C GLN A 175 26.06 -4.73 -30.35
N PRO A 176 25.62 -5.67 -31.19
CA PRO A 176 26.32 -6.96 -31.22
C PRO A 176 27.67 -6.87 -31.94
N ASP A 177 28.54 -7.85 -31.71
CA ASP A 177 29.87 -7.90 -32.30
C ASP A 177 30.15 -9.29 -32.82
N ASP A 178 30.98 -9.39 -33.85
CA ASP A 178 31.38 -10.68 -34.43
C ASP A 178 32.90 -10.86 -34.41
N PRO A 179 33.46 -11.15 -33.22
CA PRO A 179 34.92 -11.33 -33.20
C PRO A 179 35.34 -12.68 -33.75
N THR A 180 36.61 -12.76 -34.14
CA THR A 180 37.19 -14.04 -34.56
C THR A 180 38.45 -14.36 -33.78
N VAL A 181 38.88 -13.42 -32.92
CA VAL A 181 40.04 -13.63 -32.04
C VAL A 181 39.74 -14.75 -31.04
CA CA B . -7.06 0.68 17.28
CA CA C . -9.80 -12.12 6.25
CA CA D . -4.38 3.03 14.05
CA CA E . -6.53 -11.17 2.73
CA CA F . -2.52 4.96 10.10
CA CA G . -2.93 -10.22 -0.41
N ALA A 1 -15.82 -28.69 14.28
CA ALA A 1 -15.18 -27.34 14.21
C ALA A 1 -16.05 -26.29 14.90
N ASP A 2 -15.42 -25.24 15.43
CA ASP A 2 -16.14 -24.15 16.07
C ASP A 2 -15.36 -22.84 15.93
N PRO A 3 -15.76 -21.95 14.99
CA PRO A 3 -14.97 -20.73 14.78
C PRO A 3 -15.02 -19.77 15.97
N GLY A 4 -13.93 -19.05 16.22
CA GLY A 4 -13.85 -18.14 17.35
C GLY A 4 -12.94 -16.93 17.13
N VAL A 5 -13.05 -16.30 15.97
CA VAL A 5 -12.19 -15.17 15.58
C VAL A 5 -12.14 -14.01 16.60
N GLU A 6 -10.91 -13.60 16.93
CA GLU A 6 -10.69 -12.54 17.91
C GLU A 6 -10.57 -11.18 17.24
N GLY A 7 -10.51 -11.19 15.92
CA GLY A 7 -10.41 -9.97 15.14
C GLY A 7 -11.72 -9.27 14.92
N THR A 8 -11.77 -8.60 13.77
CA THR A 8 -12.87 -7.70 13.31
C THR A 8 -12.86 -6.38 14.13
N PRO A 9 -13.42 -5.27 13.57
CA PRO A 9 -13.36 -3.99 14.27
C PRO A 9 -14.21 -3.90 15.55
N VAL A 10 -14.89 -4.98 15.88
CA VAL A 10 -15.88 -4.97 16.96
C VAL A 10 -15.27 -4.77 18.35
N VAL A 11 -13.96 -4.91 18.50
CA VAL A 11 -13.29 -4.74 19.79
C VAL A 11 -12.03 -3.87 19.73
N GLY A 12 -11.95 -2.91 20.65
CA GLY A 12 -10.75 -2.10 20.86
C GLY A 12 -10.38 -1.05 19.81
N SER A 13 -11.32 -0.74 18.92
CA SER A 13 -11.00 0.10 17.78
C SER A 13 -10.29 1.42 18.15
N ASP A 14 -10.71 2.10 19.21
CA ASP A 14 -10.15 3.43 19.55
C ASP A 14 -8.79 3.44 20.26
N LEU A 15 -8.17 2.29 20.41
CA LEU A 15 -6.90 2.20 21.12
C LEU A 15 -5.99 1.13 20.49
N ASP A 16 -4.77 0.97 20.98
CA ASP A 16 -3.82 0.01 20.40
C ASP A 16 -4.38 -1.41 20.39
N ASP A 17 -4.24 -2.07 19.25
CA ASP A 17 -4.88 -3.40 19.03
C ASP A 17 -3.90 -4.46 18.48
N GLU A 18 -4.23 -5.71 18.70
CA GLU A 18 -3.55 -6.84 18.08
C GLU A 18 -4.66 -7.78 17.51
N LEU A 19 -5.30 -7.36 16.43
CA LEU A 19 -6.44 -8.09 15.87
C LEU A 19 -6.07 -9.13 14.80
N HIS A 20 -6.49 -10.36 15.01
CA HIS A 20 -6.29 -11.44 14.02
C HIS A 20 -7.62 -11.85 13.37
N GLY A 21 -7.78 -11.53 12.09
CA GLY A 21 -9.04 -11.77 11.40
C GLY A 21 -9.26 -13.20 10.90
N THR A 22 -10.44 -13.43 10.33
CA THR A 22 -10.84 -14.76 9.81
C THR A 22 -10.03 -15.12 8.59
N LEU A 23 -10.17 -16.35 8.15
CA LEU A 23 -9.62 -16.78 6.87
C LEU A 23 -10.61 -16.51 5.74
N GLY A 24 -11.54 -15.60 5.95
CA GLY A 24 -12.50 -15.19 4.92
C GLY A 24 -12.56 -13.69 4.75
N SER A 25 -13.48 -13.19 3.93
CA SER A 25 -13.56 -11.75 3.63
C SER A 25 -14.06 -10.91 4.79
N GLU A 26 -13.37 -9.80 5.08
CA GLU A 26 -13.74 -8.92 6.18
C GLU A 26 -13.47 -7.46 5.84
N GLN A 27 -14.16 -6.58 6.56
CA GLN A 27 -13.74 -5.20 6.63
C GLN A 27 -13.00 -5.11 7.96
N ILE A 28 -11.85 -4.49 7.97
CA ILE A 28 -11.02 -4.33 9.19
C ILE A 28 -10.71 -2.85 9.29
N LEU A 29 -11.18 -2.20 10.35
CA LEU A 29 -10.91 -0.80 10.56
C LEU A 29 -10.06 -0.69 11.83
N GLY A 30 -8.85 -0.22 11.67
CA GLY A 30 -7.96 -0.09 12.82
C GLY A 30 -8.39 0.93 13.85
N GLY A 31 -8.97 2.03 13.40
CA GLY A 31 -9.42 3.07 14.33
C GLY A 31 -8.25 3.77 14.99
N GLY A 32 -8.45 4.18 16.22
CA GLY A 32 -7.44 4.90 16.98
C GLY A 32 -6.31 3.98 17.40
N GLY A 33 -5.22 4.58 17.82
CA GLY A 33 -4.11 3.83 18.37
C GLY A 33 -3.19 3.20 17.33
N ALA A 34 -2.00 2.81 17.77
CA ALA A 34 -1.02 2.18 16.91
C ALA A 34 -1.36 0.68 16.88
N ASP A 35 -1.90 0.24 15.77
CA ASP A 35 -2.47 -1.09 15.72
C ASP A 35 -1.59 -2.08 14.99
N GLN A 36 -1.76 -3.34 15.30
CA GLN A 36 -1.06 -4.44 14.66
C GLN A 36 -2.13 -5.37 14.10
N LEU A 37 -2.46 -5.14 12.84
CA LEU A 37 -3.61 -5.80 12.21
C LEU A 37 -3.17 -6.96 11.32
N TYR A 38 -3.92 -8.07 11.35
CA TYR A 38 -3.59 -9.26 10.56
C TYR A 38 -4.86 -9.80 9.89
N GLY A 39 -5.02 -9.53 8.61
CA GLY A 39 -6.21 -9.98 7.89
C GLY A 39 -6.19 -11.41 7.36
N TYR A 40 -5.02 -12.04 7.20
CA TYR A 40 -4.91 -13.43 6.70
C TYR A 40 -5.68 -13.72 5.40
N ALA A 41 -6.13 -14.96 5.20
CA ALA A 41 -6.85 -15.31 3.98
C ALA A 41 -8.18 -14.53 3.81
N GLY A 42 -8.67 -14.54 2.58
CA GLY A 42 -9.90 -13.82 2.23
C GLY A 42 -9.60 -12.48 1.57
N ASN A 43 -10.54 -11.98 0.79
CA ASN A 43 -10.44 -10.63 0.21
C ASN A 43 -10.79 -9.63 1.31
N ASP A 44 -9.80 -8.94 1.85
CA ASP A 44 -10.05 -8.13 3.05
C ASP A 44 -9.95 -6.65 2.72
N LEU A 45 -10.67 -5.84 3.47
CA LEU A 45 -10.69 -4.39 3.29
C LEU A 45 -10.11 -3.75 4.56
N LEU A 46 -8.83 -3.47 4.56
CA LEU A 46 -8.10 -2.94 5.74
C LEU A 46 -7.92 -1.43 5.69
N ASP A 47 -8.33 -0.78 6.76
CA ASP A 47 -8.13 0.66 6.93
C ASP A 47 -7.39 0.78 8.25
N GLY A 48 -6.54 1.81 8.39
CA GLY A 48 -5.73 1.92 9.59
C GLY A 48 -6.24 2.89 10.66
N GLY A 49 -6.76 4.04 10.27
CA GLY A 49 -7.22 5.03 11.24
C GLY A 49 -6.02 5.73 11.87
N ALA A 50 -6.27 6.59 12.85
CA ALA A 50 -5.22 7.36 13.52
C ALA A 50 -4.12 6.47 14.11
N GLY A 51 -2.91 7.01 14.14
CA GLY A 51 -1.74 6.28 14.63
C GLY A 51 -1.03 5.56 13.50
N ARG A 52 0.27 5.31 13.62
CA ARG A 52 1.02 4.58 12.61
C ARG A 52 0.67 3.13 12.86
N ASP A 53 0.19 2.46 11.83
CA ASP A 53 -0.32 1.11 11.96
C ASP A 53 0.64 0.16 11.28
N LYS A 54 0.62 -1.07 11.78
CA LYS A 54 1.39 -2.16 11.26
C LYS A 54 0.32 -3.13 10.78
N LEU A 55 0.31 -3.51 9.52
CA LEU A 55 -0.82 -4.29 9.00
C LEU A 55 -0.45 -5.32 7.96
N SER A 56 -0.93 -6.53 8.16
CA SER A 56 -0.73 -7.63 7.22
C SER A 56 -2.06 -7.84 6.53
N GLY A 57 -2.09 -7.95 5.22
CA GLY A 57 -3.32 -8.21 4.51
C GLY A 57 -3.52 -9.70 4.29
N GLY A 58 -2.44 -10.48 4.23
CA GLY A 58 -2.58 -11.93 4.01
C GLY A 58 -2.88 -12.30 2.56
N GLU A 59 -3.22 -13.55 2.34
CA GLU A 59 -3.58 -14.02 1.00
C GLU A 59 -4.89 -13.36 0.52
N GLY A 60 -5.14 -13.44 -0.79
CA GLY A 60 -6.33 -12.85 -1.38
C GLY A 60 -6.13 -11.42 -1.83
N ALA A 61 -6.99 -10.92 -2.72
CA ALA A 61 -6.88 -9.56 -3.22
C ALA A 61 -7.40 -8.58 -2.18
N ASP A 62 -6.49 -7.94 -1.49
CA ASP A 62 -6.84 -7.06 -0.39
C ASP A 62 -6.96 -5.61 -0.83
N THR A 63 -7.75 -4.85 -0.10
CA THR A 63 -8.00 -3.47 -0.46
C THR A 63 -7.58 -2.63 0.74
N PHE A 64 -6.74 -1.65 0.45
CA PHE A 64 -6.32 -0.71 1.46
C PHE A 64 -6.82 0.66 1.04
N ARG A 65 -8.09 0.91 1.35
CA ARG A 65 -8.72 2.18 0.99
C ARG A 65 -8.33 3.25 1.95
N PHE A 66 -8.03 2.82 3.18
CA PHE A 66 -7.78 3.71 4.33
C PHE A 66 -9.04 4.46 4.76
N ALA A 67 -9.10 4.84 6.03
CA ALA A 67 -10.35 5.30 6.64
C ALA A 67 -10.68 6.77 6.35
N LEU A 68 -9.72 7.64 6.60
CA LEU A 68 -9.94 9.09 6.53
C LEU A 68 -8.88 9.72 5.70
N ARG A 69 -9.09 10.99 5.36
CA ARG A 69 -8.11 11.83 4.67
C ARG A 69 -6.79 11.86 5.42
N GLU A 70 -6.89 11.68 6.72
CA GLU A 70 -5.73 11.68 7.61
C GLU A 70 -4.86 10.41 7.58
N ASP A 71 -5.35 9.33 6.97
CA ASP A 71 -4.63 8.05 7.00
C ASP A 71 -3.38 8.02 6.11
N SER A 72 -2.31 7.49 6.68
CA SER A 72 -1.04 7.29 5.97
C SER A 72 -0.54 8.54 5.25
N HIS A 73 -0.66 9.69 5.91
CA HIS A 73 -0.22 10.97 5.33
C HIS A 73 1.04 11.47 6.00
N ARG A 74 1.71 12.40 5.34
CA ARG A 74 2.92 13.03 5.84
C ARG A 74 2.58 14.49 5.83
N SER A 75 3.09 15.21 6.82
CA SER A 75 2.77 16.61 7.06
C SER A 75 4.03 17.36 7.46
N PRO A 76 3.98 18.71 7.56
CA PRO A 76 5.17 19.43 8.08
C PRO A 76 5.56 19.04 9.50
N LEU A 77 4.62 18.44 10.24
CA LEU A 77 4.87 18.01 11.61
C LEU A 77 5.63 16.69 11.68
N GLY A 78 5.54 15.90 10.62
CA GLY A 78 6.18 14.59 10.59
C GLY A 78 5.40 13.60 9.75
N THR A 79 5.80 12.33 9.77
CA THR A 79 5.10 11.31 9.00
C THR A 79 4.17 10.47 9.90
N PHE A 80 2.99 10.21 9.36
CA PHE A 80 2.02 9.33 9.98
C PHE A 80 1.70 8.23 8.98
N GLY A 81 2.69 7.92 8.14
CA GLY A 81 2.56 6.88 7.13
C GLY A 81 2.36 5.53 7.81
N ASP A 82 1.58 4.65 7.19
CA ASP A 82 1.31 3.32 7.73
C ASP A 82 2.26 2.29 7.13
N ARG A 83 2.38 1.12 7.75
CA ARG A 83 3.41 0.13 7.38
C ARG A 83 2.80 -1.25 7.06
N ILE A 84 2.71 -1.60 5.78
CA ILE A 84 2.13 -2.86 5.41
C ILE A 84 3.23 -3.91 5.45
N LEU A 85 2.94 -5.07 6.03
CA LEU A 85 3.99 -6.09 6.20
C LEU A 85 4.13 -7.05 5.03
N ASP A 86 3.02 -7.51 4.48
CA ASP A 86 3.03 -8.59 3.45
C ASP A 86 2.26 -8.25 2.17
N PHE A 87 2.42 -7.01 1.71
CA PHE A 87 1.72 -6.55 0.51
C PHE A 87 2.05 -7.36 -0.74
N ASP A 88 1.05 -7.58 -1.58
CA ASP A 88 1.24 -8.29 -2.86
C ASP A 88 0.90 -7.34 -4.01
N PRO A 89 1.91 -6.73 -4.67
CA PRO A 89 1.62 -5.69 -5.66
C PRO A 89 0.94 -6.13 -6.96
N SER A 90 0.64 -7.40 -7.10
CA SER A 90 -0.09 -7.90 -8.27
C SER A 90 -1.59 -8.12 -7.92
N GLN A 91 -1.87 -8.56 -6.71
CA GLN A 91 -3.25 -8.84 -6.32
C GLN A 91 -3.92 -7.73 -5.52
N ASP A 92 -3.16 -7.13 -4.63
CA ASP A 92 -3.69 -6.16 -3.70
C ASP A 92 -3.77 -4.79 -4.35
N ARG A 93 -4.54 -3.89 -3.74
CA ARG A 93 -4.74 -2.53 -4.27
C ARG A 93 -4.80 -1.48 -3.14
N ILE A 94 -4.30 -0.27 -3.39
CA ILE A 94 -4.29 0.80 -2.39
C ILE A 94 -4.96 2.02 -3.00
N ASP A 95 -5.89 2.65 -2.27
CA ASP A 95 -6.51 3.89 -2.75
C ASP A 95 -5.69 5.09 -2.31
N VAL A 96 -5.63 6.09 -3.18
CA VAL A 96 -4.92 7.34 -2.91
C VAL A 96 -5.64 8.53 -3.57
N SER A 97 -6.80 8.25 -4.17
CA SER A 97 -7.53 9.23 -4.96
C SER A 97 -7.84 10.51 -4.18
N ALA A 98 -8.54 10.37 -3.06
CA ALA A 98 -8.92 11.50 -2.25
C ALA A 98 -7.80 11.98 -1.34
N LEU A 99 -6.76 11.16 -1.17
CA LEU A 99 -5.67 11.48 -0.23
C LEU A 99 -4.57 12.28 -0.87
N GLY A 100 -4.07 11.74 -1.99
CA GLY A 100 -2.90 12.31 -2.63
C GLY A 100 -3.12 13.02 -3.94
N PHE A 101 -3.54 12.29 -4.96
CA PHE A 101 -3.60 12.84 -6.31
C PHE A 101 -4.59 12.06 -7.18
N SER A 102 -4.90 12.59 -8.34
CA SER A 102 -5.79 11.95 -9.32
C SER A 102 -5.02 11.43 -10.57
N GLY A 103 -3.87 12.03 -10.84
CA GLY A 103 -2.96 11.55 -11.88
C GLY A 103 -1.67 11.23 -11.18
N LEU A 104 -0.97 10.20 -11.62
CA LEU A 104 0.23 9.72 -10.92
C LEU A 104 1.33 10.79 -10.76
N GLY A 105 2.14 10.62 -9.72
CA GLY A 105 3.23 11.53 -9.46
C GLY A 105 4.53 11.13 -10.13
N ASN A 106 5.64 11.75 -9.72
CA ASN A 106 6.95 11.44 -10.27
C ASN A 106 7.31 9.97 -10.13
N GLY A 107 7.76 9.41 -11.23
CA GLY A 107 8.13 7.99 -11.32
C GLY A 107 8.12 7.62 -12.80
N TYR A 108 8.47 6.39 -13.16
CA TYR A 108 8.57 5.97 -14.56
C TYR A 108 8.06 4.56 -14.73
N ALA A 109 7.83 4.15 -15.98
CA ALA A 109 7.31 2.82 -16.31
C ALA A 109 5.98 2.54 -15.60
N GLY A 110 5.17 3.56 -15.41
CA GLY A 110 3.87 3.38 -14.77
C GLY A 110 4.01 3.11 -13.29
N SER A 111 4.93 3.83 -12.65
CA SER A 111 5.16 3.66 -11.21
C SER A 111 5.46 5.01 -10.60
N LEU A 112 5.61 5.04 -9.28
CA LEU A 112 6.04 6.24 -8.56
C LEU A 112 7.49 5.97 -8.14
N ALA A 113 8.22 6.99 -7.74
CA ALA A 113 9.62 6.77 -7.36
C ALA A 113 9.63 6.06 -6.00
N VAL A 114 10.22 4.87 -5.99
CA VAL A 114 10.27 4.05 -4.79
C VAL A 114 11.53 4.41 -3.98
N SER A 115 11.51 4.10 -2.70
CA SER A 115 12.63 4.40 -1.80
C SER A 115 12.96 3.17 -0.97
N VAL A 116 14.19 3.05 -0.52
CA VAL A 116 14.56 1.92 0.34
C VAL A 116 15.08 2.47 1.69
N SER A 117 15.07 1.63 2.69
CA SER A 117 15.73 1.97 3.95
C SER A 117 17.22 1.81 3.70
N ASP A 118 17.56 0.69 3.10
CA ASP A 118 18.93 0.31 2.74
C ASP A 118 18.68 -0.97 1.94
N ASP A 119 19.72 -1.79 1.75
CA ASP A 119 19.55 -3.03 1.00
C ASP A 119 18.54 -3.95 1.68
N GLY A 120 18.53 -3.95 3.00
CA GLY A 120 17.55 -4.73 3.76
C GLY A 120 16.44 -3.87 4.32
N THR A 121 15.84 -4.35 5.40
CA THR A 121 14.82 -3.59 6.14
C THR A 121 13.57 -3.33 5.27
N ARG A 122 13.00 -2.14 5.34
CA ARG A 122 11.74 -1.86 4.63
C ARG A 122 11.95 -1.00 3.40
N THR A 123 10.92 -0.94 2.59
CA THR A 123 10.88 -0.14 1.36
C THR A 123 9.77 0.89 1.58
N TYR A 124 9.71 1.91 0.77
CA TYR A 124 8.69 2.93 0.89
C TYR A 124 8.19 3.31 -0.49
N LEU A 125 6.95 3.75 -0.57
CA LEU A 125 6.35 4.24 -1.80
C LEU A 125 5.78 5.59 -1.44
N LYS A 126 6.31 6.65 -2.04
CA LYS A 126 5.98 8.01 -1.65
C LYS A 126 5.31 8.77 -2.77
N SER A 127 4.47 9.71 -2.38
CA SER A 127 3.91 10.67 -3.33
C SER A 127 4.82 11.86 -3.27
N TYR A 128 5.05 12.48 -4.41
CA TYR A 128 5.88 13.70 -4.48
C TYR A 128 4.98 14.85 -4.94
N GLU A 129 3.70 14.54 -4.94
CA GLU A 129 2.64 15.52 -5.12
C GLU A 129 2.28 15.96 -3.74
N ALA A 130 2.11 17.27 -3.53
CA ALA A 130 1.81 17.83 -2.21
C ALA A 130 0.63 18.79 -2.28
N ASP A 131 -0.07 18.90 -1.16
CA ASP A 131 -1.29 19.70 -1.02
C ASP A 131 -0.91 21.13 -0.68
N ALA A 132 -1.85 22.05 -0.79
CA ALA A 132 -1.62 23.47 -0.46
C ALA A 132 -1.21 23.65 1.04
N GLN A 133 -1.73 22.79 1.89
CA GLN A 133 -1.36 22.77 3.32
C GLN A 133 0.01 22.12 3.59
N GLY A 134 0.65 21.59 2.55
CA GLY A 134 1.96 20.97 2.70
C GLY A 134 1.87 19.53 3.07
N LEU A 135 0.67 18.96 2.94
CA LEU A 135 0.47 17.55 3.25
C LEU A 135 0.90 16.77 2.02
N SER A 136 1.22 15.50 2.21
CA SER A 136 1.65 14.60 1.13
C SER A 136 1.30 13.22 1.63
N PHE A 137 1.54 12.20 0.82
CA PHE A 137 1.15 10.83 1.20
C PHE A 137 2.34 9.87 1.07
N GLU A 138 2.56 8.96 2.03
CA GLU A 138 3.57 7.91 1.86
C GLU A 138 3.17 6.70 2.68
N VAL A 139 3.62 5.53 2.24
CA VAL A 139 3.31 4.28 2.94
C VAL A 139 4.56 3.40 2.83
N ALA A 140 4.84 2.68 3.92
CA ALA A 140 5.98 1.79 3.98
C ALA A 140 5.49 0.37 3.73
N LEU A 141 6.32 -0.43 3.10
CA LEU A 141 5.99 -1.82 2.77
C LEU A 141 7.27 -2.61 3.10
N GLU A 142 7.23 -3.74 3.79
CA GLU A 142 8.50 -4.46 4.10
C GLU A 142 8.78 -5.70 3.22
N GLY A 143 8.02 -5.85 2.14
CA GLY A 143 8.25 -6.95 1.23
C GLY A 143 9.49 -6.76 0.37
N ASP A 144 9.99 -5.53 0.35
CA ASP A 144 11.19 -5.15 -0.42
C ASP A 144 11.05 -5.54 -1.86
N HIS A 145 9.86 -5.29 -2.36
CA HIS A 145 9.42 -5.63 -3.73
C HIS A 145 9.29 -4.33 -4.51
N ALA A 146 10.26 -3.48 -4.27
CA ALA A 146 10.36 -2.19 -4.97
C ALA A 146 10.42 -2.34 -6.50
N ALA A 147 10.95 -3.42 -7.05
CA ALA A 147 10.99 -3.58 -8.49
C ALA A 147 9.63 -3.98 -9.07
N ALA A 148 8.85 -4.71 -8.29
CA ALA A 148 7.52 -5.13 -8.70
C ALA A 148 6.48 -4.00 -8.59
N LEU A 149 6.71 -3.10 -7.62
CA LEU A 149 5.77 -2.02 -7.33
C LEU A 149 5.60 -1.13 -8.55
N SER A 150 4.33 -0.90 -8.88
CA SER A 150 3.94 -0.05 -10.00
C SER A 150 2.76 0.76 -9.49
N ALA A 151 2.41 1.83 -10.16
CA ALA A 151 1.27 2.67 -9.78
C ALA A 151 -0.03 2.01 -10.27
N ASP A 152 0.11 0.82 -10.83
CA ASP A 152 -1.03 0.10 -11.39
C ASP A 152 -1.91 -0.51 -10.31
N ASN A 153 -1.32 -0.85 -9.17
CA ASN A 153 -2.08 -1.37 -8.03
C ASN A 153 -2.58 -0.23 -7.15
N ILE A 154 -2.12 0.97 -7.44
CA ILE A 154 -2.54 2.16 -6.71
C ILE A 154 -3.73 2.70 -7.51
N VAL A 155 -4.82 3.04 -6.86
CA VAL A 155 -6.00 3.46 -7.61
C VAL A 155 -6.35 4.93 -7.34
N PHE A 156 -6.60 5.66 -8.43
CA PHE A 156 -6.82 7.09 -8.37
C PHE A 156 -7.65 7.65 -9.53
N ALA A 157 -7.49 7.08 -10.71
CA ALA A 157 -8.11 7.60 -11.94
C ALA A 157 -9.56 7.13 -12.12
N ALA A 158 -10.41 7.48 -11.15
CA ALA A 158 -11.84 7.20 -11.19
C ALA A 158 -12.17 5.69 -11.29
N THR A 159 -11.23 4.83 -10.91
CA THR A 159 -11.41 3.37 -10.86
C THR A 159 -11.77 2.71 -12.21
N ASP A 160 -11.65 3.47 -13.29
CA ASP A 160 -12.00 2.96 -14.61
C ASP A 160 -10.79 2.30 -15.26
N ALA A 161 -10.95 1.08 -15.75
CA ALA A 161 -9.87 0.37 -16.42
C ALA A 161 -9.48 1.06 -17.74
N ALA A 162 -10.33 1.95 -18.23
CA ALA A 162 -10.06 2.68 -19.47
C ALA A 162 -8.90 3.67 -19.31
N ALA A 163 -8.59 4.03 -18.06
CA ALA A 163 -7.53 4.99 -17.77
C ALA A 163 -6.14 4.34 -17.76
N ALA A 164 -5.11 5.15 -17.97
CA ALA A 164 -3.71 4.72 -17.93
C ALA A 164 -3.40 3.57 -18.93
N GLY A 165 -2.26 2.89 -18.72
CA GLY A 165 -1.86 1.79 -19.59
C GLY A 165 -0.86 2.16 -20.68
N GLU A 166 -0.46 3.42 -20.73
CA GLU A 166 0.49 3.89 -21.74
C GLU A 166 1.92 3.45 -21.40
N LEU A 167 2.46 2.53 -22.21
CA LEU A 167 3.80 2.03 -22.01
C LEU A 167 4.61 2.09 -23.31
N GLY A 168 5.93 2.15 -23.16
CA GLY A 168 6.84 2.23 -24.30
C GLY A 168 8.02 1.29 -24.07
N VAL A 169 7.73 0.12 -23.53
CA VAL A 169 8.76 -0.88 -23.17
C VAL A 169 9.30 -1.54 -24.44
N ILE A 170 8.40 -1.74 -25.40
CA ILE A 170 8.77 -2.43 -26.66
C ILE A 170 9.87 -1.66 -27.42
N GLY A 171 10.90 -2.40 -27.82
CA GLY A 171 12.05 -1.83 -28.51
C GLY A 171 13.35 -2.43 -28.03
N ALA A 172 14.37 -2.41 -28.86
CA ALA A 172 15.68 -2.97 -28.52
C ALA A 172 16.70 -2.42 -29.49
N SER A 173 17.97 -2.67 -29.22
CA SER A 173 19.05 -2.34 -30.12
C SER A 173 20.15 -3.38 -29.85
N GLY A 174 21.18 -3.46 -30.69
CA GLY A 174 22.25 -4.40 -30.42
C GLY A 174 23.55 -4.09 -31.10
N GLN A 175 24.63 -4.31 -30.37
CA GLN A 175 26.00 -4.13 -30.87
C GLN A 175 26.78 -5.39 -30.49
N PRO A 176 26.63 -6.48 -31.26
CA PRO A 176 27.27 -7.74 -30.85
C PRO A 176 28.79 -7.71 -30.94
N ASP A 177 29.40 -8.56 -30.15
CA ASP A 177 30.87 -8.66 -30.04
C ASP A 177 31.25 -10.07 -30.43
N ASP A 178 32.45 -10.27 -30.96
CA ASP A 178 32.88 -11.59 -31.39
C ASP A 178 34.38 -11.92 -31.14
N PRO A 179 34.81 -11.98 -29.86
CA PRO A 179 36.23 -12.34 -29.66
C PRO A 179 36.48 -13.82 -29.98
N THR A 180 37.69 -14.15 -30.41
CA THR A 180 38.06 -15.53 -30.80
C THR A 180 39.45 -15.91 -30.26
N VAL A 181 39.87 -15.22 -29.21
CA VAL A 181 41.18 -15.44 -28.58
C VAL A 181 41.27 -16.86 -28.03
CA CA B . -7.25 0.39 17.29
CA CA C . -9.61 -12.25 6.37
CA CA D . -4.90 2.98 14.08
CA CA E . -6.50 -11.13 2.88
CA CA F . -2.79 5.09 10.27
CA CA G . -2.91 -10.00 -0.37
N ALA A 1 -13.22 -26.61 14.13
CA ALA A 1 -13.01 -25.19 14.58
C ALA A 1 -14.23 -24.73 15.34
N ASP A 2 -14.03 -23.73 16.18
CA ASP A 2 -15.09 -23.14 17.00
C ASP A 2 -15.04 -21.61 16.77
N PRO A 3 -16.13 -21.00 16.29
CA PRO A 3 -15.97 -19.56 16.01
C PRO A 3 -15.80 -18.72 17.28
N GLY A 4 -15.01 -17.66 17.17
CA GLY A 4 -14.73 -16.78 18.28
C GLY A 4 -13.67 -15.76 17.93
N VAL A 5 -13.83 -15.14 16.77
CA VAL A 5 -12.83 -14.20 16.24
C VAL A 5 -12.60 -13.04 17.24
N GLU A 6 -11.33 -12.73 17.46
CA GLU A 6 -10.95 -11.69 18.43
C GLU A 6 -10.65 -10.40 17.68
N GLY A 7 -10.53 -10.50 16.37
CA GLY A 7 -10.29 -9.34 15.54
C GLY A 7 -11.53 -8.60 15.19
N THR A 8 -11.53 -8.00 14.00
CA THR A 8 -12.63 -7.21 13.42
C THR A 8 -12.79 -5.86 14.15
N PRO A 9 -13.44 -4.85 13.52
CA PRO A 9 -13.53 -3.51 14.12
C PRO A 9 -14.37 -3.37 15.40
N VAL A 10 -14.92 -4.47 15.91
CA VAL A 10 -15.91 -4.45 16.97
C VAL A 10 -15.43 -3.89 18.32
N VAL A 11 -14.12 -3.92 18.61
CA VAL A 11 -13.65 -3.44 19.92
C VAL A 11 -12.29 -2.76 19.88
N GLY A 12 -12.18 -1.70 20.65
CA GLY A 12 -10.90 -1.03 20.88
C GLY A 12 -10.40 -0.14 19.75
N SER A 13 -11.26 0.11 18.76
CA SER A 13 -10.83 0.78 17.55
C SER A 13 -10.06 2.07 17.79
N ASP A 14 -10.45 2.89 18.77
CA ASP A 14 -9.78 4.19 18.98
C ASP A 14 -8.49 4.13 19.78
N LEU A 15 -7.98 2.94 20.06
CA LEU A 15 -6.68 2.79 20.76
C LEU A 15 -5.88 1.60 20.22
N ASP A 16 -4.64 1.40 20.65
CA ASP A 16 -3.75 0.36 20.09
C ASP A 16 -4.28 -1.09 20.19
N ASP A 17 -4.36 -1.75 19.05
CA ASP A 17 -4.92 -3.11 18.92
C ASP A 17 -4.00 -4.15 18.30
N GLU A 18 -4.37 -5.42 18.47
CA GLU A 18 -3.76 -6.56 17.77
C GLU A 18 -4.90 -7.43 17.19
N LEU A 19 -5.51 -6.98 16.09
CA LEU A 19 -6.67 -7.67 15.52
C LEU A 19 -6.31 -8.72 14.48
N HIS A 20 -6.69 -9.96 14.74
CA HIS A 20 -6.44 -11.06 13.82
C HIS A 20 -7.74 -11.56 13.21
N GLY A 21 -7.80 -11.58 11.88
CA GLY A 21 -9.00 -11.96 11.18
C GLY A 21 -9.14 -13.44 10.91
N THR A 22 -10.31 -13.79 10.40
CA THR A 22 -10.64 -15.15 9.97
C THR A 22 -10.16 -15.38 8.54
N LEU A 23 -10.31 -16.61 8.05
CA LEU A 23 -9.88 -17.01 6.70
C LEU A 23 -10.87 -16.57 5.61
N GLY A 24 -11.91 -15.85 6.00
CA GLY A 24 -12.91 -15.33 5.06
C GLY A 24 -12.76 -13.84 4.78
N SER A 25 -13.60 -13.30 3.90
CA SER A 25 -13.58 -11.86 3.58
C SER A 25 -14.09 -11.00 4.75
N GLU A 26 -13.34 -9.97 5.13
CA GLU A 26 -13.70 -9.10 6.25
C GLU A 26 -13.27 -7.67 5.98
N GLN A 27 -13.89 -6.71 6.69
CA GLN A 27 -13.36 -5.35 6.78
C GLN A 27 -12.53 -5.31 8.06
N ILE A 28 -11.38 -4.66 8.03
CA ILE A 28 -10.53 -4.53 9.21
C ILE A 28 -10.21 -3.04 9.33
N LEU A 29 -10.83 -2.37 10.28
CA LEU A 29 -10.59 -0.93 10.50
C LEU A 29 -9.74 -0.77 11.76
N GLY A 30 -8.54 -0.22 11.56
CA GLY A 30 -7.65 -0.01 12.68
C GLY A 30 -8.08 1.09 13.63
N GLY A 31 -8.57 2.22 13.10
CA GLY A 31 -8.95 3.34 13.97
C GLY A 31 -7.75 4.00 14.62
N GLY A 32 -7.95 4.53 15.80
CA GLY A 32 -6.88 5.20 16.55
C GLY A 32 -5.83 4.26 17.11
N GLY A 33 -4.73 4.86 17.56
CA GLY A 33 -3.63 4.09 18.15
C GLY A 33 -2.79 3.40 17.08
N ALA A 34 -1.64 2.90 17.46
CA ALA A 34 -0.77 2.15 16.54
C ALA A 34 -1.25 0.71 16.61
N ASP A 35 -1.68 0.17 15.47
CA ASP A 35 -2.31 -1.13 15.47
C ASP A 35 -1.49 -2.14 14.71
N GLN A 36 -1.69 -3.41 15.06
CA GLN A 36 -1.04 -4.56 14.43
C GLN A 36 -2.16 -5.45 13.85
N LEU A 37 -2.51 -5.19 12.58
CA LEU A 37 -3.67 -5.80 11.94
C LEU A 37 -3.27 -6.99 11.08
N TYR A 38 -4.02 -8.09 11.11
CA TYR A 38 -3.70 -9.27 10.33
C TYR A 38 -4.94 -9.84 9.63
N GLY A 39 -5.02 -9.64 8.33
CA GLY A 39 -6.21 -10.05 7.57
C GLY A 39 -6.28 -11.54 7.22
N TYR A 40 -5.12 -12.17 7.04
CA TYR A 40 -5.00 -13.58 6.63
C TYR A 40 -5.79 -13.88 5.34
N ALA A 41 -6.29 -15.10 5.15
CA ALA A 41 -6.96 -15.48 3.90
C ALA A 41 -8.30 -14.73 3.71
N GLY A 42 -8.77 -14.76 2.47
CA GLY A 42 -9.99 -14.05 2.10
C GLY A 42 -9.70 -12.67 1.52
N ASN A 43 -10.65 -12.11 0.77
CA ASN A 43 -10.47 -10.79 0.17
C ASN A 43 -10.79 -9.74 1.25
N ASP A 44 -9.76 -9.14 1.84
CA ASP A 44 -9.97 -8.28 3.02
C ASP A 44 -9.84 -6.80 2.69
N LEU A 45 -10.58 -5.99 3.44
CA LEU A 45 -10.57 -4.54 3.26
C LEU A 45 -9.93 -3.90 4.49
N LEU A 46 -8.62 -3.73 4.48
CA LEU A 46 -7.89 -3.20 5.62
C LEU A 46 -7.71 -1.68 5.54
N ASP A 47 -8.06 -0.99 6.61
CA ASP A 47 -7.86 0.45 6.74
C ASP A 47 -7.10 0.61 8.05
N GLY A 48 -6.22 1.60 8.15
CA GLY A 48 -5.42 1.75 9.37
C GLY A 48 -5.90 2.74 10.40
N GLY A 49 -6.50 3.84 9.96
CA GLY A 49 -6.89 4.92 10.86
C GLY A 49 -5.68 5.73 11.27
N ALA A 50 -5.83 6.48 12.34
CA ALA A 50 -4.74 7.30 12.90
C ALA A 50 -3.53 6.45 13.32
N GLY A 51 -2.38 7.13 13.46
CA GLY A 51 -1.15 6.53 13.97
C GLY A 51 -0.41 5.69 12.95
N ARG A 52 0.79 5.26 13.27
CA ARG A 52 1.55 4.40 12.37
C ARG A 52 1.07 2.99 12.62
N ASP A 53 0.62 2.31 11.60
CA ASP A 53 0.04 0.98 11.74
C ASP A 53 0.88 -0.07 11.02
N LYS A 54 0.81 -1.30 11.53
CA LYS A 54 1.52 -2.45 10.94
C LYS A 54 0.40 -3.37 10.48
N LEU A 55 0.45 -3.82 9.24
CA LEU A 55 -0.69 -4.60 8.71
C LEU A 55 -0.34 -5.67 7.69
N SER A 56 -0.80 -6.89 7.95
CA SER A 56 -0.67 -7.97 6.98
C SER A 56 -1.98 -8.13 6.24
N GLY A 57 -1.92 -8.24 4.93
CA GLY A 57 -3.13 -8.49 4.17
C GLY A 57 -3.43 -9.99 4.01
N GLY A 58 -2.39 -10.81 3.90
CA GLY A 58 -2.58 -12.24 3.73
C GLY A 58 -2.96 -12.68 2.34
N GLU A 59 -3.35 -13.94 2.21
CA GLU A 59 -3.78 -14.45 0.93
C GLU A 59 -5.10 -13.80 0.49
N GLY A 60 -5.42 -13.90 -0.78
CA GLY A 60 -6.64 -13.28 -1.32
C GLY A 60 -6.35 -11.87 -1.83
N ALA A 61 -7.27 -11.34 -2.62
CA ALA A 61 -7.12 -10.01 -3.22
C ALA A 61 -7.62 -8.95 -2.25
N ASP A 62 -6.68 -8.24 -1.65
CA ASP A 62 -6.98 -7.33 -0.55
C ASP A 62 -7.08 -5.90 -1.04
N THR A 63 -7.89 -5.11 -0.35
CA THR A 63 -8.09 -3.71 -0.70
C THR A 63 -7.70 -2.84 0.49
N PHE A 64 -6.82 -1.88 0.25
CA PHE A 64 -6.38 -0.96 1.29
C PHE A 64 -6.88 0.43 0.91
N ARG A 65 -8.09 0.77 1.31
CA ARG A 65 -8.66 2.06 0.89
C ARG A 65 -8.27 3.20 1.78
N PHE A 66 -7.90 2.84 3.01
CA PHE A 66 -7.59 3.78 4.08
C PHE A 66 -8.81 4.57 4.56
N ALA A 67 -8.86 4.79 5.85
CA ALA A 67 -10.10 5.21 6.51
C ALA A 67 -10.52 6.66 6.23
N LEU A 68 -9.62 7.59 6.48
CA LEU A 68 -9.89 9.03 6.35
C LEU A 68 -8.75 9.73 5.65
N ARG A 69 -8.93 11.02 5.41
CA ARG A 69 -7.89 11.90 4.85
C ARG A 69 -6.59 11.86 5.65
N GLU A 70 -6.72 11.56 6.94
CA GLU A 70 -5.59 11.49 7.87
C GLU A 70 -4.76 10.21 7.77
N ASP A 71 -5.25 9.21 7.04
CA ASP A 71 -4.56 7.91 6.98
C ASP A 71 -3.32 7.98 6.10
N SER A 72 -2.28 7.32 6.60
CA SER A 72 -1.01 7.12 5.88
C SER A 72 -0.49 8.38 5.18
N HIS A 73 -0.63 9.50 5.88
CA HIS A 73 -0.17 10.77 5.37
C HIS A 73 1.12 11.18 6.09
N ARG A 74 1.79 12.17 5.54
CA ARG A 74 3.01 12.73 6.10
C ARG A 74 2.74 14.20 6.18
N SER A 75 3.26 14.82 7.22
CA SER A 75 3.03 16.24 7.49
C SER A 75 4.36 16.88 7.88
N PRO A 76 4.47 18.22 7.91
CA PRO A 76 5.73 18.83 8.39
C PRO A 76 6.03 18.50 9.86
N LEU A 77 4.99 18.17 10.62
CA LEU A 77 5.12 17.80 12.05
C LEU A 77 5.75 16.42 12.20
N GLY A 78 5.62 15.62 11.17
CA GLY A 78 6.13 14.25 11.18
C GLY A 78 5.28 13.35 10.34
N THR A 79 5.66 12.08 10.21
CA THR A 79 4.91 11.15 9.36
C THR A 79 3.94 10.29 10.14
N PHE A 80 2.92 9.84 9.44
CA PHE A 80 1.92 8.93 9.98
C PHE A 80 1.68 7.87 8.91
N GLY A 81 2.69 7.66 8.05
CA GLY A 81 2.62 6.66 6.99
C GLY A 81 2.47 5.26 7.55
N ASP A 82 1.76 4.39 6.85
CA ASP A 82 1.54 3.02 7.38
C ASP A 82 2.49 2.01 6.79
N ARG A 83 2.55 0.83 7.41
CA ARG A 83 3.55 -0.21 7.05
C ARG A 83 2.88 -1.52 6.69
N ILE A 84 2.75 -1.80 5.39
CA ILE A 84 2.12 -3.03 4.97
C ILE A 84 3.19 -4.09 5.00
N LEU A 85 2.87 -5.26 5.53
CA LEU A 85 3.88 -6.29 5.77
C LEU A 85 4.12 -7.27 4.62
N ASP A 86 3.04 -7.76 4.01
CA ASP A 86 3.13 -8.87 3.02
C ASP A 86 2.34 -8.60 1.72
N PHE A 87 2.27 -7.33 1.36
CA PHE A 87 1.49 -6.86 0.20
C PHE A 87 1.77 -7.63 -1.10
N ASP A 88 0.73 -7.94 -1.86
CA ASP A 88 0.87 -8.66 -3.12
C ASP A 88 0.63 -7.68 -4.27
N PRO A 89 1.68 -7.27 -5.00
CA PRO A 89 1.42 -6.23 -6.00
C PRO A 89 0.59 -6.63 -7.26
N SER A 90 0.31 -7.91 -7.41
CA SER A 90 -0.49 -8.39 -8.54
C SER A 90 -1.97 -8.56 -8.14
N GLN A 91 -2.21 -8.99 -6.92
CA GLN A 91 -3.58 -9.33 -6.47
C GLN A 91 -4.24 -8.24 -5.69
N ASP A 92 -3.46 -7.55 -4.87
CA ASP A 92 -4.00 -6.55 -3.94
C ASP A 92 -4.11 -5.19 -4.63
N ARG A 93 -4.82 -4.27 -4.01
CA ARG A 93 -5.01 -2.92 -4.57
C ARG A 93 -5.08 -1.88 -3.42
N ILE A 94 -4.62 -0.66 -3.68
CA ILE A 94 -4.61 0.39 -2.68
C ILE A 94 -5.36 1.60 -3.26
N ASP A 95 -6.27 2.21 -2.50
CA ASP A 95 -6.95 3.46 -2.95
C ASP A 95 -6.20 4.63 -2.36
N VAL A 96 -6.12 5.70 -3.12
CA VAL A 96 -5.41 6.88 -2.68
C VAL A 96 -6.11 8.17 -3.15
N SER A 97 -7.10 8.05 -4.03
CA SER A 97 -7.77 9.22 -4.63
C SER A 97 -8.41 10.13 -3.59
N ALA A 98 -9.08 9.56 -2.59
CA ALA A 98 -9.79 10.37 -1.60
C ALA A 98 -8.87 11.11 -0.63
N LEU A 99 -7.62 10.66 -0.50
CA LEU A 99 -6.73 11.18 0.55
C LEU A 99 -5.38 11.73 0.10
N GLY A 100 -4.68 11.04 -0.79
CA GLY A 100 -3.35 11.50 -1.18
C GLY A 100 -3.35 12.34 -2.43
N PHE A 101 -3.52 11.68 -3.58
CA PHE A 101 -3.45 12.32 -4.88
C PHE A 101 -4.38 11.60 -5.84
N SER A 102 -4.64 12.21 -6.99
CA SER A 102 -5.45 11.58 -8.05
C SER A 102 -4.67 11.55 -9.35
N GLY A 103 -3.76 12.51 -9.53
CA GLY A 103 -2.85 12.48 -10.67
C GLY A 103 -1.51 11.97 -10.19
N LEU A 104 -0.99 10.87 -10.73
CA LEU A 104 0.27 10.33 -10.22
C LEU A 104 1.39 11.31 -10.52
N GLY A 105 2.38 11.29 -9.66
CA GLY A 105 3.47 12.27 -9.74
C GLY A 105 4.77 11.78 -10.35
N ASN A 106 5.84 12.32 -9.81
CA ASN A 106 7.20 12.01 -10.25
C ASN A 106 7.53 10.51 -10.08
N GLY A 107 8.13 9.92 -11.10
CA GLY A 107 8.47 8.49 -11.07
C GLY A 107 8.67 7.91 -12.47
N TYR A 108 8.93 6.61 -12.54
CA TYR A 108 9.14 5.94 -13.83
C TYR A 108 8.55 4.52 -13.76
N ALA A 109 8.65 3.77 -14.86
CA ALA A 109 8.14 2.39 -14.95
C ALA A 109 6.63 2.24 -14.63
N GLY A 110 5.86 3.28 -14.96
CA GLY A 110 4.41 3.24 -14.73
C GLY A 110 4.12 3.29 -13.23
N SER A 111 5.01 3.93 -12.48
CA SER A 111 4.89 4.04 -11.02
C SER A 111 5.37 5.41 -10.56
N LEU A 112 5.21 5.68 -9.28
CA LEU A 112 5.74 6.89 -8.67
C LEU A 112 7.10 6.45 -8.16
N ALA A 113 8.00 7.38 -7.87
CA ALA A 113 9.37 6.99 -7.54
C ALA A 113 9.45 6.25 -6.21
N VAL A 114 9.88 5.01 -6.25
CA VAL A 114 10.02 4.17 -5.08
C VAL A 114 11.30 4.54 -4.34
N SER A 115 11.38 4.14 -3.07
CA SER A 115 12.55 4.48 -2.26
C SER A 115 12.84 3.34 -1.29
N VAL A 116 13.95 3.37 -0.58
CA VAL A 116 14.28 2.32 0.39
C VAL A 116 14.56 2.96 1.76
N SER A 117 14.52 2.16 2.82
CA SER A 117 14.87 2.66 4.15
C SER A 117 16.39 2.66 4.23
N ASP A 118 16.99 1.61 3.69
CA ASP A 118 18.44 1.42 3.62
C ASP A 118 18.58 0.17 2.77
N ASP A 119 19.75 -0.47 2.79
CA ASP A 119 19.96 -1.68 2.03
C ASP A 119 19.06 -2.84 2.49
N GLY A 120 18.61 -2.78 3.74
CA GLY A 120 17.68 -3.74 4.28
C GLY A 120 16.41 -3.01 4.76
N THR A 121 15.73 -3.61 5.73
CA THR A 121 14.55 -3.00 6.36
C THR A 121 13.44 -2.75 5.30
N ARG A 122 12.57 -1.79 5.54
CA ARG A 122 11.42 -1.60 4.63
C ARG A 122 11.73 -0.82 3.36
N THR A 123 10.85 -1.01 2.38
CA THR A 123 10.89 -0.23 1.15
C THR A 123 9.76 0.77 1.25
N TYR A 124 9.80 1.82 0.44
CA TYR A 124 8.79 2.86 0.49
C TYR A 124 8.22 3.18 -0.89
N LEU A 125 6.98 3.62 -0.91
CA LEU A 125 6.33 4.14 -2.12
C LEU A 125 5.80 5.48 -1.70
N LYS A 126 6.26 6.53 -2.37
CA LYS A 126 5.97 7.90 -1.96
C LYS A 126 5.20 8.67 -3.01
N SER A 127 4.32 9.56 -2.56
CA SER A 127 3.73 10.53 -3.47
C SER A 127 4.65 11.72 -3.46
N TYR A 128 4.72 12.40 -4.59
CA TYR A 128 5.54 13.60 -4.71
C TYR A 128 4.61 14.76 -5.00
N GLU A 129 3.33 14.44 -5.06
CA GLU A 129 2.29 15.45 -5.09
C GLU A 129 2.02 15.76 -3.61
N ALA A 130 1.87 17.03 -3.29
CA ALA A 130 1.62 17.45 -1.93
C ALA A 130 0.71 18.67 -1.94
N ASP A 131 0.06 18.88 -0.81
CA ASP A 131 -0.79 20.07 -0.60
C ASP A 131 0.12 21.23 -0.23
N ALA A 132 -0.36 22.45 -0.37
CA ALA A 132 0.41 23.64 -0.03
C ALA A 132 0.72 23.68 1.47
N GLN A 133 -0.08 22.98 2.27
CA GLN A 133 0.16 22.83 3.69
C GLN A 133 1.39 21.96 4.01
N GLY A 134 1.91 21.26 3.00
CA GLY A 134 3.05 20.38 3.21
C GLY A 134 2.61 18.97 3.56
N LEU A 135 1.34 18.67 3.33
CA LEU A 135 0.78 17.35 3.59
C LEU A 135 0.98 16.49 2.34
N SER A 136 1.51 15.31 2.51
CA SER A 136 1.77 14.39 1.40
C SER A 136 1.40 12.98 1.80
N PHE A 137 1.59 12.02 0.92
CA PHE A 137 1.25 10.62 1.23
C PHE A 137 2.48 9.73 1.07
N GLU A 138 2.76 8.86 2.03
CA GLU A 138 3.80 7.84 1.87
C GLU A 138 3.38 6.59 2.60
N VAL A 139 3.84 5.43 2.13
CA VAL A 139 3.49 4.16 2.73
C VAL A 139 4.73 3.26 2.59
N ALA A 140 4.99 2.50 3.64
CA ALA A 140 6.14 1.62 3.68
C ALA A 140 5.65 0.20 3.44
N LEU A 141 6.45 -0.61 2.79
CA LEU A 141 6.10 -2.00 2.53
C LEU A 141 7.36 -2.81 2.85
N GLU A 142 7.29 -3.87 3.64
CA GLU A 142 8.52 -4.59 4.04
C GLU A 142 8.75 -5.85 3.20
N GLY A 143 7.91 -6.02 2.19
CA GLY A 143 8.06 -7.18 1.31
C GLY A 143 9.29 -7.07 0.41
N ASP A 144 9.86 -5.87 0.38
CA ASP A 144 11.05 -5.56 -0.43
C ASP A 144 10.83 -5.93 -1.89
N HIS A 145 9.77 -5.39 -2.44
CA HIS A 145 9.38 -5.61 -3.83
C HIS A 145 9.18 -4.25 -4.51
N ALA A 146 10.03 -3.28 -4.20
CA ALA A 146 9.93 -1.96 -4.79
C ALA A 146 10.10 -1.99 -6.29
N ALA A 147 10.97 -2.86 -6.80
CA ALA A 147 11.19 -2.97 -8.26
C ALA A 147 10.01 -3.70 -8.97
N ALA A 148 9.12 -4.28 -8.20
CA ALA A 148 7.92 -4.90 -8.76
C ALA A 148 6.70 -3.98 -8.69
N LEU A 149 6.72 -3.07 -7.70
CA LEU A 149 5.60 -2.14 -7.55
C LEU A 149 5.45 -1.24 -8.79
N SER A 150 4.20 -1.10 -9.19
CA SER A 150 3.82 -0.16 -10.23
C SER A 150 2.57 0.53 -9.72
N ALA A 151 2.20 1.63 -10.33
CA ALA A 151 1.00 2.37 -9.91
C ALA A 151 -0.27 1.66 -10.45
N ASP A 152 -0.09 0.48 -11.00
CA ASP A 152 -1.20 -0.28 -11.52
C ASP A 152 -2.15 -0.73 -10.42
N ASN A 153 -1.58 -1.12 -9.29
CA ASN A 153 -2.36 -1.62 -8.14
C ASN A 153 -2.92 -0.44 -7.32
N ILE A 154 -2.46 0.74 -7.61
CA ILE A 154 -2.94 1.93 -6.92
C ILE A 154 -4.11 2.45 -7.72
N VAL A 155 -5.28 2.65 -7.12
CA VAL A 155 -6.45 3.11 -7.85
C VAL A 155 -6.72 4.60 -7.63
N PHE A 156 -6.74 5.34 -8.73
CA PHE A 156 -6.99 6.79 -8.71
C PHE A 156 -7.51 7.35 -10.03
N ALA A 157 -7.39 6.59 -11.12
CA ALA A 157 -7.72 7.11 -12.47
C ALA A 157 -9.22 6.99 -12.76
N ALA A 158 -10.03 7.68 -11.94
CA ALA A 158 -11.49 7.75 -12.06
C ALA A 158 -12.23 6.39 -12.07
N THR A 159 -11.53 5.34 -11.66
CA THR A 159 -12.07 3.98 -11.53
C THR A 159 -12.51 3.28 -12.83
N ASP A 160 -12.81 4.02 -13.90
CA ASP A 160 -13.27 3.40 -15.14
C ASP A 160 -12.11 2.65 -15.82
N ALA A 161 -12.26 1.34 -15.93
CA ALA A 161 -11.23 0.48 -16.51
C ALA A 161 -11.13 0.59 -18.04
N ALA A 162 -12.04 1.33 -18.65
CA ALA A 162 -11.99 1.55 -20.10
C ALA A 162 -10.75 2.38 -20.49
N ALA A 163 -10.22 3.10 -19.51
CA ALA A 163 -9.04 3.93 -19.70
C ALA A 163 -7.75 3.15 -19.41
N ALA A 164 -6.66 3.87 -19.20
CA ALA A 164 -5.35 3.30 -18.83
C ALA A 164 -4.78 2.34 -19.89
N GLY A 165 -3.85 1.48 -19.50
CA GLY A 165 -3.22 0.56 -20.43
C GLY A 165 -2.15 1.23 -21.27
N GLU A 166 -1.57 2.32 -20.76
CA GLU A 166 -0.51 3.03 -21.48
C GLU A 166 0.86 2.60 -20.97
N LEU A 167 1.46 1.61 -21.61
CA LEU A 167 2.76 1.09 -21.20
C LEU A 167 3.75 1.22 -22.34
N GLY A 168 5.03 1.34 -22.00
CA GLY A 168 6.06 1.44 -23.01
C GLY A 168 7.30 0.66 -22.61
N VAL A 169 7.06 -0.44 -21.92
CA VAL A 169 8.15 -1.27 -21.40
C VAL A 169 8.68 -2.20 -22.47
N ILE A 170 7.78 -2.69 -23.32
CA ILE A 170 8.13 -3.63 -24.40
C ILE A 170 9.29 -3.07 -25.27
N GLY A 171 10.22 -3.93 -25.63
CA GLY A 171 11.37 -3.56 -26.45
C GLY A 171 12.66 -4.21 -25.99
N ALA A 172 13.61 -4.37 -26.90
CA ALA A 172 14.91 -4.99 -26.59
C ALA A 172 15.97 -4.53 -27.57
N SER A 173 17.19 -4.34 -27.09
CA SER A 173 18.31 -3.91 -27.93
C SER A 173 19.67 -4.38 -27.33
N GLY A 174 20.71 -4.36 -28.14
CA GLY A 174 22.06 -4.72 -27.67
C GLY A 174 23.04 -4.80 -28.83
N GLN A 175 24.31 -5.12 -28.57
CA GLN A 175 25.31 -5.20 -29.63
C GLN A 175 26.23 -6.42 -29.43
N PRO A 176 26.17 -7.42 -30.31
CA PRO A 176 27.00 -8.60 -30.08
C PRO A 176 28.51 -8.41 -30.40
N ASP A 177 29.30 -9.39 -30.00
CA ASP A 177 30.74 -9.42 -30.28
C ASP A 177 31.07 -10.71 -31.01
N ASP A 178 32.08 -10.68 -31.87
CA ASP A 178 32.58 -11.86 -32.59
C ASP A 178 34.12 -11.85 -32.63
N PRO A 179 34.77 -12.13 -31.48
CA PRO A 179 36.25 -12.10 -31.48
C PRO A 179 36.88 -13.33 -32.15
N THR A 180 38.10 -13.18 -32.65
CA THR A 180 38.79 -14.27 -33.37
C THR A 180 39.72 -15.07 -32.46
N VAL A 181 39.82 -14.65 -31.21
CA VAL A 181 40.70 -15.27 -30.22
C VAL A 181 40.34 -16.74 -30.06
CA CA B . -7.09 0.77 17.08
CA CA C . -9.71 -12.48 6.32
CA CA D . -4.46 3.00 13.79
CA CA E . -6.54 -11.37 2.74
CA CA F . -2.39 4.80 10.01
CA CA G . -3.12 -10.34 -0.60
N ALA A 1 -13.90 -27.20 15.21
CA ALA A 1 -13.27 -25.98 15.80
C ALA A 1 -14.33 -25.19 16.57
N ASP A 2 -13.91 -24.32 17.47
CA ASP A 2 -14.84 -23.50 18.23
C ASP A 2 -14.86 -22.08 17.66
N PRO A 3 -16.00 -21.62 17.11
CA PRO A 3 -15.97 -20.28 16.52
C PRO A 3 -15.80 -19.18 17.57
N GLY A 4 -15.10 -18.10 17.23
CA GLY A 4 -14.89 -17.01 18.17
C GLY A 4 -13.83 -16.05 17.69
N VAL A 5 -14.05 -15.44 16.54
CA VAL A 5 -13.09 -14.47 15.97
C VAL A 5 -12.77 -13.34 16.96
N GLU A 6 -11.48 -13.03 17.10
CA GLU A 6 -11.02 -11.97 18.01
C GLU A 6 -10.70 -10.71 17.25
N GLY A 7 -10.88 -10.77 15.95
CA GLY A 7 -10.68 -9.62 15.09
C GLY A 7 -11.93 -8.80 14.87
N THR A 8 -12.03 -8.20 13.69
CA THR A 8 -13.14 -7.31 13.26
C THR A 8 -13.12 -5.95 14.03
N PRO A 9 -13.68 -4.87 13.46
CA PRO A 9 -13.64 -3.56 14.09
C PRO A 9 -14.57 -3.38 15.29
N VAL A 10 -15.25 -4.44 15.72
CA VAL A 10 -16.32 -4.36 16.73
C VAL A 10 -15.94 -3.69 18.05
N VAL A 11 -14.70 -3.78 18.50
CA VAL A 11 -14.33 -3.20 19.79
C VAL A 11 -12.88 -2.71 19.78
N GLY A 12 -12.59 -1.72 20.61
CA GLY A 12 -11.21 -1.23 20.77
C GLY A 12 -10.70 -0.32 19.68
N SER A 13 -11.58 0.07 18.78
CA SER A 13 -11.14 0.82 17.60
C SER A 13 -10.37 2.12 17.94
N ASP A 14 -10.80 2.87 18.94
CA ASP A 14 -10.18 4.18 19.25
C ASP A 14 -8.84 4.14 20.04
N LEU A 15 -8.25 2.96 20.20
CA LEU A 15 -6.99 2.81 20.94
C LEU A 15 -6.14 1.69 20.33
N ASP A 16 -4.87 1.55 20.76
CA ASP A 16 -3.97 0.51 20.18
C ASP A 16 -4.62 -0.88 20.18
N ASP A 17 -4.41 -1.61 19.09
CA ASP A 17 -5.04 -2.93 18.90
C ASP A 17 -4.08 -4.03 18.47
N GLU A 18 -4.54 -5.26 18.65
CA GLU A 18 -3.98 -6.45 18.01
C GLU A 18 -5.20 -7.23 17.49
N LEU A 19 -5.54 -7.04 16.21
CA LEU A 19 -6.73 -7.69 15.65
C LEU A 19 -6.35 -8.75 14.62
N HIS A 20 -6.87 -9.94 14.83
CA HIS A 20 -6.55 -11.08 13.99
C HIS A 20 -7.81 -11.62 13.33
N GLY A 21 -7.85 -11.57 12.00
CA GLY A 21 -9.05 -11.96 11.26
C GLY A 21 -9.19 -13.42 10.97
N THR A 22 -10.31 -13.74 10.34
CA THR A 22 -10.65 -15.12 9.92
C THR A 22 -9.93 -15.49 8.62
N LEU A 23 -10.07 -16.74 8.21
CA LEU A 23 -9.51 -17.20 6.92
C LEU A 23 -10.50 -16.97 5.78
N GLY A 24 -11.46 -16.09 6.02
CA GLY A 24 -12.46 -15.73 5.01
C GLY A 24 -12.49 -14.24 4.78
N SER A 25 -13.34 -13.79 3.87
CA SER A 25 -13.45 -12.36 3.52
C SER A 25 -14.00 -11.53 4.68
N GLU A 26 -13.37 -10.40 4.94
CA GLU A 26 -13.70 -9.52 6.06
C GLU A 26 -13.46 -8.05 5.72
N GLN A 27 -13.91 -7.18 6.63
CA GLN A 27 -13.54 -5.79 6.65
C GLN A 27 -12.85 -5.55 7.97
N ILE A 28 -11.65 -4.98 7.94
CA ILE A 28 -10.88 -4.73 9.15
C ILE A 28 -10.56 -3.23 9.15
N LEU A 29 -10.80 -2.55 10.26
CA LEU A 29 -10.53 -1.14 10.38
C LEU A 29 -9.86 -0.94 11.71
N GLY A 30 -8.70 -0.35 11.66
CA GLY A 30 -7.95 -0.12 12.89
C GLY A 30 -8.39 1.02 13.73
N GLY A 31 -8.86 2.09 13.11
CA GLY A 31 -9.34 3.23 13.86
C GLY A 31 -8.18 3.96 14.53
N GLY A 32 -8.41 4.48 15.71
CA GLY A 32 -7.40 5.21 16.46
C GLY A 32 -6.34 4.32 17.03
N GLY A 33 -5.25 4.96 17.45
CA GLY A 33 -4.14 4.24 18.07
C GLY A 33 -3.24 3.53 17.07
N ALA A 34 -2.08 3.09 17.53
CA ALA A 34 -1.13 2.36 16.71
C ALA A 34 -1.57 0.91 16.72
N ASP A 35 -2.03 0.40 15.58
CA ASP A 35 -2.63 -0.92 15.55
C ASP A 35 -1.79 -1.96 14.84
N GLN A 36 -1.96 -3.21 15.24
CA GLN A 36 -1.37 -4.35 14.56
C GLN A 36 -2.51 -5.17 13.98
N LEU A 37 -2.70 -5.10 12.66
CA LEU A 37 -3.84 -5.73 11.99
C LEU A 37 -3.41 -6.91 11.11
N TYR A 38 -4.07 -8.03 11.20
CA TYR A 38 -3.72 -9.23 10.41
C TYR A 38 -4.92 -9.85 9.72
N GLY A 39 -4.94 -9.74 8.40
CA GLY A 39 -6.09 -10.19 7.60
C GLY A 39 -6.15 -11.66 7.22
N TYR A 40 -4.99 -12.31 7.06
CA TYR A 40 -4.88 -13.70 6.63
C TYR A 40 -5.65 -14.02 5.32
N ALA A 41 -6.05 -15.28 5.14
CA ALA A 41 -6.72 -15.73 3.93
C ALA A 41 -8.07 -15.03 3.74
N GLY A 42 -8.56 -15.06 2.50
CA GLY A 42 -9.78 -14.40 2.09
C GLY A 42 -9.48 -13.00 1.59
N ASN A 43 -10.30 -12.49 0.70
CA ASN A 43 -10.11 -11.15 0.17
C ASN A 43 -10.62 -10.18 1.24
N ASP A 44 -9.76 -9.33 1.76
CA ASP A 44 -10.13 -8.48 2.89
C ASP A 44 -10.03 -7.01 2.54
N LEU A 45 -10.84 -6.20 3.19
CA LEU A 45 -10.72 -4.74 3.11
C LEU A 45 -10.02 -4.27 4.38
N LEU A 46 -8.96 -3.48 4.24
CA LEU A 46 -8.18 -3.04 5.41
C LEU A 46 -8.00 -1.54 5.46
N ASP A 47 -8.46 -0.95 6.54
CA ASP A 47 -8.32 0.50 6.78
C ASP A 47 -7.49 0.70 8.07
N GLY A 48 -6.52 1.59 8.10
CA GLY A 48 -5.67 1.72 9.28
C GLY A 48 -6.15 2.73 10.26
N GLY A 49 -6.68 3.85 9.77
CA GLY A 49 -7.11 4.93 10.66
C GLY A 49 -5.92 5.77 11.13
N ALA A 50 -6.18 6.58 12.14
CA ALA A 50 -5.17 7.46 12.73
C ALA A 50 -4.00 6.66 13.31
N GLY A 51 -2.86 7.32 13.45
CA GLY A 51 -1.66 6.69 14.03
C GLY A 51 -0.89 5.82 13.06
N ARG A 52 0.35 5.46 13.40
CA ARG A 52 1.19 4.62 12.53
C ARG A 52 0.74 3.19 12.80
N ASP A 53 0.34 2.50 11.76
CA ASP A 53 -0.20 1.16 11.91
C ASP A 53 0.72 0.16 11.25
N LYS A 54 0.64 -1.09 11.69
CA LYS A 54 1.41 -2.17 11.10
C LYS A 54 0.43 -3.24 10.67
N LEU A 55 0.42 -3.62 9.39
CA LEU A 55 -0.67 -4.48 8.89
C LEU A 55 -0.31 -5.48 7.80
N SER A 56 -0.87 -6.67 7.93
CA SER A 56 -0.71 -7.73 6.92
C SER A 56 -2.03 -7.89 6.19
N GLY A 57 -1.99 -8.15 4.89
CA GLY A 57 -3.21 -8.42 4.15
C GLY A 57 -3.41 -9.92 4.06
N GLY A 58 -2.34 -10.69 4.00
CA GLY A 58 -2.50 -12.14 3.89
C GLY A 58 -2.85 -12.58 2.50
N GLU A 59 -3.12 -13.87 2.31
CA GLU A 59 -3.52 -14.38 1.00
C GLU A 59 -4.85 -13.74 0.54
N GLY A 60 -5.07 -13.79 -0.76
CA GLY A 60 -6.26 -13.20 -1.38
C GLY A 60 -5.98 -11.78 -1.85
N ALA A 61 -6.76 -11.30 -2.82
CA ALA A 61 -6.62 -9.94 -3.36
C ALA A 61 -7.31 -8.99 -2.39
N ASP A 62 -6.51 -8.21 -1.68
CA ASP A 62 -6.99 -7.35 -0.61
C ASP A 62 -7.09 -5.91 -1.08
N THR A 63 -7.87 -5.12 -0.37
CA THR A 63 -8.02 -3.72 -0.69
C THR A 63 -7.67 -2.90 0.54
N PHE A 64 -6.67 -2.07 0.41
CA PHE A 64 -6.28 -1.14 1.46
C PHE A 64 -6.86 0.20 1.07
N ARG A 65 -8.12 0.38 1.42
CA ARG A 65 -8.83 1.59 0.98
C ARG A 65 -8.54 2.76 1.90
N PHE A 66 -8.09 2.43 3.11
CA PHE A 66 -7.82 3.40 4.17
C PHE A 66 -9.09 4.18 4.59
N ALA A 67 -9.04 4.77 5.78
CA ALA A 67 -10.25 5.32 6.37
C ALA A 67 -10.47 6.82 6.07
N LEU A 68 -9.64 7.69 6.66
CA LEU A 68 -9.88 9.14 6.58
C LEU A 68 -8.76 9.84 5.84
N ARG A 69 -8.93 11.14 5.64
CA ARG A 69 -7.91 12.01 5.02
C ARG A 69 -6.55 11.86 5.69
N GLU A 70 -6.56 11.61 7.00
CA GLU A 70 -5.37 11.55 7.81
C GLU A 70 -4.61 10.21 7.69
N ASP A 71 -5.18 9.24 7.00
CA ASP A 71 -4.55 7.93 6.90
C ASP A 71 -3.28 7.97 6.05
N SER A 72 -2.21 7.46 6.63
CA SER A 72 -0.92 7.26 5.97
C SER A 72 -0.37 8.47 5.24
N HIS A 73 -0.55 9.63 5.86
CA HIS A 73 -0.08 10.88 5.28
C HIS A 73 1.17 11.33 6.01
N ARG A 74 1.92 12.21 5.37
CA ARG A 74 3.13 12.80 5.95
C ARG A 74 2.80 14.28 6.08
N SER A 75 3.21 14.87 7.18
CA SER A 75 2.89 16.26 7.48
C SER A 75 4.20 17.02 7.72
N PRO A 76 4.17 18.37 7.74
CA PRO A 76 5.43 19.07 8.07
C PRO A 76 5.91 18.81 9.50
N LEU A 77 5.03 18.35 10.37
CA LEU A 77 5.39 18.04 11.76
C LEU A 77 6.16 16.71 11.88
N GLY A 78 5.86 15.81 10.96
CA GLY A 78 6.46 14.48 10.96
C GLY A 78 5.61 13.52 10.13
N THR A 79 6.02 12.26 10.00
CA THR A 79 5.25 11.32 9.16
C THR A 79 4.30 10.43 9.97
N PHE A 80 3.19 10.08 9.32
CA PHE A 80 2.22 9.15 9.88
C PHE A 80 1.92 8.10 8.85
N GLY A 81 2.91 7.83 7.99
CA GLY A 81 2.75 6.81 6.95
C GLY A 81 2.62 5.45 7.60
N ASP A 82 1.86 4.57 7.00
CA ASP A 82 1.59 3.26 7.58
C ASP A 82 2.56 2.23 7.09
N ARG A 83 2.61 1.06 7.76
CA ARG A 83 3.60 0.02 7.46
C ARG A 83 2.94 -1.28 7.07
N ILE A 84 2.95 -1.61 5.78
CA ILE A 84 2.36 -2.85 5.33
C ILE A 84 3.44 -3.94 5.35
N LEU A 85 3.09 -5.11 5.85
CA LEU A 85 4.04 -6.22 6.05
C LEU A 85 4.20 -7.14 4.84
N ASP A 86 3.09 -7.70 4.35
CA ASP A 86 3.12 -8.74 3.30
C ASP A 86 2.28 -8.40 2.07
N PHE A 87 2.31 -7.13 1.69
CA PHE A 87 1.57 -6.62 0.52
C PHE A 87 1.92 -7.40 -0.76
N ASP A 88 0.90 -7.68 -1.57
CA ASP A 88 1.08 -8.37 -2.85
C ASP A 88 0.91 -7.36 -3.98
N PRO A 89 2.01 -6.89 -4.60
CA PRO A 89 1.88 -5.81 -5.59
C PRO A 89 1.17 -6.17 -6.90
N SER A 90 0.85 -7.45 -7.07
CA SER A 90 0.15 -7.95 -8.25
C SER A 90 -1.36 -8.09 -7.92
N GLN A 91 -1.67 -8.60 -6.76
CA GLN A 91 -3.04 -8.95 -6.41
C GLN A 91 -3.75 -7.87 -5.62
N ASP A 92 -3.08 -7.29 -4.64
CA ASP A 92 -3.71 -6.33 -3.74
C ASP A 92 -3.76 -4.94 -4.38
N ARG A 93 -4.57 -4.07 -3.81
CA ARG A 93 -4.69 -2.69 -4.30
C ARG A 93 -4.84 -1.70 -3.14
N ILE A 94 -4.41 -0.46 -3.34
CA ILE A 94 -4.44 0.55 -2.32
C ILE A 94 -5.17 1.76 -2.89
N ASP A 95 -6.12 2.32 -2.15
CA ASP A 95 -6.80 3.56 -2.60
C ASP A 95 -6.08 4.75 -1.98
N VAL A 96 -6.11 5.88 -2.69
CA VAL A 96 -5.35 7.05 -2.23
C VAL A 96 -6.01 8.38 -2.65
N SER A 97 -7.10 8.33 -3.42
CA SER A 97 -7.69 9.56 -3.97
C SER A 97 -8.16 10.55 -2.90
N ALA A 98 -8.90 10.07 -1.92
CA ALA A 98 -9.44 10.91 -0.86
C ALA A 98 -8.39 11.34 0.16
N LEU A 99 -7.40 10.49 0.41
CA LEU A 99 -6.43 10.73 1.47
C LEU A 99 -5.10 11.38 1.04
N GLY A 100 -4.73 11.22 -0.23
CA GLY A 100 -3.43 11.71 -0.70
C GLY A 100 -3.43 12.49 -2.01
N PHE A 101 -3.63 11.80 -3.13
CA PHE A 101 -3.51 12.43 -4.46
C PHE A 101 -4.35 11.67 -5.46
N SER A 102 -4.56 12.28 -6.62
CA SER A 102 -5.29 11.63 -7.72
C SER A 102 -4.37 11.54 -8.91
N GLY A 103 -3.71 12.66 -9.25
CA GLY A 103 -2.73 12.63 -10.33
C GLY A 103 -1.41 12.18 -9.76
N LEU A 104 -0.88 11.09 -10.29
CA LEU A 104 0.37 10.51 -9.74
C LEU A 104 1.58 11.42 -9.99
N GLY A 105 2.62 11.24 -9.19
CA GLY A 105 3.83 12.06 -9.30
C GLY A 105 4.98 11.40 -10.03
N ASN A 106 6.16 11.93 -9.79
CA ASN A 106 7.41 11.48 -10.43
C ASN A 106 7.58 9.95 -10.39
N GLY A 107 7.96 9.39 -11.53
CA GLY A 107 8.12 7.95 -11.67
C GLY A 107 8.05 7.60 -13.15
N TYR A 108 8.09 6.31 -13.50
CA TYR A 108 8.06 5.88 -14.91
C TYR A 108 7.44 4.47 -14.98
N ALA A 109 7.11 4.01 -16.20
CA ALA A 109 6.47 2.71 -16.45
C ALA A 109 5.18 2.49 -15.61
N GLY A 110 4.37 3.54 -15.45
CA GLY A 110 3.13 3.40 -14.70
C GLY A 110 3.42 3.19 -13.23
N SER A 111 4.48 3.84 -12.73
CA SER A 111 4.86 3.68 -11.33
C SER A 111 5.23 5.03 -10.74
N LEU A 112 5.54 5.02 -9.46
CA LEU A 112 5.98 6.20 -8.74
C LEU A 112 7.44 5.90 -8.46
N ALA A 113 8.26 6.88 -8.09
CA ALA A 113 9.65 6.58 -7.83
C ALA A 113 9.74 5.93 -6.45
N VAL A 114 10.27 4.72 -6.40
CA VAL A 114 10.39 3.95 -5.17
C VAL A 114 11.60 4.39 -4.35
N SER A 115 11.57 4.09 -3.06
CA SER A 115 12.70 4.40 -2.14
C SER A 115 12.98 3.19 -1.28
N VAL A 116 14.15 3.16 -0.67
CA VAL A 116 14.53 2.06 0.22
C VAL A 116 14.90 2.68 1.60
N SER A 117 15.00 1.82 2.60
CA SER A 117 15.47 2.24 3.90
C SER A 117 16.99 2.28 3.81
N ASP A 118 17.54 1.19 3.30
CA ASP A 118 18.97 1.05 3.01
C ASP A 118 18.98 -0.12 2.03
N ASP A 119 20.13 -0.76 1.83
CA ASP A 119 20.23 -1.93 0.94
C ASP A 119 19.45 -3.15 1.48
N GLY A 120 18.83 -2.98 2.65
CA GLY A 120 18.04 -4.02 3.27
C GLY A 120 16.84 -3.39 3.92
N THR A 121 16.30 -4.08 4.93
CA THR A 121 15.16 -3.58 5.73
C THR A 121 13.97 -3.16 4.86
N ARG A 122 13.24 -2.13 5.28
CA ARG A 122 11.98 -1.76 4.60
C ARG A 122 12.21 -1.04 3.27
N THR A 123 11.11 -0.81 2.57
CA THR A 123 11.08 -0.06 1.31
C THR A 123 9.92 0.91 1.46
N TYR A 124 9.87 1.92 0.62
CA TYR A 124 8.80 2.91 0.70
C TYR A 124 8.30 3.22 -0.69
N LEU A 125 7.04 3.68 -0.74
CA LEU A 125 6.44 4.21 -1.95
C LEU A 125 5.93 5.59 -1.59
N LYS A 126 6.29 6.62 -2.36
CA LYS A 126 6.00 8.02 -1.99
C LYS A 126 5.28 8.76 -3.07
N SER A 127 4.49 9.74 -2.69
CA SER A 127 3.93 10.66 -3.67
C SER A 127 4.97 11.78 -3.78
N TYR A 128 5.05 12.39 -4.95
CA TYR A 128 6.00 13.51 -5.18
C TYR A 128 5.12 14.71 -5.51
N GLU A 129 3.93 14.64 -4.97
CA GLU A 129 2.93 15.68 -5.03
C GLU A 129 2.58 16.03 -3.59
N ALA A 130 2.38 17.32 -3.33
CA ALA A 130 2.07 17.79 -1.99
C ALA A 130 0.98 18.85 -2.00
N ASP A 131 0.26 18.95 -0.90
CA ASP A 131 -0.77 19.99 -0.73
C ASP A 131 -0.05 21.30 -0.41
N ALA A 132 -0.72 22.44 -0.61
CA ALA A 132 -0.14 23.75 -0.29
C ALA A 132 0.11 23.84 1.24
N GLN A 133 -0.61 22.97 1.97
CA GLN A 133 -0.50 22.84 3.42
C GLN A 133 0.79 22.15 3.87
N GLY A 134 1.49 21.53 2.93
CA GLY A 134 2.72 20.81 3.22
C GLY A 134 2.49 19.33 3.56
N LEU A 135 1.27 18.86 3.37
CA LEU A 135 0.93 17.45 3.54
C LEU A 135 1.30 16.71 2.25
N SER A 136 1.70 15.47 2.38
CA SER A 136 2.04 14.62 1.25
C SER A 136 1.73 13.19 1.63
N PHE A 137 1.95 12.22 0.75
CA PHE A 137 1.58 10.83 1.07
C PHE A 137 2.80 9.88 0.93
N GLU A 138 2.98 8.99 1.90
CA GLU A 138 3.99 7.95 1.76
C GLU A 138 3.49 6.76 2.57
N VAL A 139 3.94 5.56 2.22
CA VAL A 139 3.55 4.33 2.90
C VAL A 139 4.77 3.41 2.82
N ALA A 140 5.05 2.70 3.91
CA ALA A 140 6.23 1.85 4.00
C ALA A 140 5.78 0.42 3.79
N LEU A 141 6.59 -0.39 3.14
CA LEU A 141 6.27 -1.79 2.90
C LEU A 141 7.55 -2.58 3.19
N GLU A 142 7.49 -3.74 3.83
CA GLU A 142 8.71 -4.52 4.12
C GLU A 142 8.73 -5.79 3.28
N GLY A 143 7.82 -5.85 2.31
CA GLY A 143 7.82 -6.93 1.34
C GLY A 143 9.02 -6.85 0.44
N ASP A 144 9.62 -5.65 0.38
CA ASP A 144 10.86 -5.38 -0.35
C ASP A 144 10.72 -5.81 -1.81
N HIS A 145 9.65 -5.32 -2.42
CA HIS A 145 9.25 -5.68 -3.79
C HIS A 145 9.20 -4.41 -4.62
N ALA A 146 10.20 -3.57 -4.41
CA ALA A 146 10.29 -2.28 -5.07
C ALA A 146 10.24 -2.39 -6.61
N ALA A 147 10.75 -3.47 -7.17
CA ALA A 147 10.73 -3.63 -8.63
C ALA A 147 9.33 -4.04 -9.15
N ALA A 148 8.56 -4.75 -8.33
CA ALA A 148 7.23 -5.17 -8.76
C ALA A 148 6.16 -4.11 -8.45
N LEU A 149 6.46 -3.20 -7.53
CA LEU A 149 5.55 -2.11 -7.21
C LEU A 149 5.31 -1.23 -8.42
N SER A 150 4.06 -0.87 -8.62
CA SER A 150 3.65 0.06 -9.65
C SER A 150 2.50 0.88 -9.11
N ALA A 151 2.25 2.02 -9.75
CA ALA A 151 1.13 2.89 -9.38
C ALA A 151 -0.13 2.29 -9.99
N ASP A 152 0.05 1.18 -10.68
CA ASP A 152 -1.06 0.45 -11.26
C ASP A 152 -1.86 -0.29 -10.19
N ASN A 153 -1.21 -0.63 -9.09
CA ASN A 153 -1.93 -1.28 -7.94
C ASN A 153 -2.47 -0.21 -6.99
N ILE A 154 -2.09 1.03 -7.25
CA ILE A 154 -2.63 2.15 -6.51
C ILE A 154 -3.85 2.56 -7.31
N VAL A 155 -4.97 2.85 -6.67
CA VAL A 155 -6.21 3.16 -7.37
C VAL A 155 -6.65 4.60 -7.10
N PHE A 156 -6.90 5.31 -8.17
CA PHE A 156 -7.31 6.72 -8.13
C PHE A 156 -8.06 7.17 -9.39
N ALA A 157 -7.95 6.42 -10.49
CA ALA A 157 -8.62 6.77 -11.74
C ALA A 157 -10.10 6.30 -11.77
N ALA A 158 -10.80 6.49 -10.68
CA ALA A 158 -12.21 6.09 -10.53
C ALA A 158 -12.42 4.57 -10.76
N THR A 159 -11.40 3.78 -10.46
CA THR A 159 -11.43 2.33 -10.60
C THR A 159 -11.90 1.91 -12.00
N ASP A 160 -11.48 2.68 -12.99
CA ASP A 160 -11.88 2.43 -14.38
C ASP A 160 -11.14 1.25 -15.02
N ALA A 161 -11.92 0.28 -15.51
CA ALA A 161 -11.37 -0.89 -16.23
C ALA A 161 -10.89 -0.55 -17.64
N ALA A 162 -11.35 0.57 -18.19
CA ALA A 162 -10.95 1.01 -19.52
C ALA A 162 -9.58 1.70 -19.47
N ALA A 163 -9.19 2.20 -18.29
CA ALA A 163 -7.90 2.87 -18.11
C ALA A 163 -6.77 1.85 -17.91
N ALA A 164 -5.56 2.38 -17.79
CA ALA A 164 -4.33 1.60 -17.54
C ALA A 164 -3.96 0.60 -18.67
N GLY A 165 -2.85 -0.09 -18.48
CA GLY A 165 -2.35 -1.03 -19.47
C GLY A 165 -1.56 -0.31 -20.54
N GLU A 166 -1.07 0.88 -20.20
CA GLU A 166 -0.30 1.71 -21.13
C GLU A 166 1.19 1.73 -20.80
N LEU A 167 1.98 1.01 -21.59
CA LEU A 167 3.43 0.92 -21.37
C LEU A 167 4.13 1.22 -22.71
N GLY A 168 5.33 1.75 -22.65
CA GLY A 168 6.12 2.05 -23.85
C GLY A 168 7.54 1.62 -23.68
N VAL A 169 7.72 0.52 -22.95
CA VAL A 169 9.03 -0.01 -22.62
C VAL A 169 9.56 -0.79 -23.83
N ILE A 170 8.62 -1.31 -24.61
CA ILE A 170 8.91 -2.18 -25.76
C ILE A 170 9.92 -1.56 -26.75
N GLY A 171 10.87 -2.40 -27.15
CA GLY A 171 11.94 -1.98 -28.07
C GLY A 171 13.24 -2.61 -27.65
N ALA A 172 14.14 -2.86 -28.61
CA ALA A 172 15.43 -3.49 -28.33
C ALA A 172 16.55 -2.90 -29.21
N SER A 173 17.74 -2.80 -28.68
CA SER A 173 18.90 -2.34 -29.43
C SER A 173 20.21 -2.97 -28.89
N GLY A 174 21.20 -3.05 -29.77
CA GLY A 174 22.49 -3.60 -29.40
C GLY A 174 23.47 -3.69 -30.54
N GLN A 175 24.72 -3.93 -30.20
CA GLN A 175 25.80 -4.08 -31.17
C GLN A 175 26.61 -5.32 -30.78
N PRO A 176 26.54 -6.40 -31.59
CA PRO A 176 27.30 -7.60 -31.16
C PRO A 176 28.80 -7.46 -31.37
N ASP A 177 29.57 -8.29 -30.69
CA ASP A 177 31.02 -8.29 -30.83
C ASP A 177 31.45 -9.67 -31.33
N ASP A 178 32.50 -9.72 -32.12
CA ASP A 178 33.01 -10.96 -32.69
C ASP A 178 34.56 -10.95 -32.78
N PRO A 179 35.24 -11.09 -31.62
CA PRO A 179 36.71 -11.05 -31.63
C PRO A 179 37.36 -12.30 -32.27
N THR A 180 38.64 -12.19 -32.61
CA THR A 180 39.39 -13.29 -33.25
C THR A 180 40.64 -13.59 -32.44
N VAL A 181 40.74 -12.99 -31.27
CA VAL A 181 41.87 -13.23 -30.38
C VAL A 181 41.77 -14.67 -29.85
CA CA B . -7.42 0.80 17.22
CA CA C . -9.57 -12.67 6.29
CA CA D . -4.78 3.12 13.77
CA CA E . -6.42 -11.40 2.82
CA CA F . -2.60 4.90 9.89
CA CA G . -2.88 -10.17 -0.32
N ALA A 1 -13.60 -27.77 13.34
CA ALA A 1 -13.02 -26.48 13.80
C ALA A 1 -13.87 -25.89 14.93
N ASP A 2 -13.29 -24.94 15.66
CA ASP A 2 -13.95 -24.26 16.78
C ASP A 2 -13.65 -22.76 16.65
N PRO A 3 -14.67 -21.91 16.42
CA PRO A 3 -14.32 -20.49 16.24
C PRO A 3 -13.82 -19.81 17.52
N GLY A 4 -12.85 -18.90 17.38
CA GLY A 4 -12.30 -18.20 18.54
C GLY A 4 -11.53 -16.96 18.15
N VAL A 5 -11.94 -16.29 17.07
CA VAL A 5 -11.24 -15.13 16.55
C VAL A 5 -11.19 -14.00 17.59
N GLU A 6 -10.00 -13.42 17.76
CA GLU A 6 -9.79 -12.37 18.77
C GLU A 6 -9.84 -10.97 18.15
N GLY A 7 -9.66 -10.88 16.84
CA GLY A 7 -9.64 -9.59 16.16
C GLY A 7 -11.01 -9.08 15.76
N THR A 8 -11.06 -8.61 14.51
CA THR A 8 -12.21 -7.92 13.89
C THR A 8 -12.43 -6.53 14.54
N PRO A 9 -13.08 -5.58 13.84
CA PRO A 9 -13.16 -4.20 14.38
C PRO A 9 -13.97 -3.99 15.67
N VAL A 10 -14.54 -5.06 16.22
CA VAL A 10 -15.46 -4.95 17.34
C VAL A 10 -14.81 -4.50 18.66
N VAL A 11 -13.50 -4.66 18.82
CA VAL A 11 -12.89 -4.40 20.14
C VAL A 11 -11.66 -3.46 20.18
N GLY A 12 -11.80 -2.38 20.95
CA GLY A 12 -10.71 -1.47 21.21
C GLY A 12 -10.28 -0.57 20.09
N SER A 13 -11.15 -0.35 19.11
CA SER A 13 -10.78 0.39 17.92
C SER A 13 -10.12 1.76 18.19
N ASP A 14 -10.56 2.48 19.21
CA ASP A 14 -10.05 3.82 19.52
C ASP A 14 -8.70 3.85 20.28
N LEU A 15 -8.01 2.72 20.36
CA LEU A 15 -6.67 2.64 21.01
C LEU A 15 -5.82 1.56 20.35
N ASP A 16 -4.54 1.48 20.69
CA ASP A 16 -3.58 0.58 20.02
C ASP A 16 -3.96 -0.89 20.23
N ASP A 17 -4.17 -1.61 19.12
CA ASP A 17 -4.66 -3.00 19.14
C ASP A 17 -3.74 -4.02 18.48
N GLU A 18 -4.06 -5.29 18.68
CA GLU A 18 -3.59 -6.39 17.82
C GLU A 18 -4.88 -7.05 17.32
N LEU A 19 -5.17 -7.00 16.04
CA LEU A 19 -6.41 -7.58 15.50
C LEU A 19 -6.13 -8.67 14.47
N HIS A 20 -6.27 -9.91 14.90
CA HIS A 20 -6.09 -11.07 14.01
C HIS A 20 -7.43 -11.49 13.43
N GLY A 21 -7.55 -11.49 12.11
CA GLY A 21 -8.81 -11.84 11.45
C GLY A 21 -9.01 -13.32 11.19
N THR A 22 -10.10 -13.63 10.49
CA THR A 22 -10.44 -14.99 10.07
C THR A 22 -9.90 -15.32 8.69
N LEU A 23 -10.05 -16.58 8.29
CA LEU A 23 -9.66 -17.02 6.96
C LEU A 23 -10.74 -16.76 5.89
N GLY A 24 -11.73 -15.95 6.26
CA GLY A 24 -12.81 -15.57 5.34
C GLY A 24 -12.73 -14.11 4.95
N SER A 25 -13.66 -13.67 4.11
CA SER A 25 -13.74 -12.28 3.68
C SER A 25 -14.24 -11.38 4.84
N GLU A 26 -13.53 -10.30 5.08
CA GLU A 26 -13.83 -9.43 6.22
C GLU A 26 -13.61 -7.95 5.87
N GLN A 27 -14.13 -7.08 6.74
CA GLN A 27 -13.80 -5.66 6.73
C GLN A 27 -12.98 -5.42 8.00
N ILE A 28 -11.78 -4.84 7.86
CA ILE A 28 -10.91 -4.59 9.00
C ILE A 28 -10.76 -3.07 9.14
N LEU A 29 -10.98 -2.55 10.32
CA LEU A 29 -10.87 -1.12 10.59
C LEU A 29 -9.98 -1.02 11.81
N GLY A 30 -8.89 -0.27 11.67
CA GLY A 30 -7.95 -0.10 12.75
C GLY A 30 -8.35 0.93 13.78
N GLY A 31 -8.98 2.02 13.34
CA GLY A 31 -9.33 3.10 14.24
C GLY A 31 -8.10 3.81 14.75
N GLY A 32 -8.17 4.33 15.96
CA GLY A 32 -7.07 5.08 16.52
C GLY A 32 -5.95 4.19 17.03
N GLY A 33 -4.84 4.79 17.37
CA GLY A 33 -3.71 4.05 17.92
C GLY A 33 -2.88 3.38 16.85
N ALA A 34 -1.68 2.94 17.20
CA ALA A 34 -0.80 2.25 16.27
C ALA A 34 -1.14 0.77 16.30
N ASP A 35 -1.88 0.31 15.31
CA ASP A 35 -2.46 -1.02 15.37
C ASP A 35 -1.64 -2.05 14.59
N GLN A 36 -1.75 -3.32 15.00
CA GLN A 36 -1.11 -4.42 14.30
C GLN A 36 -2.25 -5.29 13.77
N LEU A 37 -2.55 -5.10 12.50
CA LEU A 37 -3.72 -5.71 11.85
C LEU A 37 -3.32 -6.89 10.97
N TYR A 38 -4.07 -7.98 11.01
CA TYR A 38 -3.76 -9.17 10.21
C TYR A 38 -4.98 -9.74 9.48
N GLY A 39 -5.10 -9.42 8.20
CA GLY A 39 -6.24 -9.87 7.41
C GLY A 39 -6.27 -11.35 7.06
N TYR A 40 -5.11 -11.97 6.83
CA TYR A 40 -5.01 -13.40 6.44
C TYR A 40 -5.85 -13.77 5.20
N ALA A 41 -6.24 -15.04 5.08
CA ALA A 41 -6.97 -15.51 3.90
C ALA A 41 -8.33 -14.82 3.71
N GLY A 42 -8.82 -14.89 2.48
CA GLY A 42 -10.06 -14.24 2.10
C GLY A 42 -9.80 -12.88 1.47
N ASN A 43 -10.76 -12.39 0.73
CA ASN A 43 -10.68 -11.06 0.12
C ASN A 43 -11.09 -10.10 1.22
N ASP A 44 -10.16 -9.26 1.64
CA ASP A 44 -10.39 -8.43 2.82
C ASP A 44 -10.38 -6.96 2.43
N LEU A 45 -11.06 -6.13 3.23
CA LEU A 45 -11.04 -4.69 3.04
C LEU A 45 -10.34 -4.12 4.26
N LEU A 46 -9.40 -3.22 4.10
CA LEU A 46 -8.59 -2.74 5.22
C LEU A 46 -8.44 -1.21 5.28
N ASP A 47 -8.73 -0.68 6.45
CA ASP A 47 -8.63 0.74 6.77
C ASP A 47 -7.83 0.85 8.07
N GLY A 48 -6.87 1.77 8.13
CA GLY A 48 -6.00 1.86 9.31
C GLY A 48 -6.44 2.84 10.39
N GLY A 49 -6.95 4.00 9.97
CA GLY A 49 -7.35 5.05 10.91
C GLY A 49 -6.14 5.81 11.41
N ALA A 50 -6.36 6.73 12.34
CA ALA A 50 -5.29 7.53 12.90
C ALA A 50 -4.22 6.62 13.50
N GLY A 51 -3.00 7.13 13.56
CA GLY A 51 -1.87 6.37 14.02
C GLY A 51 -1.18 5.63 12.90
N ARG A 52 0.13 5.43 13.04
CA ARG A 52 0.91 4.65 12.04
C ARG A 52 0.53 3.22 12.29
N ASP A 53 0.12 2.49 11.28
CA ASP A 53 -0.38 1.14 11.48
C ASP A 53 0.49 0.13 10.77
N LYS A 54 0.53 -1.07 11.31
CA LYS A 54 1.29 -2.18 10.75
C LYS A 54 0.21 -3.18 10.29
N LEU A 55 0.16 -3.54 9.03
CA LEU A 55 -0.97 -4.33 8.54
C LEU A 55 -0.68 -5.37 7.47
N SER A 56 -1.19 -6.57 7.69
CA SER A 56 -1.12 -7.65 6.70
C SER A 56 -2.42 -7.75 5.96
N GLY A 57 -2.34 -8.02 4.67
CA GLY A 57 -3.53 -8.31 3.90
C GLY A 57 -3.75 -9.82 3.80
N GLY A 58 -2.69 -10.61 3.72
CA GLY A 58 -2.83 -12.06 3.60
C GLY A 58 -3.23 -12.51 2.20
N GLU A 59 -3.45 -13.81 2.03
CA GLU A 59 -3.85 -14.36 0.74
C GLU A 59 -5.16 -13.74 0.27
N GLY A 60 -5.37 -13.77 -1.04
CA GLY A 60 -6.57 -13.23 -1.64
C GLY A 60 -6.31 -11.79 -2.08
N ALA A 61 -7.16 -11.25 -2.94
CA ALA A 61 -7.02 -9.88 -3.42
C ALA A 61 -7.63 -9.00 -2.37
N ASP A 62 -6.85 -8.08 -1.83
CA ASP A 62 -7.30 -7.24 -0.73
C ASP A 62 -7.42 -5.80 -1.19
N THR A 63 -8.31 -5.07 -0.54
CA THR A 63 -8.56 -3.67 -0.88
C THR A 63 -8.20 -2.78 0.30
N PHE A 64 -7.14 -2.01 0.15
CA PHE A 64 -6.73 -1.06 1.16
C PHE A 64 -7.35 0.29 0.76
N ARG A 65 -8.19 0.83 1.64
CA ARG A 65 -8.89 2.08 1.34
C ARG A 65 -8.45 3.22 2.25
N PHE A 66 -8.11 2.88 3.49
CA PHE A 66 -7.78 3.85 4.56
C PHE A 66 -9.04 4.65 4.98
N ALA A 67 -9.09 5.03 6.24
CA ALA A 67 -10.33 5.51 6.84
C ALA A 67 -10.62 7.00 6.62
N LEU A 68 -9.59 7.82 6.61
CA LEU A 68 -9.76 9.27 6.57
C LEU A 68 -8.88 9.89 5.51
N ARG A 69 -9.22 11.10 5.13
CA ARG A 69 -8.36 11.94 4.28
C ARG A 69 -7.02 12.10 5.01
N GLU A 70 -7.09 12.08 6.32
CA GLU A 70 -5.93 12.23 7.22
C GLU A 70 -5.20 10.93 7.58
N ASP A 71 -5.54 9.83 6.91
CA ASP A 71 -4.94 8.51 7.22
C ASP A 71 -3.74 8.23 6.29
N SER A 72 -2.69 7.62 6.83
CA SER A 72 -1.44 7.31 6.11
C SER A 72 -0.86 8.47 5.30
N HIS A 73 -0.74 9.61 5.95
CA HIS A 73 -0.22 10.82 5.30
C HIS A 73 1.10 11.25 5.90
N ARG A 74 1.75 12.19 5.24
CA ARG A 74 2.96 12.83 5.72
C ARG A 74 2.62 14.29 5.80
N SER A 75 3.22 15.01 6.73
CA SER A 75 2.95 16.42 6.96
C SER A 75 4.29 17.11 7.25
N PRO A 76 4.35 18.46 7.30
CA PRO A 76 5.60 19.12 7.70
C PRO A 76 6.03 18.76 9.15
N LEU A 77 5.09 18.30 9.96
CA LEU A 77 5.40 17.93 11.34
C LEU A 77 6.16 16.62 11.39
N GLY A 78 5.95 15.77 10.39
CA GLY A 78 6.52 14.44 10.37
C GLY A 78 5.66 13.51 9.56
N THR A 79 6.04 12.24 9.50
CA THR A 79 5.30 11.25 8.71
C THR A 79 4.42 10.38 9.60
N PHE A 80 3.24 10.07 9.09
CA PHE A 80 2.30 9.20 9.73
C PHE A 80 1.87 8.11 8.74
N GLY A 81 2.75 7.80 7.80
CA GLY A 81 2.49 6.77 6.80
C GLY A 81 2.43 5.38 7.41
N ASP A 82 1.56 4.54 6.87
CA ASP A 82 1.37 3.17 7.40
C ASP A 82 2.38 2.19 6.81
N ARG A 83 2.43 0.98 7.36
CA ARG A 83 3.43 -0.05 7.00
C ARG A 83 2.76 -1.38 6.66
N ILE A 84 2.72 -1.73 5.37
CA ILE A 84 2.07 -2.96 4.96
C ILE A 84 3.09 -4.11 5.04
N LEU A 85 2.65 -5.22 5.61
CA LEU A 85 3.54 -6.36 5.92
C LEU A 85 3.76 -7.37 4.79
N ASP A 86 2.70 -7.73 4.09
CA ASP A 86 2.73 -8.80 3.07
C ASP A 86 1.95 -8.47 1.79
N PHE A 87 2.05 -7.22 1.35
CA PHE A 87 1.35 -6.74 0.16
C PHE A 87 1.68 -7.56 -1.07
N ASP A 88 0.65 -7.97 -1.82
CA ASP A 88 0.83 -8.66 -3.10
C ASP A 88 0.58 -7.63 -4.18
N PRO A 89 1.65 -7.14 -4.86
CA PRO A 89 1.47 -6.02 -5.79
C PRO A 89 0.72 -6.33 -7.10
N SER A 90 0.37 -7.59 -7.32
CA SER A 90 -0.46 -7.95 -8.47
C SER A 90 -1.93 -8.07 -8.08
N GLN A 91 -2.18 -8.74 -6.96
CA GLN A 91 -3.56 -9.04 -6.56
C GLN A 91 -4.23 -7.89 -5.83
N ASP A 92 -3.50 -7.23 -4.96
CA ASP A 92 -4.07 -6.27 -4.03
C ASP A 92 -4.18 -4.90 -4.71
N ARG A 93 -4.95 -4.00 -4.12
CA ARG A 93 -5.15 -2.65 -4.65
C ARG A 93 -5.17 -1.66 -3.48
N ILE A 94 -4.66 -0.46 -3.68
CA ILE A 94 -4.62 0.56 -2.66
C ILE A 94 -5.23 1.83 -3.22
N ASP A 95 -6.23 2.41 -2.56
CA ASP A 95 -6.75 3.72 -2.98
C ASP A 95 -5.86 4.83 -2.46
N VAL A 96 -5.78 5.89 -3.23
CA VAL A 96 -5.03 7.07 -2.86
C VAL A 96 -5.75 8.35 -3.33
N SER A 97 -6.81 8.20 -4.11
CA SER A 97 -7.47 9.34 -4.71
C SER A 97 -8.09 10.25 -3.67
N ALA A 98 -8.69 9.64 -2.66
CA ALA A 98 -9.32 10.41 -1.59
C ALA A 98 -8.31 10.87 -0.51
N LEU A 99 -7.05 10.44 -0.63
CA LEU A 99 -6.07 10.64 0.45
C LEU A 99 -4.92 11.56 0.11
N GLY A 100 -4.43 11.47 -1.13
CA GLY A 100 -3.24 12.22 -1.49
C GLY A 100 -3.24 12.93 -2.83
N PHE A 101 -3.51 12.20 -3.90
CA PHE A 101 -3.41 12.78 -5.25
C PHE A 101 -4.31 12.01 -6.21
N SER A 102 -4.57 12.61 -7.35
CA SER A 102 -5.31 11.93 -8.43
C SER A 102 -4.43 11.90 -9.68
N GLY A 103 -3.51 12.84 -9.79
CA GLY A 103 -2.50 12.82 -10.85
C GLY A 103 -1.22 12.28 -10.25
N LEU A 104 -0.68 11.19 -10.77
CA LEU A 104 0.51 10.56 -10.17
C LEU A 104 1.75 11.46 -10.19
N GLY A 105 2.56 11.32 -9.16
CA GLY A 105 3.78 12.11 -9.04
C GLY A 105 4.95 11.59 -9.84
N ASN A 106 6.10 12.23 -9.66
CA ASN A 106 7.31 11.86 -10.39
C ASN A 106 7.74 10.41 -10.09
N GLY A 107 8.24 9.73 -11.12
CA GLY A 107 8.64 8.34 -11.00
C GLY A 107 8.86 7.76 -12.38
N TYR A 108 9.07 6.45 -12.51
CA TYR A 108 9.27 5.84 -13.82
C TYR A 108 8.59 4.48 -13.90
N ALA A 109 8.45 3.98 -15.13
CA ALA A 109 7.81 2.68 -15.45
C ALA A 109 6.37 2.57 -14.93
N GLY A 110 5.63 3.67 -14.91
CA GLY A 110 4.25 3.63 -14.49
C GLY A 110 4.17 3.48 -12.98
N SER A 111 5.04 4.18 -12.29
CA SER A 111 5.10 4.12 -10.84
C SER A 111 5.56 5.43 -10.31
N LEU A 112 5.42 5.60 -9.01
CA LEU A 112 6.01 6.72 -8.30
C LEU A 112 7.41 6.24 -8.01
N ALA A 113 8.35 7.13 -7.74
CA ALA A 113 9.70 6.65 -7.42
C ALA A 113 9.68 5.90 -6.10
N VAL A 114 10.23 4.70 -6.07
CA VAL A 114 10.26 3.88 -4.84
C VAL A 114 11.55 4.17 -4.08
N SER A 115 11.56 3.86 -2.78
CA SER A 115 12.72 4.13 -1.93
C SER A 115 13.02 2.93 -1.07
N VAL A 116 14.21 2.90 -0.49
CA VAL A 116 14.59 1.84 0.44
C VAL A 116 14.87 2.52 1.79
N SER A 117 14.89 1.76 2.87
CA SER A 117 15.35 2.29 4.16
C SER A 117 16.87 2.20 4.15
N ASP A 118 17.33 1.01 3.83
CA ASP A 118 18.74 0.70 3.72
C ASP A 118 18.70 -0.65 3.00
N ASP A 119 19.77 -1.41 3.00
CA ASP A 119 19.75 -2.72 2.33
C ASP A 119 18.83 -3.69 3.07
N GLY A 120 18.64 -3.45 4.37
CA GLY A 120 17.70 -4.24 5.15
C GLY A 120 16.47 -3.36 5.44
N THR A 121 15.64 -3.80 6.38
CA THR A 121 14.44 -3.07 6.79
C THR A 121 13.46 -2.81 5.64
N ARG A 122 12.52 -1.88 5.81
CA ARG A 122 11.41 -1.72 4.87
C ARG A 122 11.78 -0.95 3.59
N THR A 123 10.87 -0.99 2.64
CA THR A 123 10.95 -0.24 1.40
C THR A 123 9.80 0.73 1.45
N TYR A 124 9.79 1.75 0.59
CA TYR A 124 8.73 2.76 0.64
C TYR A 124 8.20 3.07 -0.76
N LEU A 125 6.99 3.59 -0.79
CA LEU A 125 6.38 4.12 -2.01
C LEU A 125 5.88 5.49 -1.60
N LYS A 126 6.46 6.54 -2.15
CA LYS A 126 6.14 7.91 -1.74
C LYS A 126 5.50 8.67 -2.89
N SER A 127 4.61 9.59 -2.57
CA SER A 127 4.06 10.52 -3.57
C SER A 127 4.87 11.79 -3.46
N TYR A 128 5.05 12.46 -4.58
CA TYR A 128 5.87 13.68 -4.62
C TYR A 128 5.03 14.87 -5.01
N GLU A 129 3.72 14.69 -4.89
CA GLU A 129 2.74 15.75 -5.06
C GLU A 129 2.22 16.05 -3.65
N ALA A 130 2.03 17.32 -3.34
CA ALA A 130 1.63 17.73 -2.01
C ALA A 130 0.58 18.84 -2.03
N ASP A 131 -0.19 18.90 -0.95
CA ASP A 131 -1.22 19.93 -0.76
C ASP A 131 -0.56 21.25 -0.38
N ALA A 132 -1.29 22.34 -0.44
CA ALA A 132 -0.77 23.67 -0.07
C ALA A 132 -0.48 23.67 1.45
N GLN A 133 -1.18 22.80 2.17
CA GLN A 133 -0.95 22.61 3.61
C GLN A 133 0.34 21.83 3.91
N GLY A 134 1.00 21.34 2.86
CA GLY A 134 2.22 20.57 3.03
C GLY A 134 1.95 19.10 3.28
N LEU A 135 0.72 18.68 3.09
CA LEU A 135 0.35 17.28 3.30
C LEU A 135 0.66 16.47 2.05
N SER A 136 1.28 15.33 2.21
CA SER A 136 1.66 14.46 1.10
C SER A 136 1.35 13.04 1.53
N PHE A 137 1.56 12.07 0.65
CA PHE A 137 1.19 10.69 0.97
C PHE A 137 2.39 9.76 0.79
N GLU A 138 2.63 8.85 1.74
CA GLU A 138 3.63 7.81 1.59
C GLU A 138 3.25 6.62 2.44
N VAL A 139 3.69 5.45 2.03
CA VAL A 139 3.37 4.21 2.74
C VAL A 139 4.59 3.31 2.60
N ALA A 140 4.89 2.55 3.64
CA ALA A 140 6.06 1.68 3.67
C ALA A 140 5.57 0.26 3.42
N LEU A 141 6.37 -0.55 2.74
CA LEU A 141 6.02 -1.92 2.50
C LEU A 141 7.25 -2.72 2.88
N GLU A 142 7.14 -3.82 3.59
CA GLU A 142 8.35 -4.57 3.98
C GLU A 142 8.52 -5.82 3.13
N GLY A 143 7.70 -5.90 2.08
CA GLY A 143 7.80 -7.03 1.15
C GLY A 143 9.04 -7.01 0.30
N ASP A 144 9.77 -5.90 0.34
CA ASP A 144 11.04 -5.73 -0.37
C ASP A 144 10.87 -6.05 -1.87
N HIS A 145 9.75 -5.61 -2.40
CA HIS A 145 9.33 -5.80 -3.79
C HIS A 145 9.24 -4.46 -4.49
N ALA A 146 10.18 -3.58 -4.16
CA ALA A 146 10.25 -2.25 -4.80
C ALA A 146 10.39 -2.32 -6.32
N ALA A 147 11.07 -3.34 -6.82
CA ALA A 147 11.22 -3.50 -8.28
C ALA A 147 9.92 -3.95 -8.95
N ALA A 148 9.08 -4.67 -8.21
CA ALA A 148 7.83 -5.20 -8.77
C ALA A 148 6.68 -4.15 -8.68
N LEU A 149 6.78 -3.30 -7.65
CA LEU A 149 5.75 -2.27 -7.43
C LEU A 149 5.59 -1.34 -8.60
N SER A 150 4.34 -1.01 -8.89
CA SER A 150 3.96 -0.09 -9.91
C SER A 150 2.75 0.68 -9.38
N ALA A 151 2.47 1.84 -9.96
CA ALA A 151 1.29 2.62 -9.59
C ALA A 151 0.04 2.03 -10.24
N ASP A 152 0.22 0.90 -10.92
CA ASP A 152 -0.88 0.20 -11.55
C ASP A 152 -1.80 -0.41 -10.48
N ASN A 153 -1.25 -0.76 -9.34
CA ASN A 153 -2.05 -1.35 -8.24
C ASN A 153 -2.56 -0.26 -7.29
N ILE A 154 -2.23 0.97 -7.61
CA ILE A 154 -2.67 2.13 -6.82
C ILE A 154 -3.84 2.71 -7.61
N VAL A 155 -4.99 2.89 -7.00
CA VAL A 155 -6.19 3.35 -7.74
C VAL A 155 -6.44 4.84 -7.56
N PHE A 156 -6.40 5.52 -8.69
CA PHE A 156 -6.66 6.96 -8.79
C PHE A 156 -7.12 7.34 -10.20
N ALA A 157 -6.83 6.49 -11.19
CA ALA A 157 -7.20 6.72 -12.58
C ALA A 157 -8.69 6.46 -12.89
N ALA A 158 -9.56 7.08 -12.10
CA ALA A 158 -11.03 6.99 -12.23
C ALA A 158 -11.63 5.59 -12.00
N THR A 159 -10.81 4.68 -11.49
CA THR A 159 -11.20 3.30 -11.12
C THR A 159 -11.64 2.38 -12.25
N ASP A 160 -12.68 2.75 -12.99
CA ASP A 160 -13.23 1.88 -14.03
C ASP A 160 -12.22 1.65 -15.16
N ALA A 161 -12.13 0.42 -15.63
CA ALA A 161 -11.16 0.03 -16.66
C ALA A 161 -11.62 0.38 -18.09
N ALA A 162 -11.83 1.67 -18.34
CA ALA A 162 -12.20 2.10 -19.68
C ALA A 162 -11.00 1.92 -20.62
N ALA A 163 -9.81 2.16 -20.09
CA ALA A 163 -8.56 2.00 -20.82
C ALA A 163 -7.53 1.29 -19.92
N ALA A 164 -6.56 2.05 -19.40
CA ALA A 164 -5.48 1.54 -18.57
C ALA A 164 -4.70 0.40 -19.28
N GLY A 165 -3.98 -0.42 -18.52
CA GLY A 165 -3.23 -1.53 -19.11
C GLY A 165 -2.15 -1.06 -20.04
N GLU A 166 -1.67 0.14 -19.81
CA GLU A 166 -0.70 0.76 -20.71
C GLU A 166 0.72 0.29 -20.40
N LEU A 167 1.16 -0.74 -21.12
CA LEU A 167 2.48 -1.32 -20.92
C LEU A 167 3.22 -1.32 -22.25
N GLY A 168 4.53 -1.22 -22.18
CA GLY A 168 5.35 -1.23 -23.37
C GLY A 168 6.66 -1.92 -23.06
N VAL A 169 6.62 -2.91 -22.16
CA VAL A 169 7.83 -3.60 -21.70
C VAL A 169 8.47 -4.37 -22.85
N ILE A 170 7.62 -4.94 -23.70
CA ILE A 170 8.10 -5.71 -24.86
C ILE A 170 8.94 -4.83 -25.79
N GLY A 171 10.13 -5.34 -26.11
CA GLY A 171 11.09 -4.65 -26.95
C GLY A 171 12.47 -5.22 -26.69
N ALA A 172 13.31 -5.26 -27.71
CA ALA A 172 14.64 -5.86 -27.60
C ALA A 172 15.68 -5.05 -28.38
N SER A 173 16.94 -5.14 -27.97
CA SER A 173 18.03 -4.47 -28.68
C SER A 173 19.28 -5.31 -28.47
N GLY A 174 20.27 -5.17 -29.35
CA GLY A 174 21.50 -5.92 -29.17
C GLY A 174 22.51 -5.68 -30.26
N GLN A 175 23.70 -6.24 -30.09
CA GLN A 175 24.78 -6.11 -31.08
C GLN A 175 25.67 -7.35 -30.95
N PRO A 176 25.31 -8.46 -31.63
CA PRO A 176 26.13 -9.68 -31.47
C PRO A 176 27.51 -9.52 -32.10
N ASP A 177 28.48 -10.22 -31.54
CA ASP A 177 29.88 -10.07 -31.97
C ASP A 177 30.38 -11.38 -32.61
N ASP A 178 31.37 -11.26 -33.49
CA ASP A 178 31.94 -12.42 -34.20
C ASP A 178 33.48 -12.39 -34.25
N PRO A 179 34.16 -12.41 -33.08
CA PRO A 179 35.63 -12.45 -33.20
C PRO A 179 36.15 -13.80 -33.69
N THR A 180 37.37 -13.80 -34.20
CA THR A 180 37.99 -15.01 -34.76
C THR A 180 39.27 -15.38 -34.00
N VAL A 181 39.81 -14.43 -33.24
CA VAL A 181 41.02 -14.71 -32.43
C VAL A 181 40.69 -15.68 -31.28
CA CA B . -7.21 0.67 17.26
CA CA C . -9.68 -12.50 6.25
CA CA D . -4.78 3.06 13.70
CA CA E . -6.66 -11.41 2.51
CA CA F . -2.94 4.87 9.67
CA CA G . -3.25 -10.10 -0.63
N ALA A 1 -13.17 -28.37 13.84
CA ALA A 1 -12.76 -26.95 13.98
C ALA A 1 -13.82 -26.16 14.75
N ASP A 2 -13.42 -25.08 15.43
CA ASP A 2 -14.35 -24.25 16.21
C ASP A 2 -14.04 -22.77 16.03
N PRO A 3 -14.90 -22.03 15.29
CA PRO A 3 -14.60 -20.60 15.08
C PRO A 3 -14.72 -19.75 16.34
N GLY A 4 -13.98 -18.66 16.37
CA GLY A 4 -13.99 -17.77 17.53
C GLY A 4 -13.11 -16.56 17.29
N VAL A 5 -13.36 -15.85 16.20
CA VAL A 5 -12.54 -14.72 15.76
C VAL A 5 -12.49 -13.60 16.80
N GLU A 6 -11.27 -13.14 17.06
CA GLU A 6 -11.04 -12.06 18.02
C GLU A 6 -10.77 -10.76 17.29
N GLY A 7 -10.66 -10.83 15.97
CA GLY A 7 -10.45 -9.65 15.15
C GLY A 7 -11.73 -8.87 14.88
N THR A 8 -11.78 -8.25 13.71
CA THR A 8 -12.88 -7.39 13.24
C THR A 8 -12.96 -6.05 14.03
N PRO A 9 -13.61 -5.01 13.46
CA PRO A 9 -13.66 -3.68 14.12
C PRO A 9 -14.43 -3.60 15.43
N VAL A 10 -15.00 -4.72 15.91
CA VAL A 10 -15.93 -4.73 17.02
C VAL A 10 -15.32 -4.36 18.39
N VAL A 11 -14.00 -4.45 18.56
CA VAL A 11 -13.36 -4.16 19.84
C VAL A 11 -11.96 -3.54 19.71
N GLY A 12 -11.65 -2.61 20.61
CA GLY A 12 -10.32 -2.02 20.69
C GLY A 12 -10.05 -0.89 19.69
N SER A 13 -11.11 -0.38 19.06
CA SER A 13 -10.97 0.59 17.99
C SER A 13 -10.13 1.80 18.44
N ASP A 14 -10.46 2.41 19.57
CA ASP A 14 -9.79 3.69 19.96
C ASP A 14 -8.46 3.51 20.74
N LEU A 15 -7.84 2.34 20.66
CA LEU A 15 -6.58 2.09 21.37
C LEU A 15 -5.71 1.02 20.63
N ASP A 16 -4.47 0.82 21.05
CA ASP A 16 -3.56 -0.11 20.33
C ASP A 16 -4.12 -1.55 20.27
N ASP A 17 -4.06 -2.14 19.09
CA ASP A 17 -4.66 -3.46 18.82
C ASP A 17 -3.70 -4.54 18.34
N GLU A 18 -4.18 -5.77 18.43
CA GLU A 18 -3.61 -6.95 17.76
C GLU A 18 -4.86 -7.71 17.27
N LEU A 19 -5.37 -7.37 16.09
CA LEU A 19 -6.59 -7.98 15.56
C LEU A 19 -6.28 -9.04 14.49
N HIS A 20 -6.73 -10.27 14.71
CA HIS A 20 -6.50 -11.39 13.79
C HIS A 20 -7.80 -11.80 13.12
N GLY A 21 -7.84 -11.78 11.80
CA GLY A 21 -9.06 -12.12 11.08
C GLY A 21 -9.20 -13.61 10.73
N THR A 22 -10.32 -13.96 10.13
CA THR A 22 -10.60 -15.32 9.67
C THR A 22 -10.09 -15.52 8.25
N LEU A 23 -10.28 -16.73 7.75
CA LEU A 23 -9.92 -17.05 6.36
C LEU A 23 -11.00 -16.62 5.37
N GLY A 24 -11.93 -15.79 5.84
CA GLY A 24 -13.00 -15.25 5.01
C GLY A 24 -12.79 -13.78 4.72
N SER A 25 -13.66 -13.18 3.90
CA SER A 25 -13.55 -11.75 3.55
C SER A 25 -14.09 -10.92 4.72
N GLU A 26 -13.34 -9.92 5.15
CA GLU A 26 -13.74 -9.08 6.27
C GLU A 26 -13.34 -7.62 6.03
N GLN A 27 -14.09 -6.72 6.63
CA GLN A 27 -13.63 -5.34 6.76
C GLN A 27 -12.82 -5.38 8.06
N ILE A 28 -11.64 -4.77 8.04
CA ILE A 28 -10.75 -4.71 9.22
C ILE A 28 -10.42 -3.24 9.40
N LEU A 29 -10.83 -2.67 10.52
CA LEU A 29 -10.62 -1.25 10.78
C LEU A 29 -9.84 -1.14 12.07
N GLY A 30 -8.69 -0.49 12.02
CA GLY A 30 -7.87 -0.33 13.20
C GLY A 30 -8.35 0.74 14.15
N GLY A 31 -8.83 1.86 13.63
CA GLY A 31 -9.24 2.96 14.49
C GLY A 31 -8.05 3.67 15.07
N GLY A 32 -8.20 4.18 16.29
CA GLY A 32 -7.15 4.92 16.96
C GLY A 32 -6.06 4.02 17.47
N GLY A 33 -4.92 4.63 17.82
CA GLY A 33 -3.80 3.88 18.35
C GLY A 33 -2.96 3.19 17.28
N ALA A 34 -1.77 2.71 17.67
CA ALA A 34 -0.87 1.99 16.78
C ALA A 34 -1.32 0.53 16.73
N ASP A 35 -1.89 0.14 15.61
CA ASP A 35 -2.53 -1.15 15.53
C ASP A 35 -1.74 -2.17 14.73
N GLN A 36 -1.84 -3.42 15.13
CA GLN A 36 -1.27 -4.50 14.37
C GLN A 36 -2.41 -5.32 13.84
N LEU A 37 -2.64 -5.23 12.53
CA LEU A 37 -3.82 -5.83 11.91
C LEU A 37 -3.42 -6.98 11.00
N TYR A 38 -4.10 -8.11 11.11
CA TYR A 38 -3.75 -9.30 10.32
C TYR A 38 -4.97 -9.87 9.59
N GLY A 39 -5.02 -9.70 8.26
CA GLY A 39 -6.18 -10.12 7.48
C GLY A 39 -6.26 -11.58 7.11
N TYR A 40 -5.12 -12.25 6.86
CA TYR A 40 -5.06 -13.65 6.36
C TYR A 40 -5.85 -13.83 5.06
N ALA A 41 -6.35 -15.03 4.77
CA ALA A 41 -7.08 -15.30 3.51
C ALA A 41 -8.38 -14.49 3.40
N GLY A 42 -8.91 -14.43 2.18
CA GLY A 42 -10.12 -13.70 1.86
C GLY A 42 -9.79 -12.28 1.38
N ASN A 43 -10.69 -11.68 0.59
CA ASN A 43 -10.51 -10.32 0.07
C ASN A 43 -10.86 -9.36 1.19
N ASP A 44 -9.86 -8.85 1.91
CA ASP A 44 -10.11 -8.08 3.13
C ASP A 44 -10.02 -6.60 2.84
N LEU A 45 -10.76 -5.79 3.60
CA LEU A 45 -10.77 -4.35 3.43
C LEU A 45 -10.15 -3.70 4.64
N LEU A 46 -8.84 -3.49 4.60
CA LEU A 46 -8.08 -3.03 5.75
C LEU A 46 -7.94 -1.52 5.76
N ASP A 47 -8.36 -0.92 6.87
CA ASP A 47 -8.16 0.49 7.12
C ASP A 47 -7.38 0.61 8.43
N GLY A 48 -6.34 1.43 8.47
CA GLY A 48 -5.54 1.53 9.68
C GLY A 48 -6.06 2.52 10.71
N GLY A 49 -6.55 3.67 10.24
CA GLY A 49 -7.06 4.69 11.15
C GLY A 49 -5.95 5.56 11.70
N ALA A 50 -6.28 6.41 12.66
CA ALA A 50 -5.29 7.31 13.26
C ALA A 50 -4.09 6.52 13.80
N GLY A 51 -2.92 7.17 13.78
CA GLY A 51 -1.69 6.53 14.25
C GLY A 51 -0.98 5.80 13.13
N ARG A 52 0.26 5.41 13.35
CA ARG A 52 1.02 4.61 12.38
C ARG A 52 0.64 3.18 12.66
N ASP A 53 0.25 2.45 11.62
CA ASP A 53 -0.25 1.09 11.80
C ASP A 53 0.57 0.09 11.05
N LYS A 54 0.58 -1.16 11.53
CA LYS A 54 1.32 -2.25 10.93
C LYS A 54 0.25 -3.21 10.50
N LEU A 55 0.26 -3.65 9.24
CA LEU A 55 -0.80 -4.49 8.74
C LEU A 55 -0.40 -5.52 7.69
N SER A 56 -1.01 -6.69 7.80
CA SER A 56 -0.84 -7.79 6.87
C SER A 56 -2.15 -7.92 6.09
N GLY A 57 -2.04 -8.14 4.80
CA GLY A 57 -3.20 -8.40 3.97
C GLY A 57 -3.48 -9.89 3.85
N GLY A 58 -2.45 -10.72 3.76
CA GLY A 58 -2.65 -12.15 3.60
C GLY A 58 -3.08 -12.51 2.18
N GLU A 59 -3.48 -13.76 1.99
CA GLU A 59 -3.98 -14.24 0.69
C GLU A 59 -5.27 -13.54 0.30
N GLY A 60 -5.60 -13.61 -0.97
CA GLY A 60 -6.77 -12.94 -1.53
C GLY A 60 -6.45 -11.53 -1.99
N ALA A 61 -7.32 -10.94 -2.79
CA ALA A 61 -7.12 -9.61 -3.35
C ALA A 61 -7.60 -8.59 -2.32
N ASP A 62 -6.66 -7.91 -1.69
CA ASP A 62 -6.94 -7.05 -0.53
C ASP A 62 -7.09 -5.60 -0.91
N THR A 63 -7.80 -4.87 -0.08
CA THR A 63 -8.07 -3.47 -0.32
C THR A 63 -7.55 -2.68 0.84
N PHE A 64 -6.71 -1.69 0.54
CA PHE A 64 -6.16 -0.81 1.55
C PHE A 64 -6.56 0.64 1.22
N ARG A 65 -7.73 1.03 1.67
CA ARG A 65 -8.25 2.38 1.36
C ARG A 65 -7.83 3.40 2.40
N PHE A 66 -7.53 2.88 3.59
CA PHE A 66 -7.29 3.70 4.78
C PHE A 66 -8.60 4.42 5.17
N ALA A 67 -8.66 4.89 6.40
CA ALA A 67 -9.93 5.29 6.99
C ALA A 67 -10.45 6.66 6.55
N LEU A 68 -9.58 7.65 6.54
CA LEU A 68 -9.96 9.05 6.36
C LEU A 68 -8.92 9.81 5.56
N ARG A 69 -9.28 11.02 5.14
CA ARG A 69 -8.33 11.99 4.56
C ARG A 69 -7.10 12.15 5.46
N GLU A 70 -7.34 12.04 6.77
CA GLU A 70 -6.29 12.21 7.80
C GLU A 70 -5.40 10.97 8.03
N ASP A 71 -5.64 9.91 7.28
CA ASP A 71 -4.92 8.63 7.48
C ASP A 71 -3.84 8.39 6.43
N SER A 72 -2.73 7.81 6.87
CA SER A 72 -1.60 7.42 6.02
C SER A 72 -1.07 8.54 5.10
N HIS A 73 -0.72 9.66 5.70
CA HIS A 73 -0.18 10.80 4.95
C HIS A 73 1.09 11.37 5.61
N ARG A 74 1.77 12.26 4.92
CA ARG A 74 2.97 12.92 5.43
C ARG A 74 2.66 14.39 5.50
N SER A 75 3.19 15.07 6.50
CA SER A 75 3.01 16.51 6.67
C SER A 75 4.35 17.15 6.96
N PRO A 76 4.46 18.48 6.85
CA PRO A 76 5.75 19.08 7.25
C PRO A 76 6.06 18.93 8.74
N LEU A 77 5.05 18.59 9.51
CA LEU A 77 5.19 18.41 10.95
C LEU A 77 5.73 17.02 11.30
N GLY A 78 5.58 16.08 10.39
CA GLY A 78 6.01 14.70 10.63
C GLY A 78 5.27 13.76 9.73
N THR A 79 5.66 12.49 9.69
CA THR A 79 4.93 11.53 8.84
C THR A 79 3.97 10.66 9.63
N PHE A 80 2.87 10.29 8.98
CA PHE A 80 1.84 9.42 9.56
C PHE A 80 1.49 8.29 8.59
N GLY A 81 2.40 8.01 7.65
CA GLY A 81 2.18 6.94 6.67
C GLY A 81 2.22 5.59 7.36
N ASP A 82 1.53 4.59 6.84
CA ASP A 82 1.41 3.29 7.51
C ASP A 82 2.44 2.30 6.95
N ARG A 83 2.60 1.13 7.57
CA ARG A 83 3.62 0.14 7.19
C ARG A 83 3.02 -1.25 6.93
N ILE A 84 2.98 -1.65 5.66
CA ILE A 84 2.37 -2.92 5.28
C ILE A 84 3.41 -4.02 5.33
N LEU A 85 3.03 -5.18 5.84
CA LEU A 85 3.96 -6.28 6.05
C LEU A 85 4.17 -7.21 4.84
N ASP A 86 3.09 -7.72 4.28
CA ASP A 86 3.18 -8.80 3.26
C ASP A 86 2.42 -8.51 1.96
N PHE A 87 2.40 -7.23 1.62
CA PHE A 87 1.64 -6.73 0.47
C PHE A 87 1.95 -7.45 -0.82
N ASP A 88 0.92 -7.64 -1.65
CA ASP A 88 1.05 -8.30 -2.94
C ASP A 88 0.68 -7.37 -4.09
N PRO A 89 1.65 -6.82 -4.83
CA PRO A 89 1.29 -5.83 -5.86
C PRO A 89 0.54 -6.43 -7.07
N SER A 90 0.54 -7.76 -7.17
CA SER A 90 -0.16 -8.42 -8.27
C SER A 90 -1.64 -8.52 -7.92
N GLN A 91 -1.94 -8.80 -6.66
CA GLN A 91 -3.32 -9.02 -6.21
C GLN A 91 -4.06 -7.82 -5.62
N ASP A 92 -3.35 -7.09 -4.78
CA ASP A 92 -3.97 -6.14 -3.84
C ASP A 92 -4.11 -4.74 -4.46
N ARG A 93 -4.80 -3.84 -3.77
CA ARG A 93 -4.97 -2.44 -4.25
C ARG A 93 -4.93 -1.43 -3.12
N ILE A 94 -4.42 -0.24 -3.38
CA ILE A 94 -4.29 0.80 -2.37
C ILE A 94 -4.96 2.08 -2.88
N ASP A 95 -5.86 2.70 -2.11
CA ASP A 95 -6.43 3.99 -2.52
C ASP A 95 -5.56 5.14 -2.08
N VAL A 96 -5.58 6.21 -2.87
CA VAL A 96 -4.88 7.44 -2.55
C VAL A 96 -5.65 8.66 -3.08
N SER A 97 -6.76 8.43 -3.77
CA SER A 97 -7.57 9.51 -4.32
C SER A 97 -8.11 10.40 -3.22
N ALA A 98 -8.60 9.78 -2.16
CA ALA A 98 -9.14 10.52 -1.02
C ALA A 98 -8.03 11.13 -0.14
N LEU A 99 -6.87 10.51 -0.13
CA LEU A 99 -5.79 10.88 0.82
C LEU A 99 -4.79 11.89 0.31
N GLY A 100 -4.36 11.74 -0.94
CA GLY A 100 -3.26 12.55 -1.47
C GLY A 100 -3.39 13.09 -2.87
N PHE A 101 -3.76 12.27 -3.84
CA PHE A 101 -3.75 12.70 -5.24
C PHE A 101 -4.63 11.85 -6.14
N SER A 102 -5.13 12.43 -7.23
CA SER A 102 -5.97 11.72 -8.20
C SER A 102 -5.19 11.51 -9.49
N GLY A 103 -4.10 12.27 -9.65
CA GLY A 103 -3.22 12.11 -10.81
C GLY A 103 -1.82 11.79 -10.31
N LEU A 104 -1.17 10.77 -10.88
CA LEU A 104 0.10 10.28 -10.35
C LEU A 104 1.28 11.26 -10.48
N GLY A 105 2.27 11.10 -9.63
CA GLY A 105 3.44 11.98 -9.60
C GLY A 105 4.65 11.38 -10.26
N ASN A 106 5.83 11.92 -9.95
CA ASN A 106 7.11 11.44 -10.48
C ASN A 106 7.34 9.94 -10.24
N GLY A 107 7.88 9.27 -11.26
CA GLY A 107 8.23 7.86 -11.19
C GLY A 107 8.56 7.31 -12.57
N TYR A 108 8.82 6.02 -12.67
CA TYR A 108 9.21 5.41 -13.95
C TYR A 108 8.66 3.99 -14.00
N ALA A 109 8.67 3.41 -15.18
CA ALA A 109 8.20 2.03 -15.42
C ALA A 109 6.74 1.78 -14.96
N GLY A 110 5.89 2.79 -15.07
CA GLY A 110 4.47 2.63 -14.72
C GLY A 110 4.29 2.65 -13.21
N SER A 111 5.22 3.28 -12.51
CA SER A 111 5.17 3.32 -11.05
C SER A 111 5.50 4.72 -10.59
N LEU A 112 5.42 4.91 -9.29
CA LEU A 112 5.90 6.13 -8.66
C LEU A 112 7.35 5.82 -8.34
N ALA A 113 8.17 6.81 -8.04
CA ALA A 113 9.57 6.53 -7.76
C ALA A 113 9.70 5.80 -6.42
N VAL A 114 10.03 4.52 -6.49
CA VAL A 114 10.14 3.66 -5.30
C VAL A 114 11.42 4.03 -4.55
N SER A 115 11.51 3.67 -3.29
CA SER A 115 12.65 4.05 -2.46
C SER A 115 12.95 2.95 -1.43
N VAL A 116 14.08 3.05 -0.74
CA VAL A 116 14.43 2.09 0.32
C VAL A 116 14.74 2.84 1.62
N SER A 117 14.68 2.14 2.75
CA SER A 117 15.07 2.71 4.02
C SER A 117 16.58 2.80 4.04
N ASP A 118 17.21 1.68 3.68
CA ASP A 118 18.66 1.53 3.68
C ASP A 118 18.90 0.22 2.93
N ASP A 119 20.04 -0.41 3.08
CA ASP A 119 20.32 -1.69 2.39
C ASP A 119 19.53 -2.85 3.00
N GLY A 120 18.75 -2.56 4.02
CA GLY A 120 17.91 -3.54 4.66
C GLY A 120 16.60 -2.84 5.07
N THR A 121 15.91 -3.40 6.03
CA THR A 121 14.67 -2.83 6.55
C THR A 121 13.59 -2.63 5.47
N ARG A 122 12.69 -1.68 5.66
CA ARG A 122 11.54 -1.54 4.74
C ARG A 122 11.87 -0.81 3.45
N THR A 123 11.00 -1.00 2.47
CA THR A 123 11.02 -0.26 1.23
C THR A 123 9.93 0.78 1.36
N TYR A 124 9.92 1.78 0.49
CA TYR A 124 8.89 2.83 0.50
C TYR A 124 8.30 3.01 -0.87
N LEU A 125 7.09 3.52 -0.90
CA LEU A 125 6.47 3.96 -2.14
C LEU A 125 5.92 5.34 -1.77
N LYS A 126 6.45 6.38 -2.42
CA LYS A 126 6.09 7.75 -2.07
C LYS A 126 5.40 8.48 -3.21
N SER A 127 4.58 9.46 -2.88
CA SER A 127 4.03 10.40 -3.85
C SER A 127 4.95 11.61 -3.75
N TYR A 128 5.10 12.32 -4.86
CA TYR A 128 5.97 13.47 -4.91
C TYR A 128 5.15 14.73 -5.28
N GLU A 129 3.84 14.54 -5.25
CA GLU A 129 2.88 15.65 -5.39
C GLU A 129 2.43 16.06 -3.99
N ALA A 130 2.04 17.31 -3.80
CA ALA A 130 1.62 17.78 -2.48
C ALA A 130 0.47 18.77 -2.56
N ASP A 131 -0.22 18.91 -1.44
CA ASP A 131 -1.25 19.94 -1.27
C ASP A 131 -0.51 21.27 -1.10
N ALA A 132 -1.25 22.37 -1.24
CA ALA A 132 -0.71 23.71 -1.03
C ALA A 132 -0.26 23.86 0.43
N GLN A 133 -0.86 23.03 1.28
CA GLN A 133 -0.54 23.02 2.71
C GLN A 133 0.74 22.23 3.02
N GLY A 134 1.30 21.57 2.01
CA GLY A 134 2.51 20.77 2.20
C GLY A 134 2.26 19.32 2.56
N LEU A 135 0.99 18.94 2.62
CA LEU A 135 0.61 17.58 2.91
C LEU A 135 0.93 16.72 1.68
N SER A 136 1.49 15.54 1.90
CA SER A 136 1.83 14.62 0.81
C SER A 136 1.52 13.20 1.23
N PHE A 137 1.76 12.23 0.35
CA PHE A 137 1.45 10.82 0.69
C PHE A 137 2.69 9.93 0.58
N GLU A 138 2.84 8.98 1.51
CA GLU A 138 3.87 7.94 1.42
C GLU A 138 3.41 6.77 2.27
N VAL A 139 3.90 5.57 1.95
CA VAL A 139 3.55 4.35 2.68
C VAL A 139 4.77 3.47 2.59
N ALA A 140 5.03 2.67 3.64
CA ALA A 140 6.23 1.84 3.70
C ALA A 140 5.83 0.36 3.68
N LEU A 141 6.68 -0.48 3.14
CA LEU A 141 6.35 -1.89 2.98
C LEU A 141 7.59 -2.70 3.31
N GLU A 142 7.49 -3.70 4.19
CA GLU A 142 8.71 -4.47 4.58
C GLU A 142 9.03 -5.60 3.63
N GLY A 143 8.21 -5.77 2.59
CA GLY A 143 8.38 -6.86 1.63
C GLY A 143 9.65 -6.80 0.78
N ASP A 144 10.27 -5.61 0.74
CA ASP A 144 11.49 -5.38 -0.05
C ASP A 144 11.32 -5.78 -1.52
N HIS A 145 10.20 -5.35 -2.06
CA HIS A 145 9.78 -5.70 -3.40
C HIS A 145 9.59 -4.43 -4.22
N ALA A 146 10.54 -3.52 -4.07
CA ALA A 146 10.51 -2.26 -4.83
C ALA A 146 10.38 -2.44 -6.36
N ALA A 147 11.00 -3.45 -6.94
CA ALA A 147 10.93 -3.65 -8.38
C ALA A 147 9.54 -4.13 -8.82
N ALA A 148 8.84 -4.83 -7.93
CA ALA A 148 7.48 -5.36 -8.23
C ALA A 148 6.38 -4.27 -8.07
N LEU A 149 6.63 -3.31 -7.19
CA LEU A 149 5.64 -2.27 -6.94
C LEU A 149 5.45 -1.41 -8.19
N SER A 150 4.20 -1.25 -8.58
CA SER A 150 3.81 -0.43 -9.70
C SER A 150 2.67 0.44 -9.23
N ALA A 151 2.43 1.53 -9.95
CA ALA A 151 1.31 2.45 -9.62
C ALA A 151 0.03 1.81 -10.18
N ASP A 152 0.15 0.63 -10.76
CA ASP A 152 -0.98 -0.08 -11.32
C ASP A 152 -1.92 -0.56 -10.23
N ASN A 153 -1.37 -0.87 -9.05
CA ASN A 153 -2.17 -1.37 -7.93
C ASN A 153 -2.65 -0.21 -7.07
N ILE A 154 -2.11 0.97 -7.31
CA ILE A 154 -2.54 2.17 -6.62
C ILE A 154 -3.76 2.64 -7.39
N VAL A 155 -4.83 3.04 -6.70
CA VAL A 155 -6.03 3.51 -7.39
C VAL A 155 -6.27 5.01 -7.11
N PHE A 156 -6.41 5.75 -8.21
CA PHE A 156 -6.58 7.22 -8.18
C PHE A 156 -7.33 7.74 -9.39
N ALA A 157 -7.19 7.08 -10.54
CA ALA A 157 -7.79 7.54 -11.80
C ALA A 157 -9.26 7.15 -11.95
N ALA A 158 -10.11 7.78 -11.14
CA ALA A 158 -11.56 7.57 -11.14
C ALA A 158 -11.99 6.11 -10.96
N THR A 159 -11.10 5.28 -10.43
CA THR A 159 -11.35 3.83 -10.21
C THR A 159 -11.71 3.11 -11.53
N ASP A 160 -11.38 3.72 -12.65
CA ASP A 160 -11.76 3.19 -13.98
C ASP A 160 -10.60 2.43 -14.61
N ALA A 161 -10.86 1.23 -15.12
CA ALA A 161 -9.81 0.37 -15.70
C ALA A 161 -9.28 0.90 -17.02
N ALA A 162 -9.93 1.90 -17.61
CA ALA A 162 -9.50 2.44 -18.89
C ALA A 162 -8.09 3.03 -18.84
N ALA A 163 -7.71 3.59 -17.69
CA ALA A 163 -6.42 4.27 -17.56
C ALA A 163 -5.26 3.27 -17.40
N ALA A 164 -4.04 3.77 -17.63
CA ALA A 164 -2.80 3.01 -17.53
C ALA A 164 -2.75 1.76 -18.47
N GLY A 165 -1.74 0.93 -18.27
CA GLY A 165 -1.60 -0.27 -19.06
C GLY A 165 -0.77 -0.09 -20.31
N GLU A 166 -0.24 1.11 -20.49
CA GLU A 166 0.64 1.41 -21.63
C GLU A 166 2.08 1.43 -21.10
N LEU A 167 2.87 0.49 -21.59
CA LEU A 167 4.28 0.33 -21.16
C LEU A 167 5.14 0.13 -22.39
N GLY A 168 6.43 0.34 -22.24
CA GLY A 168 7.38 0.13 -23.32
C GLY A 168 8.60 -0.62 -22.82
N VAL A 169 8.39 -1.41 -21.79
CA VAL A 169 9.45 -2.22 -21.16
C VAL A 169 9.88 -3.37 -22.10
N ILE A 170 8.91 -3.89 -22.83
CA ILE A 170 9.15 -4.98 -23.80
C ILE A 170 10.18 -4.57 -24.88
N GLY A 171 11.13 -5.48 -25.13
CA GLY A 171 12.18 -5.21 -26.10
C GLY A 171 13.40 -6.07 -25.83
N ALA A 172 14.25 -6.24 -26.83
CA ALA A 172 15.46 -7.06 -26.70
C ALA A 172 16.65 -6.35 -27.34
N SER A 173 17.84 -6.63 -26.85
CA SER A 173 19.06 -6.00 -27.36
C SER A 173 20.24 -6.97 -27.23
N GLY A 174 21.29 -6.74 -28.01
CA GLY A 174 22.46 -7.61 -27.99
C GLY A 174 23.56 -7.20 -28.94
N GLN A 175 24.72 -7.81 -28.80
CA GLN A 175 25.87 -7.55 -29.66
C GLN A 175 26.74 -8.80 -29.65
N PRO A 176 26.88 -9.50 -30.79
CA PRO A 176 27.73 -10.70 -30.76
C PRO A 176 29.21 -10.38 -30.57
N ASP A 177 29.97 -11.34 -30.07
CA ASP A 177 31.42 -11.19 -29.89
C ASP A 177 32.11 -12.24 -30.76
N ASP A 178 33.29 -11.90 -31.28
CA ASP A 178 34.08 -12.84 -32.12
C ASP A 178 35.58 -12.77 -31.83
N PRO A 179 36.00 -13.15 -30.60
CA PRO A 179 37.45 -13.10 -30.33
C PRO A 179 38.19 -14.27 -30.95
N THR A 180 39.51 -14.12 -31.09
CA THR A 180 40.36 -15.20 -31.62
C THR A 180 41.42 -15.61 -30.58
N VAL A 181 41.35 -15.00 -29.40
CA VAL A 181 42.29 -15.32 -28.32
C VAL A 181 42.07 -16.75 -27.81
CA CA B . -7.22 0.46 17.55
CA CA C . -9.71 -12.44 6.21
CA CA D . -4.69 3.01 14.04
CA CA E . -6.60 -11.16 2.71
CA CA F . -2.73 4.92 10.00
CA CA G . -3.14 -10.28 -0.86
N ALA A 1 -11.22 -28.90 14.83
CA ALA A 1 -10.86 -27.48 15.07
C ALA A 1 -12.01 -26.75 15.71
N ASP A 2 -11.78 -25.49 16.11
CA ASP A 2 -12.85 -24.70 16.75
C ASP A 2 -12.66 -23.21 16.41
N PRO A 3 -13.59 -22.61 15.65
CA PRO A 3 -13.37 -21.20 15.31
C PRO A 3 -13.54 -20.27 16.52
N GLY A 4 -12.79 -19.19 16.57
CA GLY A 4 -12.85 -18.27 17.73
C GLY A 4 -12.15 -16.93 17.49
N VAL A 5 -12.26 -16.44 16.27
CA VAL A 5 -11.58 -15.21 15.82
C VAL A 5 -11.77 -14.01 16.76
N GLU A 6 -10.66 -13.50 17.29
CA GLU A 6 -10.70 -12.34 18.20
C GLU A 6 -10.51 -11.07 17.38
N GLY A 7 -10.51 -11.22 16.07
CA GLY A 7 -10.41 -10.10 15.18
C GLY A 7 -11.72 -9.42 14.89
N THR A 8 -11.79 -8.79 13.71
CA THR A 8 -12.92 -7.96 13.24
C THR A 8 -13.04 -6.65 14.03
N PRO A 9 -13.69 -5.61 13.45
CA PRO A 9 -13.76 -4.29 14.13
C PRO A 9 -14.62 -4.16 15.40
N VAL A 10 -14.85 -5.29 16.07
CA VAL A 10 -15.79 -5.37 17.19
C VAL A 10 -15.27 -4.77 18.50
N VAL A 11 -13.95 -4.72 18.73
CA VAL A 11 -13.40 -4.25 20.01
C VAL A 11 -12.05 -3.51 19.83
N GLY A 12 -11.81 -2.50 20.66
CA GLY A 12 -10.52 -1.82 20.69
C GLY A 12 -10.27 -0.68 19.73
N SER A 13 -11.31 -0.01 19.25
CA SER A 13 -11.13 1.04 18.23
C SER A 13 -10.05 2.07 18.61
N ASP A 14 -10.25 2.85 19.66
CA ASP A 14 -9.41 4.04 19.95
C ASP A 14 -8.13 3.77 20.74
N LEU A 15 -7.72 2.51 20.79
CA LEU A 15 -6.53 2.07 21.53
C LEU A 15 -5.73 1.01 20.75
N ASP A 16 -4.53 0.70 21.19
CA ASP A 16 -3.62 -0.23 20.45
C ASP A 16 -4.16 -1.66 20.50
N ASP A 17 -4.19 -2.30 19.33
CA ASP A 17 -4.79 -3.65 19.18
C ASP A 17 -3.86 -4.69 18.62
N GLU A 18 -4.23 -5.95 18.85
CA GLU A 18 -3.73 -7.08 18.10
C GLU A 18 -4.98 -7.78 17.57
N LEU A 19 -5.34 -7.52 16.31
CA LEU A 19 -6.54 -8.13 15.72
C LEU A 19 -6.18 -9.18 14.70
N HIS A 20 -6.42 -10.44 15.02
CA HIS A 20 -6.11 -11.54 14.12
C HIS A 20 -7.41 -12.04 13.47
N GLY A 21 -7.51 -11.93 12.15
CA GLY A 21 -8.78 -12.15 11.47
C GLY A 21 -9.11 -13.58 11.03
N THR A 22 -10.18 -13.71 10.25
CA THR A 22 -10.65 -15.00 9.72
C THR A 22 -9.93 -15.28 8.41
N LEU A 23 -10.06 -16.50 7.91
CA LEU A 23 -9.53 -16.85 6.61
C LEU A 23 -10.52 -16.52 5.50
N GLY A 24 -11.56 -15.79 5.86
CA GLY A 24 -12.58 -15.34 4.92
C GLY A 24 -12.50 -13.83 4.77
N SER A 25 -13.30 -13.24 3.88
CA SER A 25 -13.32 -11.79 3.66
C SER A 25 -13.84 -11.05 4.92
N GLU A 26 -13.23 -9.91 5.23
CA GLU A 26 -13.60 -9.12 6.41
C GLU A 26 -13.36 -7.66 6.15
N GLN A 27 -14.04 -6.77 6.87
CA GLN A 27 -13.61 -5.37 6.98
C GLN A 27 -12.66 -5.35 8.20
N ILE A 28 -11.55 -4.63 8.11
CA ILE A 28 -10.57 -4.54 9.18
C ILE A 28 -10.35 -3.03 9.43
N LEU A 29 -11.10 -2.46 10.36
CA LEU A 29 -10.99 -1.06 10.69
C LEU A 29 -10.22 -1.02 12.03
N GLY A 30 -9.08 -0.35 12.03
CA GLY A 30 -8.18 -0.33 13.18
C GLY A 30 -8.57 0.72 14.18
N GLY A 31 -9.23 1.79 13.72
CA GLY A 31 -9.52 2.92 14.56
C GLY A 31 -8.23 3.55 15.07
N GLY A 32 -8.25 4.14 16.26
CA GLY A 32 -7.08 4.78 16.79
C GLY A 32 -6.03 3.79 17.24
N GLY A 33 -4.93 4.36 17.72
CA GLY A 33 -3.83 3.57 18.22
C GLY A 33 -2.96 2.95 17.14
N ALA A 34 -1.75 2.50 17.52
CA ALA A 34 -0.82 1.82 16.60
C ALA A 34 -1.19 0.37 16.62
N ASP A 35 -1.92 -0.09 15.61
CA ASP A 35 -2.49 -1.43 15.67
C ASP A 35 -1.62 -2.44 14.91
N GLN A 36 -1.75 -3.71 15.29
CA GLN A 36 -1.08 -4.84 14.60
C GLN A 36 -2.21 -5.71 14.02
N LEU A 37 -2.54 -5.39 12.78
CA LEU A 37 -3.70 -5.98 12.09
C LEU A 37 -3.31 -7.11 11.21
N TYR A 38 -4.07 -8.20 11.24
CA TYR A 38 -3.75 -9.42 10.45
C TYR A 38 -4.96 -9.93 9.70
N GLY A 39 -5.06 -9.52 8.44
CA GLY A 39 -6.20 -9.88 7.61
C GLY A 39 -6.21 -11.32 7.16
N TYR A 40 -5.05 -11.95 7.06
CA TYR A 40 -4.87 -13.33 6.58
C TYR A 40 -5.62 -13.56 5.26
N ALA A 41 -6.09 -14.78 5.08
CA ALA A 41 -6.78 -15.14 3.84
C ALA A 41 -8.16 -14.48 3.75
N GLY A 42 -8.67 -14.39 2.54
CA GLY A 42 -9.91 -13.72 2.26
C GLY A 42 -9.64 -12.38 1.55
N ASN A 43 -10.64 -11.89 0.83
CA ASN A 43 -10.53 -10.60 0.18
C ASN A 43 -10.95 -9.52 1.17
N ASP A 44 -9.98 -9.02 1.92
CA ASP A 44 -10.22 -8.13 3.05
C ASP A 44 -10.21 -6.66 2.65
N LEU A 45 -10.82 -5.84 3.49
CA LEU A 45 -10.93 -4.42 3.25
C LEU A 45 -10.33 -3.67 4.45
N LEU A 46 -9.10 -3.23 4.27
CA LEU A 46 -8.26 -2.76 5.38
C LEU A 46 -8.14 -1.25 5.52
N ASP A 47 -8.60 -0.76 6.66
CA ASP A 47 -8.47 0.65 7.02
C ASP A 47 -7.72 0.76 8.38
N GLY A 48 -6.43 1.09 8.38
CA GLY A 48 -5.68 1.14 9.63
C GLY A 48 -6.24 2.17 10.61
N GLY A 49 -6.84 3.23 10.08
CA GLY A 49 -7.38 4.29 10.96
C GLY A 49 -6.25 5.10 11.53
N ALA A 50 -6.51 5.94 12.51
CA ALA A 50 -5.48 6.83 13.04
C ALA A 50 -4.30 6.08 13.64
N GLY A 51 -3.13 6.71 13.62
CA GLY A 51 -1.91 6.07 14.06
C GLY A 51 -1.05 5.45 12.96
N ARG A 52 0.19 5.11 13.27
CA ARG A 52 1.09 4.44 12.34
C ARG A 52 0.88 2.96 12.58
N ASP A 53 0.19 2.32 11.64
CA ASP A 53 -0.30 0.96 11.83
C ASP A 53 0.57 -0.04 11.17
N LYS A 54 0.57 -1.25 11.71
CA LYS A 54 1.31 -2.38 11.17
C LYS A 54 0.22 -3.32 10.70
N LEU A 55 0.21 -3.75 9.45
CA LEU A 55 -0.90 -4.55 8.94
C LEU A 55 -0.49 -5.54 7.87
N SER A 56 -0.95 -6.76 8.04
CA SER A 56 -0.77 -7.82 7.05
C SER A 56 -2.06 -7.87 6.22
N GLY A 57 -1.93 -7.98 4.90
CA GLY A 57 -3.10 -8.16 4.05
C GLY A 57 -3.42 -9.62 3.91
N GLY A 58 -2.38 -10.43 3.77
CA GLY A 58 -2.54 -11.87 3.60
C GLY A 58 -2.90 -12.28 2.19
N GLU A 59 -3.24 -13.56 2.03
CA GLU A 59 -3.70 -14.08 0.73
C GLU A 59 -4.99 -13.41 0.31
N GLY A 60 -5.33 -13.52 -0.97
CA GLY A 60 -6.56 -12.92 -1.49
C GLY A 60 -6.36 -11.47 -1.93
N ALA A 61 -7.29 -10.93 -2.69
CA ALA A 61 -7.21 -9.57 -3.19
C ALA A 61 -7.69 -8.62 -2.12
N ASP A 62 -6.80 -7.82 -1.60
CA ASP A 62 -7.14 -6.90 -0.52
C ASP A 62 -7.26 -5.48 -1.03
N THR A 63 -8.05 -4.67 -0.33
CA THR A 63 -8.22 -3.28 -0.69
C THR A 63 -7.76 -2.47 0.54
N PHE A 64 -6.89 -1.50 0.32
CA PHE A 64 -6.39 -0.64 1.39
C PHE A 64 -6.91 0.76 1.02
N ARG A 65 -7.55 1.44 1.95
CA ARG A 65 -7.98 2.83 1.73
C ARG A 65 -7.66 3.74 2.86
N PHE A 66 -7.65 3.16 4.06
CA PHE A 66 -7.51 3.94 5.30
C PHE A 66 -8.77 4.78 5.54
N ALA A 67 -8.96 5.26 6.75
CA ALA A 67 -10.26 5.80 7.15
C ALA A 67 -10.59 7.21 6.60
N LEU A 68 -9.59 8.08 6.62
CA LEU A 68 -9.78 9.50 6.30
C LEU A 68 -8.73 10.11 5.40
N ARG A 69 -9.03 11.33 4.96
CA ARG A 69 -8.07 12.22 4.29
C ARG A 69 -6.87 12.45 5.22
N GLU A 70 -7.16 12.37 6.52
CA GLU A 70 -6.21 12.58 7.62
C GLU A 70 -5.34 11.36 7.93
N ASP A 71 -5.42 10.31 7.13
CA ASP A 71 -4.71 9.03 7.40
C ASP A 71 -3.55 8.75 6.39
N SER A 72 -2.55 7.99 6.84
CA SER A 72 -1.36 7.65 6.04
C SER A 72 -0.73 8.77 5.17
N HIS A 73 -0.50 9.90 5.82
CA HIS A 73 0.02 11.10 5.15
C HIS A 73 1.28 11.63 5.81
N ARG A 74 2.02 12.46 5.09
CA ARG A 74 3.21 13.14 5.63
C ARG A 74 2.81 14.58 5.73
N SER A 75 3.19 15.22 6.81
CA SER A 75 2.87 16.60 7.09
C SER A 75 4.14 17.40 7.28
N PRO A 76 4.08 18.75 7.39
CA PRO A 76 5.32 19.47 7.68
C PRO A 76 5.93 19.07 9.05
N LEU A 77 5.10 18.59 9.95
CA LEU A 77 5.57 18.24 11.29
C LEU A 77 6.32 16.90 11.31
N GLY A 78 5.95 16.00 10.40
CA GLY A 78 6.47 14.64 10.43
C GLY A 78 5.53 13.71 9.69
N THR A 79 5.87 12.41 9.64
CA THR A 79 5.04 11.43 8.90
C THR A 79 4.08 10.63 9.79
N PHE A 80 2.99 10.23 9.18
CA PHE A 80 1.97 9.37 9.80
C PHE A 80 1.57 8.31 8.82
N GLY A 81 2.53 7.93 7.96
CA GLY A 81 2.30 6.90 6.95
C GLY A 81 2.18 5.52 7.57
N ASP A 82 1.36 4.68 6.96
CA ASP A 82 1.14 3.32 7.48
C ASP A 82 2.21 2.36 7.01
N ARG A 83 2.23 1.15 7.59
CA ARG A 83 3.26 0.15 7.29
C ARG A 83 2.61 -1.21 6.93
N ILE A 84 2.63 -1.63 5.66
CA ILE A 84 1.98 -2.88 5.27
C ILE A 84 3.05 -3.95 5.20
N LEU A 85 2.75 -5.11 5.74
CA LEU A 85 3.77 -6.16 5.90
C LEU A 85 4.00 -7.06 4.69
N ASP A 86 2.94 -7.45 4.00
CA ASP A 86 3.02 -8.44 2.92
C ASP A 86 2.19 -8.09 1.68
N PHE A 87 2.20 -6.80 1.34
CA PHE A 87 1.40 -6.28 0.20
C PHE A 87 1.79 -6.99 -1.08
N ASP A 88 0.79 -7.43 -1.82
CA ASP A 88 1.03 -8.14 -3.05
C ASP A 88 0.53 -7.28 -4.22
N PRO A 89 1.45 -6.67 -5.00
CA PRO A 89 1.01 -5.73 -6.04
C PRO A 89 0.16 -6.31 -7.18
N SER A 90 0.18 -7.64 -7.31
CA SER A 90 -0.58 -8.33 -8.35
C SER A 90 -2.01 -8.66 -7.89
N GLN A 91 -2.16 -8.86 -6.59
CA GLN A 91 -3.46 -9.18 -6.01
C GLN A 91 -4.18 -7.94 -5.54
N ASP A 92 -3.43 -7.13 -4.79
CA ASP A 92 -3.99 -6.12 -3.89
C ASP A 92 -4.03 -4.73 -4.56
N ARG A 93 -4.78 -3.80 -3.98
CA ARG A 93 -4.89 -2.41 -4.48
C ARG A 93 -4.96 -1.37 -3.37
N ILE A 94 -4.50 -0.15 -3.64
CA ILE A 94 -4.46 0.93 -2.66
C ILE A 94 -5.19 2.15 -3.27
N ASP A 95 -6.20 2.63 -2.57
CA ASP A 95 -6.91 3.89 -2.98
C ASP A 95 -6.09 5.06 -2.48
N VAL A 96 -6.13 6.13 -3.24
CA VAL A 96 -5.38 7.34 -2.90
C VAL A 96 -5.99 8.60 -3.54
N SER A 97 -6.93 8.47 -4.47
CA SER A 97 -7.54 9.65 -5.10
C SER A 97 -8.29 10.47 -4.05
N ALA A 98 -8.94 9.76 -3.13
CA ALA A 98 -9.77 10.40 -2.10
C ALA A 98 -8.97 11.06 -0.94
N LEU A 99 -7.72 10.61 -0.76
CA LEU A 99 -6.93 10.99 0.43
C LEU A 99 -5.45 11.41 0.20
N GLY A 100 -4.96 11.41 -1.04
CA GLY A 100 -3.60 11.84 -1.31
C GLY A 100 -3.41 12.60 -2.59
N PHE A 101 -3.60 11.91 -3.71
CA PHE A 101 -3.35 12.51 -5.04
C PHE A 101 -4.08 11.75 -6.13
N SER A 102 -4.17 12.38 -7.30
CA SER A 102 -4.73 11.76 -8.49
C SER A 102 -3.69 11.70 -9.61
N GLY A 103 -2.74 12.64 -9.55
CA GLY A 103 -1.67 12.69 -10.54
C GLY A 103 -0.41 11.95 -10.09
N LEU A 104 0.05 10.93 -10.82
CA LEU A 104 1.29 10.23 -10.41
C LEU A 104 2.53 11.13 -10.50
N GLY A 105 3.56 10.76 -9.75
CA GLY A 105 4.79 11.52 -9.71
C GLY A 105 5.80 11.03 -10.74
N ASN A 106 7.03 11.53 -10.71
CA ASN A 106 8.05 11.11 -11.70
C ASN A 106 8.66 9.75 -11.35
N GLY A 107 7.97 8.68 -11.73
CA GLY A 107 8.50 7.32 -11.70
C GLY A 107 8.57 6.80 -13.13
N TYR A 108 8.94 5.55 -13.34
CA TYR A 108 9.05 5.01 -14.70
C TYR A 108 8.25 3.72 -14.85
N ALA A 109 7.96 3.36 -16.09
CA ALA A 109 7.13 2.19 -16.39
C ALA A 109 5.79 2.12 -15.65
N GLY A 110 5.06 3.22 -15.64
CA GLY A 110 3.73 3.22 -15.00
C GLY A 110 3.89 3.12 -13.49
N SER A 111 4.75 3.93 -12.90
CA SER A 111 4.96 3.86 -11.47
C SER A 111 5.31 5.25 -10.88
N LEU A 112 5.41 5.33 -9.56
CA LEU A 112 5.86 6.53 -8.86
C LEU A 112 7.27 6.12 -8.43
N ALA A 113 8.10 7.04 -7.96
CA ALA A 113 9.47 6.62 -7.64
C ALA A 113 9.42 5.87 -6.31
N VAL A 114 10.12 4.75 -6.25
CA VAL A 114 10.15 3.92 -5.03
C VAL A 114 11.47 4.15 -4.29
N SER A 115 11.57 3.78 -3.03
CA SER A 115 12.77 3.98 -2.23
C SER A 115 12.95 2.91 -1.17
N VAL A 116 14.16 2.79 -0.62
CA VAL A 116 14.42 1.83 0.46
C VAL A 116 14.80 2.68 1.69
N SER A 117 14.70 2.10 2.87
CA SER A 117 15.10 2.81 4.11
C SER A 117 16.63 2.75 4.19
N ASP A 118 17.16 1.58 3.87
CA ASP A 118 18.59 1.29 3.97
C ASP A 118 18.74 -0.03 3.24
N ASP A 119 19.91 -0.66 3.36
CA ASP A 119 20.17 -1.95 2.71
C ASP A 119 19.19 -3.05 3.16
N GLY A 120 18.62 -2.92 4.35
CA GLY A 120 17.60 -3.85 4.80
C GLY A 120 16.35 -3.10 5.26
N THR A 121 15.67 -3.66 6.25
CA THR A 121 14.44 -3.08 6.78
C THR A 121 13.38 -2.81 5.70
N ARG A 122 12.62 -1.71 5.82
CA ARG A 122 11.48 -1.48 4.97
C ARG A 122 11.77 -0.71 3.70
N THR A 123 10.83 -0.82 2.78
CA THR A 123 10.86 -0.12 1.51
C THR A 123 9.69 0.87 1.60
N TYR A 124 9.68 1.88 0.74
CA TYR A 124 8.67 2.93 0.79
C TYR A 124 8.12 3.18 -0.62
N LEU A 125 6.92 3.70 -0.71
CA LEU A 125 6.32 4.15 -1.99
C LEU A 125 5.72 5.49 -1.60
N LYS A 126 6.06 6.51 -2.37
CA LYS A 126 5.73 7.89 -2.01
C LYS A 126 5.04 8.64 -3.14
N SER A 127 4.34 9.70 -2.78
CA SER A 127 3.77 10.64 -3.74
C SER A 127 4.77 11.77 -3.91
N TYR A 128 4.81 12.38 -5.09
CA TYR A 128 5.71 13.51 -5.35
C TYR A 128 4.86 14.67 -5.71
N GLU A 129 3.62 14.59 -5.24
CA GLU A 129 2.60 15.62 -5.43
C GLU A 129 2.08 15.97 -4.04
N ALA A 130 1.92 17.26 -3.78
CA ALA A 130 1.58 17.68 -2.43
C ALA A 130 0.56 18.79 -2.48
N ASP A 131 -0.17 18.92 -1.38
CA ASP A 131 -1.12 20.02 -1.17
C ASP A 131 -0.34 21.30 -0.86
N ALA A 132 -0.98 22.45 -1.06
CA ALA A 132 -0.40 23.75 -0.67
C ALA A 132 -0.25 23.82 0.85
N GLN A 133 -1.00 22.97 1.56
CA GLN A 133 -0.91 22.84 3.02
C GLN A 133 0.41 22.18 3.45
N GLY A 134 1.15 21.60 2.52
CA GLY A 134 2.39 20.90 2.85
C GLY A 134 2.13 19.44 3.24
N LEU A 135 0.99 18.91 2.80
CA LEU A 135 0.61 17.52 3.06
C LEU A 135 0.92 16.73 1.81
N SER A 136 1.44 15.51 1.97
CA SER A 136 1.79 14.62 0.87
C SER A 136 1.54 13.20 1.33
N PHE A 137 1.61 12.21 0.45
CA PHE A 137 1.24 10.84 0.84
C PHE A 137 2.44 9.87 0.78
N GLU A 138 2.54 8.99 1.78
CA GLU A 138 3.55 7.91 1.74
C GLU A 138 3.06 6.71 2.56
N VAL A 139 3.56 5.53 2.17
CA VAL A 139 3.23 4.28 2.85
C VAL A 139 4.47 3.43 2.80
N ALA A 140 4.73 2.67 3.86
CA ALA A 140 5.95 1.88 3.93
C ALA A 140 5.54 0.40 3.76
N LEU A 141 6.35 -0.35 3.08
CA LEU A 141 6.05 -1.75 2.82
C LEU A 141 7.29 -2.57 3.19
N GLU A 142 7.19 -3.71 3.84
CA GLU A 142 8.42 -4.41 4.23
C GLU A 142 8.70 -5.72 3.49
N GLY A 143 7.90 -6.01 2.47
CA GLY A 143 8.12 -7.24 1.68
C GLY A 143 9.26 -7.21 0.67
N ASP A 144 10.01 -6.11 0.68
CA ASP A 144 11.20 -5.93 -0.17
C ASP A 144 10.90 -6.21 -1.62
N HIS A 145 9.86 -5.57 -2.10
CA HIS A 145 9.32 -5.77 -3.44
C HIS A 145 9.14 -4.42 -4.16
N ALA A 146 9.99 -3.46 -3.82
CA ALA A 146 9.93 -2.16 -4.53
C ALA A 146 10.18 -2.33 -6.05
N ALA A 147 10.99 -3.29 -6.46
CA ALA A 147 11.25 -3.58 -7.89
C ALA A 147 10.00 -4.10 -8.59
N ALA A 148 9.05 -4.62 -7.83
CA ALA A 148 7.77 -5.08 -8.39
C ALA A 148 6.64 -4.03 -8.32
N LEU A 149 6.69 -3.13 -7.33
CA LEU A 149 5.63 -2.13 -7.21
C LEU A 149 5.46 -1.25 -8.44
N SER A 150 4.20 -1.02 -8.81
CA SER A 150 3.86 -0.18 -9.94
C SER A 150 2.69 0.68 -9.46
N ALA A 151 2.35 1.71 -10.21
CA ALA A 151 1.17 2.55 -9.95
C ALA A 151 -0.10 1.87 -10.40
N ASP A 152 0.04 0.71 -10.99
CA ASP A 152 -1.11 0.02 -11.52
C ASP A 152 -2.07 -0.47 -10.41
N ASN A 153 -1.50 -0.76 -9.24
CA ASN A 153 -2.30 -1.14 -8.05
C ASN A 153 -2.75 0.12 -7.28
N ILE A 154 -2.34 1.28 -7.71
CA ILE A 154 -2.77 2.51 -7.05
C ILE A 154 -3.95 3.01 -7.88
N VAL A 155 -5.08 3.26 -7.25
CA VAL A 155 -6.30 3.64 -7.99
C VAL A 155 -6.66 5.11 -7.90
N PHE A 156 -6.39 5.76 -9.03
CA PHE A 156 -6.66 7.21 -9.20
C PHE A 156 -7.16 7.50 -10.62
N ALA A 157 -7.24 6.49 -11.48
CA ALA A 157 -7.71 6.68 -12.86
C ALA A 157 -9.26 6.74 -12.97
N ALA A 158 -9.87 7.62 -12.19
CA ALA A 158 -11.35 7.76 -12.10
C ALA A 158 -12.08 6.48 -11.63
N THR A 159 -11.30 5.58 -11.03
CA THR A 159 -11.76 4.29 -10.47
C THR A 159 -12.25 3.21 -11.45
N ASP A 160 -13.00 3.62 -12.50
CA ASP A 160 -13.52 2.67 -13.47
C ASP A 160 -12.38 2.12 -14.34
N ALA A 161 -12.54 0.87 -14.80
CA ALA A 161 -11.55 0.17 -15.62
C ALA A 161 -11.59 0.59 -17.10
N ALA A 162 -12.18 1.75 -17.35
CA ALA A 162 -12.36 2.28 -18.69
C ALA A 162 -11.04 2.61 -19.45
N ALA A 163 -9.96 2.83 -18.74
CA ALA A 163 -8.69 3.14 -19.39
C ALA A 163 -7.51 2.44 -18.70
N ALA A 164 -6.30 2.95 -18.94
CA ALA A 164 -5.06 2.45 -18.31
C ALA A 164 -4.67 1.00 -18.69
N GLY A 165 -3.67 0.49 -18.00
CA GLY A 165 -3.10 -0.82 -18.29
C GLY A 165 -2.12 -0.73 -19.44
N GLU A 166 -1.58 0.47 -19.61
CA GLU A 166 -0.68 0.79 -20.71
C GLU A 166 0.78 0.72 -20.22
N LEU A 167 1.54 -0.25 -20.74
CA LEU A 167 2.95 -0.44 -20.35
C LEU A 167 3.83 -0.36 -21.59
N GLY A 168 5.01 0.23 -21.46
CA GLY A 168 5.92 0.41 -22.59
C GLY A 168 7.15 -0.46 -22.48
N VAL A 169 7.07 -1.46 -21.62
CA VAL A 169 8.21 -2.33 -21.32
C VAL A 169 8.58 -3.20 -22.52
N ILE A 170 7.56 -3.66 -23.24
CA ILE A 170 7.78 -4.57 -24.38
C ILE A 170 8.64 -3.91 -25.46
N GLY A 171 9.63 -4.65 -25.94
CA GLY A 171 10.54 -4.17 -26.99
C GLY A 171 11.89 -4.80 -26.81
N ALA A 172 12.69 -4.83 -27.88
CA ALA A 172 14.03 -5.39 -27.88
C ALA A 172 14.94 -4.70 -28.91
N SER A 173 16.23 -4.72 -28.63
CA SER A 173 17.25 -4.14 -29.51
C SER A 173 18.58 -4.70 -28.99
N GLY A 174 19.63 -4.63 -29.78
CA GLY A 174 20.92 -5.06 -29.29
C GLY A 174 22.02 -5.03 -30.34
N GLN A 175 23.25 -5.00 -29.86
CA GLN A 175 24.44 -5.00 -30.70
C GLN A 175 25.25 -6.28 -30.43
N PRO A 176 25.28 -7.21 -31.41
CA PRO A 176 25.98 -8.47 -31.10
C PRO A 176 27.51 -8.37 -31.10
N ASP A 177 28.16 -9.41 -30.62
CA ASP A 177 29.65 -9.51 -30.65
C ASP A 177 30.02 -10.83 -31.35
N ASP A 178 31.07 -10.81 -32.16
CA ASP A 178 31.50 -12.02 -32.90
C ASP A 178 33.03 -12.10 -33.01
N PRO A 179 33.73 -12.42 -31.91
CA PRO A 179 35.20 -12.55 -32.00
C PRO A 179 35.67 -13.74 -32.82
N THR A 180 36.87 -13.59 -33.39
CA THR A 180 37.45 -14.62 -34.28
C THR A 180 38.81 -15.05 -33.74
N VAL A 181 39.12 -14.64 -32.52
CA VAL A 181 40.38 -14.98 -31.85
C VAL A 181 40.43 -16.50 -31.64
CA CA B . -7.28 0.26 17.58
CA CA C . -9.64 -12.33 6.41
CA CA D . -4.98 2.54 14.08
CA CA E . -6.40 -11.16 2.68
CA CA F . -3.06 4.74 9.86
CA CA G . -3.09 -10.03 -0.79
N ALA A 1 -12.17 -28.29 13.79
CA ALA A 1 -11.71 -26.89 14.19
C ALA A 1 -12.76 -26.24 15.11
N ASP A 2 -12.38 -25.14 15.77
CA ASP A 2 -13.32 -24.40 16.65
C ASP A 2 -13.11 -22.88 16.48
N PRO A 3 -13.96 -22.22 15.70
CA PRO A 3 -13.71 -20.79 15.49
C PRO A 3 -13.98 -19.93 16.72
N GLY A 4 -13.14 -18.93 16.89
CA GLY A 4 -13.23 -18.03 18.06
C GLY A 4 -12.41 -16.78 17.76
N VAL A 5 -12.60 -16.17 16.62
CA VAL A 5 -11.82 -15.02 16.16
C VAL A 5 -11.85 -13.90 17.20
N GLU A 6 -10.67 -13.41 17.56
CA GLU A 6 -10.51 -12.36 18.54
C GLU A 6 -10.27 -11.01 17.84
N GLY A 7 -10.20 -11.04 16.52
CA GLY A 7 -10.00 -9.84 15.72
C GLY A 7 -11.28 -9.12 15.41
N THR A 8 -11.38 -8.57 14.20
CA THR A 8 -12.52 -7.76 13.70
C THR A 8 -12.64 -6.40 14.43
N PRO A 9 -13.30 -5.40 13.80
CA PRO A 9 -13.31 -4.04 14.38
C PRO A 9 -14.13 -3.86 15.66
N VAL A 10 -14.80 -4.93 16.08
CA VAL A 10 -15.78 -4.93 17.17
C VAL A 10 -15.23 -4.59 18.57
N VAL A 11 -13.92 -4.60 18.74
CA VAL A 11 -13.33 -4.35 20.07
C VAL A 11 -12.07 -3.47 20.06
N GLY A 12 -12.01 -2.51 20.97
CA GLY A 12 -10.80 -1.68 21.14
C GLY A 12 -10.56 -0.62 20.11
N SER A 13 -11.53 -0.29 19.26
CA SER A 13 -11.27 0.55 18.09
C SER A 13 -10.43 1.79 18.41
N ASP A 14 -10.76 2.60 19.43
CA ASP A 14 -10.05 3.88 19.68
C ASP A 14 -8.68 3.79 20.39
N LEU A 15 -8.16 2.56 20.59
CA LEU A 15 -6.89 2.38 21.31
C LEU A 15 -6.06 1.23 20.70
N ASP A 16 -4.80 1.08 21.10
CA ASP A 16 -3.87 0.10 20.49
C ASP A 16 -4.34 -1.33 20.63
N ASP A 17 -4.39 -2.06 19.50
CA ASP A 17 -4.91 -3.43 19.48
C ASP A 17 -4.00 -4.42 18.81
N GLU A 18 -4.35 -5.69 19.03
CA GLU A 18 -3.76 -6.80 18.31
C GLU A 18 -4.97 -7.54 17.71
N LEU A 19 -5.19 -7.46 16.39
CA LEU A 19 -6.38 -8.07 15.79
C LEU A 19 -5.96 -9.07 14.71
N HIS A 20 -6.24 -10.34 14.93
CA HIS A 20 -6.02 -11.36 13.90
C HIS A 20 -7.38 -11.82 13.37
N GLY A 21 -7.58 -11.69 12.06
CA GLY A 21 -8.85 -12.08 11.41
C GLY A 21 -8.92 -13.53 10.96
N THR A 22 -10.03 -13.89 10.34
CA THR A 22 -10.29 -15.23 9.80
C THR A 22 -9.63 -15.41 8.45
N LEU A 23 -9.75 -16.61 7.86
CA LEU A 23 -9.20 -16.87 6.54
C LEU A 23 -10.24 -16.54 5.45
N GLY A 24 -11.30 -15.85 5.85
CA GLY A 24 -12.38 -15.49 4.94
C GLY A 24 -12.40 -13.99 4.67
N SER A 25 -13.38 -13.51 3.92
CA SER A 25 -13.49 -12.09 3.59
C SER A 25 -14.00 -11.22 4.74
N GLU A 26 -13.30 -10.15 5.05
CA GLU A 26 -13.65 -9.32 6.22
C GLU A 26 -13.39 -7.82 6.00
N GLN A 27 -14.05 -6.99 6.80
CA GLN A 27 -13.64 -5.59 6.92
C GLN A 27 -12.80 -5.52 8.19
N ILE A 28 -11.55 -5.09 8.06
CA ILE A 28 -10.62 -4.96 9.19
C ILE A 28 -10.32 -3.45 9.32
N LEU A 29 -10.88 -2.83 10.34
CA LEU A 29 -10.67 -1.42 10.61
C LEU A 29 -9.93 -1.36 11.95
N GLY A 30 -8.86 -0.57 12.00
CA GLY A 30 -8.06 -0.45 13.19
C GLY A 30 -8.50 0.61 14.13
N GLY A 31 -9.02 1.69 13.58
CA GLY A 31 -9.48 2.80 14.38
C GLY A 31 -8.34 3.57 14.98
N GLY A 32 -8.54 4.08 16.19
CA GLY A 32 -7.53 4.82 16.88
C GLY A 32 -6.45 3.97 17.47
N GLY A 33 -5.35 4.62 17.79
CA GLY A 33 -4.24 3.94 18.43
C GLY A 33 -3.35 3.28 17.41
N ALA A 34 -2.16 2.85 17.80
CA ALA A 34 -1.24 2.13 16.90
C ALA A 34 -1.63 0.65 16.90
N ASP A 35 -2.15 0.15 15.78
CA ASP A 35 -2.68 -1.23 15.77
C ASP A 35 -1.80 -2.23 15.03
N GLN A 36 -1.97 -3.50 15.37
CA GLN A 36 -1.25 -4.62 14.75
C GLN A 36 -2.34 -5.51 14.08
N LEU A 37 -2.66 -5.18 12.83
CA LEU A 37 -3.75 -5.86 12.13
C LEU A 37 -3.24 -6.99 11.24
N TYR A 38 -3.93 -8.14 11.25
CA TYR A 38 -3.58 -9.28 10.40
C TYR A 38 -4.87 -9.74 9.71
N GLY A 39 -4.94 -9.58 8.40
CA GLY A 39 -6.12 -10.01 7.67
C GLY A 39 -6.07 -11.42 7.11
N TYR A 40 -4.87 -11.95 6.92
CA TYR A 40 -4.65 -13.32 6.37
C TYR A 40 -5.41 -13.59 5.07
N ALA A 41 -5.84 -14.82 4.85
CA ALA A 41 -6.51 -15.17 3.61
C ALA A 41 -7.90 -14.51 3.49
N GLY A 42 -8.41 -14.55 2.27
CA GLY A 42 -9.68 -13.91 1.91
C GLY A 42 -9.47 -12.52 1.38
N ASN A 43 -10.43 -12.04 0.62
CA ASN A 43 -10.37 -10.68 0.07
C ASN A 43 -10.78 -9.80 1.26
N ASP A 44 -9.88 -8.96 1.75
CA ASP A 44 -10.14 -8.21 2.96
C ASP A 44 -10.07 -6.71 2.64
N LEU A 45 -10.67 -5.89 3.49
CA LEU A 45 -10.54 -4.45 3.43
C LEU A 45 -9.73 -4.09 4.67
N LEU A 46 -8.63 -3.40 4.50
CA LEU A 46 -7.72 -3.07 5.60
C LEU A 46 -7.52 -1.57 5.75
N ASP A 47 -8.22 -1.02 6.71
CA ASP A 47 -8.18 0.42 6.96
C ASP A 47 -7.62 0.63 8.38
N GLY A 48 -6.36 1.03 8.47
CA GLY A 48 -5.71 1.21 9.76
C GLY A 48 -6.27 2.29 10.68
N GLY A 49 -6.94 3.29 10.12
CA GLY A 49 -7.49 4.37 10.91
C GLY A 49 -6.39 5.27 11.45
N ALA A 50 -6.71 6.16 12.39
CA ALA A 50 -5.74 7.08 13.02
C ALA A 50 -4.51 6.39 13.61
N GLY A 51 -3.42 7.15 13.69
CA GLY A 51 -2.17 6.64 14.25
C GLY A 51 -1.36 5.96 13.18
N ARG A 52 -0.11 5.59 13.49
CA ARG A 52 0.69 4.79 12.57
C ARG A 52 0.13 3.42 12.85
N ASP A 53 0.26 2.53 11.89
CA ASP A 53 -0.28 1.18 12.04
C ASP A 53 0.60 0.15 11.38
N LYS A 54 0.51 -1.09 11.83
CA LYS A 54 1.22 -2.20 11.21
C LYS A 54 0.11 -3.14 10.77
N LEU A 55 0.05 -3.42 9.48
CA LEU A 55 -1.09 -4.16 8.93
C LEU A 55 -0.70 -5.21 7.87
N SER A 56 -1.21 -6.43 8.02
CA SER A 56 -0.89 -7.53 7.11
C SER A 56 -2.09 -7.79 6.22
N GLY A 57 -1.87 -7.79 4.91
CA GLY A 57 -2.98 -8.08 4.00
C GLY A 57 -3.27 -9.57 3.87
N GLY A 58 -2.21 -10.33 3.64
CA GLY A 58 -2.32 -11.77 3.43
C GLY A 58 -2.78 -12.17 2.03
N GLU A 59 -3.15 -13.45 1.83
CA GLU A 59 -3.67 -13.93 0.54
C GLU A 59 -5.05 -13.31 0.22
N GLY A 60 -5.44 -13.32 -1.04
CA GLY A 60 -6.68 -12.72 -1.49
C GLY A 60 -6.46 -11.29 -1.95
N ALA A 61 -7.36 -10.80 -2.79
CA ALA A 61 -7.31 -9.45 -3.32
C ALA A 61 -7.78 -8.45 -2.29
N ASP A 62 -6.80 -7.84 -1.64
CA ASP A 62 -7.11 -6.94 -0.54
C ASP A 62 -7.31 -5.49 -1.01
N THR A 63 -8.04 -4.71 -0.22
CA THR A 63 -8.33 -3.35 -0.57
C THR A 63 -7.96 -2.42 0.57
N PHE A 64 -7.14 -1.43 0.29
CA PHE A 64 -6.69 -0.47 1.31
C PHE A 64 -7.26 0.89 0.97
N ARG A 65 -8.30 1.29 1.70
CA ARG A 65 -8.99 2.57 1.48
C ARG A 65 -8.62 3.55 2.56
N PHE A 66 -8.33 3.02 3.73
CA PHE A 66 -8.11 3.78 4.97
C PHE A 66 -9.41 4.50 5.39
N ALA A 67 -9.47 4.99 6.62
CA ALA A 67 -10.72 5.47 7.19
C ALA A 67 -11.02 6.95 6.86
N LEU A 68 -9.96 7.78 6.87
CA LEU A 68 -10.11 9.23 6.71
C LEU A 68 -9.07 9.78 5.75
N ARG A 69 -9.35 10.98 5.25
CA ARG A 69 -8.39 11.76 4.43
C ARG A 69 -7.11 12.00 5.25
N GLU A 70 -7.29 11.99 6.56
CA GLU A 70 -6.21 12.19 7.53
C GLU A 70 -5.32 10.97 7.76
N ASP A 71 -5.57 9.87 7.02
CA ASP A 71 -4.78 8.64 7.20
C ASP A 71 -3.60 8.47 6.24
N SER A 72 -2.56 7.81 6.71
CA SER A 72 -1.39 7.43 5.88
C SER A 72 -0.76 8.58 5.10
N HIS A 73 -0.69 9.73 5.76
CA HIS A 73 -0.20 10.92 5.10
C HIS A 73 1.13 11.43 5.71
N ARG A 74 1.79 12.29 4.97
CA ARG A 74 3.00 12.96 5.46
C ARG A 74 2.56 14.40 5.63
N SER A 75 3.05 15.07 6.66
CA SER A 75 2.70 16.46 6.93
C SER A 75 3.99 17.18 7.28
N PRO A 76 3.98 18.52 7.37
CA PRO A 76 5.19 19.24 7.84
C PRO A 76 5.59 18.88 9.27
N LEU A 77 4.66 18.31 10.04
CA LEU A 77 4.93 17.90 11.42
C LEU A 77 5.71 16.59 11.47
N GLY A 78 5.58 15.80 10.41
CA GLY A 78 6.23 14.49 10.34
C GLY A 78 5.34 13.51 9.60
N THR A 79 5.78 12.26 9.51
CA THR A 79 5.01 11.24 8.85
C THR A 79 3.96 10.62 9.77
N PHE A 80 2.85 10.23 9.17
CA PHE A 80 1.84 9.43 9.82
C PHE A 80 1.47 8.33 8.82
N GLY A 81 2.46 8.01 7.96
CA GLY A 81 2.29 7.03 6.92
C GLY A 81 2.14 5.63 7.53
N ASP A 82 1.31 4.81 6.91
CA ASP A 82 0.98 3.48 7.46
C ASP A 82 2.02 2.47 6.95
N ARG A 83 2.08 1.28 7.54
CA ARG A 83 3.11 0.31 7.16
C ARG A 83 2.40 -1.03 6.87
N ILE A 84 2.49 -1.53 5.66
CA ILE A 84 1.86 -2.79 5.31
C ILE A 84 2.95 -3.86 5.31
N LEU A 85 2.63 -5.01 5.91
CA LEU A 85 3.59 -6.10 6.15
C LEU A 85 3.85 -6.95 4.91
N ASP A 86 2.77 -7.49 4.34
CA ASP A 86 2.89 -8.42 3.19
C ASP A 86 1.94 -8.07 2.03
N PHE A 87 2.00 -6.82 1.63
CA PHE A 87 1.24 -6.34 0.47
C PHE A 87 1.71 -7.10 -0.76
N ASP A 88 0.79 -7.41 -1.67
CA ASP A 88 1.11 -8.15 -2.88
C ASP A 88 0.64 -7.33 -4.06
N PRO A 89 1.57 -6.72 -4.83
CA PRO A 89 1.14 -5.79 -5.85
C PRO A 89 0.42 -6.37 -7.10
N SER A 90 0.42 -7.69 -7.24
CA SER A 90 -0.25 -8.34 -8.39
C SER A 90 -1.77 -8.32 -8.14
N GLN A 91 -2.16 -8.52 -6.90
CA GLN A 91 -3.57 -8.72 -6.55
C GLN A 91 -4.21 -7.58 -5.74
N ASP A 92 -3.45 -6.94 -4.88
CA ASP A 92 -4.01 -5.98 -3.91
C ASP A 92 -4.04 -4.56 -4.52
N ARG A 93 -4.99 -3.74 -4.07
CA ARG A 93 -5.22 -2.40 -4.65
C ARG A 93 -5.26 -1.35 -3.54
N ILE A 94 -4.70 -0.16 -3.78
CA ILE A 94 -4.72 0.92 -2.80
C ILE A 94 -5.32 2.15 -3.42
N ASP A 95 -6.23 2.79 -2.72
CA ASP A 95 -6.80 4.10 -3.12
C ASP A 95 -6.02 5.19 -2.44
N VAL A 96 -5.80 6.25 -3.18
CA VAL A 96 -5.04 7.41 -2.69
C VAL A 96 -5.66 8.75 -3.15
N SER A 97 -6.70 8.70 -3.96
CA SER A 97 -7.31 9.94 -4.47
C SER A 97 -8.09 10.62 -3.34
N ALA A 98 -8.62 9.81 -2.45
CA ALA A 98 -9.35 10.31 -1.30
C ALA A 98 -8.45 11.05 -0.28
N LEU A 99 -7.22 10.53 -0.13
CA LEU A 99 -6.32 10.98 0.94
C LEU A 99 -5.12 11.82 0.54
N GLY A 100 -4.62 11.62 -0.67
CA GLY A 100 -3.31 12.20 -1.03
C GLY A 100 -3.26 13.08 -2.24
N PHE A 101 -3.35 12.47 -3.42
CA PHE A 101 -3.04 13.15 -4.70
C PHE A 101 -3.82 12.48 -5.84
N SER A 102 -3.77 13.05 -7.04
CA SER A 102 -4.38 12.43 -8.22
C SER A 102 -3.39 12.34 -9.39
N GLY A 103 -2.33 13.13 -9.38
CA GLY A 103 -1.27 13.06 -10.43
C GLY A 103 -0.08 12.23 -9.98
N LEU A 104 0.30 11.25 -10.79
CA LEU A 104 1.46 10.41 -10.47
C LEU A 104 2.78 11.20 -10.52
N GLY A 105 3.75 10.77 -9.74
CA GLY A 105 5.01 11.48 -9.63
C GLY A 105 6.07 11.08 -10.64
N ASN A 106 7.29 11.57 -10.53
CA ASN A 106 8.34 11.24 -11.49
C ASN A 106 8.88 9.82 -11.24
N GLY A 107 8.15 8.83 -11.76
CA GLY A 107 8.60 7.44 -11.72
C GLY A 107 8.84 6.95 -13.14
N TYR A 108 9.11 5.65 -13.31
CA TYR A 108 9.27 5.03 -14.64
C TYR A 108 8.67 3.62 -14.63
N ALA A 109 8.54 3.06 -15.84
CA ALA A 109 8.00 1.72 -16.07
C ALA A 109 6.57 1.52 -15.54
N GLY A 110 5.79 2.58 -15.56
CA GLY A 110 4.38 2.51 -15.16
C GLY A 110 4.23 2.56 -13.66
N SER A 111 5.19 3.09 -12.93
CA SER A 111 5.09 3.19 -11.47
C SER A 111 5.48 4.58 -11.03
N LEU A 112 5.21 4.85 -9.75
CA LEU A 112 5.69 6.09 -9.11
C LEU A 112 7.05 5.72 -8.61
N ALA A 113 7.88 6.69 -8.26
CA ALA A 113 9.26 6.34 -7.83
C ALA A 113 9.23 5.64 -6.46
N VAL A 114 9.79 4.44 -6.44
CA VAL A 114 9.87 3.60 -5.22
C VAL A 114 11.18 3.94 -4.55
N SER A 115 11.31 3.63 -3.27
CA SER A 115 12.52 3.94 -2.49
C SER A 115 12.74 2.87 -1.43
N VAL A 116 13.92 2.85 -0.83
CA VAL A 116 14.24 1.83 0.17
C VAL A 116 14.49 2.53 1.48
N SER A 117 14.52 1.75 2.54
CA SER A 117 14.98 2.24 3.85
C SER A 117 16.50 2.35 3.77
N ASP A 118 17.12 1.23 3.41
CA ASP A 118 18.57 1.11 3.34
C ASP A 118 18.82 -0.08 2.42
N ASP A 119 19.98 -0.69 2.50
CA ASP A 119 20.27 -1.88 1.67
C ASP A 119 19.27 -3.00 2.00
N GLY A 120 18.84 -3.09 3.26
CA GLY A 120 17.86 -4.10 3.65
C GLY A 120 16.63 -3.42 4.18
N THR A 121 15.98 -4.09 5.13
CA THR A 121 14.80 -3.58 5.82
C THR A 121 13.63 -3.28 4.89
N ARG A 122 12.85 -2.23 5.19
CA ARG A 122 11.60 -1.95 4.48
C ARG A 122 11.83 -1.20 3.15
N THR A 123 10.76 -1.17 2.34
CA THR A 123 10.73 -0.35 1.13
C THR A 123 9.65 0.71 1.38
N TYR A 124 9.67 1.79 0.62
CA TYR A 124 8.73 2.91 0.78
C TYR A 124 8.26 3.35 -0.56
N LEU A 125 7.01 3.78 -0.65
CA LEU A 125 6.44 4.30 -1.90
C LEU A 125 5.93 5.66 -1.51
N LYS A 126 6.37 6.66 -2.25
CA LYS A 126 6.10 8.02 -1.93
C LYS A 126 5.37 8.69 -3.08
N SER A 127 4.61 9.71 -2.74
CA SER A 127 4.03 10.59 -3.72
C SER A 127 4.93 11.81 -3.80
N TYR A 128 4.92 12.50 -4.91
CA TYR A 128 5.73 13.69 -5.07
C TYR A 128 4.86 14.91 -5.42
N GLU A 129 3.56 14.76 -5.24
CA GLU A 129 2.61 15.90 -5.34
C GLU A 129 2.18 16.23 -3.92
N ALA A 130 2.21 17.52 -3.55
CA ALA A 130 1.82 17.95 -2.21
C ALA A 130 0.79 19.06 -2.33
N ASP A 131 -0.04 19.16 -1.27
CA ASP A 131 -1.09 20.18 -1.17
C ASP A 131 -0.51 21.54 -0.73
N ALA A 132 -1.27 22.62 -0.86
CA ALA A 132 -0.82 23.96 -0.42
C ALA A 132 -0.47 23.90 1.07
N GLN A 133 -1.22 23.07 1.80
CA GLN A 133 -1.03 22.86 3.23
C GLN A 133 0.22 22.04 3.62
N GLY A 134 0.98 21.58 2.63
CA GLY A 134 2.20 20.80 2.91
C GLY A 134 1.92 19.32 3.15
N LEU A 135 0.68 18.91 2.92
CA LEU A 135 0.30 17.52 3.11
C LEU A 135 0.63 16.73 1.85
N SER A 136 1.13 15.52 2.03
CA SER A 136 1.55 14.67 0.90
C SER A 136 1.31 13.24 1.30
N PHE A 137 1.64 12.29 0.41
CA PHE A 137 1.38 10.86 0.76
C PHE A 137 2.66 10.01 0.78
N GLU A 138 2.77 9.17 1.79
CA GLU A 138 3.80 8.12 1.80
C GLU A 138 3.23 6.93 2.56
N VAL A 139 3.67 5.74 2.14
CA VAL A 139 3.29 4.52 2.83
C VAL A 139 4.51 3.60 2.73
N ALA A 140 4.71 2.77 3.75
CA ALA A 140 5.85 1.85 3.78
C ALA A 140 5.35 0.43 3.56
N LEU A 141 6.18 -0.40 2.93
CA LEU A 141 5.78 -1.77 2.59
C LEU A 141 7.02 -2.63 2.89
N GLU A 142 6.95 -3.66 3.72
CA GLU A 142 8.19 -4.33 4.14
C GLU A 142 8.42 -5.65 3.45
N GLY A 143 7.58 -5.92 2.46
CA GLY A 143 7.77 -7.12 1.64
C GLY A 143 8.99 -7.05 0.77
N ASP A 144 9.53 -5.85 0.58
CA ASP A 144 10.71 -5.63 -0.25
C ASP A 144 10.50 -6.10 -1.69
N HIS A 145 9.48 -5.53 -2.31
CA HIS A 145 9.05 -5.87 -3.66
C HIS A 145 9.04 -4.59 -4.52
N ALA A 146 10.06 -3.76 -4.36
CA ALA A 146 10.12 -2.54 -5.13
C ALA A 146 10.13 -2.76 -6.65
N ALA A 147 10.75 -3.82 -7.15
CA ALA A 147 10.79 -4.06 -8.60
C ALA A 147 9.42 -4.46 -9.17
N ALA A 148 8.58 -5.00 -8.31
CA ALA A 148 7.26 -5.50 -8.71
C ALA A 148 6.15 -4.45 -8.63
N LEU A 149 6.37 -3.49 -7.78
CA LEU A 149 5.40 -2.40 -7.59
C LEU A 149 5.23 -1.57 -8.89
N SER A 150 3.98 -1.43 -9.29
CA SER A 150 3.62 -0.60 -10.41
C SER A 150 2.37 0.22 -10.00
N ALA A 151 2.14 1.36 -10.67
CA ALA A 151 1.04 2.27 -10.34
C ALA A 151 -0.30 1.74 -10.78
N ASP A 152 -0.30 0.59 -11.43
CA ASP A 152 -1.55 0.00 -11.89
C ASP A 152 -2.41 -0.39 -10.70
N ASN A 153 -1.77 -0.74 -9.60
CA ASN A 153 -2.48 -1.11 -8.37
C ASN A 153 -2.73 0.09 -7.45
N ILE A 154 -2.33 1.30 -7.84
CA ILE A 154 -2.62 2.49 -7.06
C ILE A 154 -3.72 3.18 -7.86
N VAL A 155 -4.87 3.44 -7.26
CA VAL A 155 -5.98 4.03 -7.98
C VAL A 155 -6.22 5.50 -7.65
N PHE A 156 -6.09 6.30 -8.71
CA PHE A 156 -6.28 7.76 -8.70
C PHE A 156 -6.83 8.19 -10.05
N ALA A 157 -7.39 7.23 -10.78
CA ALA A 157 -7.88 7.44 -12.14
C ALA A 157 -9.41 7.56 -12.16
N ALA A 158 -9.92 8.30 -11.17
CA ALA A 158 -11.37 8.42 -10.93
C ALA A 158 -12.11 7.07 -10.76
N THR A 159 -11.37 6.04 -10.30
CA THR A 159 -11.89 4.69 -10.01
C THR A 159 -12.43 3.90 -11.22
N ASP A 160 -12.61 4.53 -12.37
CA ASP A 160 -13.09 3.83 -13.54
C ASP A 160 -11.98 2.92 -14.09
N ALA A 161 -12.38 1.71 -14.53
CA ALA A 161 -11.43 0.72 -15.03
C ALA A 161 -11.26 0.86 -16.55
N ALA A 162 -11.89 1.88 -17.12
CA ALA A 162 -11.80 2.20 -18.56
C ALA A 162 -10.41 2.79 -18.96
N ALA A 163 -9.42 2.62 -18.11
CA ALA A 163 -8.09 3.16 -18.36
C ALA A 163 -7.05 2.16 -17.82
N ALA A 164 -5.84 2.63 -17.54
CA ALA A 164 -4.77 1.81 -16.95
C ALA A 164 -4.34 0.59 -17.80
N GLY A 165 -3.36 -0.16 -17.30
CA GLY A 165 -2.81 -1.29 -18.03
C GLY A 165 -1.92 -0.86 -19.21
N GLU A 166 -1.38 0.33 -19.12
CA GLU A 166 -0.60 0.90 -20.22
C GLU A 166 0.90 0.57 -20.09
N LEU A 167 1.42 -0.21 -21.04
CA LEU A 167 2.82 -0.62 -21.01
C LEU A 167 3.51 -0.16 -22.30
N GLY A 168 4.76 0.23 -22.18
CA GLY A 168 5.54 0.66 -23.35
C GLY A 168 7.00 0.27 -23.20
N VAL A 169 7.23 -0.87 -22.56
CA VAL A 169 8.58 -1.29 -22.22
C VAL A 169 9.21 -2.21 -23.26
N ILE A 170 8.35 -2.96 -23.94
CA ILE A 170 8.78 -3.98 -24.89
C ILE A 170 9.56 -3.39 -26.05
N GLY A 171 10.70 -4.00 -26.35
CA GLY A 171 11.49 -3.59 -27.54
C GLY A 171 12.86 -4.25 -27.50
N ALA A 172 13.55 -4.35 -28.61
CA ALA A 172 14.86 -5.06 -28.64
C ALA A 172 15.83 -4.45 -29.66
N SER A 173 17.12 -4.49 -29.30
CA SER A 173 18.23 -4.03 -30.13
C SER A 173 19.48 -4.81 -29.66
N GLY A 174 20.59 -4.65 -30.31
CA GLY A 174 21.78 -5.38 -29.91
C GLY A 174 23.02 -5.08 -30.72
N GLN A 175 24.18 -5.49 -30.25
CA GLN A 175 25.43 -5.31 -30.95
C GLN A 175 26.33 -6.53 -30.67
N PRO A 176 26.12 -7.65 -31.40
CA PRO A 176 26.82 -8.90 -31.10
C PRO A 176 28.29 -8.85 -31.45
N ASP A 177 29.07 -9.63 -30.72
CA ASP A 177 30.52 -9.70 -30.92
C ASP A 177 30.93 -11.02 -31.58
N ASP A 178 31.97 -10.96 -32.38
CA ASP A 178 32.50 -12.16 -33.04
C ASP A 178 34.03 -12.07 -33.14
N PRO A 179 34.74 -12.29 -32.04
CA PRO A 179 36.20 -12.12 -32.02
C PRO A 179 36.94 -13.23 -32.76
N THR A 180 38.21 -13.04 -32.96
CA THR A 180 39.07 -14.04 -33.65
C THR A 180 40.20 -14.49 -32.72
N VAL A 181 40.19 -13.98 -31.48
CA VAL A 181 41.24 -14.30 -30.49
C VAL A 181 41.32 -15.81 -30.26
CA CA B . -7.59 0.34 17.69
CA CA C . -9.44 -12.47 6.23
CA CA D . -4.93 2.83 14.14
CA CA E . -6.38 -11.04 2.75
CA CA F . -2.96 4.94 10.09
CA CA G . -3.18 -9.87 -0.79
N ALA A 1 -11.15 -28.50 15.28
CA ALA A 1 -11.04 -27.02 15.23
C ALA A 1 -12.29 -26.38 15.82
N ASP A 2 -12.16 -25.17 16.33
CA ASP A 2 -13.27 -24.44 16.94
C ASP A 2 -13.24 -22.96 16.57
N PRO A 3 -14.29 -22.46 15.89
CA PRO A 3 -14.24 -21.04 15.53
C PRO A 3 -14.41 -20.08 16.72
N GLY A 4 -13.85 -18.89 16.62
CA GLY A 4 -13.89 -17.94 17.73
C GLY A 4 -12.89 -16.81 17.55
N VAL A 5 -13.04 -16.06 16.47
CA VAL A 5 -12.08 -15.03 16.09
C VAL A 5 -12.05 -13.93 17.16
N GLU A 6 -10.83 -13.54 17.56
CA GLU A 6 -10.70 -12.52 18.61
C GLU A 6 -10.63 -11.15 17.99
N GLY A 7 -10.37 -11.11 16.69
CA GLY A 7 -10.26 -9.86 15.97
C GLY A 7 -11.56 -9.21 15.58
N THR A 8 -11.52 -8.54 14.43
CA THR A 8 -12.62 -7.77 13.79
C THR A 8 -12.79 -6.39 14.49
N PRO A 9 -13.39 -5.38 13.81
CA PRO A 9 -13.47 -4.02 14.40
C PRO A 9 -14.28 -3.86 15.70
N VAL A 10 -14.91 -4.92 16.17
CA VAL A 10 -15.82 -4.90 17.32
C VAL A 10 -15.17 -4.49 18.64
N VAL A 11 -13.84 -4.56 18.74
CA VAL A 11 -13.16 -4.23 20.02
C VAL A 11 -11.84 -3.49 19.82
N GLY A 12 -11.62 -2.52 20.70
CA GLY A 12 -10.38 -1.76 20.75
C GLY A 12 -10.17 -0.67 19.71
N SER A 13 -11.23 -0.25 19.05
CA SER A 13 -11.11 0.73 17.98
C SER A 13 -10.23 1.93 18.33
N ASP A 14 -10.56 2.67 19.36
CA ASP A 14 -9.89 3.99 19.65
C ASP A 14 -8.49 3.91 20.30
N LEU A 15 -7.99 2.69 20.48
CA LEU A 15 -6.75 2.43 21.22
C LEU A 15 -5.91 1.34 20.57
N ASP A 16 -4.70 1.13 21.03
CA ASP A 16 -3.76 0.15 20.45
C ASP A 16 -4.32 -1.28 20.45
N ASP A 17 -4.16 -1.96 19.32
CA ASP A 17 -4.74 -3.31 19.13
C ASP A 17 -3.76 -4.32 18.66
N GLU A 18 -4.16 -5.57 18.81
CA GLU A 18 -3.58 -6.69 18.11
C GLU A 18 -4.81 -7.47 17.69
N LEU A 19 -5.11 -7.46 16.39
CA LEU A 19 -6.32 -8.13 15.89
C LEU A 19 -5.97 -9.12 14.79
N HIS A 20 -6.40 -10.35 14.95
CA HIS A 20 -6.17 -11.40 13.95
C HIS A 20 -7.52 -11.81 13.41
N GLY A 21 -7.63 -11.94 12.08
CA GLY A 21 -8.93 -12.19 11.45
C GLY A 21 -9.14 -13.61 10.93
N THR A 22 -10.33 -13.88 10.38
CA THR A 22 -10.66 -15.19 9.80
C THR A 22 -10.08 -15.37 8.40
N LEU A 23 -10.27 -16.58 7.84
CA LEU A 23 -9.82 -16.82 6.49
C LEU A 23 -10.82 -16.38 5.42
N GLY A 24 -11.84 -15.63 5.84
CA GLY A 24 -12.87 -15.13 4.94
C GLY A 24 -12.69 -13.65 4.62
N SER A 25 -13.57 -13.11 3.79
CA SER A 25 -13.55 -11.69 3.44
C SER A 25 -14.09 -10.83 4.59
N GLU A 26 -13.34 -9.80 4.98
CA GLU A 26 -13.69 -8.99 6.16
C GLU A 26 -13.32 -7.51 5.92
N GLN A 27 -14.07 -6.62 6.55
CA GLN A 27 -13.65 -5.21 6.60
C GLN A 27 -12.89 -5.15 7.93
N ILE A 28 -11.66 -4.67 7.92
CA ILE A 28 -10.85 -4.60 9.13
C ILE A 28 -10.51 -3.15 9.35
N LEU A 29 -11.19 -2.52 10.27
CA LEU A 29 -10.92 -1.15 10.61
C LEU A 29 -10.08 -1.23 11.88
N GLY A 30 -8.99 -0.51 11.86
CA GLY A 30 -8.13 -0.42 13.04
C GLY A 30 -8.51 0.70 13.97
N GLY A 31 -9.07 1.77 13.44
CA GLY A 31 -9.43 2.92 14.28
C GLY A 31 -8.21 3.62 14.84
N GLY A 32 -8.32 4.20 16.04
CA GLY A 32 -7.22 4.90 16.68
C GLY A 32 -6.16 3.98 17.23
N GLY A 33 -5.06 4.55 17.64
CA GLY A 33 -4.00 3.78 18.25
C GLY A 33 -3.12 3.05 17.28
N ALA A 34 -1.95 2.64 17.73
CA ALA A 34 -1.00 1.85 16.93
C ALA A 34 -1.52 0.41 16.91
N ASP A 35 -2.02 -0.03 15.78
CA ASP A 35 -2.67 -1.31 15.70
C ASP A 35 -1.78 -2.26 14.96
N GLN A 36 -1.86 -3.55 15.31
CA GLN A 36 -1.21 -4.62 14.58
C GLN A 36 -2.30 -5.50 14.04
N LEU A 37 -2.54 -5.38 12.73
CA LEU A 37 -3.69 -6.01 12.05
C LEU A 37 -3.28 -7.12 11.12
N TYR A 38 -3.89 -8.29 11.25
CA TYR A 38 -3.59 -9.45 10.38
C TYR A 38 -4.89 -9.97 9.71
N GLY A 39 -5.04 -9.62 8.43
CA GLY A 39 -6.23 -9.96 7.67
C GLY A 39 -6.31 -11.42 7.23
N TYR A 40 -5.17 -12.06 7.02
CA TYR A 40 -5.08 -13.46 6.53
C TYR A 40 -5.87 -13.69 5.23
N ALA A 41 -6.28 -14.91 4.94
CA ALA A 41 -6.96 -15.22 3.68
C ALA A 41 -8.32 -14.52 3.56
N GLY A 42 -8.85 -14.55 2.35
CA GLY A 42 -10.10 -13.87 2.04
C GLY A 42 -9.77 -12.49 1.50
N ASN A 43 -10.72 -11.88 0.80
CA ASN A 43 -10.49 -10.53 0.25
C ASN A 43 -10.84 -9.49 1.29
N ASP A 44 -9.82 -8.86 1.86
CA ASP A 44 -10.04 -8.04 3.04
C ASP A 44 -9.88 -6.55 2.73
N LEU A 45 -10.70 -5.75 3.39
CA LEU A 45 -10.67 -4.29 3.27
C LEU A 45 -10.04 -3.70 4.53
N LEU A 46 -8.73 -3.48 4.54
CA LEU A 46 -8.02 -3.02 5.73
C LEU A 46 -7.83 -1.50 5.74
N ASP A 47 -8.49 -0.88 6.70
CA ASP A 47 -8.43 0.56 6.91
C ASP A 47 -7.82 0.77 8.33
N GLY A 48 -6.51 0.98 8.40
CA GLY A 48 -5.81 1.10 9.69
C GLY A 48 -6.32 2.21 10.62
N GLY A 49 -7.03 3.21 10.10
CA GLY A 49 -7.53 4.30 10.90
C GLY A 49 -6.37 5.20 11.36
N ALA A 50 -6.69 6.09 12.29
CA ALA A 50 -5.71 7.06 12.84
C ALA A 50 -4.48 6.39 13.43
N GLY A 51 -3.36 7.11 13.42
CA GLY A 51 -2.12 6.61 13.96
C GLY A 51 -1.30 5.87 12.93
N ARG A 52 -0.11 5.43 13.28
CA ARG A 52 0.74 4.63 12.38
C ARG A 52 0.49 3.18 12.75
N ASP A 53 0.25 2.33 11.76
CA ASP A 53 -0.17 0.93 11.99
C ASP A 53 0.73 -0.02 11.28
N LYS A 54 0.74 -1.27 11.71
CA LYS A 54 1.54 -2.31 11.09
C LYS A 54 0.51 -3.36 10.66
N LEU A 55 0.44 -3.69 9.39
CA LEU A 55 -0.71 -4.48 8.93
C LEU A 55 -0.45 -5.48 7.77
N SER A 56 -0.90 -6.72 7.95
CA SER A 56 -0.80 -7.79 6.92
C SER A 56 -2.11 -7.98 6.16
N GLY A 57 -2.02 -8.22 4.89
CA GLY A 57 -3.19 -8.48 4.06
C GLY A 57 -3.41 -9.97 3.84
N GLY A 58 -2.34 -10.76 3.73
CA GLY A 58 -2.45 -12.19 3.47
C GLY A 58 -2.89 -12.53 2.07
N GLU A 59 -3.24 -13.78 1.84
CA GLU A 59 -3.77 -14.23 0.53
C GLU A 59 -5.06 -13.47 0.18
N GLY A 60 -5.39 -13.49 -1.12
CA GLY A 60 -6.59 -12.80 -1.61
C GLY A 60 -6.29 -11.42 -2.14
N ALA A 61 -7.27 -10.84 -2.83
CA ALA A 61 -7.14 -9.51 -3.41
C ALA A 61 -7.60 -8.44 -2.42
N ASP A 62 -6.64 -7.90 -1.66
CA ASP A 62 -6.94 -7.02 -0.54
C ASP A 62 -7.08 -5.58 -0.98
N THR A 63 -7.86 -4.79 -0.24
CA THR A 63 -8.04 -3.39 -0.55
C THR A 63 -7.69 -2.54 0.65
N PHE A 64 -6.65 -1.72 0.51
CA PHE A 64 -6.25 -0.81 1.57
C PHE A 64 -6.71 0.58 1.21
N ARG A 65 -7.80 1.08 1.80
CA ARG A 65 -8.32 2.39 1.43
C ARG A 65 -8.08 3.44 2.47
N PHE A 66 -7.88 3.00 3.70
CA PHE A 66 -7.70 3.86 4.88
C PHE A 66 -8.98 4.63 5.24
N ALA A 67 -9.08 5.11 6.49
CA ALA A 67 -10.33 5.63 7.01
C ALA A 67 -10.64 7.09 6.63
N LEU A 68 -9.65 7.98 6.75
CA LEU A 68 -9.84 9.42 6.53
C LEU A 68 -8.66 10.04 5.78
N ARG A 69 -8.83 11.29 5.34
CA ARG A 69 -7.74 12.10 4.74
C ARG A 69 -6.55 12.19 5.70
N GLU A 70 -6.84 12.02 6.98
CA GLU A 70 -5.86 12.12 8.08
C GLU A 70 -5.00 10.87 8.26
N ASP A 71 -5.31 9.81 7.53
CA ASP A 71 -4.50 8.58 7.57
C ASP A 71 -3.38 8.55 6.54
N SER A 72 -2.33 7.80 6.87
CA SER A 72 -1.25 7.36 5.96
C SER A 72 -0.73 8.48 5.05
N HIS A 73 -0.43 9.61 5.67
CA HIS A 73 0.04 10.79 4.96
C HIS A 73 1.20 11.43 5.67
N ARG A 74 1.88 12.32 4.97
CA ARG A 74 2.98 13.06 5.53
C ARG A 74 2.50 14.50 5.59
N SER A 75 2.77 15.15 6.70
CA SER A 75 2.41 16.54 6.97
C SER A 75 3.68 17.29 7.37
N PRO A 76 3.61 18.63 7.49
CA PRO A 76 4.82 19.34 7.93
C PRO A 76 5.33 18.88 9.30
N LEU A 77 4.45 18.33 10.12
CA LEU A 77 4.84 17.79 11.43
C LEU A 77 5.63 16.51 11.33
N GLY A 78 5.41 15.75 10.26
CA GLY A 78 6.09 14.47 10.09
C GLY A 78 5.18 13.48 9.39
N THR A 79 5.66 12.24 9.25
CA THR A 79 4.87 11.22 8.58
C THR A 79 3.91 10.50 9.52
N PHE A 80 2.76 10.13 8.98
CA PHE A 80 1.78 9.26 9.60
C PHE A 80 1.49 8.13 8.62
N GLY A 81 2.49 7.82 7.79
CA GLY A 81 2.41 6.77 6.81
C GLY A 81 2.20 5.42 7.49
N ASP A 82 1.43 4.56 6.86
CA ASP A 82 1.21 3.22 7.44
C ASP A 82 2.22 2.22 6.89
N ARG A 83 2.35 1.08 7.56
CA ARG A 83 3.37 0.07 7.18
C ARG A 83 2.70 -1.28 6.89
N ILE A 84 2.68 -1.68 5.65
CA ILE A 84 2.09 -2.93 5.24
C ILE A 84 3.18 -4.00 5.27
N LEU A 85 2.83 -5.15 5.80
CA LEU A 85 3.81 -6.22 6.03
C LEU A 85 4.10 -7.10 4.80
N ASP A 86 3.05 -7.46 4.07
CA ASP A 86 3.13 -8.49 3.01
C ASP A 86 2.34 -8.13 1.74
N PHE A 87 2.36 -6.86 1.34
CA PHE A 87 1.59 -6.42 0.17
C PHE A 87 1.94 -7.22 -1.09
N ASP A 88 0.91 -7.56 -1.87
CA ASP A 88 1.07 -8.30 -3.12
C ASP A 88 0.61 -7.40 -4.28
N PRO A 89 1.56 -6.78 -5.03
CA PRO A 89 1.15 -5.81 -6.02
C PRO A 89 0.40 -6.39 -7.23
N SER A 90 0.37 -7.72 -7.33
CA SER A 90 -0.35 -8.37 -8.42
C SER A 90 -1.86 -8.43 -8.07
N GLN A 91 -2.15 -8.81 -6.85
CA GLN A 91 -3.52 -9.06 -6.39
C GLN A 91 -4.19 -7.88 -5.69
N ASP A 92 -3.41 -7.17 -4.88
CA ASP A 92 -3.94 -6.20 -3.94
C ASP A 92 -4.03 -4.81 -4.58
N ARG A 93 -4.63 -3.87 -3.87
CA ARG A 93 -4.77 -2.50 -4.38
C ARG A 93 -4.82 -1.49 -3.21
N ILE A 94 -4.40 -0.26 -3.46
CA ILE A 94 -4.35 0.79 -2.43
C ILE A 94 -5.05 2.03 -2.94
N ASP A 95 -5.96 2.65 -2.17
CA ASP A 95 -6.57 3.95 -2.59
C ASP A 95 -5.66 5.08 -2.18
N VAL A 96 -5.68 6.15 -2.94
CA VAL A 96 -4.92 7.33 -2.65
C VAL A 96 -5.62 8.63 -3.16
N SER A 97 -6.67 8.47 -3.95
CA SER A 97 -7.34 9.60 -4.56
C SER A 97 -7.88 10.51 -3.49
N ALA A 98 -8.54 9.92 -2.51
CA ALA A 98 -9.14 10.66 -1.41
C ALA A 98 -8.15 11.25 -0.43
N LEU A 99 -7.13 10.49 -0.05
CA LEU A 99 -6.23 10.86 1.06
C LEU A 99 -4.86 11.34 0.67
N GLY A 100 -4.55 11.30 -0.62
CA GLY A 100 -3.21 11.65 -1.07
C GLY A 100 -3.07 12.49 -2.34
N PHE A 101 -3.30 11.90 -3.52
CA PHE A 101 -3.08 12.61 -4.80
C PHE A 101 -3.91 11.96 -5.91
N SER A 102 -3.99 12.58 -7.09
CA SER A 102 -4.64 11.94 -8.27
C SER A 102 -3.69 11.82 -9.46
N GLY A 103 -2.76 12.77 -9.63
CA GLY A 103 -1.78 12.66 -10.73
C GLY A 103 -0.53 11.97 -10.25
N LEU A 104 -0.06 10.96 -10.96
CA LEU A 104 1.13 10.24 -10.49
C LEU A 104 2.38 11.09 -10.60
N GLY A 105 3.31 10.86 -9.68
CA GLY A 105 4.53 11.65 -9.63
C GLY A 105 5.58 11.18 -10.63
N ASN A 106 6.82 11.67 -10.47
CA ASN A 106 7.89 11.36 -11.43
C ASN A 106 8.53 9.98 -11.18
N GLY A 107 7.79 8.91 -11.46
CA GLY A 107 8.33 7.57 -11.43
C GLY A 107 8.52 7.09 -12.86
N TYR A 108 8.78 5.81 -13.11
CA TYR A 108 9.01 5.29 -14.49
C TYR A 108 8.30 3.97 -14.65
N ALA A 109 8.13 3.50 -15.89
CA ALA A 109 7.42 2.25 -16.19
C ALA A 109 5.99 2.24 -15.58
N GLY A 110 5.32 3.37 -15.54
CA GLY A 110 3.97 3.43 -14.98
C GLY A 110 3.97 3.25 -13.46
N SER A 111 4.94 3.83 -12.77
CA SER A 111 5.03 3.67 -11.31
C SER A 111 5.32 5.01 -10.66
N LEU A 112 5.46 5.00 -9.34
CA LEU A 112 5.87 6.19 -8.60
C LEU A 112 7.33 5.90 -8.34
N ALA A 113 8.12 6.87 -7.95
CA ALA A 113 9.53 6.59 -7.72
C ALA A 113 9.64 5.82 -6.40
N VAL A 114 10.02 4.55 -6.51
CA VAL A 114 10.12 3.66 -5.35
C VAL A 114 11.30 4.11 -4.49
N SER A 115 11.24 3.84 -3.20
CA SER A 115 12.29 4.31 -2.26
C SER A 115 12.69 3.21 -1.30
N VAL A 116 13.82 3.33 -0.63
CA VAL A 116 14.26 2.33 0.33
C VAL A 116 14.60 3.03 1.66
N SER A 117 14.66 2.28 2.74
CA SER A 117 15.13 2.81 4.02
C SER A 117 16.65 2.78 3.96
N ASP A 118 17.17 1.63 3.60
CA ASP A 118 18.60 1.38 3.49
C ASP A 118 18.58 0.08 2.72
N ASP A 119 19.70 -0.66 2.72
CA ASP A 119 19.77 -1.91 1.99
C ASP A 119 18.82 -2.94 2.64
N GLY A 120 18.44 -2.71 3.89
CA GLY A 120 17.52 -3.57 4.62
C GLY A 120 16.28 -2.82 5.05
N THR A 121 15.67 -3.29 6.13
CA THR A 121 14.45 -2.68 6.69
C THR A 121 13.29 -2.59 5.67
N ARG A 122 12.64 -1.43 5.56
CA ARG A 122 11.42 -1.27 4.74
C ARG A 122 11.67 -0.57 3.43
N THR A 123 10.77 -0.82 2.50
CA THR A 123 10.74 -0.11 1.23
C THR A 123 9.59 0.84 1.31
N TYR A 124 9.60 1.88 0.49
CA TYR A 124 8.52 2.86 0.54
C TYR A 124 8.01 3.08 -0.88
N LEU A 125 6.80 3.60 -0.99
CA LEU A 125 6.26 4.03 -2.27
C LEU A 125 5.69 5.40 -1.95
N LYS A 126 6.42 6.43 -2.36
CA LYS A 126 6.06 7.80 -1.98
C LYS A 126 5.40 8.51 -3.15
N SER A 127 4.55 9.45 -2.84
CA SER A 127 4.00 10.33 -3.86
C SER A 127 4.95 11.51 -3.88
N TYR A 128 5.02 12.19 -5.01
CA TYR A 128 5.90 13.35 -5.15
C TYR A 128 5.08 14.51 -5.64
N GLU A 129 3.81 14.43 -5.30
CA GLU A 129 2.85 15.52 -5.50
C GLU A 129 2.42 15.88 -4.06
N ALA A 130 2.13 17.16 -3.86
CA ALA A 130 1.78 17.66 -2.53
C ALA A 130 0.82 18.83 -2.63
N ASP A 131 0.00 18.99 -1.60
CA ASP A 131 -0.94 20.09 -1.45
C ASP A 131 -0.20 21.35 -1.01
N ALA A 132 -0.83 22.51 -1.14
CA ALA A 132 -0.14 23.76 -0.83
C ALA A 132 0.17 23.89 0.68
N GLN A 133 -0.52 23.15 1.52
CA GLN A 133 -0.26 23.13 2.96
C GLN A 133 0.98 22.33 3.30
N GLY A 134 1.51 21.62 2.28
CA GLY A 134 2.68 20.79 2.48
C GLY A 134 2.33 19.36 2.83
N LEU A 135 1.08 18.99 2.63
CA LEU A 135 0.61 17.62 2.87
C LEU A 135 0.91 16.75 1.66
N SER A 136 1.39 15.53 1.88
CA SER A 136 1.72 14.60 0.79
C SER A 136 1.43 13.17 1.24
N PHE A 137 1.56 12.19 0.36
CA PHE A 137 1.26 10.79 0.73
C PHE A 137 2.53 9.90 0.65
N GLU A 138 2.67 8.97 1.60
CA GLU A 138 3.70 7.91 1.53
C GLU A 138 3.13 6.70 2.28
N VAL A 139 3.62 5.52 1.96
CA VAL A 139 3.28 4.30 2.69
C VAL A 139 4.53 3.44 2.64
N ALA A 140 4.76 2.65 3.68
CA ALA A 140 5.92 1.79 3.77
C ALA A 140 5.44 0.37 3.57
N LEU A 141 6.23 -0.42 2.87
CA LEU A 141 5.89 -1.82 2.58
C LEU A 141 7.17 -2.57 2.95
N GLU A 142 7.10 -3.56 3.81
CA GLU A 142 8.35 -4.19 4.28
C GLU A 142 8.58 -5.56 3.61
N GLY A 143 7.83 -5.80 2.56
CA GLY A 143 7.99 -7.05 1.80
C GLY A 143 9.10 -7.03 0.78
N ASP A 144 9.84 -5.93 0.75
CA ASP A 144 11.03 -5.78 -0.11
C ASP A 144 10.80 -6.15 -1.58
N HIS A 145 9.71 -5.65 -2.12
CA HIS A 145 9.27 -5.96 -3.48
C HIS A 145 9.12 -4.69 -4.32
N ALA A 146 10.06 -3.76 -4.17
CA ALA A 146 10.07 -2.56 -5.03
C ALA A 146 10.14 -2.88 -6.57
N ALA A 147 10.76 -3.99 -6.96
CA ALA A 147 10.89 -4.32 -8.41
C ALA A 147 9.54 -4.71 -9.00
N ALA A 148 8.59 -5.06 -8.13
CA ALA A 148 7.26 -5.44 -8.57
C ALA A 148 6.21 -4.34 -8.39
N LEU A 149 6.59 -3.25 -7.73
CA LEU A 149 5.62 -2.20 -7.45
C LEU A 149 5.45 -1.34 -8.68
N SER A 150 4.17 -1.08 -8.99
CA SER A 150 3.80 -0.14 -10.03
C SER A 150 2.56 0.63 -9.52
N ALA A 151 2.23 1.73 -10.19
CA ALA A 151 1.05 2.56 -9.80
C ALA A 151 -0.21 1.95 -10.36
N ASP A 152 -0.03 0.81 -10.98
CA ASP A 152 -1.13 0.07 -11.55
C ASP A 152 -2.09 -0.44 -10.44
N ASN A 153 -1.53 -0.75 -9.27
CA ASN A 153 -2.36 -1.20 -8.12
C ASN A 153 -2.76 -0.04 -7.20
N ILE A 154 -2.35 1.16 -7.53
CA ILE A 154 -2.69 2.37 -6.74
C ILE A 154 -3.87 3.00 -7.51
N VAL A 155 -4.97 3.19 -6.83
CA VAL A 155 -6.20 3.64 -7.49
C VAL A 155 -6.47 5.13 -7.31
N PHE A 156 -6.51 5.80 -8.46
CA PHE A 156 -6.75 7.24 -8.54
C PHE A 156 -7.45 7.61 -9.84
N ALA A 157 -7.53 6.71 -10.81
CA ALA A 157 -8.20 7.03 -12.09
C ALA A 157 -9.72 6.87 -12.04
N ALA A 158 -10.38 7.48 -11.09
CA ALA A 158 -11.84 7.45 -10.93
C ALA A 158 -12.45 6.04 -10.70
N THR A 159 -11.66 5.12 -10.15
CA THR A 159 -12.05 3.75 -9.81
C THR A 159 -12.42 2.80 -10.95
N ASP A 160 -13.21 3.26 -11.92
CA ASP A 160 -13.61 2.43 -13.08
C ASP A 160 -12.39 2.13 -13.98
N ALA A 161 -12.07 0.86 -14.16
CA ALA A 161 -10.87 0.42 -14.90
C ALA A 161 -11.03 0.48 -16.43
N ALA A 162 -11.82 1.42 -16.91
CA ALA A 162 -12.09 1.60 -18.33
C ALA A 162 -10.88 2.14 -19.10
N ALA A 163 -9.80 2.42 -18.37
CA ALA A 163 -8.60 3.02 -18.94
C ALA A 163 -7.35 2.59 -18.15
N ALA A 164 -6.19 3.14 -18.54
CA ALA A 164 -4.88 2.87 -17.91
C ALA A 164 -4.40 1.39 -18.05
N GLY A 165 -3.37 1.03 -17.27
CA GLY A 165 -2.80 -0.29 -17.33
C GLY A 165 -1.93 -0.46 -18.59
N GLU A 166 -1.41 0.65 -19.09
CA GLU A 166 -0.56 0.64 -20.28
C GLU A 166 0.90 0.53 -19.84
N LEU A 167 1.67 -0.34 -20.49
CA LEU A 167 3.08 -0.48 -20.22
C LEU A 167 3.82 -0.40 -21.56
N GLY A 168 4.98 0.24 -21.58
CA GLY A 168 5.78 0.35 -22.79
C GLY A 168 7.21 -0.11 -22.54
N VAL A 169 7.34 -1.15 -21.76
CA VAL A 169 8.64 -1.66 -21.32
C VAL A 169 9.25 -2.60 -22.38
N ILE A 170 8.39 -3.26 -23.13
CA ILE A 170 8.82 -4.20 -24.17
C ILE A 170 9.73 -3.50 -25.21
N GLY A 171 10.84 -4.16 -25.53
CA GLY A 171 11.78 -3.66 -26.51
C GLY A 171 13.12 -4.36 -26.44
N ALA A 172 13.87 -4.35 -27.53
CA ALA A 172 15.17 -5.00 -27.56
C ALA A 172 16.10 -4.30 -28.55
N SER A 173 17.37 -4.22 -28.18
CA SER A 173 18.42 -3.65 -29.03
C SER A 173 19.71 -4.35 -28.66
N GLY A 174 20.72 -4.26 -29.51
CA GLY A 174 22.00 -4.86 -29.19
C GLY A 174 23.09 -4.53 -30.18
N GLN A 175 24.25 -5.16 -29.98
CA GLN A 175 25.45 -4.95 -30.81
C GLN A 175 26.34 -6.20 -30.75
N PRO A 176 26.08 -7.20 -31.61
CA PRO A 176 26.89 -8.42 -31.50
C PRO A 176 28.36 -8.19 -31.93
N ASP A 177 29.21 -9.09 -31.50
CA ASP A 177 30.65 -9.02 -31.77
C ASP A 177 31.11 -10.39 -32.28
N ASP A 178 32.19 -10.45 -33.05
CA ASP A 178 32.74 -11.71 -33.54
C ASP A 178 34.28 -11.73 -33.53
N PRO A 179 34.89 -11.99 -32.36
CA PRO A 179 36.36 -11.99 -32.33
C PRO A 179 36.94 -13.20 -33.07
N THR A 180 37.96 -12.97 -33.87
CA THR A 180 38.57 -14.04 -34.69
C THR A 180 39.69 -14.77 -33.96
N VAL A 181 40.04 -14.33 -32.75
CA VAL A 181 41.10 -14.97 -31.97
C VAL A 181 40.58 -16.29 -31.37
CA CA B . -7.35 0.49 17.42
CA CA C . -9.72 -12.35 6.27
CA CA D . -4.85 2.80 14.00
CA CA E . -6.62 -11.16 2.67
CA CA F . -2.95 4.59 9.95
CA CA G . -3.01 -10.22 -0.83
N ALA A 1 -11.81 -28.66 14.81
CA ALA A 1 -11.71 -27.17 14.81
C ALA A 1 -12.98 -26.57 15.36
N ASP A 2 -12.89 -25.37 15.91
CA ASP A 2 -14.07 -24.66 16.42
C ASP A 2 -13.89 -23.14 16.25
N PRO A 3 -14.88 -22.47 15.67
CA PRO A 3 -14.66 -21.04 15.40
C PRO A 3 -14.70 -20.17 16.67
N GLY A 4 -13.91 -19.10 16.69
CA GLY A 4 -13.87 -18.18 17.84
C GLY A 4 -12.87 -17.07 17.61
N VAL A 5 -13.00 -16.46 16.44
CA VAL A 5 -12.09 -15.41 15.98
C VAL A 5 -12.01 -14.24 16.98
N GLU A 6 -10.78 -13.83 17.29
CA GLU A 6 -10.52 -12.77 18.27
C GLU A 6 -10.30 -11.45 17.57
N GLY A 7 -10.32 -11.49 16.25
CA GLY A 7 -10.19 -10.30 15.43
C GLY A 7 -11.49 -9.56 15.21
N THR A 8 -11.62 -8.99 14.02
CA THR A 8 -12.71 -8.11 13.61
C THR A 8 -12.69 -6.75 14.35
N PRO A 9 -13.27 -5.67 13.72
CA PRO A 9 -13.28 -4.31 14.32
C PRO A 9 -14.02 -4.17 15.64
N VAL A 10 -14.67 -5.25 16.10
CA VAL A 10 -15.63 -5.21 17.19
C VAL A 10 -15.11 -4.79 18.55
N VAL A 11 -13.79 -4.80 18.76
CA VAL A 11 -13.22 -4.44 20.08
C VAL A 11 -11.89 -3.69 19.96
N GLY A 12 -11.79 -2.59 20.70
CA GLY A 12 -10.55 -1.80 20.76
C GLY A 12 -10.32 -0.76 19.67
N SER A 13 -11.38 -0.32 19.00
CA SER A 13 -11.25 0.63 17.91
C SER A 13 -10.35 1.83 18.27
N ASP A 14 -10.68 2.54 19.31
CA ASP A 14 -10.00 3.84 19.64
C ASP A 14 -8.58 3.71 20.25
N LEU A 15 -8.13 2.48 20.43
CA LEU A 15 -6.87 2.21 21.17
C LEU A 15 -6.04 1.12 20.48
N ASP A 16 -4.83 0.86 20.98
CA ASP A 16 -3.94 -0.11 20.30
C ASP A 16 -4.64 -1.48 20.24
N ASP A 17 -4.40 -2.17 19.13
CA ASP A 17 -5.04 -3.48 18.84
C ASP A 17 -4.06 -4.54 18.43
N GLU A 18 -4.40 -5.77 18.75
CA GLU A 18 -3.73 -6.92 18.15
C GLU A 18 -4.93 -7.76 17.73
N LEU A 19 -5.22 -7.78 16.42
CA LEU A 19 -6.41 -8.46 15.90
C LEU A 19 -6.01 -9.40 14.82
N HIS A 20 -6.52 -10.62 14.87
CA HIS A 20 -6.22 -11.64 13.91
C HIS A 20 -7.51 -12.05 13.26
N GLY A 21 -7.66 -11.81 11.97
CA GLY A 21 -8.89 -12.15 11.25
C GLY A 21 -9.05 -13.62 10.83
N THR A 22 -10.19 -13.95 10.23
CA THR A 22 -10.51 -15.28 9.75
C THR A 22 -9.91 -15.50 8.38
N LEU A 23 -10.05 -16.72 7.85
CA LEU A 23 -9.61 -16.99 6.47
C LEU A 23 -10.65 -16.53 5.47
N GLY A 24 -11.71 -15.88 5.95
CA GLY A 24 -12.79 -15.40 5.11
C GLY A 24 -12.62 -13.95 4.73
N SER A 25 -13.60 -13.40 4.03
CA SER A 25 -13.59 -11.98 3.66
C SER A 25 -14.11 -11.14 4.86
N GLU A 26 -13.39 -10.10 5.22
CA GLU A 26 -13.76 -9.26 6.38
C GLU A 26 -13.39 -7.81 6.09
N GLN A 27 -14.01 -6.90 6.83
CA GLN A 27 -13.51 -5.53 6.87
C GLN A 27 -12.74 -5.43 8.18
N ILE A 28 -11.53 -4.89 8.13
CA ILE A 28 -10.71 -4.72 9.30
C ILE A 28 -10.44 -3.22 9.42
N LEU A 29 -11.12 -2.58 10.34
CA LEU A 29 -10.99 -1.14 10.55
C LEU A 29 -10.20 -1.02 11.83
N GLY A 30 -9.15 -0.23 11.75
CA GLY A 30 -8.27 -0.07 12.89
C GLY A 30 -8.60 1.03 13.88
N GLY A 31 -9.17 2.13 13.44
CA GLY A 31 -9.52 3.21 14.36
C GLY A 31 -8.28 3.87 14.94
N GLY A 32 -8.39 4.33 16.19
CA GLY A 32 -7.30 4.99 16.89
C GLY A 32 -6.22 4.01 17.35
N GLY A 33 -5.16 4.55 17.91
CA GLY A 33 -4.13 3.71 18.47
C GLY A 33 -3.25 3.13 17.40
N ALA A 34 -2.08 2.69 17.78
CA ALA A 34 -1.13 2.05 16.86
C ALA A 34 -1.54 0.59 16.81
N ASP A 35 -2.02 0.14 15.67
CA ASP A 35 -2.60 -1.21 15.60
C ASP A 35 -1.70 -2.21 14.90
N GLN A 36 -1.89 -3.49 15.25
CA GLN A 36 -1.17 -4.60 14.65
C GLN A 36 -2.23 -5.54 14.06
N LEU A 37 -2.53 -5.33 12.77
CA LEU A 37 -3.67 -6.00 12.13
C LEU A 37 -3.29 -7.09 11.14
N TYR A 38 -3.98 -8.21 11.17
CA TYR A 38 -3.70 -9.33 10.27
C TYR A 38 -4.95 -9.85 9.60
N GLY A 39 -4.97 -9.75 8.28
CA GLY A 39 -6.14 -10.19 7.51
C GLY A 39 -6.16 -11.65 7.09
N TYR A 40 -5.01 -12.31 6.97
CA TYR A 40 -4.94 -13.71 6.50
C TYR A 40 -5.66 -13.90 5.16
N ALA A 41 -6.16 -15.10 4.89
CA ALA A 41 -6.82 -15.36 3.59
C ALA A 41 -8.15 -14.62 3.51
N GLY A 42 -8.67 -14.59 2.30
CA GLY A 42 -9.92 -13.91 2.01
C GLY A 42 -9.69 -12.53 1.47
N ASN A 43 -10.68 -11.99 0.78
CA ASN A 43 -10.58 -10.65 0.17
C ASN A 43 -11.00 -9.64 1.23
N ASP A 44 -10.00 -9.11 1.93
CA ASP A 44 -10.23 -8.28 3.10
C ASP A 44 -10.12 -6.81 2.74
N LEU A 45 -10.71 -5.95 3.59
CA LEU A 45 -10.61 -4.49 3.47
C LEU A 45 -9.97 -3.95 4.74
N LEU A 46 -8.70 -3.52 4.66
CA LEU A 46 -7.93 -3.13 5.86
C LEU A 46 -7.62 -1.62 5.91
N ASP A 47 -8.33 -0.94 6.79
CA ASP A 47 -8.23 0.50 6.96
C ASP A 47 -7.76 0.80 8.40
N GLY A 48 -6.45 0.92 8.59
CA GLY A 48 -5.88 1.15 9.92
C GLY A 48 -6.27 2.42 10.66
N GLY A 49 -6.91 3.39 10.01
CA GLY A 49 -7.34 4.60 10.71
C GLY A 49 -6.20 5.39 11.32
N ALA A 50 -6.54 6.26 12.25
CA ALA A 50 -5.58 7.17 12.93
C ALA A 50 -4.35 6.45 13.55
N GLY A 51 -3.28 7.22 13.77
CA GLY A 51 -2.03 6.70 14.30
C GLY A 51 -1.18 5.98 13.24
N ARG A 52 0.00 5.46 13.59
CA ARG A 52 0.82 4.70 12.61
C ARG A 52 0.41 3.28 12.93
N ASP A 53 0.27 2.44 11.92
CA ASP A 53 -0.22 1.08 12.13
C ASP A 53 0.68 0.13 11.36
N LYS A 54 0.71 -1.14 11.75
CA LYS A 54 1.43 -2.17 10.99
C LYS A 54 0.44 -3.28 10.63
N LEU A 55 0.25 -3.54 9.36
CA LEU A 55 -0.85 -4.42 8.97
C LEU A 55 -0.55 -5.38 7.80
N SER A 56 -0.90 -6.65 7.98
CA SER A 56 -0.77 -7.68 6.96
C SER A 56 -2.10 -7.83 6.21
N GLY A 57 -2.04 -8.03 4.91
CA GLY A 57 -3.23 -8.29 4.12
C GLY A 57 -3.37 -9.81 3.97
N GLY A 58 -2.27 -10.52 3.79
CA GLY A 58 -2.34 -11.97 3.59
C GLY A 58 -2.78 -12.36 2.20
N GLU A 59 -3.18 -13.63 2.06
CA GLU A 59 -3.67 -14.18 0.78
C GLU A 59 -4.93 -13.45 0.33
N GLY A 60 -5.25 -13.49 -0.95
CA GLY A 60 -6.50 -12.91 -1.48
C GLY A 60 -6.35 -11.44 -1.76
N ALA A 61 -7.21 -10.91 -2.61
CA ALA A 61 -7.13 -9.51 -3.04
C ALA A 61 -7.62 -8.57 -1.95
N ASP A 62 -6.68 -7.83 -1.40
CA ASP A 62 -6.99 -7.00 -0.27
C ASP A 62 -7.07 -5.56 -0.71
N THR A 63 -7.81 -4.75 0.01
CA THR A 63 -8.03 -3.35 -0.32
C THR A 63 -7.65 -2.45 0.86
N PHE A 64 -6.86 -1.43 0.59
CA PHE A 64 -6.42 -0.51 1.62
C PHE A 64 -6.83 0.92 1.20
N ARG A 65 -7.87 1.48 1.80
CA ARG A 65 -8.35 2.83 1.46
C ARG A 65 -8.19 3.80 2.64
N PHE A 66 -7.99 3.25 3.82
CA PHE A 66 -7.90 3.97 5.11
C PHE A 66 -9.21 4.72 5.43
N ALA A 67 -9.39 5.13 6.66
CA ALA A 67 -10.66 5.69 7.07
C ALA A 67 -10.89 7.13 6.60
N LEU A 68 -9.84 7.97 6.64
CA LEU A 68 -9.95 9.41 6.43
C LEU A 68 -8.86 9.95 5.49
N ARG A 69 -9.03 11.17 4.98
CA ARG A 69 -7.98 11.88 4.26
C ARG A 69 -6.83 12.17 5.25
N GLU A 70 -7.13 12.09 6.54
CA GLU A 70 -6.15 12.33 7.61
C GLU A 70 -5.27 11.11 7.93
N ASP A 71 -5.41 10.06 7.14
CA ASP A 71 -4.61 8.85 7.35
C ASP A 71 -3.58 8.55 6.29
N SER A 72 -2.53 7.86 6.76
CA SER A 72 -1.44 7.37 5.91
C SER A 72 -0.80 8.48 5.09
N HIS A 73 -0.70 9.63 5.70
CA HIS A 73 -0.22 10.82 5.01
C HIS A 73 1.01 11.42 5.68
N ARG A 74 1.65 12.35 4.99
CA ARG A 74 2.84 13.02 5.51
C ARG A 74 2.53 14.52 5.48
N SER A 75 2.97 15.26 6.49
CA SER A 75 2.71 16.69 6.61
C SER A 75 4.02 17.37 7.01
N PRO A 76 4.08 18.72 7.05
CA PRO A 76 5.37 19.29 7.49
C PRO A 76 5.73 18.87 8.94
N LEU A 77 4.74 18.55 9.76
CA LEU A 77 4.99 18.19 11.14
C LEU A 77 5.71 16.86 11.26
N GLY A 78 5.50 16.00 10.26
CA GLY A 78 6.10 14.68 10.29
C GLY A 78 5.29 13.72 9.47
N THR A 79 5.65 12.43 9.50
CA THR A 79 4.91 11.47 8.74
C THR A 79 3.92 10.71 9.61
N PHE A 80 2.81 10.33 8.99
CA PHE A 80 1.82 9.46 9.61
C PHE A 80 1.42 8.39 8.59
N GLY A 81 2.39 8.06 7.74
CA GLY A 81 2.23 7.02 6.75
C GLY A 81 2.12 5.67 7.44
N ASP A 82 1.38 4.76 6.83
CA ASP A 82 1.14 3.45 7.46
C ASP A 82 2.21 2.44 6.99
N ARG A 83 2.30 1.27 7.65
CA ARG A 83 3.32 0.24 7.34
C ARG A 83 2.63 -1.07 6.96
N ILE A 84 2.74 -1.50 5.68
CA ILE A 84 2.08 -2.69 5.20
C ILE A 84 3.05 -3.84 5.22
N LEU A 85 2.64 -4.94 5.82
CA LEU A 85 3.56 -6.04 6.10
C LEU A 85 3.79 -7.03 4.93
N ASP A 86 2.75 -7.41 4.20
CA ASP A 86 2.91 -8.39 3.13
C ASP A 86 2.11 -8.10 1.86
N PHE A 87 2.15 -6.84 1.41
CA PHE A 87 1.40 -6.38 0.22
C PHE A 87 1.70 -7.19 -1.03
N ASP A 88 0.62 -7.62 -1.67
CA ASP A 88 0.68 -8.33 -2.95
C ASP A 88 0.55 -7.29 -4.07
N PRO A 89 1.66 -6.95 -4.78
CA PRO A 89 1.57 -5.86 -5.73
C PRO A 89 0.79 -6.16 -7.02
N SER A 90 0.20 -7.35 -7.13
CA SER A 90 -0.62 -7.68 -8.29
C SER A 90 -2.12 -7.80 -7.91
N GLN A 91 -2.39 -8.44 -6.80
CA GLN A 91 -3.76 -8.77 -6.38
C GLN A 91 -4.36 -7.63 -5.60
N ASP A 92 -3.54 -6.99 -4.75
CA ASP A 92 -4.05 -6.02 -3.77
C ASP A 92 -4.12 -4.59 -4.36
N ARG A 93 -4.94 -3.73 -3.77
CA ARG A 93 -5.16 -2.37 -4.28
C ARG A 93 -5.21 -1.28 -3.17
N ILE A 94 -4.75 -0.09 -3.51
CA ILE A 94 -4.65 1.02 -2.53
C ILE A 94 -5.26 2.27 -3.13
N ASP A 95 -6.15 2.94 -2.40
CA ASP A 95 -6.64 4.25 -2.85
C ASP A 95 -5.74 5.33 -2.29
N VAL A 96 -5.58 6.39 -3.05
CA VAL A 96 -4.74 7.50 -2.64
C VAL A 96 -5.40 8.82 -3.06
N SER A 97 -6.51 8.71 -3.79
CA SER A 97 -7.09 9.87 -4.42
C SER A 97 -7.60 10.86 -3.38
N ALA A 98 -8.24 10.36 -2.34
CA ALA A 98 -8.75 11.25 -1.29
C ALA A 98 -7.65 11.76 -0.35
N LEU A 99 -6.65 10.91 -0.08
CA LEU A 99 -5.64 11.16 0.97
C LEU A 99 -4.25 11.53 0.50
N GLY A 100 -4.02 11.54 -0.81
CA GLY A 100 -2.69 11.85 -1.34
C GLY A 100 -2.72 12.66 -2.61
N PHE A 101 -3.06 12.04 -3.75
CA PHE A 101 -2.96 12.70 -5.05
C PHE A 101 -3.83 12.02 -6.10
N SER A 102 -4.07 12.70 -7.21
CA SER A 102 -4.83 12.11 -8.32
C SER A 102 -4.01 12.05 -9.62
N GLY A 103 -2.87 12.76 -9.59
CA GLY A 103 -1.90 12.64 -10.70
C GLY A 103 -0.65 12.01 -10.16
N LEU A 104 -0.11 11.02 -10.87
CA LEU A 104 1.05 10.29 -10.37
C LEU A 104 2.34 11.13 -10.45
N GLY A 105 3.27 10.87 -9.53
CA GLY A 105 4.50 11.67 -9.42
C GLY A 105 5.60 11.19 -10.34
N ASN A 106 6.76 11.83 -10.26
CA ASN A 106 7.89 11.53 -11.14
C ASN A 106 8.42 10.12 -10.95
N GLY A 107 8.04 9.22 -11.84
CA GLY A 107 8.55 7.86 -11.82
C GLY A 107 8.56 7.29 -13.24
N TYR A 108 8.72 5.98 -13.42
CA TYR A 108 8.78 5.40 -14.76
C TYR A 108 8.21 3.99 -14.82
N ALA A 109 7.97 3.51 -16.05
CA ALA A 109 7.45 2.17 -16.32
C ALA A 109 6.07 1.87 -15.68
N GLY A 110 5.24 2.90 -15.58
CA GLY A 110 3.91 2.70 -15.00
C GLY A 110 4.01 2.64 -13.49
N SER A 111 4.97 3.33 -12.92
CA SER A 111 5.15 3.29 -11.48
C SER A 111 5.57 4.66 -10.99
N LEU A 112 5.53 4.80 -9.68
CA LEU A 112 5.99 6.00 -8.99
C LEU A 112 7.44 5.76 -8.62
N ALA A 113 8.16 6.74 -8.12
CA ALA A 113 9.54 6.48 -7.72
C ALA A 113 9.56 5.74 -6.36
N VAL A 114 10.13 4.54 -6.37
CA VAL A 114 10.24 3.76 -5.15
C VAL A 114 11.55 4.12 -4.43
N SER A 115 11.62 3.84 -3.13
CA SER A 115 12.78 4.15 -2.31
C SER A 115 12.93 3.07 -1.23
N VAL A 116 14.09 2.99 -0.61
CA VAL A 116 14.33 1.98 0.43
C VAL A 116 14.82 2.70 1.66
N SER A 117 14.83 2.03 2.80
CA SER A 117 15.40 2.63 4.00
C SER A 117 16.91 2.56 3.77
N ASP A 118 17.35 1.38 3.38
CA ASP A 118 18.75 1.04 3.11
C ASP A 118 18.55 -0.33 2.46
N ASP A 119 19.60 -1.09 2.21
CA ASP A 119 19.45 -2.39 1.55
C ASP A 119 18.56 -3.35 2.38
N GLY A 120 18.38 -3.10 3.67
CA GLY A 120 17.50 -3.92 4.50
C GLY A 120 16.34 -3.08 5.04
N THR A 121 15.83 -3.48 6.21
CA THR A 121 14.70 -2.79 6.85
C THR A 121 13.48 -2.70 5.92
N ARG A 122 12.86 -1.52 5.82
CA ARG A 122 11.64 -1.36 5.06
C ARG A 122 11.85 -0.64 3.74
N THR A 123 10.97 -0.89 2.79
CA THR A 123 10.96 -0.24 1.50
C THR A 123 9.84 0.78 1.61
N TYR A 124 9.79 1.77 0.72
CA TYR A 124 8.79 2.83 0.79
C TYR A 124 8.29 3.23 -0.60
N LEU A 125 7.04 3.65 -0.62
CA LEU A 125 6.41 4.13 -1.84
C LEU A 125 5.91 5.52 -1.52
N LYS A 126 6.24 6.51 -2.33
CA LYS A 126 5.96 7.91 -2.03
C LYS A 126 5.21 8.59 -3.15
N SER A 127 4.49 9.65 -2.78
CA SER A 127 3.90 10.55 -3.74
C SER A 127 4.98 11.60 -3.94
N TYR A 128 4.93 12.30 -5.05
CA TYR A 128 5.83 13.40 -5.34
C TYR A 128 4.97 14.60 -5.77
N GLU A 129 3.68 14.45 -5.42
CA GLU A 129 2.66 15.47 -5.57
C GLU A 129 2.19 15.83 -4.15
N ALA A 130 1.87 17.08 -3.92
CA ALA A 130 1.45 17.54 -2.59
C ALA A 130 0.37 18.62 -2.73
N ASP A 131 -0.24 18.93 -1.62
CA ASP A 131 -1.25 19.99 -1.51
C ASP A 131 -0.56 21.24 -1.00
N ALA A 132 -1.18 22.41 -1.18
CA ALA A 132 -0.57 23.69 -0.78
C ALA A 132 -0.39 23.73 0.76
N GLN A 133 -1.25 22.98 1.48
CA GLN A 133 -1.09 22.83 2.94
C GLN A 133 0.18 22.05 3.34
N GLY A 134 0.89 21.48 2.36
CA GLY A 134 2.08 20.71 2.62
C GLY A 134 1.80 19.25 2.96
N LEU A 135 0.63 18.76 2.54
CA LEU A 135 0.23 17.39 2.74
C LEU A 135 0.65 16.55 1.55
N SER A 136 1.24 15.40 1.83
CA SER A 136 1.68 14.49 0.79
C SER A 136 1.39 13.08 1.28
N PHE A 137 1.74 12.07 0.49
CA PHE A 137 1.47 10.68 0.86
C PHE A 137 2.76 9.84 0.82
N GLU A 138 2.96 9.00 1.83
CA GLU A 138 4.01 7.93 1.74
C GLU A 138 3.51 6.76 2.59
N VAL A 139 3.93 5.56 2.24
CA VAL A 139 3.53 4.35 2.95
C VAL A 139 4.75 3.45 2.93
N ALA A 140 4.94 2.71 4.00
CA ALA A 140 6.15 1.84 4.11
C ALA A 140 5.70 0.42 3.90
N LEU A 141 6.51 -0.36 3.23
CA LEU A 141 6.17 -1.75 3.00
C LEU A 141 7.40 -2.56 3.41
N GLU A 142 7.30 -3.62 4.19
CA GLU A 142 8.52 -4.31 4.67
C GLU A 142 8.81 -5.63 3.96
N GLY A 143 8.03 -5.97 2.94
CA GLY A 143 8.24 -7.22 2.23
C GLY A 143 9.27 -7.12 1.09
N ASP A 144 9.96 -5.98 1.02
CA ASP A 144 11.00 -5.72 0.03
C ASP A 144 10.66 -6.14 -1.40
N HIS A 145 9.55 -5.61 -1.88
CA HIS A 145 9.07 -5.90 -3.24
C HIS A 145 8.91 -4.57 -4.02
N ALA A 146 9.82 -3.64 -3.77
CA ALA A 146 9.86 -2.38 -4.53
C ALA A 146 10.02 -2.61 -6.05
N ALA A 147 10.74 -3.66 -6.47
CA ALA A 147 10.92 -3.98 -7.89
C ALA A 147 9.62 -4.51 -8.54
N ALA A 148 8.72 -5.03 -7.74
CA ALA A 148 7.46 -5.55 -8.26
C ALA A 148 6.29 -4.53 -8.14
N LEU A 149 6.46 -3.49 -7.32
CA LEU A 149 5.47 -2.44 -7.20
C LEU A 149 5.30 -1.66 -8.49
N SER A 150 4.02 -1.34 -8.80
CA SER A 150 3.68 -0.55 -9.96
C SER A 150 2.50 0.34 -9.57
N ALA A 151 2.34 1.46 -10.23
CA ALA A 151 1.25 2.39 -9.91
C ALA A 151 -0.10 1.90 -10.40
N ASP A 152 -0.10 0.76 -11.09
CA ASP A 152 -1.34 0.19 -11.60
C ASP A 152 -2.20 -0.26 -10.40
N ASN A 153 -1.54 -0.67 -9.32
CA ASN A 153 -2.29 -1.12 -8.10
C ASN A 153 -2.65 0.05 -7.19
N ILE A 154 -2.18 1.24 -7.53
CA ILE A 154 -2.53 2.43 -6.79
C ILE A 154 -3.69 3.05 -7.57
N VAL A 155 -4.84 3.27 -6.95
CA VAL A 155 -6.00 3.74 -7.66
C VAL A 155 -6.28 5.22 -7.45
N PHE A 156 -6.11 5.93 -8.56
CA PHE A 156 -6.39 7.37 -8.62
C PHE A 156 -7.01 7.77 -9.96
N ALA A 157 -7.05 6.82 -10.91
CA ALA A 157 -7.53 7.10 -12.26
C ALA A 157 -9.06 6.98 -12.39
N ALA A 158 -9.79 7.64 -11.49
CA ALA A 158 -11.26 7.65 -11.46
C ALA A 158 -11.94 6.27 -11.26
N THR A 159 -11.19 5.30 -10.75
CA THR A 159 -11.66 3.95 -10.38
C THR A 159 -12.25 3.04 -11.44
N ASP A 160 -12.71 3.62 -12.55
CA ASP A 160 -13.30 2.83 -13.60
C ASP A 160 -12.24 2.01 -14.31
N ALA A 161 -12.52 0.77 -14.67
CA ALA A 161 -11.58 -0.08 -15.36
C ALA A 161 -11.41 0.26 -16.84
N ALA A 162 -12.15 1.27 -17.32
CA ALA A 162 -12.10 1.70 -18.73
C ALA A 162 -10.86 2.58 -18.99
N ALA A 163 -9.78 2.25 -18.30
CA ALA A 163 -8.54 3.02 -18.32
C ALA A 163 -7.35 2.05 -18.21
N ALA A 164 -6.15 2.59 -18.04
CA ALA A 164 -4.89 1.84 -17.81
C ALA A 164 -4.56 0.88 -18.94
N GLY A 165 -3.58 0.01 -18.70
CA GLY A 165 -3.09 -0.86 -19.73
C GLY A 165 -2.11 -0.21 -20.69
N GLU A 166 -1.74 1.03 -20.38
CA GLU A 166 -0.82 1.85 -21.20
C GLU A 166 0.64 1.49 -20.92
N LEU A 167 1.05 0.30 -21.34
CA LEU A 167 2.42 -0.20 -21.13
C LEU A 167 3.07 -0.61 -22.46
N GLY A 168 4.37 -0.30 -22.58
CA GLY A 168 5.14 -0.62 -23.77
C GLY A 168 6.57 -1.04 -23.43
N VAL A 169 6.72 -1.89 -22.43
CA VAL A 169 8.03 -2.34 -21.98
C VAL A 169 8.68 -3.29 -22.99
N ILE A 170 7.87 -4.13 -23.62
CA ILE A 170 8.35 -5.13 -24.58
C ILE A 170 9.05 -4.49 -25.78
N GLY A 171 10.18 -5.08 -26.15
CA GLY A 171 10.96 -4.60 -27.27
C GLY A 171 12.31 -5.26 -27.24
N ALA A 172 13.08 -5.08 -28.30
CA ALA A 172 14.41 -5.65 -28.43
C ALA A 172 15.34 -4.73 -29.21
N SER A 173 16.63 -4.79 -28.86
CA SER A 173 17.68 -4.03 -29.50
C SER A 173 19.06 -4.71 -29.25
N GLY A 174 20.12 -4.28 -29.92
CA GLY A 174 21.43 -4.87 -29.72
C GLY A 174 22.36 -4.84 -30.91
N GLN A 175 23.63 -5.14 -30.66
CA GLN A 175 24.71 -5.14 -31.65
C GLN A 175 25.57 -6.41 -31.42
N PRO A 176 25.28 -7.51 -32.17
CA PRO A 176 26.05 -8.75 -31.95
C PRO A 176 27.50 -8.60 -32.39
N ASP A 177 28.37 -9.45 -31.87
CA ASP A 177 29.80 -9.39 -32.21
C ASP A 177 30.17 -10.66 -32.97
N ASP A 178 31.21 -10.56 -33.79
CA ASP A 178 31.68 -11.71 -34.55
C ASP A 178 33.20 -11.94 -34.32
N PRO A 179 33.61 -12.34 -33.10
CA PRO A 179 35.03 -12.60 -32.89
C PRO A 179 35.51 -13.89 -33.59
N THR A 180 36.81 -13.95 -33.83
CA THR A 180 37.47 -15.15 -34.34
C THR A 180 38.71 -15.36 -33.46
N VAL A 181 38.58 -14.88 -32.24
CA VAL A 181 39.62 -14.98 -31.21
C VAL A 181 39.88 -16.43 -30.80
CA CA B . -7.36 0.50 17.30
CA CA C . -9.62 -12.57 6.27
CA CA D . -4.96 2.88 14.11
CA CA E . -6.45 -11.20 2.77
CA CA F . -2.69 4.88 10.08
CA CA G . -3.23 -9.97 -0.48
N ALA A 1 -11.60 -27.11 13.52
CA ALA A 1 -11.22 -25.81 14.11
C ALA A 1 -12.37 -25.24 14.95
N ASP A 2 -12.05 -24.43 15.95
CA ASP A 2 -13.07 -23.84 16.80
C ASP A 2 -13.30 -22.38 16.46
N PRO A 3 -14.45 -22.02 15.93
CA PRO A 3 -14.67 -20.60 15.59
C PRO A 3 -14.79 -19.71 16.81
N GLY A 4 -14.21 -18.54 16.73
CA GLY A 4 -14.26 -17.60 17.86
C GLY A 4 -13.36 -16.43 17.61
N VAL A 5 -13.43 -15.86 16.41
CA VAL A 5 -12.55 -14.75 15.98
C VAL A 5 -12.53 -13.57 16.99
N GLU A 6 -11.32 -13.30 17.46
CA GLU A 6 -11.09 -12.33 18.52
C GLU A 6 -10.80 -10.96 17.93
N GLY A 7 -10.62 -10.92 16.65
CA GLY A 7 -10.31 -9.67 15.93
C GLY A 7 -11.55 -8.86 15.59
N THR A 8 -11.55 -8.36 14.38
CA THR A 8 -12.62 -7.48 13.78
C THR A 8 -12.70 -6.13 14.50
N PRO A 9 -13.23 -5.10 13.79
CA PRO A 9 -13.29 -3.76 14.39
C PRO A 9 -14.17 -3.57 15.62
N VAL A 10 -14.88 -4.62 16.03
CA VAL A 10 -15.87 -4.58 17.12
C VAL A 10 -15.33 -4.36 18.53
N VAL A 11 -14.01 -4.43 18.74
CA VAL A 11 -13.43 -4.24 20.06
C VAL A 11 -12.14 -3.40 20.05
N GLY A 12 -12.06 -2.44 20.94
CA GLY A 12 -10.81 -1.65 21.15
C GLY A 12 -10.40 -0.66 20.07
N SER A 13 -11.31 -0.32 19.18
CA SER A 13 -10.94 0.47 17.99
C SER A 13 -10.20 1.80 18.30
N ASP A 14 -10.53 2.49 19.39
CA ASP A 14 -9.95 3.81 19.71
C ASP A 14 -8.54 3.83 20.32
N LEU A 15 -7.90 2.70 20.44
CA LEU A 15 -6.57 2.59 21.06
C LEU A 15 -5.78 1.43 20.44
N ASP A 16 -4.54 1.22 20.86
CA ASP A 16 -3.64 0.22 20.25
C ASP A 16 -4.21 -1.23 20.33
N ASP A 17 -4.25 -1.90 19.20
CA ASP A 17 -4.77 -3.27 19.10
C ASP A 17 -3.80 -4.28 18.47
N GLU A 18 -4.08 -5.56 18.72
CA GLU A 18 -3.58 -6.67 17.89
C GLU A 18 -4.81 -7.46 17.42
N LEU A 19 -5.28 -7.20 16.23
CA LEU A 19 -6.45 -7.87 15.71
C LEU A 19 -6.12 -8.94 14.68
N HIS A 20 -6.66 -10.17 14.88
CA HIS A 20 -6.44 -11.29 13.99
C HIS A 20 -7.74 -11.68 13.37
N GLY A 21 -7.80 -11.63 12.05
CA GLY A 21 -9.05 -11.97 11.34
C GLY A 21 -9.31 -13.41 10.91
N THR A 22 -10.51 -13.64 10.39
CA THR A 22 -10.91 -14.93 9.82
C THR A 22 -10.26 -15.23 8.50
N LEU A 23 -10.51 -16.44 7.99
CA LEU A 23 -9.97 -16.87 6.70
C LEU A 23 -10.99 -16.59 5.60
N GLY A 24 -11.96 -15.74 5.89
CA GLY A 24 -12.93 -15.30 4.88
C GLY A 24 -12.82 -13.79 4.72
N SER A 25 -13.68 -13.22 3.87
CA SER A 25 -13.72 -11.78 3.59
C SER A 25 -14.19 -10.97 4.81
N GLU A 26 -13.48 -9.87 5.13
CA GLU A 26 -13.82 -9.03 6.26
C GLU A 26 -13.49 -7.58 5.87
N GLN A 27 -14.09 -6.63 6.60
CA GLN A 27 -13.63 -5.23 6.61
C GLN A 27 -12.91 -5.07 7.93
N ILE A 28 -11.65 -4.63 7.92
CA ILE A 28 -10.88 -4.46 9.13
C ILE A 28 -10.59 -2.94 9.24
N LEU A 29 -10.88 -2.32 10.38
CA LEU A 29 -10.61 -0.90 10.58
C LEU A 29 -9.79 -0.89 11.85
N GLY A 30 -8.63 -0.30 11.79
CA GLY A 30 -7.76 -0.16 12.98
C GLY A 30 -8.20 0.94 13.96
N GLY A 31 -8.82 2.02 13.48
CA GLY A 31 -9.26 3.08 14.35
C GLY A 31 -8.09 3.85 14.92
N GLY A 32 -8.24 4.36 16.10
CA GLY A 32 -7.17 5.15 16.68
C GLY A 32 -6.10 4.22 17.24
N GLY A 33 -5.00 4.82 17.60
CA GLY A 33 -3.91 4.07 18.21
C GLY A 33 -3.05 3.41 17.14
N ALA A 34 -1.88 2.89 17.54
CA ALA A 34 -0.91 2.20 16.64
C ALA A 34 -1.25 0.71 16.61
N ASP A 35 -1.89 0.29 15.52
CA ASP A 35 -2.52 -1.00 15.47
C ASP A 35 -1.68 -2.00 14.69
N GLN A 36 -1.73 -3.26 15.10
CA GLN A 36 -0.99 -4.36 14.46
C GLN A 36 -2.03 -5.37 13.93
N LEU A 37 -2.42 -5.18 12.66
CA LEU A 37 -3.55 -5.88 12.05
C LEU A 37 -3.12 -7.03 11.12
N TYR A 38 -3.88 -8.14 11.17
CA TYR A 38 -3.62 -9.33 10.36
C TYR A 38 -4.94 -9.82 9.76
N GLY A 39 -5.13 -9.60 8.46
CA GLY A 39 -6.36 -9.99 7.76
C GLY A 39 -6.41 -11.43 7.25
N TYR A 40 -5.27 -12.12 7.15
CA TYR A 40 -5.20 -13.52 6.64
C TYR A 40 -5.96 -13.74 5.32
N ALA A 41 -6.45 -14.96 5.14
CA ALA A 41 -7.08 -15.35 3.89
C ALA A 41 -8.42 -14.63 3.66
N GLY A 42 -8.87 -14.66 2.43
CA GLY A 42 -10.07 -13.95 1.97
C GLY A 42 -9.78 -12.56 1.42
N ASN A 43 -10.73 -12.02 0.63
CA ASN A 43 -10.58 -10.71 0.03
C ASN A 43 -10.97 -9.66 1.09
N ASP A 44 -9.98 -9.01 1.69
CA ASP A 44 -10.28 -8.17 2.86
C ASP A 44 -10.13 -6.71 2.52
N LEU A 45 -10.87 -5.86 3.24
CA LEU A 45 -10.79 -4.43 3.08
C LEU A 45 -10.08 -3.94 4.32
N LEU A 46 -8.93 -3.26 4.19
CA LEU A 46 -8.17 -2.84 5.39
C LEU A 46 -7.89 -1.36 5.46
N ASP A 47 -8.38 -0.78 6.53
CA ASP A 47 -8.13 0.62 6.84
C ASP A 47 -7.34 0.65 8.13
N GLY A 48 -6.47 1.63 8.31
CA GLY A 48 -5.69 1.74 9.56
C GLY A 48 -6.20 2.74 10.58
N GLY A 49 -6.75 3.85 10.09
CA GLY A 49 -7.21 4.90 10.96
C GLY A 49 -6.04 5.67 11.53
N ALA A 50 -6.36 6.54 12.48
CA ALA A 50 -5.36 7.40 13.08
C ALA A 50 -4.19 6.63 13.67
N GLY A 51 -3.01 7.27 13.65
CA GLY A 51 -1.77 6.67 14.11
C GLY A 51 -1.08 5.91 13.02
N ARG A 52 0.15 5.51 13.23
CA ARG A 52 0.93 4.76 12.24
C ARG A 52 0.55 3.35 12.56
N ASP A 53 0.24 2.56 11.54
CA ASP A 53 -0.28 1.21 11.76
C ASP A 53 0.60 0.22 11.05
N LYS A 54 0.57 -1.03 11.49
CA LYS A 54 1.34 -2.12 10.91
C LYS A 54 0.23 -3.10 10.50
N LEU A 55 0.21 -3.54 9.26
CA LEU A 55 -0.88 -4.40 8.78
C LEU A 55 -0.53 -5.42 7.68
N SER A 56 -1.02 -6.63 7.87
CA SER A 56 -0.94 -7.68 6.86
C SER A 56 -2.24 -7.79 6.12
N GLY A 57 -2.18 -8.10 4.83
CA GLY A 57 -3.37 -8.38 4.04
C GLY A 57 -3.57 -9.87 3.97
N GLY A 58 -2.47 -10.63 3.92
CA GLY A 58 -2.55 -12.07 3.79
C GLY A 58 -2.90 -12.49 2.36
N GLU A 59 -3.29 -13.76 2.22
CA GLU A 59 -3.70 -14.32 0.94
C GLU A 59 -5.05 -13.73 0.54
N GLY A 60 -5.30 -13.74 -0.78
CA GLY A 60 -6.49 -13.13 -1.36
C GLY A 60 -6.18 -11.72 -1.85
N ALA A 61 -7.03 -11.17 -2.72
CA ALA A 61 -6.88 -9.81 -3.23
C ALA A 61 -7.43 -8.83 -2.22
N ASP A 62 -6.56 -8.04 -1.63
CA ASP A 62 -6.95 -7.14 -0.56
C ASP A 62 -7.02 -5.74 -1.04
N THR A 63 -7.83 -4.93 -0.38
CA THR A 63 -7.96 -3.53 -0.71
C THR A 63 -7.48 -2.72 0.50
N PHE A 64 -6.51 -1.89 0.29
CA PHE A 64 -6.00 -1.02 1.32
C PHE A 64 -6.48 0.36 0.90
N ARG A 65 -7.68 0.70 1.38
CA ARG A 65 -8.32 1.97 0.97
C ARG A 65 -8.00 3.09 1.91
N PHE A 66 -7.70 2.71 3.13
CA PHE A 66 -7.43 3.60 4.27
C PHE A 66 -8.69 4.41 4.70
N ALA A 67 -8.76 4.73 5.99
CA ALA A 67 -10.03 5.19 6.59
C ALA A 67 -10.45 6.63 6.32
N LEU A 68 -9.50 7.55 6.41
CA LEU A 68 -9.82 8.99 6.46
C LEU A 68 -8.77 9.76 5.67
N ARG A 69 -9.01 11.05 5.52
CA ARG A 69 -7.98 12.00 5.05
C ARG A 69 -6.77 12.01 5.99
N GLU A 70 -7.03 11.74 7.28
CA GLU A 70 -5.95 11.70 8.30
C GLU A 70 -5.13 10.41 8.30
N ASP A 71 -5.55 9.45 7.50
CA ASP A 71 -4.94 8.14 7.55
C ASP A 71 -3.79 8.09 6.55
N SER A 72 -2.80 7.25 6.86
CA SER A 72 -1.58 7.00 6.09
C SER A 72 -1.04 8.17 5.21
N HIS A 73 -0.97 9.35 5.80
CA HIS A 73 -0.50 10.52 5.05
C HIS A 73 0.75 11.08 5.71
N ARG A 74 1.32 12.13 5.12
CA ARG A 74 2.47 12.81 5.70
C ARG A 74 2.14 14.32 5.79
N SER A 75 2.54 14.96 6.90
CA SER A 75 2.24 16.39 7.09
C SER A 75 3.50 17.09 7.45
N PRO A 76 3.54 18.43 7.40
CA PRO A 76 4.82 19.06 7.81
C PRO A 76 5.16 18.82 9.27
N LEU A 77 4.13 18.57 10.09
CA LEU A 77 4.33 18.27 11.50
C LEU A 77 5.06 17.00 11.72
N GLY A 78 4.72 16.00 10.88
CA GLY A 78 5.35 14.68 10.94
C GLY A 78 4.65 13.68 10.04
N THR A 79 5.26 12.49 9.78
CA THR A 79 4.61 11.49 8.95
C THR A 79 3.71 10.61 9.79
N PHE A 80 2.66 10.16 9.09
CA PHE A 80 1.71 9.22 9.65
C PHE A 80 1.43 8.08 8.69
N GLY A 81 2.41 7.78 7.86
CA GLY A 81 2.34 6.71 6.85
C GLY A 81 2.28 5.33 7.48
N ASP A 82 1.46 4.42 6.93
CA ASP A 82 1.30 3.11 7.52
C ASP A 82 2.28 2.10 6.95
N ARG A 83 2.37 0.94 7.57
CA ARG A 83 3.41 -0.07 7.29
C ARG A 83 2.78 -1.39 6.88
N ILE A 84 2.66 -1.69 5.58
CA ILE A 84 2.03 -2.91 5.13
C ILE A 84 3.12 -4.02 5.16
N LEU A 85 2.75 -5.15 5.74
CA LEU A 85 3.67 -6.26 6.02
C LEU A 85 3.87 -7.28 4.88
N ASP A 86 2.79 -7.68 4.22
CA ASP A 86 2.87 -8.75 3.20
C ASP A 86 2.04 -8.43 1.96
N PHE A 87 2.12 -7.20 1.47
CA PHE A 87 1.42 -6.72 0.28
C PHE A 87 1.74 -7.55 -0.94
N ASP A 88 0.72 -7.84 -1.73
CA ASP A 88 0.91 -8.55 -3.00
C ASP A 88 0.74 -7.53 -4.12
N PRO A 89 1.83 -7.08 -4.78
CA PRO A 89 1.64 -6.06 -5.81
C PRO A 89 0.89 -6.46 -7.09
N SER A 90 0.56 -7.74 -7.23
CA SER A 90 -0.22 -8.21 -8.40
C SER A 90 -1.72 -8.38 -8.05
N GLN A 91 -1.99 -8.89 -6.85
CA GLN A 91 -3.36 -9.21 -6.44
C GLN A 91 -4.02 -8.06 -5.68
N ASP A 92 -3.25 -7.43 -4.82
CA ASP A 92 -3.84 -6.44 -3.89
C ASP A 92 -3.84 -5.05 -4.56
N ARG A 93 -4.56 -4.09 -3.97
CA ARG A 93 -4.63 -2.70 -4.48
C ARG A 93 -4.60 -1.70 -3.35
N ILE A 94 -4.08 -0.52 -3.60
CA ILE A 94 -4.04 0.52 -2.61
C ILE A 94 -4.72 1.75 -3.19
N ASP A 95 -5.61 2.40 -2.43
CA ASP A 95 -6.28 3.63 -2.88
C ASP A 95 -5.58 4.80 -2.25
N VAL A 96 -5.66 5.98 -2.90
CA VAL A 96 -4.96 7.16 -2.40
C VAL A 96 -5.65 8.47 -2.87
N SER A 97 -6.78 8.33 -3.56
CA SER A 97 -7.43 9.50 -4.17
C SER A 97 -7.92 10.57 -3.18
N ALA A 98 -8.58 10.13 -2.14
CA ALA A 98 -9.11 11.04 -1.13
C ALA A 98 -8.03 11.47 -0.15
N LEU A 99 -7.19 10.54 0.26
CA LEU A 99 -6.22 10.80 1.31
C LEU A 99 -4.84 11.30 0.87
N GLY A 100 -4.53 11.30 -0.44
CA GLY A 100 -3.20 11.70 -0.86
C GLY A 100 -3.12 12.55 -2.13
N PHE A 101 -3.38 11.89 -3.27
CA PHE A 101 -3.29 12.53 -4.60
C PHE A 101 -4.11 11.68 -5.60
N SER A 102 -4.34 12.20 -6.78
CA SER A 102 -5.03 11.44 -7.85
C SER A 102 -4.24 11.45 -9.16
N GLY A 103 -3.49 12.53 -9.38
CA GLY A 103 -2.62 12.57 -10.55
C GLY A 103 -1.27 12.11 -10.13
N LEU A 104 -0.82 11.06 -10.77
CA LEU A 104 0.46 10.46 -10.46
C LEU A 104 1.61 11.45 -10.67
N GLY A 105 2.65 11.35 -9.84
CA GLY A 105 3.82 12.22 -9.90
C GLY A 105 5.05 11.59 -10.55
N ASN A 106 6.21 12.17 -10.27
CA ASN A 106 7.45 11.73 -10.81
C ASN A 106 7.76 10.22 -10.53
N GLY A 107 8.28 9.56 -11.56
CA GLY A 107 8.58 8.13 -11.49
C GLY A 107 8.80 7.59 -12.89
N TYR A 108 9.01 6.28 -13.05
CA TYR A 108 9.28 5.70 -14.36
C TYR A 108 8.69 4.29 -14.46
N ALA A 109 8.61 3.80 -15.68
CA ALA A 109 8.12 2.48 -15.98
C ALA A 109 6.71 2.21 -15.44
N GLY A 110 5.86 3.21 -15.49
CA GLY A 110 4.46 2.99 -15.05
C GLY A 110 4.34 3.02 -13.55
N SER A 111 5.14 3.80 -12.84
CA SER A 111 5.09 3.86 -11.39
C SER A 111 5.49 5.28 -10.89
N LEU A 112 5.46 5.44 -9.59
CA LEU A 112 6.01 6.59 -8.90
C LEU A 112 7.46 6.21 -8.59
N ALA A 113 8.29 7.18 -8.17
CA ALA A 113 9.67 6.86 -7.87
C ALA A 113 9.68 6.06 -6.55
N VAL A 114 10.23 4.86 -6.60
CA VAL A 114 10.26 3.97 -5.44
C VAL A 114 11.57 4.16 -4.70
N SER A 115 11.64 3.72 -3.45
CA SER A 115 12.83 3.89 -2.62
C SER A 115 13.05 2.77 -1.62
N VAL A 116 14.24 2.66 -1.06
CA VAL A 116 14.54 1.64 -0.06
C VAL A 116 14.99 2.37 1.22
N SER A 117 15.08 1.66 2.34
CA SER A 117 15.61 2.25 3.52
C SER A 117 17.12 2.31 3.34
N ASP A 118 17.69 1.14 3.05
CA ASP A 118 19.13 0.92 2.89
C ASP A 118 19.21 -0.45 2.23
N ASP A 119 20.29 -1.17 2.48
CA ASP A 119 20.52 -2.48 1.83
C ASP A 119 19.53 -3.54 2.35
N GLY A 120 18.89 -3.19 3.46
CA GLY A 120 17.90 -4.04 4.07
C GLY A 120 16.73 -3.22 4.59
N THR A 121 16.01 -3.74 5.57
CA THR A 121 14.90 -3.09 6.22
C THR A 121 13.71 -2.95 5.27
N ARG A 122 12.89 -1.91 5.46
CA ARG A 122 11.67 -1.78 4.67
C ARG A 122 11.90 -0.93 3.42
N THR A 123 10.92 -0.96 2.54
CA THR A 123 10.96 -0.17 1.29
C THR A 123 9.91 0.90 1.50
N TYR A 124 9.90 1.93 0.69
CA TYR A 124 8.85 2.95 0.77
C TYR A 124 8.34 3.26 -0.60
N LEU A 125 7.14 3.76 -0.64
CA LEU A 125 6.54 4.33 -1.88
C LEU A 125 6.05 5.69 -1.46
N LYS A 126 6.43 6.74 -2.20
CA LYS A 126 6.16 8.12 -1.81
C LYS A 126 5.44 8.82 -2.96
N SER A 127 4.64 9.82 -2.62
CA SER A 127 4.05 10.68 -3.62
C SER A 127 4.95 11.89 -3.74
N TYR A 128 4.99 12.46 -4.94
CA TYR A 128 5.79 13.62 -5.22
C TYR A 128 4.87 14.76 -5.55
N GLU A 129 3.63 14.60 -5.11
CA GLU A 129 2.59 15.59 -5.24
C GLU A 129 2.23 16.03 -3.81
N ALA A 130 1.79 17.28 -3.65
CA ALA A 130 1.45 17.77 -2.33
C ALA A 130 0.35 18.81 -2.38
N ASP A 131 -0.41 18.92 -1.33
CA ASP A 131 -1.46 19.91 -1.21
C ASP A 131 -0.81 21.24 -0.76
N ALA A 132 -1.51 22.38 -0.93
CA ALA A 132 -0.96 23.69 -0.57
C ALA A 132 -0.73 23.79 0.94
N GLN A 133 -1.40 22.95 1.72
CA GLN A 133 -1.22 22.91 3.17
C GLN A 133 0.01 22.07 3.59
N GLY A 134 0.68 21.49 2.60
CA GLY A 134 1.89 20.72 2.84
C GLY A 134 1.58 19.30 3.19
N LEU A 135 0.36 18.89 2.95
CA LEU A 135 -0.03 17.52 3.20
C LEU A 135 0.39 16.72 1.97
N SER A 136 0.91 15.53 2.18
CA SER A 136 1.41 14.69 1.07
C SER A 136 1.22 13.26 1.50
N PHE A 137 1.64 12.28 0.71
CA PHE A 137 1.41 10.89 1.07
C PHE A 137 2.64 9.96 0.93
N GLU A 138 2.91 9.12 1.95
CA GLU A 138 3.90 8.06 1.79
C GLU A 138 3.43 6.81 2.58
N VAL A 139 3.91 5.62 2.20
CA VAL A 139 3.55 4.36 2.82
C VAL A 139 4.78 3.47 2.81
N ALA A 140 4.99 2.66 3.83
CA ALA A 140 6.20 1.82 3.90
C ALA A 140 5.82 0.36 3.77
N LEU A 141 6.59 -0.42 3.03
CA LEU A 141 6.20 -1.83 2.80
C LEU A 141 7.39 -2.72 3.09
N GLU A 142 7.22 -3.81 3.80
CA GLU A 142 8.40 -4.60 4.12
C GLU A 142 8.52 -5.82 3.21
N GLY A 143 7.66 -5.88 2.22
CA GLY A 143 7.71 -6.99 1.27
C GLY A 143 8.88 -6.90 0.31
N ASP A 144 9.62 -5.76 0.39
CA ASP A 144 10.83 -5.54 -0.43
C ASP A 144 10.56 -5.84 -1.94
N HIS A 145 9.47 -5.30 -2.44
CA HIS A 145 9.03 -5.49 -3.81
C HIS A 145 8.85 -4.13 -4.42
N ALA A 146 9.67 -3.17 -4.05
CA ALA A 146 9.69 -1.87 -4.68
C ALA A 146 9.99 -2.00 -6.18
N ALA A 147 10.80 -3.01 -6.54
CA ALA A 147 11.12 -3.22 -7.95
C ALA A 147 9.91 -3.78 -8.73
N ALA A 148 8.87 -4.21 -8.02
CA ALA A 148 7.60 -4.67 -8.64
C ALA A 148 6.43 -3.73 -8.42
N LEU A 149 6.67 -2.64 -7.68
CA LEU A 149 5.63 -1.68 -7.44
C LEU A 149 5.41 -0.76 -8.62
N SER A 150 4.18 -0.79 -9.14
CA SER A 150 3.76 0.03 -10.20
C SER A 150 2.39 0.59 -9.86
N ALA A 151 2.02 1.68 -10.53
CA ALA A 151 0.75 2.40 -10.31
C ALA A 151 -0.43 1.55 -10.76
N ASP A 152 -0.08 0.42 -11.40
CA ASP A 152 -1.08 -0.53 -11.86
C ASP A 152 -1.84 -1.07 -10.67
N ASN A 153 -1.20 -1.07 -9.49
CA ASN A 153 -1.87 -1.50 -8.24
C ASN A 153 -2.28 -0.35 -7.31
N ILE A 154 -1.96 0.86 -7.74
CA ILE A 154 -2.29 2.06 -6.94
C ILE A 154 -3.55 2.64 -7.63
N VAL A 155 -4.69 2.67 -6.98
CA VAL A 155 -5.96 2.98 -7.66
C VAL A 155 -6.41 4.43 -7.52
N PHE A 156 -6.33 5.11 -8.65
CA PHE A 156 -6.74 6.52 -8.74
C PHE A 156 -7.26 6.93 -10.13
N ALA A 157 -7.22 6.02 -11.11
CA ALA A 157 -7.60 6.34 -12.48
C ALA A 157 -9.09 6.24 -12.74
N ALA A 158 -9.88 6.99 -11.99
CA ALA A 158 -11.37 7.07 -12.10
C ALA A 158 -12.14 5.74 -12.06
N THR A 159 -11.55 4.74 -11.40
CA THR A 159 -12.15 3.40 -11.22
C THR A 159 -12.46 2.57 -12.51
N ASP A 160 -12.29 3.18 -13.66
CA ASP A 160 -12.62 2.52 -14.94
C ASP A 160 -11.69 1.32 -15.21
N ALA A 161 -12.25 0.18 -15.63
CA ALA A 161 -11.46 -1.00 -16.02
C ALA A 161 -10.79 -0.75 -17.39
N ALA A 162 -11.29 0.23 -18.15
CA ALA A 162 -10.73 0.54 -19.47
C ALA A 162 -9.44 1.34 -19.30
N ALA A 163 -9.15 1.76 -18.08
CA ALA A 163 -7.91 2.52 -17.81
C ALA A 163 -6.69 1.60 -17.84
N ALA A 164 -5.51 2.21 -17.83
CA ALA A 164 -4.23 1.48 -17.80
C ALA A 164 -4.08 0.37 -18.87
N GLY A 165 -3.22 -0.61 -18.57
CA GLY A 165 -2.94 -1.70 -19.49
C GLY A 165 -2.16 -1.31 -20.71
N GLU A 166 -1.51 -0.14 -20.63
CA GLU A 166 -0.68 0.35 -21.75
C GLU A 166 0.79 0.11 -21.44
N LEU A 167 1.33 -0.98 -21.98
CA LEU A 167 2.72 -1.37 -21.71
C LEU A 167 3.54 -1.46 -22.99
N GLY A 168 4.77 -0.93 -22.91
CA GLY A 168 5.67 -0.90 -24.05
C GLY A 168 7.08 -1.21 -23.58
N VAL A 169 7.18 -1.97 -22.50
CA VAL A 169 8.46 -2.33 -21.88
C VAL A 169 9.15 -3.36 -22.76
N ILE A 170 8.36 -4.29 -23.31
CA ILE A 170 8.88 -5.36 -24.15
C ILE A 170 9.68 -4.80 -25.33
N GLY A 171 10.89 -5.32 -25.46
CA GLY A 171 11.79 -4.87 -26.47
C GLY A 171 13.20 -5.37 -26.20
N ALA A 172 14.07 -5.25 -27.20
CA ALA A 172 15.44 -5.75 -27.09
C ALA A 172 16.36 -4.86 -27.95
N SER A 173 17.54 -4.55 -27.45
CA SER A 173 18.54 -3.75 -28.17
C SER A 173 19.93 -4.12 -27.62
N GLY A 174 20.98 -3.88 -28.38
CA GLY A 174 22.32 -4.23 -27.95
C GLY A 174 23.37 -4.36 -29.03
N GLN A 175 24.64 -4.28 -28.67
CA GLN A 175 25.75 -4.40 -29.62
C GLN A 175 26.42 -5.78 -29.48
N PRO A 176 26.21 -6.68 -30.46
CA PRO A 176 26.86 -7.97 -30.30
C PRO A 176 28.40 -7.88 -30.50
N ASP A 177 29.09 -8.89 -30.06
CA ASP A 177 30.55 -8.94 -30.13
C ASP A 177 30.90 -10.32 -30.75
N ASP A 178 32.04 -10.43 -31.38
CA ASP A 178 32.44 -11.69 -32.01
C ASP A 178 33.94 -11.94 -31.78
N PRO A 179 34.34 -12.23 -30.52
CA PRO A 179 35.76 -12.39 -30.31
C PRO A 179 36.31 -13.65 -30.97
N THR A 180 37.51 -13.50 -31.56
CA THR A 180 38.17 -14.59 -32.32
C THR A 180 39.13 -15.37 -31.44
N VAL A 181 39.45 -14.79 -30.28
CA VAL A 181 40.34 -15.39 -29.30
C VAL A 181 39.61 -16.60 -28.70
CA CA B . -7.27 0.65 17.43
CA CA C . -9.86 -12.40 6.33
CA CA D . -4.74 3.13 13.92
CA CA E . -6.63 -11.27 2.72
CA CA F . -2.86 4.92 9.93
CA CA G . -3.06 -10.24 -0.48
N ALA A 1 -11.36 -28.82 14.55
CA ALA A 1 -11.18 -27.35 14.75
C ALA A 1 -12.40 -26.73 15.40
N ASP A 2 -12.19 -25.58 16.06
CA ASP A 2 -13.25 -24.86 16.76
C ASP A 2 -12.96 -23.37 16.57
N PRO A 3 -13.68 -22.70 15.65
CA PRO A 3 -13.25 -21.33 15.36
C PRO A 3 -13.60 -20.35 16.46
N GLY A 4 -12.69 -19.44 16.76
CA GLY A 4 -12.93 -18.42 17.76
C GLY A 4 -12.04 -17.25 17.43
N VAL A 5 -12.27 -16.68 16.26
CA VAL A 5 -11.53 -15.52 15.75
C VAL A 5 -11.57 -14.38 16.76
N GLU A 6 -10.40 -13.88 17.11
CA GLU A 6 -10.26 -12.81 18.10
C GLU A 6 -10.04 -11.47 17.42
N GLY A 7 -10.21 -11.47 16.11
CA GLY A 7 -10.04 -10.28 15.32
C GLY A 7 -11.33 -9.50 15.16
N THR A 8 -11.46 -8.86 14.00
CA THR A 8 -12.57 -7.97 13.62
C THR A 8 -12.57 -6.64 14.43
N PRO A 9 -13.15 -5.53 13.88
CA PRO A 9 -13.16 -4.19 14.56
C PRO A 9 -13.89 -4.10 15.93
N VAL A 10 -14.43 -5.21 16.40
CA VAL A 10 -15.36 -5.26 17.53
C VAL A 10 -14.85 -4.84 18.92
N VAL A 11 -13.54 -4.78 19.15
CA VAL A 11 -13.07 -4.48 20.52
C VAL A 11 -11.93 -3.46 20.64
N GLY A 12 -12.22 -2.37 21.34
CA GLY A 12 -11.19 -1.38 21.62
C GLY A 12 -10.66 -0.66 20.39
N SER A 13 -11.53 -0.40 19.44
CA SER A 13 -11.18 0.23 18.18
C SER A 13 -10.37 1.53 18.41
N ASP A 14 -10.72 2.34 19.42
CA ASP A 14 -10.09 3.65 19.60
C ASP A 14 -8.71 3.65 20.28
N LEU A 15 -8.16 2.47 20.55
CA LEU A 15 -6.84 2.40 21.21
C LEU A 15 -6.03 1.21 20.62
N ASP A 16 -4.79 0.99 21.09
CA ASP A 16 -3.88 -0.03 20.47
C ASP A 16 -4.45 -1.45 20.44
N ASP A 17 -4.34 -2.10 19.29
CA ASP A 17 -4.89 -3.45 19.10
C ASP A 17 -3.94 -4.43 18.40
N GLU A 18 -4.17 -5.71 18.66
CA GLU A 18 -3.63 -6.81 17.87
C GLU A 18 -4.88 -7.60 17.41
N LEU A 19 -5.16 -7.61 16.10
CA LEU A 19 -6.36 -8.30 15.59
C LEU A 19 -5.97 -9.39 14.58
N HIS A 20 -6.30 -10.62 14.93
CA HIS A 20 -6.00 -11.79 14.11
C HIS A 20 -7.32 -12.31 13.54
N GLY A 21 -7.55 -12.10 12.25
CA GLY A 21 -8.83 -12.40 11.63
C GLY A 21 -9.06 -13.79 11.09
N THR A 22 -10.18 -13.93 10.38
CA THR A 22 -10.59 -15.22 9.78
C THR A 22 -9.89 -15.46 8.45
N LEU A 23 -10.11 -16.62 7.84
CA LEU A 23 -9.61 -16.92 6.51
C LEU A 23 -10.65 -16.53 5.43
N GLY A 24 -11.79 -16.07 5.89
CA GLY A 24 -12.84 -15.58 5.00
C GLY A 24 -12.72 -14.07 4.85
N SER A 25 -13.69 -13.46 4.15
CA SER A 25 -13.67 -12.02 3.89
C SER A 25 -14.06 -11.19 5.12
N GLU A 26 -13.36 -10.08 5.36
CA GLU A 26 -13.63 -9.24 6.53
C GLU A 26 -13.42 -7.76 6.22
N GLN A 27 -14.12 -6.89 6.94
CA GLN A 27 -13.80 -5.48 6.93
C GLN A 27 -12.96 -5.32 8.22
N ILE A 28 -11.79 -4.71 8.14
CA ILE A 28 -10.92 -4.55 9.30
C ILE A 28 -10.61 -3.05 9.43
N LEU A 29 -11.19 -2.42 10.43
CA LEU A 29 -10.98 -1.00 10.66
C LEU A 29 -10.11 -0.94 11.93
N GLY A 30 -8.92 -0.39 11.79
CA GLY A 30 -7.98 -0.31 12.90
C GLY A 30 -8.37 0.70 13.94
N GLY A 31 -8.95 1.83 13.54
CA GLY A 31 -9.37 2.81 14.51
C GLY A 31 -8.21 3.57 15.08
N GLY A 32 -8.35 4.05 16.31
CA GLY A 32 -7.33 4.85 16.95
C GLY A 32 -6.20 3.97 17.45
N GLY A 33 -5.09 4.58 17.85
CA GLY A 33 -3.99 3.85 18.39
C GLY A 33 -3.17 3.17 17.32
N ALA A 34 -1.99 2.74 17.71
CA ALA A 34 -1.06 2.05 16.85
C ALA A 34 -1.46 0.57 16.82
N ASP A 35 -1.96 0.15 15.67
CA ASP A 35 -2.57 -1.18 15.58
C ASP A 35 -1.71 -2.15 14.82
N GLN A 36 -1.91 -3.42 15.09
CA GLN A 36 -1.19 -4.49 14.41
C GLN A 36 -2.27 -5.43 13.90
N LEU A 37 -2.62 -5.19 12.64
CA LEU A 37 -3.77 -5.85 12.00
C LEU A 37 -3.34 -7.00 11.08
N TYR A 38 -4.06 -8.12 11.12
CA TYR A 38 -3.76 -9.30 10.31
C TYR A 38 -5.03 -9.88 9.66
N GLY A 39 -5.18 -9.61 8.38
CA GLY A 39 -6.36 -10.06 7.67
C GLY A 39 -6.31 -11.50 7.22
N TYR A 40 -5.11 -12.01 7.02
CA TYR A 40 -4.87 -13.37 6.52
C TYR A 40 -5.65 -13.65 5.22
N ALA A 41 -6.10 -14.87 5.01
CA ALA A 41 -6.79 -15.25 3.76
C ALA A 41 -8.18 -14.59 3.61
N GLY A 42 -8.74 -14.71 2.41
CA GLY A 42 -9.98 -14.03 2.09
C GLY A 42 -9.74 -12.62 1.58
N ASN A 43 -10.68 -12.09 0.83
CA ASN A 43 -10.56 -10.73 0.30
C ASN A 43 -10.91 -9.81 1.42
N ASP A 44 -9.95 -9.04 1.93
CA ASP A 44 -10.19 -8.28 3.16
C ASP A 44 -10.16 -6.78 2.83
N LEU A 45 -10.94 -6.00 3.59
CA LEU A 45 -11.06 -4.55 3.41
C LEU A 45 -10.43 -3.84 4.61
N LEU A 46 -9.14 -3.48 4.52
CA LEU A 46 -8.36 -3.00 5.67
C LEU A 46 -8.06 -1.48 5.64
N ASP A 47 -8.51 -0.78 6.67
CA ASP A 47 -8.24 0.64 6.87
C ASP A 47 -7.58 0.80 8.25
N GLY A 48 -6.57 1.67 8.37
CA GLY A 48 -5.82 1.74 9.61
C GLY A 48 -6.34 2.76 10.63
N GLY A 49 -6.84 3.90 10.18
CA GLY A 49 -7.28 4.94 11.10
C GLY A 49 -6.12 5.73 11.69
N ALA A 50 -6.43 6.47 12.72
CA ALA A 50 -5.44 7.31 13.40
C ALA A 50 -4.27 6.49 13.90
N GLY A 51 -3.08 7.11 13.92
CA GLY A 51 -1.88 6.43 14.31
C GLY A 51 -1.19 5.72 13.18
N ARG A 52 0.06 5.39 13.41
CA ARG A 52 0.88 4.71 12.41
C ARG A 52 0.60 3.29 12.72
N ASP A 53 0.21 2.54 11.72
CA ASP A 53 -0.30 1.18 11.90
C ASP A 53 0.54 0.17 11.13
N LYS A 54 0.48 -1.08 11.58
CA LYS A 54 1.22 -2.15 10.96
C LYS A 54 0.10 -3.11 10.51
N LEU A 55 0.06 -3.47 9.25
CA LEU A 55 -1.07 -4.27 8.73
C LEU A 55 -0.71 -5.30 7.64
N SER A 56 -1.21 -6.50 7.81
CA SER A 56 -1.03 -7.56 6.81
C SER A 56 -2.32 -7.70 6.03
N GLY A 57 -2.21 -7.91 4.74
CA GLY A 57 -3.37 -8.19 3.87
C GLY A 57 -3.61 -9.68 3.83
N GLY A 58 -2.55 -10.45 3.67
CA GLY A 58 -2.66 -11.91 3.58
C GLY A 58 -3.14 -12.38 2.22
N GLU A 59 -3.37 -13.68 2.07
CA GLU A 59 -3.80 -14.20 0.77
C GLU A 59 -5.13 -13.58 0.36
N GLY A 60 -5.37 -13.56 -0.94
CA GLY A 60 -6.61 -13.02 -1.50
C GLY A 60 -6.43 -11.57 -1.96
N ALA A 61 -7.30 -11.11 -2.84
CA ALA A 61 -7.21 -9.76 -3.36
C ALA A 61 -7.79 -8.81 -2.34
N ASP A 62 -6.92 -8.06 -1.70
CA ASP A 62 -7.31 -7.21 -0.58
C ASP A 62 -7.57 -5.78 -1.04
N THR A 63 -8.23 -5.02 -0.22
CA THR A 63 -8.55 -3.64 -0.53
C THR A 63 -8.11 -2.74 0.65
N PHE A 64 -7.40 -1.67 0.33
CA PHE A 64 -7.01 -0.68 1.32
C PHE A 64 -7.59 0.62 0.83
N ARG A 65 -8.30 1.31 1.71
CA ARG A 65 -8.90 2.63 1.35
C ARG A 65 -8.51 3.67 2.35
N PHE A 66 -7.99 3.20 3.48
CA PHE A 66 -7.70 4.04 4.65
C PHE A 66 -8.96 4.74 5.21
N ALA A 67 -8.83 5.44 6.33
CA ALA A 67 -9.99 5.99 7.02
C ALA A 67 -10.39 7.40 6.59
N LEU A 68 -9.41 8.30 6.60
CA LEU A 68 -9.64 9.72 6.36
C LEU A 68 -8.48 10.28 5.55
N ARG A 69 -8.61 11.54 5.14
CA ARG A 69 -7.50 12.29 4.51
C ARG A 69 -6.33 12.30 5.48
N GLU A 70 -6.67 12.22 6.76
CA GLU A 70 -5.70 12.26 7.85
C GLU A 70 -4.86 10.99 7.95
N ASP A 71 -5.24 9.97 7.20
CA ASP A 71 -4.61 8.66 7.31
C ASP A 71 -3.47 8.49 6.30
N SER A 72 -2.41 7.84 6.79
CA SER A 72 -1.26 7.46 5.97
C SER A 72 -0.70 8.58 5.09
N HIS A 73 -0.63 9.76 5.66
CA HIS A 73 -0.17 10.95 4.97
C HIS A 73 1.09 11.53 5.64
N ARG A 74 1.80 12.35 4.91
CA ARG A 74 2.95 13.06 5.43
C ARG A 74 2.49 14.47 5.65
N SER A 75 3.02 15.12 6.69
CA SER A 75 2.70 16.50 7.02
C SER A 75 4.00 17.22 7.41
N PRO A 76 3.97 18.57 7.51
CA PRO A 76 5.17 19.29 8.00
C PRO A 76 5.58 18.91 9.44
N LEU A 77 4.65 18.33 10.20
CA LEU A 77 4.95 17.90 11.57
C LEU A 77 5.69 16.57 11.58
N GLY A 78 5.52 15.81 10.49
CA GLY A 78 6.19 14.54 10.32
C GLY A 78 5.35 13.57 9.53
N THR A 79 5.83 12.35 9.38
CA THR A 79 5.09 11.35 8.62
C THR A 79 4.11 10.56 9.50
N PHE A 80 2.93 10.34 8.94
CA PHE A 80 1.91 9.45 9.54
C PHE A 80 1.62 8.28 8.61
N GLY A 81 2.54 8.06 7.67
CA GLY A 81 2.45 6.98 6.70
C GLY A 81 2.38 5.62 7.36
N ASP A 82 1.53 4.74 6.86
CA ASP A 82 1.33 3.41 7.49
C ASP A 82 2.36 2.40 7.01
N ARG A 83 2.38 1.18 7.59
CA ARG A 83 3.34 0.13 7.24
C ARG A 83 2.64 -1.20 6.89
N ILE A 84 2.54 -1.54 5.61
CA ILE A 84 1.88 -2.78 5.20
C ILE A 84 2.95 -3.87 5.24
N LEU A 85 2.64 -5.01 5.82
CA LEU A 85 3.63 -6.08 6.08
C LEU A 85 3.90 -6.99 4.86
N ASP A 86 2.86 -7.30 4.11
CA ASP A 86 2.90 -8.35 3.08
C ASP A 86 2.04 -8.05 1.84
N PHE A 87 2.10 -6.83 1.33
CA PHE A 87 1.28 -6.41 0.18
C PHE A 87 1.55 -7.22 -1.10
N ASP A 88 0.49 -7.69 -1.72
CA ASP A 88 0.60 -8.44 -2.99
C ASP A 88 0.35 -7.42 -4.12
N PRO A 89 1.41 -7.00 -4.85
CA PRO A 89 1.23 -5.92 -5.80
C PRO A 89 0.53 -6.34 -7.10
N SER A 90 0.27 -7.62 -7.24
CA SER A 90 -0.42 -8.17 -8.39
C SER A 90 -1.93 -8.28 -8.12
N GLN A 91 -2.28 -8.72 -6.90
CA GLN A 91 -3.67 -9.02 -6.55
C GLN A 91 -4.39 -7.91 -5.78
N ASP A 92 -3.69 -7.22 -4.89
CA ASP A 92 -4.33 -6.24 -3.99
C ASP A 92 -4.44 -4.85 -4.62
N ARG A 93 -5.20 -3.95 -4.00
CA ARG A 93 -5.40 -2.60 -4.55
C ARG A 93 -5.53 -1.56 -3.44
N ILE A 94 -5.03 -0.34 -3.71
CA ILE A 94 -5.08 0.74 -2.73
C ILE A 94 -5.61 1.99 -3.38
N ASP A 95 -6.62 2.65 -2.80
CA ASP A 95 -7.08 3.93 -3.39
C ASP A 95 -6.30 5.03 -2.71
N VAL A 96 -5.92 6.04 -3.50
CA VAL A 96 -5.17 7.19 -2.95
C VAL A 96 -5.75 8.51 -3.47
N SER A 97 -6.71 8.42 -4.38
CA SER A 97 -7.34 9.61 -4.93
C SER A 97 -8.03 10.43 -3.85
N ALA A 98 -8.62 9.73 -2.88
CA ALA A 98 -9.36 10.41 -1.79
C ALA A 98 -8.46 11.02 -0.74
N LEU A 99 -7.25 10.51 -0.60
CA LEU A 99 -6.39 10.85 0.52
C LEU A 99 -4.95 11.29 0.18
N GLY A 100 -4.61 11.51 -1.10
CA GLY A 100 -3.27 11.92 -1.44
C GLY A 100 -3.15 12.78 -2.69
N PHE A 101 -3.28 12.12 -3.84
CA PHE A 101 -3.02 12.76 -5.13
C PHE A 101 -3.82 12.04 -6.24
N SER A 102 -3.89 12.65 -7.43
CA SER A 102 -4.55 12.04 -8.59
C SER A 102 -3.53 11.90 -9.71
N GLY A 103 -2.67 12.89 -9.88
CA GLY A 103 -1.62 12.81 -10.88
C GLY A 103 -0.37 12.24 -10.25
N LEU A 104 0.15 11.14 -10.80
CA LEU A 104 1.31 10.51 -10.23
C LEU A 104 2.58 11.35 -10.46
N GLY A 105 3.51 11.25 -9.53
CA GLY A 105 4.74 12.04 -9.59
C GLY A 105 5.80 11.37 -10.47
N ASN A 106 7.00 11.97 -10.54
CA ASN A 106 8.13 11.46 -11.34
C ASN A 106 8.64 10.07 -10.95
N GLY A 107 8.20 9.05 -11.72
CA GLY A 107 8.66 7.67 -11.55
C GLY A 107 8.82 7.05 -12.92
N TYR A 108 8.78 5.74 -13.09
CA TYR A 108 8.94 5.11 -14.40
C TYR A 108 8.24 3.76 -14.51
N ALA A 109 8.05 3.29 -15.74
CA ALA A 109 7.35 2.04 -16.04
C ALA A 109 5.98 1.92 -15.35
N GLY A 110 5.21 3.00 -15.39
CA GLY A 110 3.88 2.99 -14.81
C GLY A 110 3.96 2.99 -13.29
N SER A 111 4.97 3.60 -12.72
CA SER A 111 5.13 3.59 -11.29
C SER A 111 5.59 4.96 -10.78
N LEU A 112 5.65 5.08 -9.48
CA LEU A 112 6.13 6.26 -8.79
C LEU A 112 7.58 5.88 -8.53
N ALA A 113 8.40 6.78 -8.03
CA ALA A 113 9.80 6.47 -7.75
C ALA A 113 9.84 5.71 -6.42
N VAL A 114 10.35 4.50 -6.45
CA VAL A 114 10.37 3.65 -5.24
C VAL A 114 11.54 4.06 -4.39
N SER A 115 11.49 3.75 -3.09
CA SER A 115 12.56 4.19 -2.19
C SER A 115 12.79 3.10 -1.17
N VAL A 116 13.96 3.13 -0.54
CA VAL A 116 14.28 2.16 0.53
C VAL A 116 14.65 2.89 1.82
N SER A 117 14.63 2.19 2.93
CA SER A 117 15.08 2.73 4.22
C SER A 117 16.57 2.89 4.14
N ASP A 118 17.24 1.81 3.78
CA ASP A 118 18.67 1.75 3.66
C ASP A 118 18.96 0.57 2.77
N ASP A 119 20.02 -0.16 3.04
CA ASP A 119 20.36 -1.34 2.25
C ASP A 119 19.33 -2.45 2.52
N GLY A 120 18.65 -2.37 3.65
CA GLY A 120 17.62 -3.36 4.01
C GLY A 120 16.44 -2.68 4.69
N THR A 121 15.85 -3.38 5.64
CA THR A 121 14.72 -2.91 6.41
C THR A 121 13.52 -2.69 5.48
N ARG A 122 12.71 -1.68 5.77
CA ARG A 122 11.49 -1.45 4.98
C ARG A 122 11.76 -0.69 3.70
N THR A 123 10.82 -0.84 2.79
CA THR A 123 10.85 -0.15 1.50
C THR A 123 9.68 0.85 1.57
N TYR A 124 9.67 1.78 0.64
CA TYR A 124 8.64 2.81 0.58
C TYR A 124 8.14 3.00 -0.82
N LEU A 125 6.88 3.42 -0.92
CA LEU A 125 6.32 3.89 -2.19
C LEU A 125 5.81 5.28 -1.87
N LYS A 126 6.56 6.28 -2.31
CA LYS A 126 6.28 7.66 -1.95
C LYS A 126 5.63 8.41 -3.10
N SER A 127 4.86 9.43 -2.78
CA SER A 127 4.33 10.34 -3.77
C SER A 127 5.25 11.57 -3.70
N TYR A 128 5.38 12.25 -4.82
CA TYR A 128 6.24 13.41 -4.92
C TYR A 128 5.34 14.60 -5.31
N GLU A 129 4.06 14.45 -4.97
CA GLU A 129 3.08 15.50 -5.14
C GLU A 129 2.55 15.92 -3.78
N ALA A 130 2.47 17.24 -3.60
CA ALA A 130 2.08 17.81 -2.30
C ALA A 130 1.02 18.91 -2.50
N ASP A 131 0.15 19.07 -1.49
CA ASP A 131 -0.83 20.12 -1.43
C ASP A 131 -0.15 21.43 -1.09
N ALA A 132 -0.82 22.56 -1.29
CA ALA A 132 -0.27 23.88 -0.95
C ALA A 132 -0.07 24.04 0.59
N GLN A 133 -0.69 23.14 1.34
CA GLN A 133 -0.52 23.08 2.81
C GLN A 133 0.77 22.37 3.21
N GLY A 134 1.44 21.74 2.24
CA GLY A 134 2.65 20.97 2.54
C GLY A 134 2.34 19.55 3.02
N LEU A 135 1.21 19.05 2.61
CA LEU A 135 0.78 17.69 2.93
C LEU A 135 1.04 16.84 1.71
N SER A 136 1.48 15.61 1.90
CA SER A 136 1.78 14.73 0.78
C SER A 136 1.50 13.31 1.23
N PHE A 137 1.79 12.32 0.40
CA PHE A 137 1.53 10.94 0.73
C PHE A 137 2.79 10.07 0.67
N GLU A 138 2.94 9.16 1.63
CA GLU A 138 3.93 8.08 1.51
C GLU A 138 3.43 6.90 2.33
N VAL A 139 3.85 5.68 1.98
CA VAL A 139 3.41 4.49 2.72
C VAL A 139 4.58 3.54 2.60
N ALA A 140 4.80 2.80 3.68
CA ALA A 140 5.93 1.91 3.75
C ALA A 140 5.39 0.49 3.60
N LEU A 141 6.21 -0.36 3.03
CA LEU A 141 5.86 -1.75 2.80
C LEU A 141 7.12 -2.52 3.16
N GLU A 142 7.08 -3.57 3.98
CA GLU A 142 8.34 -4.22 4.41
C GLU A 142 8.65 -5.53 3.73
N GLY A 143 7.85 -5.93 2.76
CA GLY A 143 8.09 -7.20 2.06
C GLY A 143 9.22 -7.15 1.03
N ASP A 144 9.87 -5.98 0.92
CA ASP A 144 11.03 -5.76 0.06
C ASP A 144 10.74 -6.22 -1.37
N HIS A 145 9.77 -5.56 -1.95
CA HIS A 145 9.36 -5.86 -3.33
C HIS A 145 9.25 -4.58 -4.19
N ALA A 146 10.22 -3.70 -4.03
CA ALA A 146 10.23 -2.49 -4.86
C ALA A 146 10.36 -2.86 -6.33
N ALA A 147 10.93 -4.02 -6.63
CA ALA A 147 11.08 -4.55 -8.01
C ALA A 147 9.75 -4.95 -8.61
N ALA A 148 8.84 -5.42 -7.76
CA ALA A 148 7.53 -5.87 -8.24
C ALA A 148 6.44 -4.78 -8.17
N LEU A 149 6.62 -3.85 -7.25
CA LEU A 149 5.62 -2.80 -7.08
C LEU A 149 5.52 -1.96 -8.35
N SER A 150 4.30 -1.61 -8.69
CA SER A 150 4.05 -0.65 -9.74
C SER A 150 2.87 0.11 -9.18
N ALA A 151 2.63 1.32 -9.68
CA ALA A 151 1.57 2.16 -9.15
C ALA A 151 0.28 1.81 -9.85
N ASP A 152 0.30 0.71 -10.59
CA ASP A 152 -0.91 0.26 -11.27
C ASP A 152 -1.91 -0.33 -10.25
N ASN A 153 -1.39 -0.82 -9.13
CA ASN A 153 -2.25 -1.34 -8.05
C ASN A 153 -2.67 -0.17 -7.11
N ILE A 154 -2.22 1.04 -7.40
CA ILE A 154 -2.66 2.22 -6.68
C ILE A 154 -3.72 2.81 -7.63
N VAL A 155 -4.90 3.10 -7.13
CA VAL A 155 -5.97 3.65 -7.98
C VAL A 155 -6.19 5.16 -7.72
N PHE A 156 -5.86 5.90 -8.77
CA PHE A 156 -5.99 7.35 -8.83
C PHE A 156 -6.45 7.72 -10.26
N ALA A 157 -6.79 6.67 -11.02
CA ALA A 157 -7.22 6.77 -12.42
C ALA A 157 -8.76 6.85 -12.54
N ALA A 158 -9.34 7.78 -11.78
CA ALA A 158 -10.79 8.03 -11.74
C ALA A 158 -11.61 6.79 -11.37
N THR A 159 -11.05 5.95 -10.52
CA THR A 159 -11.68 4.73 -9.97
C THR A 159 -12.01 3.58 -10.96
N ASP A 160 -12.56 3.89 -12.11
CA ASP A 160 -13.01 2.85 -13.03
C ASP A 160 -11.89 2.16 -13.80
N ALA A 161 -12.16 0.93 -14.20
CA ALA A 161 -11.20 0.09 -14.93
C ALA A 161 -11.17 0.44 -16.42
N ALA A 162 -11.65 1.64 -16.76
CA ALA A 162 -11.73 2.08 -18.14
C ALA A 162 -10.36 2.48 -18.70
N ALA A 163 -9.47 2.87 -17.80
CA ALA A 163 -8.16 3.40 -18.17
C ALA A 163 -7.06 2.39 -17.73
N ALA A 164 -5.82 2.87 -17.64
CA ALA A 164 -4.66 2.11 -17.15
C ALA A 164 -4.18 0.94 -18.04
N GLY A 165 -3.22 0.16 -17.55
CA GLY A 165 -2.73 -1.03 -18.23
C GLY A 165 -1.72 -0.75 -19.34
N GLU A 166 -1.13 0.46 -19.33
CA GLU A 166 -0.23 0.90 -20.39
C GLU A 166 1.24 0.71 -19.97
N LEU A 167 1.92 -0.23 -20.60
CA LEU A 167 3.34 -0.50 -20.33
C LEU A 167 4.06 -0.47 -21.68
N GLY A 168 5.36 -0.24 -21.62
CA GLY A 168 6.20 -0.23 -22.80
C GLY A 168 7.53 -0.88 -22.52
N VAL A 169 7.51 -1.84 -21.61
CA VAL A 169 8.74 -2.51 -21.14
C VAL A 169 9.28 -3.49 -22.22
N ILE A 170 8.38 -4.02 -23.03
CA ILE A 170 8.74 -4.98 -24.05
C ILE A 170 9.63 -4.31 -25.09
N GLY A 171 10.68 -5.02 -25.46
CA GLY A 171 11.64 -4.53 -26.46
C GLY A 171 12.96 -5.28 -26.39
N ALA A 172 13.72 -5.28 -27.50
CA ALA A 172 15.00 -5.98 -27.55
C ALA A 172 15.92 -5.23 -28.51
N SER A 173 17.21 -5.15 -28.17
CA SER A 173 18.25 -4.52 -29.01
C SER A 173 19.63 -5.03 -28.61
N GLY A 174 20.66 -4.71 -29.36
CA GLY A 174 22.00 -5.19 -29.04
C GLY A 174 22.99 -4.87 -30.14
N GLN A 175 24.25 -5.17 -29.90
CA GLN A 175 25.33 -4.99 -30.89
C GLN A 175 26.24 -6.24 -30.87
N PRO A 176 26.11 -7.16 -31.85
CA PRO A 176 26.90 -8.40 -31.73
C PRO A 176 28.40 -8.25 -32.01
N ASP A 177 29.19 -9.14 -31.40
CA ASP A 177 30.65 -9.15 -31.56
C ASP A 177 31.06 -10.51 -32.10
N ASP A 178 32.15 -10.59 -32.85
CA ASP A 178 32.67 -11.87 -33.36
C ASP A 178 34.19 -11.89 -33.31
N PRO A 179 34.77 -12.08 -32.11
CA PRO A 179 36.24 -12.04 -32.02
C PRO A 179 36.93 -13.22 -32.67
N THR A 180 38.18 -13.05 -33.09
CA THR A 180 38.91 -14.13 -33.78
C THR A 180 40.20 -14.48 -33.06
N VAL A 181 40.51 -13.75 -32.01
CA VAL A 181 41.70 -14.01 -31.17
C VAL A 181 41.54 -15.41 -30.55
CA CA B . -7.28 0.41 17.43
CA CA C . -9.73 -12.52 6.40
CA CA D . -4.88 2.97 14.01
CA CA E . -6.57 -11.25 2.68
CA CA F . -2.84 4.87 10.00
CA CA G . -3.28 -9.91 -0.56
N ALA A 1 -11.50 -28.04 14.53
CA ALA A 1 -11.37 -26.55 14.61
C ALA A 1 -12.48 -25.99 15.48
N ASP A 2 -12.29 -24.81 16.05
CA ASP A 2 -13.34 -24.16 16.83
C ASP A 2 -13.37 -22.68 16.48
N PRO A 3 -14.44 -22.21 15.80
CA PRO A 3 -14.44 -20.78 15.50
C PRO A 3 -14.57 -19.91 16.73
N GLY A 4 -13.99 -18.72 16.69
CA GLY A 4 -14.00 -17.82 17.83
C GLY A 4 -13.05 -16.68 17.60
N VAL A 5 -13.28 -15.96 16.51
CA VAL A 5 -12.38 -14.93 16.04
C VAL A 5 -12.27 -13.76 17.06
N GLU A 6 -11.03 -13.37 17.34
CA GLU A 6 -10.79 -12.26 18.26
C GLU A 6 -10.59 -10.96 17.50
N GLY A 7 -10.51 -11.07 16.18
CA GLY A 7 -10.36 -9.91 15.33
C GLY A 7 -11.66 -9.22 15.03
N THR A 8 -11.70 -8.57 13.89
CA THR A 8 -12.82 -7.76 13.36
C THR A 8 -12.94 -6.44 14.16
N PRO A 9 -13.61 -5.41 13.61
CA PRO A 9 -13.62 -4.10 14.30
C PRO A 9 -14.41 -4.02 15.63
N VAL A 10 -14.88 -5.16 16.11
CA VAL A 10 -15.82 -5.23 17.21
C VAL A 10 -15.27 -4.83 18.59
N VAL A 11 -13.96 -4.77 18.76
CA VAL A 11 -13.41 -4.51 20.10
C VAL A 11 -12.13 -3.66 20.07
N GLY A 12 -12.04 -2.71 21.00
CA GLY A 12 -10.81 -1.94 21.21
C GLY A 12 -10.43 -0.92 20.15
N SER A 13 -11.33 -0.65 19.22
CA SER A 13 -11.00 0.16 18.05
C SER A 13 -10.31 1.49 18.37
N ASP A 14 -10.76 2.23 19.37
CA ASP A 14 -10.19 3.57 19.68
C ASP A 14 -8.84 3.52 20.41
N LEU A 15 -8.23 2.36 20.59
CA LEU A 15 -6.92 2.26 21.29
C LEU A 15 -6.03 1.15 20.66
N ASP A 16 -4.79 1.01 21.13
CA ASP A 16 -3.81 0.06 20.54
C ASP A 16 -4.36 -1.38 20.55
N ASP A 17 -4.38 -2.01 19.39
CA ASP A 17 -5.01 -3.33 19.23
C ASP A 17 -4.06 -4.38 18.73
N GLU A 18 -4.46 -5.63 18.91
CA GLU A 18 -3.89 -6.76 18.21
C GLU A 18 -5.12 -7.49 17.68
N LEU A 19 -5.31 -7.55 16.37
CA LEU A 19 -6.51 -8.21 15.80
C LEU A 19 -6.09 -9.22 14.77
N HIS A 20 -6.61 -10.44 14.92
CA HIS A 20 -6.34 -11.50 13.98
C HIS A 20 -7.63 -11.95 13.31
N GLY A 21 -7.67 -11.85 11.98
CA GLY A 21 -8.86 -12.12 11.19
C GLY A 21 -9.07 -13.58 10.78
N THR A 22 -10.20 -13.81 10.15
CA THR A 22 -10.60 -15.14 9.67
C THR A 22 -9.94 -15.41 8.33
N LEU A 23 -10.08 -16.63 7.83
CA LEU A 23 -9.54 -16.99 6.51
C LEU A 23 -10.51 -16.68 5.38
N GLY A 24 -11.54 -15.92 5.74
CA GLY A 24 -12.58 -15.45 4.80
C GLY A 24 -12.49 -13.94 4.59
N SER A 25 -13.46 -13.38 3.88
CA SER A 25 -13.51 -11.94 3.57
C SER A 25 -13.99 -11.08 4.77
N GLU A 26 -13.30 -9.97 5.06
CA GLU A 26 -13.57 -9.16 6.26
C GLU A 26 -13.30 -7.68 6.00
N GLN A 27 -13.80 -6.82 6.87
CA GLN A 27 -13.46 -5.40 6.89
C GLN A 27 -12.70 -5.30 8.20
N ILE A 28 -11.48 -4.79 8.16
CA ILE A 28 -10.62 -4.67 9.32
C ILE A 28 -10.36 -3.17 9.47
N LEU A 29 -11.07 -2.53 10.37
CA LEU A 29 -10.98 -1.10 10.58
C LEU A 29 -10.26 -0.97 11.91
N GLY A 30 -9.12 -0.32 11.88
CA GLY A 30 -8.24 -0.27 13.03
C GLY A 30 -8.57 0.78 14.04
N GLY A 31 -9.18 1.88 13.61
CA GLY A 31 -9.52 2.94 14.53
C GLY A 31 -8.26 3.54 15.10
N GLY A 32 -8.39 4.04 16.33
CA GLY A 32 -7.33 4.75 17.01
C GLY A 32 -6.18 3.89 17.47
N GLY A 33 -5.14 4.52 17.95
CA GLY A 33 -3.99 3.81 18.43
C GLY A 33 -3.12 3.19 17.35
N ALA A 34 -1.98 2.66 17.75
CA ALA A 34 -1.04 1.96 16.86
C ALA A 34 -1.47 0.50 16.92
N ASP A 35 -1.97 -0.01 15.80
CA ASP A 35 -2.62 -1.33 15.80
C ASP A 35 -1.75 -2.35 15.07
N GLN A 36 -1.94 -3.61 15.39
CA GLN A 36 -1.27 -4.72 14.74
C GLN A 36 -2.35 -5.60 14.12
N LEU A 37 -2.66 -5.27 12.86
CA LEU A 37 -3.79 -5.86 12.17
C LEU A 37 -3.34 -6.94 11.24
N TYR A 38 -3.96 -8.11 11.35
CA TYR A 38 -3.64 -9.26 10.48
C TYR A 38 -4.87 -9.81 9.77
N GLY A 39 -4.97 -9.52 8.49
CA GLY A 39 -6.10 -9.96 7.68
C GLY A 39 -6.02 -11.38 7.14
N TYR A 40 -4.82 -11.95 6.95
CA TYR A 40 -4.64 -13.33 6.45
C TYR A 40 -5.41 -13.57 5.14
N ALA A 41 -5.83 -14.80 4.90
CA ALA A 41 -6.53 -15.15 3.70
C ALA A 41 -7.91 -14.45 3.54
N GLY A 42 -8.44 -14.51 2.35
CA GLY A 42 -9.72 -13.93 2.04
C GLY A 42 -9.53 -12.53 1.53
N ASN A 43 -10.51 -12.01 0.79
CA ASN A 43 -10.43 -10.67 0.24
C ASN A 43 -10.80 -9.72 1.37
N ASP A 44 -9.85 -8.91 1.80
CA ASP A 44 -10.05 -8.13 3.01
C ASP A 44 -9.88 -6.64 2.75
N LEU A 45 -10.64 -5.85 3.49
CA LEU A 45 -10.61 -4.39 3.41
C LEU A 45 -9.94 -3.85 4.68
N LEU A 46 -8.71 -3.42 4.58
CA LEU A 46 -7.92 -3.00 5.75
C LEU A 46 -7.70 -1.51 5.80
N ASP A 47 -8.37 -0.89 6.75
CA ASP A 47 -8.31 0.55 7.00
C ASP A 47 -7.76 0.77 8.42
N GLY A 48 -6.45 1.03 8.55
CA GLY A 48 -5.82 1.19 9.84
C GLY A 48 -6.30 2.32 10.75
N GLY A 49 -6.95 3.34 10.20
CA GLY A 49 -7.42 4.48 11.00
C GLY A 49 -6.28 5.34 11.51
N ALA A 50 -6.55 6.11 12.56
CA ALA A 50 -5.58 7.06 13.14
C ALA A 50 -4.35 6.36 13.66
N GLY A 51 -3.28 7.15 13.78
CA GLY A 51 -2.00 6.64 14.21
C GLY A 51 -1.18 6.01 13.09
N ARG A 52 0.01 5.48 13.38
CA ARG A 52 0.78 4.71 12.40
C ARG A 52 0.40 3.30 12.75
N ASP A 53 0.32 2.44 11.77
CA ASP A 53 -0.22 1.11 11.98
C ASP A 53 0.61 0.05 11.32
N LYS A 54 0.53 -1.16 11.84
CA LYS A 54 1.18 -2.34 11.26
C LYS A 54 0.05 -3.18 10.70
N LEU A 55 0.07 -3.48 9.42
CA LEU A 55 -1.05 -4.22 8.83
C LEU A 55 -0.63 -5.23 7.80
N SER A 56 -1.23 -6.41 7.89
CA SER A 56 -0.96 -7.50 6.95
C SER A 56 -2.19 -7.78 6.12
N GLY A 57 -1.99 -7.92 4.81
CA GLY A 57 -3.07 -8.19 3.90
C GLY A 57 -3.24 -9.67 3.71
N GLY A 58 -2.12 -10.36 3.54
CA GLY A 58 -2.08 -11.80 3.33
C GLY A 58 -2.51 -12.22 1.94
N GLU A 59 -2.88 -13.49 1.79
CA GLU A 59 -3.43 -13.98 0.52
C GLU A 59 -4.80 -13.37 0.20
N GLY A 60 -5.18 -13.45 -1.06
CA GLY A 60 -6.43 -12.87 -1.53
C GLY A 60 -6.23 -11.42 -2.01
N ALA A 61 -7.21 -10.88 -2.69
CA ALA A 61 -7.16 -9.53 -3.24
C ALA A 61 -7.67 -8.54 -2.19
N ASP A 62 -6.75 -7.79 -1.62
CA ASP A 62 -7.04 -6.90 -0.50
C ASP A 62 -7.16 -5.44 -0.97
N THR A 63 -7.93 -4.66 -0.23
CA THR A 63 -8.19 -3.27 -0.57
C THR A 63 -7.90 -2.35 0.63
N PHE A 64 -7.03 -1.39 0.44
CA PHE A 64 -6.64 -0.50 1.52
C PHE A 64 -7.11 0.93 1.18
N ARG A 65 -7.99 1.51 1.98
CA ARG A 65 -8.44 2.92 1.74
C ARG A 65 -8.03 3.86 2.84
N PHE A 66 -7.99 3.31 4.05
CA PHE A 66 -7.76 4.06 5.29
C PHE A 66 -9.00 4.93 5.64
N ALA A 67 -9.24 5.20 6.93
CA ALA A 67 -10.51 5.77 7.36
C ALA A 67 -10.72 7.21 6.89
N LEU A 68 -9.75 8.08 7.13
CA LEU A 68 -9.91 9.50 6.84
C LEU A 68 -8.67 10.00 6.07
N ARG A 69 -8.78 11.19 5.50
CA ARG A 69 -7.67 11.88 4.81
C ARG A 69 -6.51 12.09 5.80
N GLU A 70 -6.83 12.04 7.09
CA GLU A 70 -5.84 12.14 8.18
C GLU A 70 -4.98 10.90 8.38
N ASP A 71 -5.15 9.88 7.55
CA ASP A 71 -4.39 8.63 7.68
C ASP A 71 -3.44 8.40 6.50
N SER A 72 -2.34 7.70 6.82
CA SER A 72 -1.41 7.17 5.82
C SER A 72 -0.87 8.21 4.87
N HIS A 73 -0.46 9.35 5.43
CA HIS A 73 0.00 10.46 4.67
C HIS A 73 1.26 11.01 5.29
N ARG A 74 1.82 12.06 4.72
CA ARG A 74 2.98 12.71 5.29
C ARG A 74 2.53 14.16 5.50
N SER A 75 2.99 14.80 6.56
CA SER A 75 2.64 16.20 6.85
C SER A 75 3.93 16.92 7.19
N PRO A 76 3.93 18.29 7.26
CA PRO A 76 5.20 18.93 7.65
C PRO A 76 5.68 18.50 9.04
N LEU A 77 4.78 18.03 9.87
CA LEU A 77 5.10 17.56 11.23
C LEU A 77 5.97 16.32 11.18
N GLY A 78 5.84 15.57 10.09
CA GLY A 78 6.48 14.26 9.98
C GLY A 78 5.51 13.28 9.30
N THR A 79 5.96 12.05 9.10
CA THR A 79 5.09 11.08 8.44
C THR A 79 4.08 10.44 9.37
N PHE A 80 2.95 10.09 8.77
CA PHE A 80 1.92 9.29 9.38
C PHE A 80 1.55 8.19 8.40
N GLY A 81 2.53 7.79 7.59
CA GLY A 81 2.36 6.74 6.61
C GLY A 81 2.21 5.43 7.32
N ASP A 82 1.32 4.59 6.81
CA ASP A 82 1.06 3.29 7.44
C ASP A 82 2.13 2.28 6.99
N ARG A 83 2.21 1.13 7.63
CA ARG A 83 3.24 0.14 7.31
C ARG A 83 2.58 -1.20 6.99
N ILE A 84 2.72 -1.64 5.74
CA ILE A 84 2.11 -2.88 5.30
C ILE A 84 3.18 -3.97 5.31
N LEU A 85 2.92 -5.09 5.97
CA LEU A 85 3.92 -6.15 6.15
C LEU A 85 4.11 -7.10 4.96
N ASP A 86 3.00 -7.54 4.37
CA ASP A 86 3.05 -8.58 3.32
C ASP A 86 2.20 -8.25 2.09
N PHE A 87 2.28 -7.00 1.63
CA PHE A 87 1.54 -6.52 0.45
C PHE A 87 1.87 -7.31 -0.80
N ASP A 88 0.86 -7.49 -1.65
CA ASP A 88 1.03 -8.21 -2.92
C ASP A 88 0.66 -7.30 -4.09
N PRO A 89 1.63 -6.75 -4.81
CA PRO A 89 1.31 -5.78 -5.85
C PRO A 89 0.52 -6.28 -7.07
N SER A 90 0.39 -7.58 -7.22
CA SER A 90 -0.37 -8.17 -8.32
C SER A 90 -1.83 -8.40 -7.88
N GLN A 91 -2.02 -8.68 -6.61
CA GLN A 91 -3.35 -8.95 -6.09
C GLN A 91 -4.09 -7.71 -5.59
N ASP A 92 -3.39 -6.94 -4.81
CA ASP A 92 -4.02 -5.95 -3.94
C ASP A 92 -4.11 -4.56 -4.57
N ARG A 93 -4.81 -3.64 -3.93
CA ARG A 93 -4.95 -2.28 -4.42
C ARG A 93 -5.03 -1.28 -3.27
N ILE A 94 -4.57 -0.06 -3.49
CA ILE A 94 -4.56 0.97 -2.49
C ILE A 94 -5.18 2.25 -3.05
N ASP A 95 -6.17 2.80 -2.37
CA ASP A 95 -6.82 4.04 -2.81
C ASP A 95 -6.06 5.22 -2.29
N VAL A 96 -5.91 6.24 -3.11
CA VAL A 96 -5.14 7.45 -2.75
C VAL A 96 -5.84 8.73 -3.29
N SER A 97 -6.88 8.55 -4.13
CA SER A 97 -7.52 9.71 -4.78
C SER A 97 -8.23 10.55 -3.73
N ALA A 98 -8.86 9.88 -2.79
CA ALA A 98 -9.57 10.51 -1.71
C ALA A 98 -8.62 11.20 -0.73
N LEU A 99 -7.37 10.75 -0.69
CA LEU A 99 -6.39 11.20 0.31
C LEU A 99 -5.48 12.31 -0.18
N GLY A 100 -4.65 11.97 -1.16
CA GLY A 100 -3.55 12.87 -1.53
C GLY A 100 -3.55 13.47 -2.90
N PHE A 101 -3.73 12.68 -3.95
CA PHE A 101 -3.61 13.16 -5.31
C PHE A 101 -4.41 12.33 -6.30
N SER A 102 -4.60 12.86 -7.51
CA SER A 102 -5.32 12.14 -8.57
C SER A 102 -4.50 12.08 -9.87
N GLY A 103 -3.59 13.05 -10.03
CA GLY A 103 -2.64 13.05 -11.13
C GLY A 103 -1.32 12.42 -10.71
N LEU A 104 -0.86 11.42 -11.47
CA LEU A 104 0.35 10.68 -11.16
C LEU A 104 1.58 11.61 -11.13
N GLY A 105 2.45 11.35 -10.16
CA GLY A 105 3.67 12.16 -9.99
C GLY A 105 4.82 11.57 -10.78
N ASN A 106 6.04 11.92 -10.38
CA ASN A 106 7.26 11.44 -11.03
C ASN A 106 7.50 9.91 -10.85
N GLY A 107 7.97 9.27 -11.91
CA GLY A 107 8.33 7.86 -11.86
C GLY A 107 8.48 7.34 -13.29
N TYR A 108 8.68 6.04 -13.42
CA TYR A 108 8.83 5.40 -14.73
C TYR A 108 8.29 3.98 -14.69
N ALA A 109 8.15 3.34 -15.86
CA ALA A 109 7.64 1.96 -15.98
C ALA A 109 6.24 1.74 -15.36
N GLY A 110 5.38 2.76 -15.49
CA GLY A 110 4.01 2.68 -14.96
C GLY A 110 4.00 2.71 -13.42
N SER A 111 5.00 3.34 -12.82
CA SER A 111 5.15 3.34 -11.37
C SER A 111 5.56 4.71 -10.88
N LEU A 112 5.77 4.85 -9.59
CA LEU A 112 6.17 6.10 -8.99
C LEU A 112 7.57 5.80 -8.47
N ALA A 113 8.33 6.81 -8.08
CA ALA A 113 9.67 6.51 -7.56
C ALA A 113 9.63 5.86 -6.15
N VAL A 114 10.17 4.64 -6.06
CA VAL A 114 10.25 3.85 -4.81
C VAL A 114 11.62 4.00 -4.21
N SER A 115 11.79 3.69 -2.93
CA SER A 115 13.07 3.84 -2.24
C SER A 115 13.24 2.79 -1.15
N VAL A 116 14.44 2.71 -0.58
CA VAL A 116 14.71 1.75 0.49
C VAL A 116 15.17 2.53 1.73
N SER A 117 15.12 1.88 2.89
CA SER A 117 15.71 2.45 4.11
C SER A 117 17.21 2.29 3.96
N ASP A 118 17.64 1.07 3.69
CA ASP A 118 19.06 0.72 3.56
C ASP A 118 19.06 -0.59 2.79
N ASP A 119 20.15 -1.31 2.85
CA ASP A 119 20.23 -2.63 2.21
C ASP A 119 19.24 -3.64 2.85
N GLY A 120 18.75 -3.34 4.04
CA GLY A 120 17.74 -4.20 4.69
C GLY A 120 16.65 -3.28 5.22
N THR A 121 15.93 -3.76 6.22
CA THR A 121 14.85 -2.99 6.85
C THR A 121 13.74 -2.72 5.83
N ARG A 122 13.13 -1.54 5.87
CA ARG A 122 11.88 -1.28 5.11
C ARG A 122 12.11 -0.58 3.75
N THR A 123 11.03 -0.54 2.98
CA THR A 123 11.00 0.06 1.67
C THR A 123 9.88 1.09 1.70
N TYR A 124 9.88 2.04 0.78
CA TYR A 124 8.87 3.08 0.74
C TYR A 124 8.38 3.27 -0.67
N LEU A 125 7.14 3.76 -0.80
CA LEU A 125 6.56 4.17 -2.07
C LEU A 125 6.05 5.56 -1.84
N LYS A 126 6.53 6.55 -2.59
CA LYS A 126 6.21 7.94 -2.30
C LYS A 126 5.54 8.61 -3.47
N SER A 127 4.76 9.62 -3.17
CA SER A 127 4.19 10.49 -4.17
C SER A 127 5.03 11.73 -4.09
N TYR A 128 5.23 12.40 -5.22
CA TYR A 128 6.07 13.59 -5.27
C TYR A 128 5.20 14.78 -5.64
N GLU A 129 3.89 14.60 -5.45
CA GLU A 129 2.93 15.66 -5.58
C GLU A 129 2.43 15.93 -4.16
N ALA A 130 2.18 17.19 -3.87
CA ALA A 130 1.76 17.61 -2.53
C ALA A 130 0.70 18.71 -2.59
N ASP A 131 -0.07 18.82 -1.52
CA ASP A 131 -1.09 19.87 -1.35
C ASP A 131 -0.40 21.15 -0.91
N ALA A 132 -1.05 22.31 -0.99
CA ALA A 132 -0.43 23.59 -0.66
C ALA A 132 -0.06 23.64 0.82
N GLN A 133 -0.83 22.95 1.66
CA GLN A 133 -0.56 22.85 3.10
C GLN A 133 0.69 21.98 3.41
N GLY A 134 1.27 21.40 2.36
CA GLY A 134 2.43 20.54 2.50
C GLY A 134 2.04 19.10 2.86
N LEU A 135 0.74 18.81 2.83
CA LEU A 135 0.30 17.44 3.04
C LEU A 135 0.65 16.66 1.77
N SER A 136 1.17 15.45 1.90
CA SER A 136 1.62 14.66 0.75
C SER A 136 1.43 13.21 1.08
N PHE A 137 1.81 12.28 0.19
CA PHE A 137 1.53 10.84 0.46
C PHE A 137 2.77 9.95 0.34
N GLU A 138 2.96 9.09 1.34
CA GLU A 138 3.95 8.01 1.25
C GLU A 138 3.47 6.87 2.15
N VAL A 139 3.91 5.65 1.87
CA VAL A 139 3.51 4.49 2.65
C VAL A 139 4.70 3.56 2.67
N ALA A 140 4.83 2.83 3.76
CA ALA A 140 6.04 2.06 4.01
C ALA A 140 5.72 0.58 3.95
N LEU A 141 6.64 -0.21 3.42
CA LEU A 141 6.43 -1.65 3.25
C LEU A 141 7.66 -2.36 3.78
N GLU A 142 7.55 -3.61 4.21
CA GLU A 142 8.71 -4.33 4.77
C GLU A 142 9.13 -5.63 4.08
N GLY A 143 8.42 -6.03 3.03
CA GLY A 143 8.77 -7.26 2.33
C GLY A 143 9.88 -7.05 1.30
N ASP A 144 10.30 -5.80 1.14
CA ASP A 144 11.31 -5.41 0.13
C ASP A 144 11.00 -5.99 -1.24
N HIS A 145 9.84 -5.58 -1.75
CA HIS A 145 9.40 -5.94 -3.11
C HIS A 145 9.14 -4.65 -3.86
N ALA A 146 10.03 -3.68 -3.65
CA ALA A 146 9.93 -2.40 -4.36
C ALA A 146 10.08 -2.53 -5.89
N ALA A 147 10.77 -3.57 -6.34
CA ALA A 147 10.99 -3.83 -7.74
C ALA A 147 9.69 -4.22 -8.45
N ALA A 148 8.75 -4.73 -7.66
CA ALA A 148 7.50 -5.22 -8.20
C ALA A 148 6.35 -4.22 -8.01
N LEU A 149 6.62 -3.09 -7.40
CA LEU A 149 5.58 -2.11 -7.19
C LEU A 149 5.33 -1.37 -8.46
N SER A 150 4.05 -1.22 -8.78
CA SER A 150 3.60 -0.41 -9.89
C SER A 150 2.45 0.43 -9.46
N ALA A 151 2.16 1.47 -10.23
CA ALA A 151 1.08 2.40 -9.88
C ALA A 151 -0.23 1.86 -10.40
N ASP A 152 -0.14 0.73 -11.05
CA ASP A 152 -1.32 0.03 -11.54
C ASP A 152 -2.18 -0.40 -10.34
N ASN A 153 -1.53 -0.71 -9.22
CA ASN A 153 -2.28 -1.10 -7.99
C ASN A 153 -2.65 0.10 -7.10
N ILE A 154 -2.14 1.27 -7.46
CA ILE A 154 -2.43 2.50 -6.72
C ILE A 154 -3.60 3.15 -7.47
N VAL A 155 -4.78 3.15 -6.91
CA VAL A 155 -5.97 3.54 -7.66
C VAL A 155 -6.32 5.02 -7.44
N PHE A 156 -6.34 5.71 -8.57
CA PHE A 156 -6.71 7.13 -8.68
C PHE A 156 -7.29 7.47 -10.06
N ALA A 157 -7.30 6.53 -10.98
CA ALA A 157 -7.76 6.74 -12.37
C ALA A 157 -9.30 6.86 -12.50
N ALA A 158 -9.90 7.73 -11.71
CA ALA A 158 -11.36 7.90 -11.65
C ALA A 158 -12.11 6.59 -11.37
N THR A 159 -11.40 5.63 -10.78
CA THR A 159 -11.94 4.33 -10.35
C THR A 159 -12.49 3.44 -11.48
N ASP A 160 -12.37 3.90 -12.72
CA ASP A 160 -12.85 3.09 -13.84
C ASP A 160 -11.79 2.04 -14.23
N ALA A 161 -12.24 0.81 -14.52
CA ALA A 161 -11.35 -0.28 -14.89
C ALA A 161 -10.91 -0.11 -16.37
N ALA A 162 -11.60 0.80 -17.08
CA ALA A 162 -11.23 1.14 -18.47
C ALA A 162 -10.09 2.17 -18.55
N ALA A 163 -9.07 1.98 -17.71
CA ALA A 163 -7.90 2.87 -17.62
C ALA A 163 -6.71 2.08 -17.08
N ALA A 164 -5.56 2.73 -17.05
CA ALA A 164 -4.28 2.17 -16.61
C ALA A 164 -3.83 0.99 -17.50
N GLY A 165 -2.99 0.10 -16.99
CA GLY A 165 -2.50 -1.04 -17.76
C GLY A 165 -1.78 -0.64 -19.03
N GLU A 166 -1.18 0.53 -19.02
CA GLU A 166 -0.51 1.08 -20.18
C GLU A 166 1.00 1.01 -20.00
N LEU A 167 1.60 0.00 -20.59
CA LEU A 167 3.04 -0.21 -20.45
C LEU A 167 3.77 -0.20 -21.79
N GLY A 168 5.00 0.33 -21.77
CA GLY A 168 5.87 0.32 -22.93
C GLY A 168 7.18 -0.39 -22.65
N VAL A 169 7.16 -1.36 -21.76
CA VAL A 169 8.37 -2.07 -21.30
C VAL A 169 8.97 -2.98 -22.38
N ILE A 170 8.11 -3.66 -23.14
CA ILE A 170 8.62 -4.62 -24.12
C ILE A 170 9.43 -3.91 -25.21
N GLY A 171 10.59 -4.47 -25.49
CA GLY A 171 11.50 -3.92 -26.48
C GLY A 171 12.85 -4.63 -26.42
N ALA A 172 13.58 -4.65 -27.54
CA ALA A 172 14.88 -5.33 -27.59
C ALA A 172 15.79 -4.65 -28.62
N SER A 173 17.05 -4.59 -28.29
CA SER A 173 18.06 -3.95 -29.13
C SER A 173 19.38 -4.68 -28.85
N GLY A 174 20.42 -4.44 -29.65
CA GLY A 174 21.68 -5.09 -29.43
C GLY A 174 22.81 -4.65 -30.34
N GLN A 175 24.03 -4.96 -29.94
CA GLN A 175 25.24 -4.71 -30.75
C GLN A 175 26.13 -5.94 -30.66
N PRO A 176 25.87 -6.97 -31.50
CA PRO A 176 26.65 -8.21 -31.41
C PRO A 176 28.08 -8.03 -31.89
N ASP A 177 28.94 -8.97 -31.50
CA ASP A 177 30.35 -8.94 -31.84
C ASP A 177 30.75 -10.33 -32.38
N ASP A 178 31.86 -10.38 -33.13
CA ASP A 178 32.33 -11.61 -33.75
C ASP A 178 33.84 -11.80 -33.58
N PRO A 179 34.26 -12.37 -32.44
CA PRO A 179 35.72 -12.55 -32.28
C PRO A 179 36.30 -13.67 -33.16
N THR A 180 37.60 -13.63 -33.35
CA THR A 180 38.33 -14.67 -34.11
C THR A 180 39.52 -15.20 -33.29
N VAL A 181 39.46 -14.93 -31.99
CA VAL A 181 40.47 -15.37 -31.05
C VAL A 181 40.50 -16.91 -31.00
CA CA B . -7.23 0.40 17.44
CA CA C . -9.47 -12.48 6.23
CA CA D . -4.92 2.81 14.22
CA CA E . -6.40 -11.14 2.62
CA CA F . -2.92 4.82 10.17
CA CA G . -3.03 -9.87 -0.87
N ALA A 1 -12.31 -28.98 14.24
CA ALA A 1 -11.85 -27.56 14.38
C ALA A 1 -12.90 -26.73 15.12
N ASP A 2 -12.49 -25.64 15.76
CA ASP A 2 -13.43 -24.82 16.51
C ASP A 2 -13.15 -23.34 16.20
N PRO A 3 -14.11 -22.64 15.57
CA PRO A 3 -13.77 -21.24 15.25
C PRO A 3 -13.72 -20.36 16.49
N GLY A 4 -12.85 -19.37 16.49
CA GLY A 4 -12.65 -18.50 17.63
C GLY A 4 -11.87 -17.24 17.29
N VAL A 5 -12.35 -16.46 16.33
CA VAL A 5 -11.64 -15.26 15.87
C VAL A 5 -11.64 -14.17 16.93
N GLU A 6 -10.43 -13.71 17.26
CA GLU A 6 -10.25 -12.70 18.33
C GLU A 6 -10.07 -11.32 17.73
N GLY A 7 -10.17 -11.23 16.40
CA GLY A 7 -9.99 -10.00 15.68
C GLY A 7 -11.32 -9.34 15.37
N THR A 8 -11.37 -8.70 14.21
CA THR A 8 -12.53 -7.92 13.68
C THR A 8 -12.64 -6.59 14.47
N PRO A 9 -13.27 -5.55 13.89
CA PRO A 9 -13.33 -4.22 14.55
C PRO A 9 -14.10 -4.17 15.87
N VAL A 10 -14.62 -5.30 16.34
CA VAL A 10 -15.52 -5.34 17.49
C VAL A 10 -14.88 -4.88 18.82
N VAL A 11 -13.56 -5.00 18.92
CA VAL A 11 -12.88 -4.75 20.19
C VAL A 11 -11.68 -3.82 20.08
N GLY A 12 -11.61 -2.90 21.02
CA GLY A 12 -10.43 -2.05 21.18
C GLY A 12 -10.26 -0.99 20.13
N SER A 13 -11.31 -0.71 19.37
CA SER A 13 -11.17 0.16 18.21
C SER A 13 -10.39 1.45 18.48
N ASP A 14 -10.68 2.20 19.55
CA ASP A 14 -10.04 3.50 19.80
C ASP A 14 -8.60 3.44 20.39
N LEU A 15 -8.05 2.23 20.62
CA LEU A 15 -6.72 2.11 21.28
C LEU A 15 -5.87 1.01 20.64
N ASP A 16 -4.61 0.95 21.00
CA ASP A 16 -3.65 0.05 20.31
C ASP A 16 -4.09 -1.42 20.41
N ASP A 17 -4.21 -2.08 19.27
CA ASP A 17 -4.69 -3.47 19.19
C ASP A 17 -3.71 -4.46 18.58
N GLU A 18 -4.02 -5.72 18.78
CA GLU A 18 -3.42 -6.82 18.00
C GLU A 18 -4.68 -7.60 17.53
N LEU A 19 -5.09 -7.40 16.28
CA LEU A 19 -6.30 -8.02 15.75
C LEU A 19 -5.98 -9.09 14.73
N HIS A 20 -6.40 -10.32 14.98
CA HIS A 20 -6.17 -11.40 14.06
C HIS A 20 -7.49 -11.88 13.47
N GLY A 21 -7.69 -11.69 12.17
CA GLY A 21 -8.98 -11.98 11.53
C GLY A 21 -9.19 -13.41 11.05
N THR A 22 -10.33 -13.64 10.43
CA THR A 22 -10.68 -14.95 9.84
C THR A 22 -9.95 -15.16 8.53
N LEU A 23 -10.06 -16.37 7.98
CA LEU A 23 -9.50 -16.67 6.66
C LEU A 23 -10.51 -16.29 5.58
N GLY A 24 -11.56 -15.60 5.98
CA GLY A 24 -12.61 -15.16 5.06
C GLY A 24 -12.50 -13.67 4.74
N SER A 25 -13.40 -13.17 3.94
CA SER A 25 -13.46 -11.75 3.60
C SER A 25 -13.97 -10.92 4.81
N GLU A 26 -13.27 -9.85 5.18
CA GLU A 26 -13.65 -9.04 6.33
C GLU A 26 -13.40 -7.56 6.03
N GLN A 27 -14.08 -6.68 6.74
CA GLN A 27 -13.66 -5.30 6.85
C GLN A 27 -12.86 -5.29 8.14
N ILE A 28 -11.60 -4.85 8.04
CA ILE A 28 -10.68 -4.74 9.18
C ILE A 28 -10.38 -3.24 9.42
N LEU A 29 -11.04 -2.66 10.41
CA LEU A 29 -10.89 -1.26 10.71
C LEU A 29 -10.04 -1.24 11.96
N GLY A 30 -8.96 -0.50 11.94
CA GLY A 30 -8.09 -0.43 13.12
C GLY A 30 -8.50 0.62 14.10
N GLY A 31 -9.06 1.71 13.59
CA GLY A 31 -9.52 2.78 14.46
C GLY A 31 -8.35 3.48 15.12
N GLY A 32 -8.51 3.88 16.38
CA GLY A 32 -7.48 4.59 17.10
C GLY A 32 -6.29 3.72 17.49
N GLY A 33 -5.21 4.37 17.88
CA GLY A 33 -4.04 3.68 18.36
C GLY A 33 -3.13 3.11 17.29
N ALA A 34 -1.91 2.75 17.67
CA ALA A 34 -0.97 2.06 16.76
C ALA A 34 -1.36 0.60 16.74
N ASP A 35 -2.07 0.20 15.70
CA ASP A 35 -2.60 -1.16 15.62
C ASP A 35 -1.71 -2.10 14.87
N GLN A 36 -1.79 -3.37 15.24
CA GLN A 36 -1.10 -4.47 14.54
C GLN A 36 -2.16 -5.41 13.98
N LEU A 37 -2.47 -5.22 12.70
CA LEU A 37 -3.64 -5.86 12.11
C LEU A 37 -3.21 -7.03 11.21
N TYR A 38 -3.91 -8.15 11.27
CA TYR A 38 -3.56 -9.33 10.48
C TYR A 38 -4.79 -9.82 9.74
N GLY A 39 -4.87 -9.42 8.48
CA GLY A 39 -6.00 -9.76 7.63
C GLY A 39 -6.08 -11.20 7.16
N TYR A 40 -4.93 -11.84 6.94
CA TYR A 40 -4.83 -13.23 6.43
C TYR A 40 -5.63 -13.50 5.13
N ALA A 41 -6.11 -14.71 4.95
CA ALA A 41 -6.77 -15.13 3.71
C ALA A 41 -8.16 -14.48 3.59
N GLY A 42 -8.67 -14.47 2.35
CA GLY A 42 -9.93 -13.82 2.06
C GLY A 42 -9.67 -12.44 1.51
N ASN A 43 -10.62 -11.87 0.81
CA ASN A 43 -10.47 -10.53 0.23
C ASN A 43 -10.84 -9.51 1.29
N ASP A 44 -9.83 -8.91 1.91
CA ASP A 44 -10.07 -8.05 3.06
C ASP A 44 -9.97 -6.56 2.74
N LEU A 45 -10.76 -5.76 3.44
CA LEU A 45 -10.75 -4.31 3.30
C LEU A 45 -10.09 -3.75 4.56
N LEU A 46 -8.89 -3.24 4.46
CA LEU A 46 -8.11 -2.84 5.63
C LEU A 46 -7.96 -1.32 5.75
N ASP A 47 -8.58 -0.78 6.79
CA ASP A 47 -8.56 0.67 7.06
C ASP A 47 -7.86 0.81 8.43
N GLY A 48 -6.56 1.08 8.43
CA GLY A 48 -5.81 1.22 9.67
C GLY A 48 -6.27 2.35 10.57
N GLY A 49 -6.82 3.39 9.96
CA GLY A 49 -7.34 4.52 10.71
C GLY A 49 -6.23 5.37 11.33
N ALA A 50 -6.58 6.11 12.39
CA ALA A 50 -5.65 6.99 13.07
C ALA A 50 -4.41 6.29 13.60
N GLY A 51 -3.35 7.08 13.73
CA GLY A 51 -2.06 6.56 14.19
C GLY A 51 -1.34 5.90 13.02
N ARG A 52 -0.14 5.40 13.26
CA ARG A 52 0.62 4.68 12.25
C ARG A 52 0.30 3.25 12.60
N ASP A 53 0.16 2.43 11.58
CA ASP A 53 -0.33 1.06 11.80
C ASP A 53 0.57 0.07 11.14
N LYS A 54 0.58 -1.12 11.68
CA LYS A 54 1.31 -2.24 11.09
C LYS A 54 0.17 -3.13 10.63
N LEU A 55 0.17 -3.52 9.36
CA LEU A 55 -0.96 -4.29 8.87
C LEU A 55 -0.61 -5.27 7.76
N SER A 56 -1.04 -6.50 7.95
CA SER A 56 -0.85 -7.53 6.96
C SER A 56 -2.10 -7.66 6.09
N GLY A 57 -1.91 -7.86 4.80
CA GLY A 57 -3.00 -8.05 3.86
C GLY A 57 -3.30 -9.53 3.63
N GLY A 58 -2.22 -10.30 3.53
CA GLY A 58 -2.34 -11.74 3.32
C GLY A 58 -2.78 -12.12 1.93
N GLU A 59 -3.13 -13.38 1.82
CA GLU A 59 -3.69 -13.95 0.60
C GLU A 59 -5.03 -13.26 0.30
N GLY A 60 -5.50 -13.38 -0.95
CA GLY A 60 -6.75 -12.74 -1.36
C GLY A 60 -6.50 -11.36 -1.93
N ALA A 61 -7.46 -10.80 -2.65
CA ALA A 61 -7.35 -9.47 -3.23
C ALA A 61 -7.84 -8.45 -2.23
N ASP A 62 -6.92 -7.69 -1.71
CA ASP A 62 -7.19 -6.83 -0.57
C ASP A 62 -7.29 -5.37 -1.00
N THR A 63 -8.09 -4.60 -0.26
CA THR A 63 -8.27 -3.18 -0.56
C THR A 63 -7.87 -2.32 0.63
N PHE A 64 -7.03 -1.34 0.36
CA PHE A 64 -6.55 -0.42 1.38
C PHE A 64 -7.02 1.02 1.10
N ARG A 65 -8.05 1.51 1.81
CA ARG A 65 -8.59 2.86 1.58
C ARG A 65 -8.25 3.77 2.74
N PHE A 66 -8.09 3.21 3.93
CA PHE A 66 -7.85 3.97 5.18
C PHE A 66 -9.13 4.77 5.51
N ALA A 67 -9.27 5.22 6.76
CA ALA A 67 -10.56 5.69 7.23
C ALA A 67 -10.87 7.14 6.85
N LEU A 68 -9.88 8.01 6.88
CA LEU A 68 -10.09 9.43 6.60
C LEU A 68 -8.98 9.98 5.71
N ARG A 69 -9.22 11.18 5.18
CA ARG A 69 -8.23 11.99 4.49
C ARG A 69 -7.06 12.23 5.41
N GLU A 70 -7.35 12.21 6.70
CA GLU A 70 -6.36 12.46 7.75
C GLU A 70 -5.44 11.28 7.96
N ASP A 71 -5.66 10.19 7.23
CA ASP A 71 -4.85 8.99 7.40
C ASP A 71 -3.86 8.71 6.29
N SER A 72 -2.81 7.99 6.66
CA SER A 72 -1.77 7.49 5.73
C SER A 72 -1.18 8.54 4.80
N HIS A 73 -0.79 9.67 5.41
CA HIS A 73 -0.23 10.80 4.69
C HIS A 73 1.01 11.30 5.43
N ARG A 74 1.69 12.28 4.84
CA ARG A 74 2.83 12.92 5.49
C ARG A 74 2.49 14.39 5.55
N SER A 75 2.83 15.02 6.67
CA SER A 75 2.53 16.44 6.89
C SER A 75 3.81 17.18 7.31
N PRO A 76 3.80 18.54 7.41
CA PRO A 76 5.01 19.21 7.93
C PRO A 76 5.40 18.75 9.35
N LEU A 77 4.46 18.21 10.11
CA LEU A 77 4.75 17.82 11.49
C LEU A 77 5.41 16.42 11.59
N GLY A 78 5.42 15.69 10.48
CA GLY A 78 5.96 14.36 10.46
C GLY A 78 5.20 13.41 9.57
N THR A 79 5.49 12.12 9.60
CA THR A 79 4.71 11.17 8.79
C THR A 79 3.69 10.38 9.60
N PHE A 80 2.60 10.07 8.93
CA PHE A 80 1.52 9.22 9.45
C PHE A 80 1.25 8.10 8.47
N GLY A 81 2.23 7.83 7.60
CA GLY A 81 2.13 6.76 6.61
C GLY A 81 2.11 5.39 7.27
N ASP A 82 1.33 4.48 6.71
CA ASP A 82 1.12 3.18 7.37
C ASP A 82 2.12 2.14 6.86
N ARG A 83 2.21 0.99 7.52
CA ARG A 83 3.27 0.00 7.24
C ARG A 83 2.69 -1.36 6.88
N ILE A 84 2.69 -1.71 5.61
CA ILE A 84 2.06 -2.93 5.17
C ILE A 84 3.08 -4.04 5.17
N LEU A 85 2.76 -5.16 5.78
CA LEU A 85 3.72 -6.23 5.96
C LEU A 85 3.91 -7.17 4.76
N ASP A 86 2.84 -7.55 4.10
CA ASP A 86 2.89 -8.52 2.99
C ASP A 86 1.98 -8.16 1.81
N PHE A 87 2.14 -6.92 1.33
CA PHE A 87 1.35 -6.42 0.18
C PHE A 87 1.68 -7.21 -1.06
N ASP A 88 0.66 -7.66 -1.78
CA ASP A 88 0.85 -8.40 -3.00
C ASP A 88 0.37 -7.51 -4.16
N PRO A 89 1.30 -6.92 -4.93
CA PRO A 89 0.85 -5.97 -5.96
C PRO A 89 0.10 -6.60 -7.16
N SER A 90 0.13 -7.92 -7.30
CA SER A 90 -0.57 -8.59 -8.39
C SER A 90 -2.02 -8.82 -7.98
N GLN A 91 -2.28 -8.72 -6.67
CA GLN A 91 -3.63 -8.92 -6.14
C GLN A 91 -4.33 -7.67 -5.65
N ASP A 92 -3.61 -6.89 -4.86
CA ASP A 92 -4.18 -5.90 -3.98
C ASP A 92 -4.28 -4.55 -4.62
N ARG A 93 -4.99 -3.63 -3.99
CA ARG A 93 -5.23 -2.29 -4.53
C ARG A 93 -5.30 -1.24 -3.44
N ILE A 94 -4.84 -0.03 -3.71
CA ILE A 94 -4.81 1.04 -2.68
C ILE A 94 -5.49 2.24 -3.26
N ASP A 95 -6.38 2.87 -2.48
CA ASP A 95 -6.99 4.10 -2.94
C ASP A 95 -6.11 5.23 -2.48
N VAL A 96 -5.94 6.22 -3.33
CA VAL A 96 -5.09 7.34 -2.99
C VAL A 96 -5.63 8.73 -3.38
N SER A 97 -6.67 8.82 -4.20
CA SER A 97 -7.14 10.12 -4.62
C SER A 97 -7.84 10.84 -3.45
N ALA A 98 -8.38 10.02 -2.55
CA ALA A 98 -8.95 10.55 -1.33
C ALA A 98 -7.89 11.04 -0.36
N LEU A 99 -6.66 10.52 -0.44
CA LEU A 99 -5.65 10.83 0.58
C LEU A 99 -4.54 11.76 0.10
N GLY A 100 -4.02 11.50 -1.09
CA GLY A 100 -2.82 12.21 -1.56
C GLY A 100 -2.92 12.97 -2.88
N PHE A 101 -3.08 12.25 -3.98
CA PHE A 101 -2.98 12.86 -5.33
C PHE A 101 -3.87 12.10 -6.30
N SER A 102 -4.07 12.70 -7.45
CA SER A 102 -4.83 12.11 -8.56
C SER A 102 -3.95 11.94 -9.79
N GLY A 103 -2.98 12.82 -9.96
CA GLY A 103 -2.01 12.72 -11.05
C GLY A 103 -0.75 12.13 -10.46
N LEU A 104 -0.28 11.00 -10.99
CA LEU A 104 0.91 10.36 -10.44
C LEU A 104 2.16 11.20 -10.65
N GLY A 105 3.06 11.14 -9.69
CA GLY A 105 4.29 11.90 -9.74
C GLY A 105 5.37 11.25 -10.60
N ASN A 106 6.57 11.81 -10.52
CA ASN A 106 7.70 11.33 -11.32
C ASN A 106 8.11 9.89 -10.94
N GLY A 107 8.30 9.07 -11.95
CA GLY A 107 8.71 7.69 -11.77
C GLY A 107 8.88 7.04 -13.16
N TYR A 108 9.10 5.72 -13.23
CA TYR A 108 9.22 5.00 -14.52
C TYR A 108 8.61 3.60 -14.45
N ALA A 109 8.43 2.97 -15.61
CA ALA A 109 7.86 1.62 -15.76
C ALA A 109 6.47 1.48 -15.10
N GLY A 110 5.64 2.48 -15.29
CA GLY A 110 4.27 2.45 -14.78
C GLY A 110 4.28 2.53 -13.26
N SER A 111 5.23 3.23 -12.66
CA SER A 111 5.29 3.32 -11.20
C SER A 111 5.82 4.67 -10.77
N LEU A 112 5.65 4.95 -9.51
CA LEU A 112 6.16 6.18 -8.90
C LEU A 112 7.59 5.83 -8.46
N ALA A 113 8.41 6.78 -8.12
CA ALA A 113 9.76 6.46 -7.68
C ALA A 113 9.73 5.80 -6.28
N VAL A 114 10.21 4.58 -6.23
CA VAL A 114 10.24 3.80 -4.98
C VAL A 114 11.50 4.12 -4.18
N SER A 115 11.50 3.80 -2.89
CA SER A 115 12.66 4.12 -2.00
C SER A 115 12.91 3.00 -1.06
N VAL A 116 14.04 3.01 -0.37
CA VAL A 116 14.32 1.99 0.67
C VAL A 116 14.74 2.74 1.95
N SER A 117 14.67 2.06 3.08
CA SER A 117 15.18 2.64 4.33
C SER A 117 16.70 2.64 4.22
N ASP A 118 17.24 1.51 3.80
CA ASP A 118 18.70 1.27 3.70
C ASP A 118 18.75 0.01 2.89
N ASP A 119 19.87 -0.74 2.88
CA ASP A 119 19.97 -1.97 2.04
C ASP A 119 19.03 -3.09 2.52
N GLY A 120 18.58 -2.98 3.74
CA GLY A 120 17.64 -3.92 4.30
C GLY A 120 16.50 -3.14 4.90
N THR A 121 15.81 -3.74 5.87
CA THR A 121 14.65 -3.11 6.52
C THR A 121 13.59 -2.72 5.50
N ARG A 122 12.82 -1.68 5.79
CA ARG A 122 11.63 -1.34 5.01
C ARG A 122 11.86 -0.65 3.67
N THR A 123 10.84 -0.77 2.84
CA THR A 123 10.81 -0.14 1.51
C THR A 123 9.67 0.86 1.54
N TYR A 124 9.64 1.80 0.58
CA TYR A 124 8.57 2.80 0.56
C TYR A 124 8.06 3.03 -0.84
N LEU A 125 6.81 3.48 -0.92
CA LEU A 125 6.26 3.97 -2.17
C LEU A 125 5.77 5.38 -1.88
N LYS A 126 6.32 6.35 -2.59
CA LYS A 126 6.05 7.75 -2.30
C LYS A 126 5.41 8.47 -3.47
N SER A 127 4.68 9.52 -3.14
CA SER A 127 4.17 10.47 -4.11
C SER A 127 5.08 11.67 -4.00
N TYR A 128 5.21 12.45 -5.07
CA TYR A 128 6.08 13.61 -5.10
C TYR A 128 5.24 14.85 -5.41
N GLU A 129 3.95 14.62 -5.38
CA GLU A 129 2.98 15.72 -5.48
C GLU A 129 2.65 16.09 -4.02
N ALA A 130 2.59 17.40 -3.73
CA ALA A 130 2.27 17.85 -2.37
C ALA A 130 1.32 19.05 -2.43
N ASP A 131 0.45 19.13 -1.43
CA ASP A 131 -0.52 20.21 -1.28
C ASP A 131 0.22 21.47 -0.83
N ALA A 132 -0.37 22.63 -1.02
CA ALA A 132 0.23 23.92 -0.59
C ALA A 132 0.40 23.94 0.96
N GLN A 133 -0.41 23.14 1.66
CA GLN A 133 -0.35 23.00 3.15
C GLN A 133 0.82 22.15 3.59
N GLY A 134 1.59 21.62 2.63
CA GLY A 134 2.73 20.77 2.95
C GLY A 134 2.34 19.33 3.19
N LEU A 135 1.13 18.94 2.79
CA LEU A 135 0.67 17.57 2.94
C LEU A 135 1.09 16.80 1.69
N SER A 136 1.55 15.57 1.88
CA SER A 136 2.02 14.71 0.76
C SER A 136 1.73 13.26 1.10
N PHE A 137 2.00 12.33 0.19
CA PHE A 137 1.67 10.90 0.43
C PHE A 137 2.89 9.96 0.35
N GLU A 138 3.04 9.09 1.35
CA GLU A 138 4.01 7.99 1.29
C GLU A 138 3.44 6.86 2.12
N VAL A 139 3.83 5.61 1.84
CA VAL A 139 3.43 4.43 2.63
C VAL A 139 4.59 3.47 2.60
N ALA A 140 4.80 2.72 3.66
CA ALA A 140 5.99 1.89 3.83
C ALA A 140 5.57 0.44 3.78
N LEU A 141 6.38 -0.38 3.16
CA LEU A 141 6.04 -1.77 2.92
C LEU A 141 7.30 -2.53 3.33
N GLU A 142 7.22 -3.71 3.93
CA GLU A 142 8.47 -4.35 4.40
C GLU A 142 8.87 -5.65 3.74
N GLY A 143 8.14 -6.08 2.73
CA GLY A 143 8.52 -7.30 2.03
C GLY A 143 9.63 -7.17 1.00
N ASP A 144 10.15 -5.95 0.85
CA ASP A 144 11.26 -5.64 -0.08
C ASP A 144 10.89 -6.08 -1.50
N HIS A 145 9.75 -5.61 -1.93
CA HIS A 145 9.22 -5.91 -3.25
C HIS A 145 9.09 -4.60 -4.02
N ALA A 146 10.06 -3.72 -3.84
CA ALA A 146 10.07 -2.45 -4.54
C ALA A 146 10.05 -2.62 -6.07
N ALA A 147 10.77 -3.60 -6.62
CA ALA A 147 10.84 -3.80 -8.08
C ALA A 147 9.49 -4.36 -8.67
N ALA A 148 8.67 -4.95 -7.81
CA ALA A 148 7.36 -5.45 -8.26
C ALA A 148 6.26 -4.38 -8.12
N LEU A 149 6.44 -3.43 -7.20
CA LEU A 149 5.48 -2.36 -6.98
C LEU A 149 5.30 -1.56 -8.24
N SER A 150 4.05 -1.33 -8.60
CA SER A 150 3.72 -0.50 -9.70
C SER A 150 2.59 0.41 -9.27
N ALA A 151 2.40 1.50 -10.00
CA ALA A 151 1.32 2.47 -9.72
C ALA A 151 0.03 1.98 -10.43
N ASP A 152 0.15 0.86 -11.14
CA ASP A 152 -0.98 0.29 -11.86
C ASP A 152 -2.01 -0.27 -10.87
N ASN A 153 -1.57 -0.72 -9.70
CA ASN A 153 -2.49 -1.24 -8.64
C ASN A 153 -2.91 -0.11 -7.68
N ILE A 154 -2.35 1.06 -7.85
CA ILE A 154 -2.74 2.22 -7.03
C ILE A 154 -3.88 2.89 -7.79
N VAL A 155 -5.02 3.07 -7.15
CA VAL A 155 -6.19 3.62 -7.83
C VAL A 155 -6.39 5.10 -7.56
N PHE A 156 -6.28 5.83 -8.67
CA PHE A 156 -6.47 7.29 -8.73
C PHE A 156 -7.15 7.64 -10.04
N ALA A 157 -7.46 6.63 -10.84
CA ALA A 157 -8.12 6.86 -12.15
C ALA A 157 -9.64 7.01 -12.03
N ALA A 158 -10.07 7.81 -11.05
CA ALA A 158 -11.50 8.04 -10.78
C ALA A 158 -12.30 6.71 -10.60
N THR A 159 -11.64 5.73 -9.95
CA THR A 159 -12.18 4.42 -9.61
C THR A 159 -12.59 3.53 -10.83
N ASP A 160 -12.51 4.04 -12.06
CA ASP A 160 -12.94 3.25 -13.20
C ASP A 160 -11.83 2.39 -13.81
N ALA A 161 -12.09 1.10 -13.92
CA ALA A 161 -11.13 0.12 -14.43
C ALA A 161 -10.98 0.14 -15.97
N ALA A 162 -11.77 0.93 -16.68
CA ALA A 162 -11.70 1.05 -18.14
C ALA A 162 -10.52 1.89 -18.67
N ALA A 163 -9.36 1.73 -18.05
CA ALA A 163 -8.18 2.48 -18.41
C ALA A 163 -6.95 1.67 -18.04
N ALA A 164 -5.80 2.33 -18.04
CA ALA A 164 -4.54 1.73 -17.60
C ALA A 164 -4.10 0.50 -18.46
N GLY A 165 -3.12 -0.23 -17.96
CA GLY A 165 -2.58 -1.39 -18.66
C GLY A 165 -1.55 -0.98 -19.70
N GLU A 166 -1.07 0.26 -19.60
CA GLU A 166 -0.13 0.83 -20.58
C GLU A 166 1.32 0.79 -20.09
N LEU A 167 2.10 -0.08 -20.70
CA LEU A 167 3.52 -0.25 -20.38
C LEU A 167 4.27 -0.15 -21.69
N GLY A 168 5.54 0.22 -21.63
CA GLY A 168 6.40 0.23 -22.82
C GLY A 168 7.66 -0.57 -22.61
N VAL A 169 7.56 -1.62 -21.81
CA VAL A 169 8.71 -2.43 -21.45
C VAL A 169 9.13 -3.31 -22.63
N ILE A 170 8.14 -3.82 -23.37
CA ILE A 170 8.38 -4.76 -24.48
C ILE A 170 9.24 -4.08 -25.57
N GLY A 171 10.18 -4.83 -26.09
CA GLY A 171 11.08 -4.32 -27.11
C GLY A 171 12.42 -5.03 -27.10
N ALA A 172 13.21 -4.86 -28.15
CA ALA A 172 14.54 -5.45 -28.21
C ALA A 172 15.55 -4.55 -28.92
N SER A 173 16.76 -4.49 -28.38
CA SER A 173 17.85 -3.75 -29.00
C SER A 173 19.14 -4.55 -28.78
N GLY A 174 20.28 -4.06 -29.26
CA GLY A 174 21.55 -4.72 -29.01
C GLY A 174 22.46 -4.84 -30.23
N GLN A 175 23.67 -5.30 -29.98
CA GLN A 175 24.65 -5.49 -31.05
C GLN A 175 25.39 -6.83 -30.86
N PRO A 176 25.18 -7.79 -31.79
CA PRO A 176 25.85 -9.09 -31.67
C PRO A 176 27.35 -8.92 -31.88
N ASP A 177 28.14 -9.81 -31.32
CA ASP A 177 29.59 -9.76 -31.45
C ASP A 177 30.08 -11.11 -31.91
N ASP A 178 31.04 -11.12 -32.81
CA ASP A 178 31.57 -12.34 -33.39
C ASP A 178 33.11 -12.38 -33.38
N PRO A 179 33.72 -12.50 -32.19
CA PRO A 179 35.19 -12.48 -32.15
C PRO A 179 35.81 -13.76 -32.74
N THR A 180 37.01 -13.59 -33.29
CA THR A 180 37.69 -14.71 -33.97
C THR A 180 38.71 -15.40 -33.05
N VAL A 181 38.81 -14.93 -31.82
CA VAL A 181 39.78 -15.46 -30.86
C VAL A 181 39.43 -16.89 -30.47
CA CA B . -7.50 0.21 17.61
CA CA C . -9.55 -12.29 6.40
CA CA D . -5.01 2.78 14.13
CA CA E . -6.52 -10.98 2.67
CA CA F . -2.86 4.87 9.98
CA CA G . -3.25 -9.89 -0.92
#